data_7TAT
#
_entry.id   7TAT
#
loop_
_entity.id
_entity.type
_entity.pdbx_description
1 polymer 'Spike glycoprotein'
2 polymer 'S2K146 Fab heavy chain'
3 polymer 'S2K146 Fab light chain'
4 branched 2-acetamido-2-deoxy-beta-D-glucopyranose-(1-4)-2-acetamido-2-deoxy-beta-D-glucopyranose
5 non-polymer 2-acetamido-2-deoxy-beta-D-glucopyranose
#
loop_
_entity_poly.entity_id
_entity_poly.type
_entity_poly.pdbx_seq_one_letter_code
_entity_poly.pdbx_strand_id
1 'polypeptide(L)'
;MFVFLVLLPLVSSQCVNLTTRTQLPPAYTNSFTRGVYYPDKVFRSSVLHSTQDLFLPFFSNVTWFHAIHVSGTNGTKRFD
NPVLPFNDGVYFASTEKSNIIRGWIFGTTLDSKTQSLLIVNNATNVVIKVCEFQFCNDPFLGVYYHKNNKSWMESEFRVY
SSANNCTFEYVSQPFLMDLEGKQGNFKNLREFVFKNIDGYFKIYSKHTPINLVRDLPQGFSALEPLVDLPIGINITRFQT
LLALHRSYLTPGDSSSGWTAGAAAYYVGYLQPRTFLLKYNENGTITDAVDCALDPLSETKCTLKSFTVEKGIYQTSNFRV
QPTESIVRFPNITNLCPFGEVFNATRFASVYAWNRKRISNCVADYSVLYNSASFSTFKCYGVSPTKLNDLCFTNVYADSF
VIRGDEVRQIAPGQTGKIADYNYKLPDDFTGCVIAWNSNNLDSKVGGNYNYLYRLFRKSNLKPFERDISTEIYQAGSTPC
NGVEGFNCYFPLQSYGFQPTNGVGYQPYRVVVLSFELLHAPATVCGPKKSTNLVKNKCVNFNFNGLTGTGVLTESNKKFL
PFQQFGRDIADTTDAVRDPQTLEILDITPCSFGGVSVITPGTNTSNQVAVLYQDVNCTEVPVAIHADQLTPTWRVYSTGS
NVFQTRAGCLIGAEHVNNSYECDIPIGAGICASYQTQTNSPGSASSVASQSIIAYTMSLGAENSVAYSNNSIAIPTNFTI
SVTTEILPVSMTKTSVDCTMYICGDSTECSNLLLQYGSFCTQLNRALTGIAVEQDKNTQEVFAQVKQIYKTPPIKDFGGF
NFSQILPDPSKPSKRSPIEDLLFNKVTLADAGFIKQYGDCLGDIAARDLICAQKFNGLTVLPPLLTDEMIAQYTSALLAG
TITSGWTFGAGPALQIPFPMQMAYRFNGIGVTQNVLYENQKLIANQFNSAIGKIQDSLSSTPSALGKLQDVVNQNAQALN
TLVKQLSSNFGAISSVLNDILSRLDPPEAEVQIDRLITGRLQSLQTYVTQQLIRAAEIRASANLAATKMSECVLGQSKRV
DFCGKGYHLMSFPQSAPHGVVFLHVTYVPAQEKNFTTAPAICHDGKAHFPREGVFVSNGTHWFVTQRNFYEPQIITTDNT
FVSGNCDVVIGIVNNTVYDPLQPELDSFKEELDKYFKNHTSPDVDLGDISGINASVVNIQKEIDRLNEVAKNLNESLIDL
QELGKYEQGSGYIPEAPRDGQAYVRKDGEWVLLSTFLGRSLEVLFQGPGHHHHHHHHSAWSHPQFEKGGGSGGGGSGGSA
WSHPQFEK
;
A,B,C
2 'polypeptide(L)'
;QVQLVESGGVVVQPGGSLRLSCAASGFTFHDHTMHWVRQAPGKGLEWVSLITWNGGTIHYSDSVKGRFTISRDNSKNSLY
LQMNSLRTEDTALYYCAKDLGRGGWYLPSDAWGQGTLVTVSS
;
H,D,F
3 'polypeptide(L)'
;QSVLTQPPSASGTPGQRVTISCSGSSANIGSNTVNWYQHLPGTAPKLLIYSNNQRPSGVPDRFSGSKSGTSASLAISGLQ
SEDEADYYCAAWDDSLKGVFGGGTKLTVL
;
L,E,G
#
loop_
_chem_comp.id
_chem_comp.type
_chem_comp.name
_chem_comp.formula
NAG D-saccharide, beta linking 2-acetamido-2-deoxy-beta-D-glucopyranose 'C8 H15 N O6'
#
# COMPACT_ATOMS: atom_id res chain seq x y z
N PRO A 26 52.85 -32.60 -16.91
CA PRO A 26 51.63 -32.70 -16.10
C PRO A 26 50.68 -33.76 -16.67
N ALA A 27 50.40 -34.79 -15.85
CA ALA A 27 49.49 -35.87 -16.22
C ALA A 27 48.08 -35.49 -15.81
N TYR A 28 47.08 -36.17 -16.35
CA TYR A 28 45.72 -35.87 -15.94
C TYR A 28 45.02 -37.06 -15.36
N THR A 29 44.17 -36.80 -14.37
CA THR A 29 43.39 -37.86 -13.74
C THR A 29 41.92 -37.49 -13.65
N ASN A 30 41.14 -38.42 -13.11
CA ASN A 30 39.70 -38.29 -12.96
C ASN A 30 39.34 -37.87 -11.54
N SER A 31 38.67 -36.72 -11.39
CA SER A 31 38.31 -36.21 -10.07
C SER A 31 37.28 -37.08 -9.38
N PHE A 32 36.60 -37.91 -10.15
CA PHE A 32 35.50 -38.73 -9.64
C PHE A 32 34.50 -37.86 -8.87
N THR A 33 34.32 -38.15 -7.58
CA THR A 33 33.36 -37.42 -6.76
C THR A 33 34.05 -36.73 -5.59
N ARG A 34 35.33 -36.44 -5.74
CA ARG A 34 36.12 -35.78 -4.71
C ARG A 34 35.91 -34.26 -4.76
N GLY A 35 36.27 -33.58 -3.67
CA GLY A 35 36.24 -32.11 -3.65
C GLY A 35 34.95 -31.54 -3.06
N VAL A 36 34.14 -32.40 -2.46
CA VAL A 36 32.90 -31.97 -1.81
C VAL A 36 33.18 -31.51 -0.38
N TYR A 37 32.56 -30.41 0.01
CA TYR A 37 32.77 -29.85 1.34
C TYR A 37 31.46 -29.29 1.88
N TYR A 38 31.41 -29.06 3.19
CA TYR A 38 30.23 -28.51 3.82
C TYR A 38 30.13 -27.02 3.51
N PRO A 39 29.09 -26.60 2.77
CA PRO A 39 28.91 -25.26 2.25
C PRO A 39 28.65 -24.23 3.37
N ASP A 40 28.20 -24.73 4.52
CA ASP A 40 27.91 -23.86 5.64
C ASP A 40 28.08 -24.60 6.97
N LYS A 41 27.65 -23.97 8.05
CA LYS A 41 27.82 -24.52 9.39
C LYS A 41 26.47 -24.88 10.01
N VAL A 42 25.54 -25.31 9.17
CA VAL A 42 24.20 -25.65 9.62
C VAL A 42 23.98 -27.15 9.72
N PHE A 43 23.50 -27.60 10.87
CA PHE A 43 23.16 -29.00 11.10
C PHE A 43 21.87 -29.38 10.39
N ARG A 44 21.89 -30.49 9.67
CA ARG A 44 20.72 -30.99 9.00
C ARG A 44 20.61 -32.49 9.17
N SER A 45 19.40 -32.99 9.40
CA SER A 45 19.22 -34.40 9.69
C SER A 45 18.29 -35.11 8.72
N SER A 46 18.86 -36.05 7.98
CA SER A 46 18.11 -36.85 7.01
C SER A 46 17.31 -36.03 6.01
N VAL A 47 17.97 -35.03 5.40
CA VAL A 47 17.33 -34.23 4.37
C VAL A 47 18.19 -34.14 3.12
N LEU A 48 17.58 -33.74 2.02
CA LEU A 48 18.33 -33.47 0.79
C LEU A 48 18.33 -31.97 0.53
N HIS A 49 19.52 -31.37 0.52
CA HIS A 49 19.65 -29.93 0.41
C HIS A 49 20.30 -29.49 -0.90
N SER A 50 19.65 -28.58 -1.60
CA SER A 50 20.19 -28.02 -2.83
C SER A 50 20.97 -26.74 -2.55
N THR A 51 22.24 -26.73 -2.92
CA THR A 51 23.10 -25.58 -2.63
C THR A 51 23.84 -25.08 -3.87
N GLN A 52 24.03 -23.77 -3.93
CA GLN A 52 24.80 -23.12 -4.98
C GLN A 52 26.11 -22.57 -4.44
N ASP A 53 27.22 -23.14 -4.87
CA ASP A 53 28.52 -22.71 -4.36
C ASP A 53 29.64 -23.13 -5.32
N LEU A 54 30.88 -22.81 -4.96
CA LEU A 54 32.02 -23.19 -5.77
C LEU A 54 32.47 -24.60 -5.41
N PHE A 55 32.28 -25.53 -6.33
CA PHE A 55 32.61 -26.94 -6.09
C PHE A 55 33.49 -27.46 -7.21
N LEU A 56 34.24 -28.52 -6.91
CA LEU A 56 34.97 -29.22 -7.96
C LEU A 56 33.97 -30.11 -8.71
N PRO A 57 33.74 -29.87 -10.01
CA PRO A 57 32.77 -30.58 -10.83
C PRO A 57 33.05 -32.07 -10.80
N PHE A 58 32.01 -32.88 -10.85
CA PHE A 58 32.21 -34.32 -10.84
C PHE A 58 32.83 -34.78 -12.15
N PHE A 59 33.76 -35.72 -12.04
CA PHE A 59 34.48 -36.28 -13.17
C PHE A 59 35.18 -35.20 -14.00
N SER A 60 35.75 -34.21 -13.33
CA SER A 60 36.47 -33.14 -13.98
C SER A 60 37.90 -33.54 -14.29
N ASN A 61 38.56 -32.76 -15.15
CA ASN A 61 39.98 -32.90 -15.45
C ASN A 61 40.82 -32.32 -14.31
N VAL A 62 41.71 -33.13 -13.75
CA VAL A 62 42.59 -32.72 -12.64
C VAL A 62 44.05 -32.89 -13.01
N THR A 63 44.85 -31.86 -12.75
CA THR A 63 46.27 -31.89 -13.12
C THR A 63 47.09 -32.60 -12.05
N TRP A 64 47.88 -33.57 -12.48
CA TRP A 64 48.68 -34.41 -11.61
C TRP A 64 50.16 -34.07 -11.70
N PHE A 65 50.71 -33.54 -10.61
CA PHE A 65 52.11 -33.14 -10.54
C PHE A 65 52.91 -34.19 -9.78
N HIS A 66 54.13 -34.46 -10.23
CA HIS A 66 54.98 -35.50 -9.64
C HIS A 66 56.16 -34.90 -8.89
N ASP A 80 58.77 -30.85 -8.80
CA ASP A 80 57.64 -30.49 -9.64
C ASP A 80 56.65 -29.62 -8.87
N ASN A 81 56.68 -28.31 -9.13
CA ASN A 81 55.88 -27.35 -8.40
C ASN A 81 56.08 -25.93 -8.90
N PRO A 82 55.54 -25.61 -10.08
CA PRO A 82 55.52 -24.31 -10.71
C PRO A 82 54.47 -23.42 -10.06
N VAL A 83 54.48 -22.15 -10.41
CA VAL A 83 53.43 -21.25 -9.93
C VAL A 83 52.16 -21.46 -10.74
N LEU A 84 51.06 -21.72 -10.04
CA LEU A 84 49.78 -22.00 -10.67
C LEU A 84 48.83 -20.82 -10.47
N PRO A 85 47.89 -20.61 -11.39
CA PRO A 85 46.84 -19.61 -11.32
C PRO A 85 45.80 -19.96 -10.27
N PHE A 86 45.17 -18.94 -9.72
CA PHE A 86 44.10 -19.07 -8.74
C PHE A 86 42.89 -18.31 -9.27
N ASN A 87 41.74 -18.98 -9.33
CA ASN A 87 40.56 -18.37 -9.94
C ASN A 87 39.55 -17.94 -8.88
N ASP A 88 38.43 -18.65 -8.80
CA ASP A 88 37.42 -18.35 -7.79
C ASP A 88 37.77 -19.09 -6.51
N GLY A 89 38.49 -20.18 -6.66
CA GLY A 89 38.98 -21.02 -5.58
C GLY A 89 39.59 -22.27 -6.18
N VAL A 90 40.40 -22.99 -5.41
CA VAL A 90 41.04 -24.17 -5.95
C VAL A 90 40.92 -25.38 -5.06
N TYR A 91 41.10 -26.55 -5.67
CA TYR A 91 41.15 -27.81 -4.96
C TYR A 91 42.56 -28.36 -4.97
N PHE A 92 43.05 -28.76 -3.81
CA PHE A 92 44.38 -29.32 -3.73
C PHE A 92 44.37 -30.61 -2.94
N ALA A 93 45.05 -31.63 -3.43
CA ALA A 93 45.14 -32.86 -2.67
C ALA A 93 46.49 -33.51 -2.90
N SER A 94 47.01 -34.17 -1.87
CA SER A 94 48.28 -34.84 -2.02
C SER A 94 48.26 -36.24 -1.44
N THR A 95 49.05 -37.11 -2.05
CA THR A 95 49.23 -38.47 -1.58
C THR A 95 50.70 -38.69 -1.25
N GLU A 96 50.97 -39.01 0.00
CA GLU A 96 52.36 -39.09 0.44
C GLU A 96 52.65 -40.26 1.35
N LYS A 97 53.92 -40.64 1.37
CA LYS A 97 54.44 -41.60 2.35
C LYS A 97 55.49 -40.92 3.23
N SER A 98 56.28 -40.04 2.61
CA SER A 98 57.41 -39.42 3.30
C SER A 98 57.11 -38.02 3.81
N ASN A 99 55.91 -37.51 3.53
CA ASN A 99 55.52 -36.18 3.98
C ASN A 99 56.51 -35.10 3.51
N ILE A 100 56.47 -34.78 2.22
CA ILE A 100 57.40 -33.83 1.61
C ILE A 100 56.81 -32.43 1.57
N ILE A 101 55.52 -32.33 1.29
CA ILE A 101 54.86 -31.03 1.18
C ILE A 101 54.78 -30.37 2.54
N ARG A 102 55.19 -29.10 2.61
CA ARG A 102 55.19 -28.38 3.87
C ARG A 102 54.11 -27.30 3.94
N GLY A 103 53.78 -26.70 2.81
CA GLY A 103 52.82 -25.61 2.86
C GLY A 103 52.53 -25.00 1.50
N TRP A 104 51.91 -23.83 1.52
CA TRP A 104 51.50 -23.15 0.31
C TRP A 104 51.82 -21.65 0.35
N ILE A 105 52.08 -21.09 -0.81
CA ILE A 105 52.29 -19.66 -0.95
C ILE A 105 51.20 -19.06 -1.85
N PHE A 106 50.46 -18.09 -1.33
CA PHE A 106 49.39 -17.46 -2.11
C PHE A 106 49.64 -15.97 -2.26
N GLY A 107 49.30 -15.43 -3.42
CA GLY A 107 49.41 -13.98 -3.63
C GLY A 107 49.29 -13.61 -5.11
N THR A 108 49.95 -12.51 -5.48
CA THR A 108 49.93 -12.03 -6.85
C THR A 108 51.34 -12.01 -7.44
N THR A 109 52.09 -10.95 -7.12
CA THR A 109 53.44 -10.78 -7.66
C THR A 109 54.52 -11.40 -6.78
N LEU A 110 54.21 -11.62 -5.50
CA LEU A 110 55.12 -12.32 -4.60
C LEU A 110 56.54 -11.74 -4.58
N ASP A 111 56.65 -10.41 -4.69
CA ASP A 111 57.94 -9.74 -4.78
C ASP A 111 58.06 -8.55 -3.82
N SER A 112 57.48 -8.68 -2.64
CA SER A 112 57.54 -7.62 -1.63
C SER A 112 56.81 -6.34 -2.02
N LYS A 113 56.09 -6.34 -3.14
CA LYS A 113 55.34 -5.15 -3.52
C LYS A 113 53.91 -5.18 -2.96
N THR A 114 53.41 -6.38 -2.71
CA THR A 114 52.05 -6.55 -2.21
C THR A 114 52.02 -7.54 -1.06
N GLN A 115 50.90 -7.62 -0.35
CA GLN A 115 50.75 -8.59 0.71
C GLN A 115 50.71 -10.00 0.14
N SER A 116 51.42 -10.92 0.78
CA SER A 116 51.43 -12.31 0.37
C SER A 116 51.14 -13.22 1.56
N LEU A 117 50.42 -14.30 1.30
CA LEU A 117 50.03 -15.24 2.35
C LEU A 117 50.91 -16.48 2.36
N LEU A 118 51.62 -16.68 3.45
CA LEU A 118 52.54 -17.80 3.59
C LEU A 118 52.05 -18.78 4.65
N ILE A 119 51.71 -19.99 4.22
CA ILE A 119 51.22 -21.02 5.14
C ILE A 119 52.20 -22.18 5.22
N VAL A 120 52.82 -22.35 6.38
CA VAL A 120 53.81 -23.41 6.55
C VAL A 120 53.47 -24.32 7.74
N ASN A 121 53.38 -25.64 7.49
CA ASN A 121 53.10 -26.62 8.53
C ASN A 121 54.33 -26.80 9.45
N ASN A 125 54.55 -27.12 14.37
CA ASN A 125 53.24 -26.48 14.40
C ASN A 125 52.94 -25.82 13.05
N VAL A 126 51.76 -25.20 12.93
CA VAL A 126 51.33 -24.52 11.71
C VAL A 126 51.40 -23.01 11.88
N VAL A 127 52.16 -22.36 11.02
CA VAL A 127 52.36 -20.92 11.10
C VAL A 127 51.85 -20.21 9.85
N ILE A 128 50.95 -19.26 10.05
CA ILE A 128 50.37 -18.50 8.96
C ILE A 128 50.73 -17.02 9.05
N LYS A 129 51.33 -16.48 8.01
CA LYS A 129 51.70 -15.07 8.00
C LYS A 129 51.24 -14.36 6.75
N VAL A 130 50.86 -13.10 6.89
CA VAL A 130 50.56 -12.24 5.75
C VAL A 130 51.47 -11.02 5.79
N CYS A 131 52.34 -10.89 4.78
CA CYS A 131 53.38 -9.87 4.80
C CYS A 131 53.87 -9.56 3.38
N GLU A 132 54.60 -8.45 3.25
CA GLU A 132 55.21 -8.11 1.97
C GLU A 132 56.51 -8.87 1.78
N PHE A 133 56.38 -10.17 1.55
CA PHE A 133 57.53 -11.05 1.40
C PHE A 133 58.16 -10.94 0.02
N GLN A 134 59.49 -10.98 -0.02
CA GLN A 134 60.20 -11.17 -1.28
C GLN A 134 60.58 -12.63 -1.45
N PHE A 135 59.82 -13.33 -2.27
CA PHE A 135 60.01 -14.78 -2.39
C PHE A 135 61.15 -15.14 -3.33
N CYS A 136 61.73 -16.31 -3.09
CA CYS A 136 62.78 -16.85 -3.93
C CYS A 136 62.20 -17.29 -5.28
N ASN A 137 63.06 -17.40 -6.28
CA ASN A 137 62.64 -17.85 -7.61
C ASN A 137 62.29 -19.33 -7.60
N ASP A 138 62.75 -20.03 -6.57
CA ASP A 138 62.49 -21.45 -6.40
C ASP A 138 62.53 -21.81 -4.91
N PRO A 139 61.49 -21.44 -4.16
CA PRO A 139 61.40 -21.50 -2.71
C PRO A 139 61.31 -22.92 -2.21
N PHE A 140 61.97 -23.20 -1.09
CA PHE A 140 61.88 -24.52 -0.45
C PHE A 140 62.29 -24.44 1.01
N PHE A 157 66.07 -23.45 5.01
CA PHE A 157 65.05 -22.44 4.79
C PHE A 157 65.47 -21.44 3.71
N ARG A 158 64.87 -21.57 2.52
CA ARG A 158 65.12 -20.69 1.38
C ARG A 158 63.80 -20.32 0.73
N VAL A 159 62.95 -19.61 1.46
CA VAL A 159 61.61 -19.29 0.98
C VAL A 159 61.50 -17.85 0.54
N TYR A 160 61.97 -16.95 1.40
CA TYR A 160 61.92 -15.52 1.12
C TYR A 160 63.11 -14.82 1.77
N SER A 161 63.36 -13.59 1.34
CA SER A 161 64.44 -12.79 1.89
C SER A 161 63.91 -11.68 2.80
N ASN A 165 57.00 -6.03 7.01
CA ASN A 165 55.85 -5.18 6.73
C ASN A 165 54.59 -6.03 6.69
N CYS A 166 54.12 -6.42 7.90
CA CYS A 166 53.17 -7.52 8.05
C CYS A 166 51.83 -7.05 8.61
N THR A 167 50.77 -7.78 8.26
CA THR A 167 49.42 -7.41 8.70
C THR A 167 48.73 -8.51 9.52
N PHE A 168 49.17 -9.75 9.37
CA PHE A 168 48.51 -10.85 10.06
C PHE A 168 49.48 -11.96 10.42
N GLU A 169 49.29 -12.53 11.61
CA GLU A 169 50.04 -13.71 12.02
C GLU A 169 49.21 -14.61 12.91
N TYR A 170 49.27 -15.91 12.63
CA TYR A 170 48.56 -16.91 13.42
C TYR A 170 49.39 -18.17 13.61
N VAL A 171 49.35 -18.73 14.81
CA VAL A 171 50.03 -20.01 15.06
C VAL A 171 49.07 -20.99 15.73
N SER A 172 49.01 -22.21 15.21
CA SER A 172 48.16 -23.28 15.77
C SER A 172 48.56 -23.60 17.21
N LYS A 187 50.16 -43.65 1.18
CA LYS A 187 49.73 -44.21 2.46
C LYS A 187 48.69 -43.33 3.15
N ASN A 188 48.70 -42.02 2.85
CA ASN A 188 47.67 -41.10 3.33
C ASN A 188 47.34 -40.03 2.29
N LEU A 189 46.06 -39.67 2.23
CA LEU A 189 45.58 -38.63 1.34
C LEU A 189 45.12 -37.41 2.12
N ARG A 190 45.60 -36.25 1.71
CA ARG A 190 45.23 -35.00 2.37
C ARG A 190 44.53 -34.07 1.40
N GLU A 191 43.23 -33.88 1.58
CA GLU A 191 42.45 -33.04 0.67
C GLU A 191 42.26 -31.65 1.27
N PHE A 192 42.36 -30.63 0.43
CA PHE A 192 42.16 -29.25 0.86
C PHE A 192 41.35 -28.43 -0.14
N VAL A 193 40.61 -27.45 0.36
CA VAL A 193 39.94 -26.48 -0.50
C VAL A 193 40.29 -25.07 -0.07
N PHE A 194 40.69 -24.25 -1.02
CA PHE A 194 41.08 -22.88 -0.74
C PHE A 194 40.21 -21.87 -1.48
N LYS A 195 39.44 -21.09 -0.72
CA LYS A 195 38.54 -20.09 -1.30
C LYS A 195 38.92 -18.69 -0.82
N ASN A 196 38.57 -17.67 -1.59
CA ASN A 196 38.83 -16.30 -1.18
C ASN A 196 37.63 -15.40 -1.46
N ILE A 197 36.75 -15.26 -0.48
CA ILE A 197 35.50 -14.54 -0.68
C ILE A 197 35.27 -13.43 0.34
N ASP A 198 35.04 -12.22 -0.17
CA ASP A 198 34.68 -11.06 0.64
C ASP A 198 35.67 -10.79 1.78
N GLY A 199 36.96 -10.96 1.50
CA GLY A 199 37.98 -10.63 2.48
C GLY A 199 38.38 -11.82 3.37
N TYR A 200 37.70 -12.95 3.20
CA TYR A 200 38.04 -14.12 3.99
C TYR A 200 38.68 -15.23 3.16
N PHE A 201 39.80 -15.73 3.67
CA PHE A 201 40.45 -16.87 3.06
C PHE A 201 40.02 -18.11 3.81
N LYS A 202 39.25 -18.95 3.13
CA LYS A 202 38.61 -20.09 3.78
C LYS A 202 39.29 -21.39 3.44
N ILE A 203 39.66 -22.14 4.46
CA ILE A 203 40.34 -23.41 4.27
C ILE A 203 39.51 -24.57 4.79
N TYR A 204 39.32 -25.57 3.96
CA TYR A 204 38.65 -26.82 4.34
C TYR A 204 39.66 -27.96 4.21
N SER A 205 39.47 -29.03 4.97
CA SER A 205 40.40 -30.15 4.85
C SER A 205 39.82 -31.49 5.29
N LYS A 206 40.41 -32.57 4.80
CA LYS A 206 40.07 -33.93 5.23
C LYS A 206 41.25 -34.87 5.07
N HIS A 207 41.54 -35.64 6.12
CA HIS A 207 42.65 -36.59 6.09
C HIS A 207 42.16 -38.02 6.20
N THR A 208 42.55 -38.85 5.22
CA THR A 208 42.17 -40.27 5.22
C THR A 208 43.38 -41.15 4.88
N PRO A 209 43.39 -42.40 5.36
CA PRO A 209 44.34 -43.44 5.04
C PRO A 209 44.12 -43.97 3.63
N ILE A 210 45.19 -44.43 3.00
CA ILE A 210 45.12 -45.04 1.67
C ILE A 210 45.76 -46.42 1.65
N ASP A 215 47.47 -43.49 -7.95
CA ASP A 215 46.67 -42.43 -8.55
C ASP A 215 45.63 -41.91 -7.54
N LEU A 216 44.82 -40.92 -7.94
CA LEU A 216 43.78 -40.34 -7.11
C LEU A 216 42.65 -41.37 -6.91
N PRO A 217 42.36 -41.77 -5.67
CA PRO A 217 41.42 -42.82 -5.31
C PRO A 217 39.99 -42.39 -5.55
N GLN A 218 39.14 -43.36 -5.89
CA GLN A 218 37.72 -43.11 -6.06
C GLN A 218 36.97 -43.37 -4.75
N GLY A 219 36.01 -42.51 -4.46
CA GLY A 219 35.21 -42.64 -3.25
C GLY A 219 34.56 -41.31 -2.90
N PHE A 220 33.77 -41.29 -1.84
CA PHE A 220 33.08 -40.06 -1.47
C PHE A 220 33.25 -39.70 -0.01
N SER A 221 33.56 -38.44 0.23
CA SER A 221 33.62 -37.88 1.57
C SER A 221 33.47 -36.37 1.49
N ALA A 222 33.07 -35.74 2.57
CA ALA A 222 32.97 -34.29 2.59
C ALA A 222 34.06 -33.69 3.48
N LEU A 223 34.55 -32.52 3.09
CA LEU A 223 35.59 -31.82 3.82
C LEU A 223 35.01 -30.81 4.80
N GLU A 224 35.41 -30.95 6.06
CA GLU A 224 34.99 -30.02 7.11
C GLU A 224 35.88 -28.79 7.07
N PRO A 225 35.36 -27.62 7.45
CA PRO A 225 36.06 -26.36 7.52
C PRO A 225 37.15 -26.40 8.58
N LEU A 226 38.27 -25.77 8.29
CA LEU A 226 39.40 -25.70 9.21
C LEU A 226 39.51 -24.33 9.86
N VAL A 227 39.59 -23.29 9.04
CA VAL A 227 39.77 -21.94 9.57
C VAL A 227 39.26 -20.87 8.61
N ASP A 228 38.70 -19.81 9.18
CA ASP A 228 38.28 -18.63 8.43
C ASP A 228 39.20 -17.46 8.75
N LEU A 229 40.07 -17.12 7.81
CA LEU A 229 41.08 -16.09 8.06
C LEU A 229 40.64 -14.73 7.46
N PRO A 230 40.50 -13.69 8.29
CA PRO A 230 40.05 -12.36 7.94
C PRO A 230 41.16 -11.56 7.26
N ILE A 231 41.59 -12.05 6.10
CA ILE A 231 42.72 -11.45 5.40
C ILE A 231 42.30 -10.81 4.09
N GLY A 232 42.43 -9.49 4.00
CA GLY A 232 42.07 -8.77 2.78
C GLY A 232 43.17 -8.87 1.73
N ILE A 233 43.42 -10.08 1.26
CA ILE A 233 44.52 -10.34 0.33
C ILE A 233 44.04 -10.71 -1.07
N ASN A 234 44.68 -10.11 -2.08
CA ASN A 234 44.47 -10.44 -3.48
C ASN A 234 45.28 -11.67 -3.86
N ILE A 235 44.59 -12.75 -4.25
CA ILE A 235 45.24 -14.00 -4.65
C ILE A 235 44.86 -14.35 -6.09
N THR A 236 45.87 -14.41 -6.95
CA THR A 236 45.68 -14.74 -8.35
C THR A 236 46.62 -15.85 -8.75
N ARG A 237 47.62 -16.10 -7.90
CA ARG A 237 48.60 -17.16 -8.12
C ARG A 237 48.91 -17.87 -6.81
N PHE A 238 49.33 -19.12 -6.90
CA PHE A 238 49.82 -19.82 -5.72
C PHE A 238 50.85 -20.88 -6.09
N GLN A 239 51.63 -21.30 -5.11
CA GLN A 239 52.65 -22.32 -5.34
C GLN A 239 52.76 -23.29 -4.18
N THR A 240 53.06 -24.55 -4.47
CA THR A 240 53.24 -25.55 -3.43
C THR A 240 54.67 -25.50 -2.90
N LEU A 241 54.80 -25.41 -1.58
CA LEU A 241 56.10 -25.33 -0.93
C LEU A 241 56.54 -26.70 -0.43
N LEU A 242 57.67 -27.17 -0.97
CA LEU A 242 58.18 -28.50 -0.65
C LEU A 242 59.38 -28.43 0.28
N ALA A 263 56.06 -39.03 -3.34
CA ALA A 263 55.14 -37.95 -3.03
C ALA A 263 54.66 -37.28 -4.32
N ALA A 264 53.34 -37.10 -4.44
CA ALA A 264 52.71 -36.47 -5.61
C ALA A 264 51.45 -35.72 -5.18
N TYR A 265 50.99 -34.79 -6.02
CA TYR A 265 49.80 -34.03 -5.68
C TYR A 265 48.99 -33.62 -6.90
N TYR A 266 47.73 -33.27 -6.65
CA TYR A 266 46.78 -32.95 -7.68
C TYR A 266 46.18 -31.57 -7.47
N VAL A 267 45.96 -30.86 -8.57
CA VAL A 267 45.32 -29.56 -8.48
C VAL A 267 44.12 -29.45 -9.41
N GLY A 268 42.99 -29.03 -8.85
CA GLY A 268 41.78 -28.82 -9.62
C GLY A 268 41.26 -27.41 -9.38
N TYR A 269 40.21 -27.04 -10.08
CA TYR A 269 39.64 -25.71 -9.92
C TYR A 269 38.15 -25.78 -9.65
N LEU A 270 37.66 -24.87 -8.81
CA LEU A 270 36.25 -24.86 -8.46
C LEU A 270 35.44 -24.05 -9.46
N GLN A 271 34.19 -24.43 -9.66
CA GLN A 271 33.28 -23.69 -10.52
C GLN A 271 31.96 -23.45 -9.80
N PRO A 272 31.23 -22.39 -10.15
CA PRO A 272 29.85 -22.16 -9.75
C PRO A 272 28.96 -23.28 -10.25
N ARG A 273 28.56 -24.17 -9.34
CA ARG A 273 27.75 -25.33 -9.69
C ARG A 273 26.65 -25.56 -8.68
N THR A 274 25.59 -26.23 -9.11
CA THR A 274 24.51 -26.59 -8.21
C THR A 274 24.66 -28.06 -7.80
N PHE A 275 24.64 -28.31 -6.51
CA PHE A 275 24.71 -29.67 -6.00
C PHE A 275 23.55 -30.01 -5.09
N LEU A 276 23.10 -31.26 -5.17
CA LEU A 276 22.13 -31.79 -4.22
C LEU A 276 22.88 -32.66 -3.22
N LEU A 277 22.88 -32.24 -1.95
CA LEU A 277 23.66 -32.94 -0.93
C LEU A 277 22.76 -33.79 -0.04
N LYS A 278 23.15 -35.04 0.17
CA LYS A 278 22.39 -35.94 1.02
C LYS A 278 22.98 -36.03 2.41
N TYR A 279 22.21 -35.58 3.40
CA TYR A 279 22.63 -35.61 4.78
C TYR A 279 22.06 -36.83 5.50
N ASN A 280 22.81 -37.34 6.47
CA ASN A 280 22.32 -38.41 7.32
C ASN A 280 21.80 -37.85 8.64
N GLU A 281 21.39 -38.73 9.54
CA GLU A 281 20.85 -38.32 10.83
C GLU A 281 21.87 -37.70 11.77
N ASN A 282 23.17 -37.84 11.45
CA ASN A 282 24.26 -37.32 12.29
C ASN A 282 24.82 -36.00 11.78
N GLY A 283 24.17 -35.38 10.77
CA GLY A 283 24.56 -34.06 10.28
C GLY A 283 25.69 -34.09 9.25
N THR A 284 26.06 -35.27 8.77
CA THR A 284 27.13 -35.38 7.80
C THR A 284 26.60 -35.64 6.40
N ILE A 285 27.46 -35.42 5.40
CA ILE A 285 27.08 -35.64 4.01
C ILE A 285 27.55 -37.00 3.55
N THR A 286 26.63 -37.82 3.06
CA THR A 286 26.96 -39.18 2.65
C THR A 286 26.99 -39.33 1.15
N ASP A 287 26.35 -38.41 0.43
CA ASP A 287 26.33 -38.48 -1.03
C ASP A 287 26.11 -37.11 -1.64
N ALA A 288 26.15 -37.03 -2.97
CA ALA A 288 25.91 -35.76 -3.66
C ALA A 288 25.61 -35.98 -5.14
N VAL A 289 24.82 -35.08 -5.72
CA VAL A 289 24.56 -35.08 -7.16
C VAL A 289 25.02 -33.79 -7.83
N ASP A 290 25.80 -33.93 -8.88
CA ASP A 290 26.22 -32.77 -9.68
C ASP A 290 25.14 -32.47 -10.71
N CYS A 291 24.41 -31.37 -10.50
CA CYS A 291 23.19 -31.08 -11.26
C CYS A 291 23.50 -30.63 -12.68
N ALA A 292 24.78 -30.49 -13.00
CA ALA A 292 25.17 -30.05 -14.34
C ALA A 292 26.05 -31.10 -15.02
N LEU A 293 25.91 -32.35 -14.62
CA LEU A 293 26.69 -33.43 -15.21
C LEU A 293 25.88 -34.19 -16.26
N ASP A 294 25.07 -35.14 -15.81
CA ASP A 294 24.23 -35.95 -16.69
C ASP A 294 22.80 -35.43 -16.71
N PRO A 295 22.02 -35.73 -17.76
CA PRO A 295 20.60 -35.47 -17.85
C PRO A 295 19.83 -36.24 -16.79
N LEU A 296 20.40 -37.35 -16.34
CA LEU A 296 19.80 -38.09 -15.24
C LEU A 296 19.98 -37.33 -13.93
N SER A 297 21.13 -36.68 -13.79
CA SER A 297 21.42 -35.90 -12.60
C SER A 297 20.49 -34.69 -12.55
N GLU A 298 20.24 -34.10 -13.71
CA GLU A 298 19.31 -32.98 -13.79
C GLU A 298 17.93 -33.41 -13.29
N THR A 299 17.53 -34.62 -13.66
CA THR A 299 16.25 -35.16 -13.22
C THR A 299 16.24 -35.36 -11.70
N LYS A 300 17.33 -35.92 -11.16
CA LYS A 300 17.43 -36.13 -9.72
C LYS A 300 17.37 -34.83 -8.93
N CYS A 301 18.05 -33.79 -9.41
CA CYS A 301 18.07 -32.49 -8.76
C CYS A 301 16.70 -31.81 -8.85
N THR A 302 16.06 -31.92 -10.02
CA THR A 302 14.76 -31.34 -10.24
C THR A 302 13.73 -31.90 -9.26
N LEU A 303 13.78 -33.20 -9.06
CA LEU A 303 12.83 -33.90 -8.20
C LEU A 303 13.28 -33.92 -6.74
N LYS A 304 14.45 -33.34 -6.47
CA LYS A 304 15.02 -33.36 -5.13
C LYS A 304 15.05 -34.77 -4.56
N SER A 305 15.55 -35.71 -5.34
CA SER A 305 15.60 -37.10 -4.93
C SER A 305 16.75 -37.85 -5.58
N PHE A 306 17.41 -38.73 -4.83
CA PHE A 306 18.51 -39.53 -5.35
C PHE A 306 18.02 -40.78 -6.06
N THR A 307 16.71 -40.99 -6.00
CA THR A 307 16.05 -42.10 -6.68
C THR A 307 14.97 -41.54 -7.58
N VAL A 308 14.93 -42.02 -8.83
CA VAL A 308 13.93 -41.55 -9.77
C VAL A 308 13.10 -42.71 -10.31
N GLU A 309 11.79 -42.57 -10.20
CA GLU A 309 10.89 -43.62 -10.64
C GLU A 309 10.67 -43.56 -12.15
N LYS A 310 9.87 -44.48 -12.66
CA LYS A 310 9.58 -44.60 -14.08
C LYS A 310 8.70 -43.46 -14.57
N GLY A 311 9.09 -42.82 -15.68
CA GLY A 311 8.26 -41.76 -16.26
C GLY A 311 9.06 -40.73 -17.05
N ILE A 312 8.36 -39.66 -17.45
CA ILE A 312 8.94 -38.56 -18.22
C ILE A 312 8.89 -37.28 -17.41
N TYR A 313 10.01 -36.57 -17.31
CA TYR A 313 10.09 -35.37 -16.48
C TYR A 313 10.60 -34.18 -17.27
N GLN A 314 10.06 -33.00 -16.98
CA GLN A 314 10.54 -31.77 -17.60
C GLN A 314 11.57 -31.12 -16.69
N THR A 315 12.82 -31.07 -17.15
CA THR A 315 13.91 -30.66 -16.27
C THR A 315 14.54 -29.32 -16.65
N SER A 316 14.45 -28.94 -17.92
CA SER A 316 15.13 -27.72 -18.35
C SER A 316 14.53 -27.13 -19.61
N ASN A 317 15.28 -26.22 -20.23
CA ASN A 317 14.88 -25.56 -21.47
C ASN A 317 15.99 -25.57 -22.49
N PHE A 318 15.59 -25.61 -23.76
CA PHE A 318 16.52 -25.50 -24.87
C PHE A 318 16.36 -24.17 -25.58
N ARG A 319 17.47 -23.55 -25.91
CA ARG A 319 17.46 -22.30 -26.66
C ARG A 319 18.57 -22.29 -27.71
N VAL A 320 18.21 -21.92 -28.93
CA VAL A 320 19.22 -21.75 -29.97
C VAL A 320 19.97 -20.45 -29.72
N GLN A 321 21.30 -20.53 -29.69
CA GLN A 321 22.10 -19.36 -29.36
C GLN A 321 22.50 -18.59 -30.62
N PRO A 322 22.61 -17.26 -30.50
CA PRO A 322 23.13 -16.35 -31.50
C PRO A 322 24.63 -16.46 -31.59
N THR A 323 25.18 -16.10 -32.74
CA THR A 323 26.62 -16.14 -32.93
C THR A 323 27.16 -14.76 -33.33
N GLU A 324 26.95 -14.40 -34.58
CA GLU A 324 27.43 -13.12 -35.10
C GLU A 324 26.51 -12.00 -34.66
N SER A 325 27.04 -10.78 -34.68
CA SER A 325 26.24 -9.59 -34.39
C SER A 325 26.08 -8.74 -35.65
N ILE A 326 25.00 -7.97 -35.70
CA ILE A 326 24.75 -7.08 -36.83
C ILE A 326 24.56 -5.65 -36.38
N VAL A 327 25.35 -4.74 -36.94
CA VAL A 327 25.23 -3.33 -36.62
C VAL A 327 25.00 -2.51 -37.89
N ARG A 328 23.88 -1.78 -37.95
CA ARG A 328 23.55 -1.03 -39.15
C ARG A 328 23.14 0.41 -38.86
N PHE A 329 23.84 1.37 -39.48
CA PHE A 329 23.52 2.79 -39.32
C PHE A 329 23.59 3.50 -40.68
N PRO A 330 22.69 4.46 -40.94
CA PRO A 330 22.36 5.05 -42.23
C PRO A 330 23.40 6.00 -42.83
N ASN A 331 24.64 5.50 -43.02
CA ASN A 331 25.64 6.16 -43.85
C ASN A 331 26.05 7.54 -43.37
N ILE A 332 25.85 7.85 -42.08
CA ILE A 332 26.18 9.18 -41.56
C ILE A 332 27.69 9.35 -41.38
N THR A 333 28.27 10.30 -42.10
CA THR A 333 29.72 10.50 -42.07
C THR A 333 30.13 11.84 -41.47
N ASN A 334 29.20 12.80 -41.44
CA ASN A 334 29.50 14.12 -40.92
C ASN A 334 29.57 14.09 -39.41
N LEU A 335 30.50 14.85 -38.83
CA LEU A 335 30.60 14.92 -37.38
C LEU A 335 29.74 16.05 -36.83
N CYS A 336 29.17 15.86 -35.64
CA CYS A 336 28.28 16.84 -35.02
C CYS A 336 29.06 18.07 -34.54
N PRO A 337 28.50 19.26 -34.75
CA PRO A 337 29.07 20.56 -34.42
C PRO A 337 28.95 20.85 -32.94
N PHE A 338 29.56 20.00 -32.12
CA PHE A 338 29.57 20.24 -30.69
C PHE A 338 30.52 21.38 -30.37
N GLY A 339 31.58 21.50 -31.15
CA GLY A 339 32.55 22.58 -30.94
C GLY A 339 31.89 23.95 -31.08
N GLU A 340 30.89 24.04 -31.94
CA GLU A 340 30.18 25.29 -32.19
C GLU A 340 29.27 25.68 -31.02
N VAL A 341 29.06 24.74 -30.11
CA VAL A 341 28.20 24.96 -28.97
C VAL A 341 29.01 25.10 -27.69
N PHE A 342 29.90 24.14 -27.45
CA PHE A 342 30.67 24.08 -26.22
C PHE A 342 31.89 25.00 -26.21
N ASN A 343 32.51 25.24 -27.37
CA ASN A 343 33.69 26.10 -27.49
C ASN A 343 33.37 27.45 -28.11
N ALA A 344 32.08 27.84 -28.09
CA ALA A 344 31.62 29.12 -28.64
C ALA A 344 32.17 30.28 -27.81
N THR A 345 32.51 31.37 -28.50
CA THR A 345 33.03 32.56 -27.82
C THR A 345 31.93 33.31 -27.09
N ARG A 346 30.71 33.26 -27.61
CA ARG A 346 29.60 33.98 -27.00
C ARG A 346 28.42 33.07 -26.68
N PHE A 347 27.96 33.16 -25.44
CA PHE A 347 26.76 32.47 -24.99
C PHE A 347 25.66 33.49 -24.71
N ALA A 348 24.42 33.08 -24.92
CA ALA A 348 23.27 33.95 -24.68
C ALA A 348 22.97 34.07 -23.19
N SER A 349 22.25 35.12 -22.84
CA SER A 349 21.75 35.30 -21.48
C SER A 349 20.64 34.29 -21.21
N VAL A 350 20.38 34.03 -19.95
CA VAL A 350 19.39 33.00 -19.59
C VAL A 350 17.97 33.38 -19.95
N TYR A 351 17.64 34.66 -19.94
CA TYR A 351 16.28 35.06 -20.29
C TYR A 351 15.99 34.83 -21.77
N ALA A 352 17.06 34.70 -22.56
CA ALA A 352 16.95 34.55 -24.00
C ALA A 352 17.95 33.51 -24.51
N TRP A 353 17.77 32.27 -24.08
CA TRP A 353 18.71 31.20 -24.39
C TRP A 353 18.72 30.84 -25.87
N ASN A 354 19.88 30.40 -26.38
CA ASN A 354 20.00 29.98 -27.77
C ASN A 354 19.60 28.52 -27.94
N ARG A 355 19.04 28.19 -29.10
CA ARG A 355 18.70 26.81 -29.42
C ARG A 355 19.35 26.34 -30.71
N LYS A 356 20.39 25.53 -30.58
CA LYS A 356 21.11 24.99 -31.73
C LYS A 356 20.61 23.59 -32.06
N ARG A 357 20.26 23.37 -33.33
CA ARG A 357 19.82 22.04 -33.74
C ARG A 357 20.97 21.19 -34.25
N ILE A 358 21.10 20.00 -33.67
CA ILE A 358 22.10 19.03 -34.10
C ILE A 358 21.43 17.86 -34.82
N SER A 359 21.84 17.63 -36.07
CA SER A 359 21.23 16.59 -36.90
C SER A 359 22.16 16.14 -38.03
N ASN A 360 21.81 15.03 -38.67
CA ASN A 360 22.55 14.52 -39.81
C ASN A 360 24.06 14.44 -39.55
N CYS A 361 24.43 13.81 -38.43
CA CYS A 361 25.82 13.77 -37.99
C CYS A 361 26.13 12.63 -37.02
N VAL A 362 27.41 12.45 -36.73
CA VAL A 362 27.87 11.47 -35.76
C VAL A 362 28.20 12.15 -34.44
N ALA A 363 27.52 11.75 -33.39
CA ALA A 363 27.70 12.36 -32.08
C ALA A 363 28.56 11.49 -31.20
N ASP A 364 29.82 11.87 -31.04
CA ASP A 364 30.73 11.12 -30.18
C ASP A 364 30.70 11.72 -28.78
N TYR A 365 30.08 11.00 -27.85
CA TYR A 365 29.83 11.55 -26.52
C TYR A 365 30.94 11.21 -25.55
N SER A 366 31.95 10.48 -26.01
CA SER A 366 33.07 10.15 -25.13
C SER A 366 33.94 11.38 -24.98
N VAL A 367 33.90 12.24 -25.98
CA VAL A 367 34.64 13.50 -25.96
C VAL A 367 34.09 14.42 -24.88
N LEU A 368 32.77 14.53 -24.82
CA LEU A 368 32.13 15.37 -23.83
C LEU A 368 32.17 14.76 -22.43
N TYR A 369 32.00 13.44 -22.36
CA TYR A 369 31.95 12.77 -21.06
C TYR A 369 33.29 12.76 -20.35
N ASN A 370 34.36 12.48 -21.07
CA ASN A 370 35.68 12.33 -20.46
C ASN A 370 36.44 13.65 -20.40
N SER A 371 35.78 14.75 -20.76
CA SER A 371 36.40 16.06 -20.70
C SER A 371 36.33 16.63 -19.29
N ALA A 372 37.50 16.82 -18.69
CA ALA A 372 37.61 17.26 -17.31
C ALA A 372 37.20 18.72 -17.15
N SER A 373 37.05 19.40 -18.28
CA SER A 373 36.62 20.79 -18.32
C SER A 373 35.26 20.98 -17.67
N PHE A 374 34.39 19.98 -17.80
CA PHE A 374 33.02 20.11 -17.32
C PHE A 374 32.93 19.77 -15.84
N SER A 375 32.25 20.63 -15.07
CA SER A 375 32.10 20.41 -13.65
C SER A 375 30.82 19.64 -13.36
N THR A 376 29.86 19.77 -14.26
CA THR A 376 28.58 19.08 -14.14
C THR A 376 28.28 18.28 -15.40
N PHE A 377 27.90 17.02 -15.22
CA PHE A 377 27.49 16.19 -16.33
C PHE A 377 26.40 15.22 -15.87
N LYS A 378 25.15 15.67 -15.98
CA LYS A 378 24.01 14.88 -15.51
C LYS A 378 23.19 14.38 -16.69
N CYS A 379 22.67 13.16 -16.60
CA CYS A 379 21.81 12.61 -17.66
C CYS A 379 20.54 12.02 -17.08
N TYR A 380 19.43 12.26 -17.78
CA TYR A 380 18.12 11.79 -17.37
C TYR A 380 17.49 10.91 -18.43
N GLY A 381 17.16 9.68 -18.07
CA GLY A 381 16.51 8.75 -18.99
C GLY A 381 17.53 7.93 -19.75
N VAL A 382 18.77 8.41 -19.79
CA VAL A 382 19.86 7.73 -20.47
C VAL A 382 21.11 7.74 -19.61
N SER A 383 21.95 6.74 -19.79
CA SER A 383 23.25 6.70 -19.12
C SER A 383 24.30 7.43 -19.95
N PRO A 384 25.14 8.26 -19.32
CA PRO A 384 26.14 9.11 -19.94
C PRO A 384 27.21 8.30 -20.66
N THR A 385 27.33 7.02 -20.32
CA THR A 385 28.35 6.16 -20.94
C THR A 385 27.75 5.21 -21.97
N LYS A 386 26.44 5.30 -22.20
CA LYS A 386 25.78 4.45 -23.19
C LYS A 386 25.28 5.27 -24.37
N LEU A 387 25.57 6.56 -24.34
CA LEU A 387 25.04 7.47 -25.36
C LEU A 387 25.53 7.10 -26.75
N ASN A 388 26.74 6.56 -26.83
CA ASN A 388 27.33 6.20 -28.12
C ASN A 388 26.61 5.03 -28.79
N ASP A 389 25.83 4.28 -28.01
CA ASP A 389 25.14 3.12 -28.56
C ASP A 389 23.73 3.47 -29.00
N LEU A 390 23.35 4.74 -28.85
CA LEU A 390 21.99 5.16 -29.16
C LEU A 390 21.92 6.06 -30.38
N CYS A 391 20.76 6.04 -31.06
CA CYS A 391 20.43 6.97 -32.13
C CYS A 391 19.26 7.86 -31.72
N PHE A 392 19.28 9.09 -32.21
CA PHE A 392 18.23 10.05 -31.89
C PHE A 392 17.63 10.66 -33.15
N THR A 393 16.38 11.12 -33.05
CA THR A 393 15.70 11.74 -34.18
C THR A 393 16.06 13.21 -34.27
N ASN A 394 16.63 13.73 -33.18
CA ASN A 394 17.09 15.10 -33.11
C ASN A 394 17.71 15.37 -31.75
N VAL A 395 18.68 16.28 -31.72
CA VAL A 395 19.22 16.77 -30.46
C VAL A 395 19.14 18.29 -30.40
N TYR A 396 18.56 18.81 -29.33
CA TYR A 396 18.48 20.26 -29.14
C TYR A 396 19.52 20.71 -28.14
N ALA A 397 20.39 21.62 -28.55
CA ALA A 397 21.41 22.15 -27.63
C ALA A 397 21.04 23.55 -27.17
N ASP A 398 20.50 23.65 -25.96
CA ASP A 398 20.09 24.94 -25.41
C ASP A 398 21.24 25.56 -24.61
N SER A 399 21.70 26.73 -25.05
CA SER A 399 22.91 27.34 -24.51
C SER A 399 22.67 28.70 -23.85
N PHE A 400 23.14 28.83 -22.61
CA PHE A 400 22.97 30.08 -21.85
C PHE A 400 23.95 30.24 -20.68
N VAL A 401 24.04 31.47 -20.17
CA VAL A 401 24.87 31.77 -19.00
C VAL A 401 24.06 32.09 -17.75
N ILE A 402 24.36 31.38 -16.66
CA ILE A 402 23.72 31.60 -15.37
C ILE A 402 24.73 31.68 -14.23
N ARG A 403 24.24 32.04 -13.05
CA ARG A 403 25.05 32.12 -11.85
C ARG A 403 25.28 30.73 -11.25
N GLY A 404 26.48 30.50 -10.71
CA GLY A 404 26.88 29.21 -10.15
C GLY A 404 25.82 28.56 -9.26
N ASP A 405 25.31 29.31 -8.28
CA ASP A 405 24.33 28.75 -7.34
C ASP A 405 23.03 28.34 -8.02
N GLU A 406 22.78 28.87 -9.20
CA GLU A 406 21.53 28.64 -9.91
C GLU A 406 21.64 27.46 -10.87
N VAL A 407 22.81 26.84 -10.94
CA VAL A 407 23.02 25.69 -11.80
C VAL A 407 22.15 24.52 -11.38
N ARG A 408 21.91 24.41 -10.08
CA ARG A 408 21.08 23.33 -9.53
C ARG A 408 19.63 23.41 -10.02
N GLN A 409 19.23 24.57 -10.53
CA GLN A 409 17.85 24.75 -10.99
C GLN A 409 17.65 24.18 -12.39
N ILE A 410 18.75 23.86 -13.07
CA ILE A 410 18.63 23.32 -14.43
C ILE A 410 18.48 21.82 -14.33
N ALA A 411 17.29 21.40 -13.93
CA ALA A 411 16.97 20.00 -13.73
C ALA A 411 15.45 19.85 -13.64
N PRO A 412 14.91 18.64 -13.84
CA PRO A 412 13.55 18.23 -13.57
C PRO A 412 13.18 18.38 -12.11
N GLY A 413 11.94 18.78 -11.84
CA GLY A 413 11.41 18.85 -10.49
C GLY A 413 11.96 20.00 -9.67
N GLN A 414 12.46 21.04 -10.33
CA GLN A 414 13.04 22.17 -9.60
C GLN A 414 12.21 23.42 -9.71
N THR A 415 12.36 24.30 -8.73
CA THR A 415 11.73 25.61 -8.72
C THR A 415 12.76 26.69 -8.44
N GLY A 416 12.41 27.94 -8.70
CA GLY A 416 13.32 29.05 -8.45
C GLY A 416 13.22 30.10 -9.55
N LYS A 417 14.01 31.16 -9.43
CA LYS A 417 13.91 32.26 -10.37
C LYS A 417 14.25 31.83 -11.79
N ILE A 418 15.17 30.89 -11.94
CA ILE A 418 15.52 30.43 -13.27
C ILE A 418 14.56 29.36 -13.71
N ALA A 419 14.31 28.39 -12.85
CA ALA A 419 13.42 27.29 -13.19
C ALA A 419 12.02 27.78 -13.56
N ASP A 420 11.56 28.83 -12.90
CA ASP A 420 10.19 29.31 -13.11
C ASP A 420 10.06 30.44 -14.14
N TYR A 421 11.05 31.33 -14.23
CA TYR A 421 10.88 32.50 -15.11
C TYR A 421 11.81 32.54 -16.33
N ASN A 422 12.78 31.64 -16.41
CA ASN A 422 13.74 31.72 -17.50
C ASN A 422 13.85 30.45 -18.32
N TYR A 423 14.20 29.35 -17.65
CA TYR A 423 14.46 28.09 -18.33
C TYR A 423 13.89 26.91 -17.56
N LYS A 424 12.75 26.42 -18.00
CA LYS A 424 12.05 25.33 -17.32
C LYS A 424 12.24 24.00 -18.03
N LEU A 425 12.67 22.97 -17.29
CA LEU A 425 12.75 21.62 -17.83
C LEU A 425 11.60 20.78 -17.28
N PRO A 426 11.01 19.93 -18.13
CA PRO A 426 9.89 19.04 -17.83
C PRO A 426 10.28 17.91 -16.89
N ASP A 427 9.31 17.38 -16.17
CA ASP A 427 9.54 16.29 -15.22
C ASP A 427 9.93 15.00 -15.93
N ASP A 428 9.54 14.87 -17.20
CA ASP A 428 9.86 13.69 -17.98
C ASP A 428 10.99 13.98 -18.97
N PHE A 429 11.80 14.98 -18.66
CA PHE A 429 12.93 15.37 -19.51
C PHE A 429 13.86 14.20 -19.78
N THR A 430 14.23 14.04 -21.05
CA THR A 430 15.23 13.07 -21.45
C THR A 430 16.37 13.81 -22.15
N GLY A 431 17.58 13.59 -21.67
CA GLY A 431 18.74 14.30 -22.19
C GLY A 431 19.81 14.50 -21.13
N CYS A 432 20.82 15.30 -21.44
CA CYS A 432 21.94 15.54 -20.53
C CYS A 432 22.19 17.04 -20.32
N VAL A 433 22.50 17.40 -19.08
CA VAL A 433 22.82 18.78 -18.71
C VAL A 433 24.31 18.91 -18.41
N ILE A 434 24.99 19.73 -19.20
CA ILE A 434 26.43 19.92 -19.05
C ILE A 434 26.75 21.37 -18.73
N ALA A 435 27.57 21.58 -17.71
CA ALA A 435 27.91 22.95 -17.33
C ALA A 435 29.36 23.06 -16.86
N TRP A 436 29.94 24.25 -17.03
CA TRP A 436 31.30 24.49 -16.58
C TRP A 436 31.53 25.94 -16.15
N ASN A 437 32.56 26.13 -15.33
CA ASN A 437 32.93 27.44 -14.82
C ASN A 437 33.67 28.23 -15.88
N SER A 438 33.15 29.40 -16.22
CA SER A 438 33.72 30.24 -17.27
C SER A 438 34.13 31.60 -16.72
N ASN A 439 34.42 31.64 -15.43
CA ASN A 439 34.79 32.87 -14.74
C ASN A 439 35.92 33.61 -15.44
N ASN A 440 36.90 32.87 -15.92
CA ASN A 440 38.09 33.46 -16.52
C ASN A 440 37.83 34.06 -17.90
N LEU A 441 36.65 33.79 -18.45
CA LEU A 441 36.33 34.26 -19.79
C LEU A 441 35.24 35.34 -19.78
N ASP A 442 34.23 35.16 -18.93
CA ASP A 442 33.08 36.07 -18.93
C ASP A 442 33.18 37.21 -17.91
N SER A 443 33.85 36.98 -16.79
CA SER A 443 33.84 37.99 -15.72
C SER A 443 34.78 39.14 -16.01
N LYS A 444 34.38 40.33 -15.55
CA LYS A 444 35.18 41.54 -15.71
C LYS A 444 35.44 42.18 -14.35
N VAL A 445 36.52 42.93 -14.23
CA VAL A 445 36.87 43.54 -12.95
C VAL A 445 35.80 44.51 -12.45
N GLY A 446 35.32 45.36 -13.36
CA GLY A 446 34.27 46.31 -13.00
C GLY A 446 32.91 45.61 -12.91
N GLY A 447 32.86 44.40 -13.45
CA GLY A 447 31.66 43.58 -13.47
C GLY A 447 31.06 43.50 -14.87
N ASN A 448 30.69 42.29 -15.26
CA ASN A 448 30.04 42.07 -16.55
C ASN A 448 28.53 42.04 -16.33
N TYR A 449 27.87 43.12 -16.75
CA TYR A 449 26.45 43.29 -16.50
C TYR A 449 25.64 43.13 -17.78
N ASN A 450 26.21 42.42 -18.75
CA ASN A 450 25.52 42.24 -20.03
C ASN A 450 24.78 40.90 -20.08
N TYR A 451 24.67 40.24 -18.94
CA TYR A 451 23.90 39.01 -18.83
C TYR A 451 22.65 39.25 -18.01
N LEU A 452 21.50 39.11 -18.65
CA LEU A 452 20.23 39.38 -17.98
C LEU A 452 19.44 38.12 -17.70
N TYR A 453 18.68 38.16 -16.61
CA TYR A 453 17.72 37.11 -16.29
C TYR A 453 16.40 37.74 -15.91
N ARG A 454 15.32 37.00 -16.06
CA ARG A 454 14.02 37.50 -15.69
C ARG A 454 13.80 37.37 -14.20
N LEU A 455 13.47 38.49 -13.57
CA LEU A 455 13.26 38.55 -12.13
C LEU A 455 11.77 38.60 -11.81
N PHE A 456 11.02 39.34 -12.62
CA PHE A 456 9.59 39.46 -12.41
C PHE A 456 8.80 38.85 -13.56
N ARG A 457 7.77 38.08 -13.21
CA ARG A 457 6.85 37.56 -14.22
C ARG A 457 5.48 37.31 -13.60
N LYS A 458 4.43 37.51 -14.39
CA LYS A 458 3.06 37.31 -13.93
C LYS A 458 2.76 35.85 -13.57
N SER A 459 3.38 34.94 -14.29
CA SER A 459 3.14 33.51 -14.07
C SER A 459 4.39 32.70 -14.42
N ASN A 460 4.34 31.40 -14.12
CA ASN A 460 5.48 30.52 -14.37
C ASN A 460 5.51 30.02 -15.80
N LEU A 461 6.69 29.64 -16.26
CA LEU A 461 6.88 29.10 -17.61
C LEU A 461 6.55 27.62 -17.70
N LYS A 462 6.14 27.21 -18.90
CA LYS A 462 5.96 25.80 -19.22
C LYS A 462 7.31 25.28 -19.74
N PRO A 463 7.52 23.96 -19.80
CA PRO A 463 8.73 23.34 -20.26
C PRO A 463 9.17 23.88 -21.60
N PHE A 464 10.43 24.31 -21.67
CA PHE A 464 11.04 24.86 -22.88
C PHE A 464 10.28 26.05 -23.46
N GLU A 465 9.51 26.74 -22.64
CA GLU A 465 8.83 27.95 -23.09
C GLU A 465 9.80 29.14 -23.08
N ARG A 466 9.70 29.96 -24.12
CA ARG A 466 10.54 31.15 -24.23
C ARG A 466 9.75 32.41 -23.98
N ASP A 467 10.34 33.33 -23.22
CA ASP A 467 9.75 34.65 -23.02
C ASP A 467 10.83 35.71 -22.99
N ILE A 468 10.90 36.50 -24.04
CA ILE A 468 11.92 37.53 -24.18
C ILE A 468 11.31 38.91 -24.28
N SER A 469 10.08 39.04 -23.78
CA SER A 469 9.39 40.32 -23.78
C SER A 469 9.97 41.25 -22.72
N THR A 470 9.74 42.55 -22.89
CA THR A 470 10.22 43.54 -21.94
C THR A 470 9.08 44.31 -21.27
N GLU A 471 7.87 43.77 -21.36
CA GLU A 471 6.72 44.41 -20.74
C GLU A 471 6.95 44.57 -19.25
N ILE A 472 6.72 45.76 -18.74
CA ILE A 472 7.00 46.04 -17.34
C ILE A 472 6.03 45.36 -16.41
N TYR A 473 6.53 44.96 -15.24
CA TYR A 473 5.75 44.22 -14.26
C TYR A 473 5.19 45.14 -13.20
N GLN A 474 3.89 45.02 -12.97
CA GLN A 474 3.23 45.80 -11.93
C GLN A 474 3.12 44.98 -10.65
N ALA A 475 3.80 45.43 -9.60
CA ALA A 475 3.83 44.69 -8.34
C ALA A 475 2.68 45.11 -7.44
N GLY A 476 2.31 46.38 -7.50
CA GLY A 476 1.23 46.92 -6.68
C GLY A 476 -0.10 46.86 -7.40
N SER A 477 -1.11 47.51 -6.82
CA SER A 477 -2.45 47.55 -7.42
C SER A 477 -2.63 48.81 -8.27
N THR A 478 -1.66 49.72 -8.17
CA THR A 478 -1.72 50.99 -8.88
C THR A 478 -1.13 50.83 -10.29
N PRO A 479 -1.89 51.17 -11.34
CA PRO A 479 -1.48 51.12 -12.74
C PRO A 479 -0.17 51.87 -12.95
N CYS A 480 0.77 51.21 -13.65
CA CYS A 480 2.08 51.78 -13.94
C CYS A 480 2.06 52.54 -15.25
N ASN A 481 0.97 52.39 -15.99
CA ASN A 481 0.78 53.03 -17.29
C ASN A 481 1.79 52.55 -18.33
N GLY A 482 2.44 51.42 -18.05
CA GLY A 482 3.35 50.79 -18.99
C GLY A 482 4.72 51.47 -19.03
N VAL A 483 5.07 52.25 -18.02
CA VAL A 483 6.35 52.94 -18.03
C VAL A 483 7.27 52.40 -16.93
N GLU A 484 7.27 53.06 -15.77
CA GLU A 484 8.03 52.62 -14.60
C GLU A 484 7.76 53.58 -13.46
N GLY A 485 7.96 53.15 -12.22
CA GLY A 485 7.77 54.06 -11.11
C GLY A 485 7.28 53.37 -9.87
N PHE A 486 6.19 53.89 -9.30
CA PHE A 486 5.73 53.43 -8.01
C PHE A 486 5.25 51.99 -8.04
N ASN A 487 6.03 51.14 -7.38
CA ASN A 487 5.74 49.72 -7.23
C ASN A 487 5.53 48.99 -8.57
N CYS A 488 6.37 49.32 -9.57
CA CYS A 488 6.39 48.65 -10.87
C CYS A 488 7.81 48.73 -11.45
N TYR A 489 8.28 47.61 -12.01
CA TYR A 489 9.68 47.48 -12.39
C TYR A 489 9.90 46.87 -13.77
N PHE A 490 11.08 47.15 -14.33
CA PHE A 490 11.55 46.48 -15.54
C PHE A 490 11.88 45.03 -15.16
N PRO A 491 11.35 44.04 -15.89
CA PRO A 491 11.32 42.62 -15.55
C PRO A 491 12.67 41.94 -15.54
N LEU A 492 13.66 42.53 -16.21
CA LEU A 492 14.97 41.89 -16.32
C LEU A 492 15.97 42.49 -15.36
N GLN A 493 16.87 41.64 -14.88
CA GLN A 493 17.90 42.04 -13.92
C GLN A 493 19.26 41.54 -14.38
N SER A 494 20.31 42.28 -14.01
CA SER A 494 21.65 41.93 -14.46
C SER A 494 22.45 41.13 -13.44
N TYR A 495 23.38 40.32 -13.92
CA TYR A 495 24.31 39.61 -13.06
C TYR A 495 25.60 40.40 -12.89
N GLY A 496 26.03 40.58 -11.65
CA GLY A 496 27.30 41.25 -11.40
C GLY A 496 28.46 40.27 -11.42
N PHE A 497 28.83 39.80 -12.61
CA PHE A 497 29.87 38.78 -12.72
C PHE A 497 31.27 39.39 -12.66
N GLN A 498 32.00 39.04 -11.61
CA GLN A 498 33.34 39.57 -11.34
C GLN A 498 34.30 38.45 -10.95
N PRO A 499 35.60 38.59 -11.27
CA PRO A 499 36.67 37.64 -10.99
C PRO A 499 36.94 37.51 -9.49
N THR A 500 36.37 38.43 -8.70
CA THR A 500 36.56 38.44 -7.26
C THR A 500 35.38 37.80 -6.53
N ASN A 501 34.40 37.32 -7.30
CA ASN A 501 33.21 36.71 -6.71
C ASN A 501 33.50 35.35 -6.12
N GLY A 502 32.70 34.97 -5.12
CA GLY A 502 32.77 33.61 -4.61
C GLY A 502 32.25 32.67 -5.68
N VAL A 503 32.51 31.38 -5.52
CA VAL A 503 32.16 30.42 -6.56
C VAL A 503 30.68 30.46 -6.91
N GLY A 504 29.84 30.60 -5.90
CA GLY A 504 28.39 30.62 -6.11
C GLY A 504 27.94 31.82 -6.93
N TYR A 505 28.78 32.85 -7.00
CA TYR A 505 28.44 34.06 -7.73
C TYR A 505 29.23 34.20 -9.04
N GLN A 506 29.98 33.17 -9.40
CA GLN A 506 30.71 33.18 -10.66
C GLN A 506 29.77 32.68 -11.76
N PRO A 507 29.98 33.12 -13.00
CA PRO A 507 29.24 32.71 -14.18
C PRO A 507 29.56 31.28 -14.58
N TYR A 508 28.54 30.56 -14.99
CA TYR A 508 28.68 29.22 -15.54
C TYR A 508 28.00 29.14 -16.90
N ARG A 509 28.64 28.44 -17.82
CA ARG A 509 28.07 28.22 -19.13
C ARG A 509 27.36 26.88 -19.15
N VAL A 510 26.10 26.90 -19.54
CA VAL A 510 25.27 25.71 -19.51
C VAL A 510 24.78 25.32 -20.89
N VAL A 511 24.96 24.05 -21.22
CA VAL A 511 24.43 23.49 -22.45
C VAL A 511 23.54 22.29 -22.13
N VAL A 512 22.29 22.36 -22.53
CA VAL A 512 21.37 21.26 -22.29
C VAL A 512 21.06 20.52 -23.58
N LEU A 513 21.38 19.24 -23.62
CA LEU A 513 21.16 18.43 -24.80
C LEU A 513 19.90 17.59 -24.64
N SER A 514 18.81 18.04 -25.24
CA SER A 514 17.52 17.36 -25.13
C SER A 514 17.39 16.34 -26.25
N PHE A 515 17.05 15.12 -25.89
CA PHE A 515 17.00 14.02 -26.85
C PHE A 515 15.58 13.60 -27.16
N GLU A 516 15.30 13.37 -28.45
CA GLU A 516 14.03 12.77 -28.83
C GLU A 516 14.29 11.47 -29.59
N LEU A 517 13.37 10.51 -29.43
CA LEU A 517 13.46 9.19 -30.07
C LEU A 517 12.25 8.95 -30.96
N ALA A 520 10.26 6.91 -35.57
CA ALA A 520 10.68 7.81 -36.63
C ALA A 520 12.16 7.54 -36.98
N PRO A 521 12.63 7.91 -38.21
CA PRO A 521 14.01 7.78 -38.67
C PRO A 521 14.99 8.59 -37.82
N ALA A 522 16.16 8.02 -37.56
CA ALA A 522 17.20 8.72 -36.82
C ALA A 522 17.90 9.71 -37.73
N THR A 523 18.48 10.75 -37.12
CA THR A 523 19.26 11.72 -37.86
C THR A 523 20.68 11.79 -37.33
N VAL A 524 20.83 11.56 -36.03
CA VAL A 524 22.13 11.59 -35.40
C VAL A 524 22.36 10.31 -34.61
N CYS A 525 23.53 9.68 -34.81
CA CYS A 525 23.90 8.41 -34.17
C CYS A 525 25.32 8.48 -33.64
N GLY A 526 25.66 7.54 -32.76
CA GLY A 526 26.99 7.50 -32.17
C GLY A 526 28.03 6.99 -33.17
N PRO A 527 29.30 6.99 -32.76
CA PRO A 527 30.49 6.65 -33.54
C PRO A 527 30.66 5.15 -33.68
N LYS A 528 29.73 4.51 -34.37
CA LYS A 528 29.77 3.07 -34.57
C LYS A 528 30.08 2.69 -35.99
N LYS A 529 30.72 1.54 -36.17
CA LYS A 529 30.98 1.01 -37.48
C LYS A 529 29.96 -0.07 -37.80
N SER A 530 29.42 -0.04 -39.01
CA SER A 530 28.44 -1.02 -39.41
C SER A 530 29.11 -2.34 -39.79
N THR A 531 28.30 -3.39 -39.85
CA THR A 531 28.76 -4.72 -40.23
C THR A 531 27.92 -5.25 -41.36
N ASN A 532 28.32 -6.38 -41.92
CA ASN A 532 27.56 -7.00 -43.00
C ASN A 532 26.29 -7.63 -42.45
N LEU A 533 25.26 -7.70 -43.29
CA LEU A 533 24.00 -8.29 -42.89
C LEU A 533 24.07 -9.82 -42.96
N VAL A 534 23.68 -10.47 -41.87
CA VAL A 534 23.69 -11.93 -41.81
C VAL A 534 22.27 -12.47 -41.65
N LYS A 535 21.84 -13.26 -42.61
CA LYS A 535 20.48 -13.77 -42.63
C LYS A 535 20.41 -15.29 -42.43
N ASN A 536 19.23 -15.76 -42.03
CA ASN A 536 18.95 -17.19 -41.85
C ASN A 536 19.75 -17.80 -40.70
N LYS A 537 20.25 -16.96 -39.81
CA LYS A 537 20.96 -17.40 -38.62
C LYS A 537 20.52 -16.58 -37.41
N CYS A 538 20.64 -17.14 -36.20
CA CYS A 538 20.40 -16.38 -34.99
C CYS A 538 21.53 -15.38 -34.75
N VAL A 539 21.16 -14.11 -34.68
CA VAL A 539 22.13 -13.04 -34.55
C VAL A 539 21.71 -12.01 -33.52
N ASN A 540 22.70 -11.29 -33.00
CA ASN A 540 22.45 -10.17 -32.10
C ASN A 540 22.47 -8.88 -32.92
N PHE A 541 21.30 -8.32 -33.17
CA PHE A 541 21.25 -7.19 -34.11
C PHE A 541 20.99 -5.84 -33.45
N ASN A 542 21.44 -4.80 -34.13
CA ASN A 542 21.17 -3.41 -33.79
C ASN A 542 20.85 -2.62 -35.04
N PHE A 543 19.56 -2.33 -35.25
CA PHE A 543 19.13 -1.60 -36.44
C PHE A 543 18.78 -0.17 -36.12
N ASN A 544 19.70 0.73 -36.41
CA ASN A 544 19.47 2.15 -36.18
C ASN A 544 19.03 2.42 -34.74
N GLY A 545 19.65 1.73 -33.78
CA GLY A 545 19.39 2.00 -32.37
C GLY A 545 18.46 0.98 -31.70
N LEU A 546 17.69 0.21 -32.46
CA LEU A 546 16.84 -0.79 -31.81
C LEU A 546 17.59 -2.11 -31.76
N THR A 547 17.39 -2.88 -30.70
CA THR A 547 18.12 -4.12 -30.55
C THR A 547 17.23 -5.31 -30.28
N GLY A 548 17.78 -6.49 -30.52
CA GLY A 548 17.08 -7.74 -30.21
C GLY A 548 17.84 -8.93 -30.74
N THR A 549 17.31 -10.12 -30.50
CA THR A 549 17.95 -11.35 -30.95
C THR A 549 16.95 -12.18 -31.76
N GLY A 550 17.39 -12.69 -32.90
CA GLY A 550 16.52 -13.52 -33.72
C GLY A 550 17.10 -13.76 -35.10
N VAL A 551 16.31 -14.45 -35.93
CA VAL A 551 16.71 -14.80 -37.28
C VAL A 551 16.12 -13.82 -38.28
N LEU A 552 16.95 -13.28 -39.15
CA LEU A 552 16.48 -12.33 -40.15
C LEU A 552 16.24 -13.01 -41.49
N THR A 553 15.13 -12.66 -42.13
CA THR A 553 14.84 -13.16 -43.47
C THR A 553 14.30 -12.04 -44.35
N GLU A 554 14.30 -12.26 -45.66
CA GLU A 554 13.72 -11.26 -46.55
C GLU A 554 12.21 -11.17 -46.34
N SER A 555 11.69 -9.95 -46.25
CA SER A 555 10.28 -9.74 -46.04
C SER A 555 9.58 -9.37 -47.33
N ASN A 556 8.28 -9.66 -47.41
CA ASN A 556 7.46 -9.23 -48.52
C ASN A 556 6.37 -8.28 -48.04
N LYS A 557 6.60 -7.67 -46.88
CA LYS A 557 5.64 -6.75 -46.28
C LYS A 557 5.64 -5.39 -46.98
N LYS A 558 4.45 -4.86 -47.23
CA LYS A 558 4.31 -3.60 -47.95
C LYS A 558 4.47 -2.40 -47.04
N PHE A 559 5.70 -2.08 -46.70
CA PHE A 559 5.97 -0.91 -45.87
C PHE A 559 5.73 0.37 -46.66
N LEU A 560 5.21 1.38 -45.98
CA LEU A 560 5.01 2.68 -46.59
C LEU A 560 6.31 3.48 -46.49
N PRO A 561 6.55 4.46 -47.37
CA PRO A 561 7.76 5.28 -47.46
C PRO A 561 8.18 5.95 -46.16
N PHE A 562 7.23 6.14 -45.24
CA PHE A 562 7.53 6.83 -43.99
C PHE A 562 7.69 5.89 -42.80
N GLN A 563 7.54 4.59 -43.03
CA GLN A 563 7.61 3.61 -41.95
C GLN A 563 8.99 2.96 -41.87
N GLN A 564 9.51 2.85 -40.66
CA GLN A 564 10.84 2.27 -40.44
C GLN A 564 10.80 0.88 -39.84
N PHE A 565 9.73 0.57 -39.13
CA PHE A 565 9.59 -0.74 -38.49
C PHE A 565 8.12 -1.05 -38.26
N GLY A 566 7.82 -2.32 -38.02
CA GLY A 566 6.47 -2.72 -37.68
C GLY A 566 6.41 -3.30 -36.29
N ARG A 567 5.20 -3.62 -35.83
CA ARG A 567 5.01 -4.21 -34.52
C ARG A 567 4.00 -5.35 -34.53
N ASP A 568 4.16 -6.25 -33.57
CA ASP A 568 3.23 -7.36 -33.35
C ASP A 568 2.25 -7.03 -32.24
N ILE A 569 1.85 -8.02 -31.44
CA ILE A 569 0.86 -7.80 -30.40
C ILE A 569 1.50 -7.29 -29.11
N ALA A 570 2.56 -7.96 -28.68
CA ALA A 570 3.23 -7.62 -27.42
C ALA A 570 4.32 -6.56 -27.63
N ASP A 571 4.02 -5.57 -28.47
CA ASP A 571 4.96 -4.50 -28.78
C ASP A 571 6.35 -5.01 -29.13
N THR A 572 6.41 -6.10 -29.88
CA THR A 572 7.68 -6.60 -30.37
C THR A 572 7.84 -6.16 -31.81
N THR A 573 9.05 -6.21 -32.34
CA THR A 573 9.26 -5.82 -33.72
C THR A 573 9.46 -7.05 -34.59
N ASP A 574 8.52 -7.29 -35.50
CA ASP A 574 8.57 -8.46 -36.35
C ASP A 574 9.12 -8.14 -37.74
N ALA A 575 9.43 -6.87 -37.96
CA ALA A 575 9.99 -6.44 -39.24
C ALA A 575 10.66 -5.08 -39.10
N VAL A 576 11.79 -4.91 -39.78
CA VAL A 576 12.49 -3.63 -39.80
C VAL A 576 12.93 -3.23 -41.19
N ARG A 577 13.11 -1.93 -41.38
CA ARG A 577 13.72 -1.41 -42.59
C ARG A 577 15.21 -1.19 -42.36
N ASP A 578 16.04 -1.85 -43.15
CA ASP A 578 17.47 -1.69 -43.00
C ASP A 578 17.87 -0.24 -43.32
N PRO A 579 18.59 0.44 -42.43
CA PRO A 579 18.96 1.84 -42.53
C PRO A 579 19.92 2.15 -43.68
N GLN A 580 20.57 1.14 -44.25
CA GLN A 580 21.52 1.41 -45.33
C GLN A 580 20.94 1.00 -46.68
N THR A 581 20.16 -0.07 -46.69
CA THR A 581 19.52 -0.57 -47.90
C THR A 581 18.02 -0.53 -47.75
N LEU A 582 17.32 0.04 -48.72
CA LEU A 582 15.88 0.16 -48.61
C LEU A 582 15.17 -1.17 -48.87
N GLU A 583 15.29 -2.06 -47.90
CA GLU A 583 14.69 -3.39 -47.95
C GLU A 583 14.14 -3.74 -46.58
N ILE A 584 13.13 -4.61 -46.56
CA ILE A 584 12.50 -4.99 -45.31
C ILE A 584 12.91 -6.40 -44.89
N LEU A 585 13.28 -6.55 -43.64
CA LEU A 585 13.67 -7.83 -43.08
C LEU A 585 12.69 -8.28 -42.00
N ASP A 586 12.27 -9.53 -42.07
CA ASP A 586 11.39 -10.10 -41.05
C ASP A 586 12.23 -10.63 -39.91
N ILE A 587 11.71 -10.52 -38.69
CA ILE A 587 12.42 -11.04 -37.53
C ILE A 587 11.68 -12.21 -36.90
N THR A 588 12.32 -13.37 -36.90
CA THR A 588 11.74 -14.57 -36.32
C THR A 588 12.56 -14.99 -35.10
N PRO A 589 11.96 -15.09 -33.91
CA PRO A 589 12.59 -15.49 -32.66
C PRO A 589 13.32 -16.82 -32.81
N CYS A 590 14.45 -16.96 -32.12
CA CYS A 590 15.25 -18.18 -32.14
C CYS A 590 14.49 -19.33 -31.47
N SER A 591 14.54 -20.50 -32.09
CA SER A 591 13.77 -21.65 -31.62
C SER A 591 14.10 -22.01 -30.19
N PHE A 592 13.07 -22.41 -29.46
CA PHE A 592 13.20 -22.81 -28.07
C PHE A 592 12.11 -23.82 -27.73
N GLY A 593 12.27 -24.49 -26.60
CA GLY A 593 11.25 -25.41 -26.12
C GLY A 593 11.72 -26.12 -24.87
N GLY A 594 10.80 -26.83 -24.22
CA GLY A 594 11.14 -27.55 -22.99
C GLY A 594 11.99 -28.77 -23.29
N VAL A 595 12.78 -29.18 -22.30
CA VAL A 595 13.59 -30.38 -22.42
C VAL A 595 13.20 -31.38 -21.34
N SER A 596 12.79 -32.56 -21.75
CA SER A 596 12.35 -33.58 -20.81
C SER A 596 13.18 -34.85 -20.90
N VAL A 597 13.28 -35.55 -19.79
CA VAL A 597 14.06 -36.78 -19.71
C VAL A 597 13.17 -37.98 -19.50
N ILE A 598 13.35 -38.98 -20.34
CA ILE A 598 12.57 -40.22 -20.31
C ILE A 598 13.37 -41.34 -19.70
N THR A 599 12.87 -41.90 -18.60
CA THR A 599 13.60 -42.94 -17.89
C THR A 599 12.69 -44.07 -17.41
N PRO A 600 13.15 -45.31 -17.43
CA PRO A 600 12.53 -46.48 -16.86
C PRO A 600 12.60 -46.46 -15.34
N GLY A 601 13.43 -45.57 -14.80
CA GLY A 601 13.64 -45.47 -13.37
C GLY A 601 15.00 -46.03 -12.98
N THR A 602 15.58 -45.46 -11.93
CA THR A 602 16.92 -45.84 -11.48
C THR A 602 16.98 -47.24 -10.85
N ASN A 603 15.80 -47.89 -10.69
CA ASN A 603 15.71 -49.27 -10.21
C ASN A 603 15.84 -50.27 -11.37
N THR A 604 15.93 -49.77 -12.60
CA THR A 604 16.04 -50.59 -13.81
C THR A 604 17.34 -50.28 -14.55
N SER A 605 17.58 -49.01 -14.82
CA SER A 605 18.74 -48.60 -15.59
C SER A 605 19.08 -47.13 -15.39
N ASN A 606 20.34 -46.77 -15.61
CA ASN A 606 20.76 -45.38 -15.56
C ASN A 606 20.77 -44.76 -16.95
N GLN A 607 20.26 -45.51 -17.92
CA GLN A 607 20.15 -45.04 -19.29
C GLN A 607 18.90 -44.19 -19.47
N VAL A 608 19.04 -43.03 -20.10
CA VAL A 608 17.89 -42.17 -20.35
C VAL A 608 17.84 -41.70 -21.80
N ALA A 609 16.67 -41.27 -22.23
CA ALA A 609 16.51 -40.61 -23.51
C ALA A 609 16.07 -39.17 -23.28
N VAL A 610 16.51 -38.27 -24.14
CA VAL A 610 16.16 -36.86 -23.95
C VAL A 610 15.32 -36.32 -25.09
N LEU A 611 14.19 -35.71 -24.73
CA LEU A 611 13.27 -35.15 -25.70
C LEU A 611 13.32 -33.63 -25.73
N TYR A 612 13.62 -33.08 -26.90
CA TYR A 612 13.63 -31.63 -27.10
C TYR A 612 12.34 -31.22 -27.78
N GLN A 613 11.50 -30.50 -27.04
CA GLN A 613 10.14 -30.21 -27.50
C GLN A 613 10.08 -29.14 -28.58
N ASP A 614 9.25 -29.40 -29.58
CA ASP A 614 8.94 -28.44 -30.65
C ASP A 614 10.17 -27.85 -31.34
N VAL A 615 11.12 -28.71 -31.68
CA VAL A 615 12.31 -28.27 -32.43
C VAL A 615 12.61 -29.21 -33.58
N ASN A 616 13.45 -28.75 -34.51
CA ASN A 616 13.99 -29.59 -35.59
C ASN A 616 15.26 -30.31 -35.10
N CYS A 617 15.46 -31.53 -35.63
CA CYS A 617 16.63 -32.36 -35.28
C CYS A 617 17.89 -31.86 -35.98
N THR A 618 17.81 -30.68 -36.59
CA THR A 618 18.93 -30.05 -37.27
C THR A 618 19.54 -28.91 -36.43
N GLU A 619 18.80 -28.45 -35.42
CA GLU A 619 19.22 -27.29 -34.63
C GLU A 619 19.50 -27.65 -33.17
N VAL A 620 19.17 -28.87 -32.77
CA VAL A 620 19.38 -29.29 -31.40
C VAL A 620 20.86 -29.33 -30.97
N PRO A 621 21.80 -29.93 -31.76
CA PRO A 621 23.22 -30.08 -31.44
C PRO A 621 23.84 -28.76 -31.02
N ASN A 641 21.61 -41.63 -32.86
CA ASN A 641 20.30 -42.24 -32.69
C ASN A 641 19.26 -41.15 -32.39
N VAL A 642 18.84 -40.44 -33.45
CA VAL A 642 17.90 -39.32 -33.34
C VAL A 642 16.61 -39.60 -34.10
N PHE A 643 15.49 -39.51 -33.40
CA PHE A 643 14.17 -39.76 -33.96
C PHE A 643 13.31 -38.51 -33.94
N GLN A 644 12.94 -38.02 -35.13
CA GLN A 644 12.11 -36.82 -35.24
C GLN A 644 10.64 -37.19 -35.14
N THR A 645 9.96 -36.60 -34.16
CA THR A 645 8.53 -36.84 -33.96
C THR A 645 7.78 -35.52 -33.98
N ARG A 646 6.45 -35.59 -33.85
CA ARG A 646 5.63 -34.39 -33.79
C ARG A 646 5.87 -33.62 -32.49
N ALA A 647 6.09 -34.36 -31.41
CA ALA A 647 6.33 -33.75 -30.10
C ALA A 647 7.65 -32.97 -30.07
N GLY A 648 8.66 -33.48 -30.78
CA GLY A 648 10.00 -32.89 -30.77
C GLY A 648 11.03 -33.91 -31.21
N CYS A 649 12.30 -33.68 -30.85
CA CYS A 649 13.39 -34.61 -31.18
C CYS A 649 13.70 -35.52 -30.01
N LEU A 650 13.54 -36.81 -30.26
CA LEU A 650 13.82 -37.81 -29.24
C LEU A 650 15.19 -38.42 -29.48
N ILE A 651 16.12 -38.17 -28.57
CA ILE A 651 17.48 -38.60 -28.77
C ILE A 651 17.88 -39.68 -27.78
N GLY A 652 18.38 -40.80 -28.30
CA GLY A 652 18.83 -41.91 -27.47
C GLY A 652 17.88 -43.10 -27.50
N ALA A 653 16.68 -42.90 -28.04
CA ALA A 653 15.71 -43.97 -28.15
C ALA A 653 15.69 -44.55 -29.56
N GLU A 654 15.56 -45.87 -29.65
CA GLU A 654 15.50 -46.55 -30.94
C GLU A 654 14.08 -46.70 -31.45
N HIS A 655 13.83 -46.21 -32.64
CA HIS A 655 12.51 -46.32 -33.26
C HIS A 655 12.29 -47.71 -33.82
N VAL A 656 11.18 -48.35 -33.45
CA VAL A 656 10.87 -49.68 -33.93
C VAL A 656 9.48 -49.72 -34.59
N ASN A 657 9.24 -50.75 -35.40
CA ASN A 657 7.96 -50.94 -36.10
C ASN A 657 6.89 -51.54 -35.18
N ASN A 658 7.30 -52.39 -34.23
CA ASN A 658 6.37 -53.11 -33.36
C ASN A 658 5.64 -52.19 -32.41
N SER A 659 4.32 -52.36 -32.32
CA SER A 659 3.51 -51.56 -31.41
C SER A 659 3.23 -52.32 -30.12
N TYR A 660 3.21 -51.58 -29.03
CA TYR A 660 2.91 -52.13 -27.71
C TYR A 660 1.88 -51.23 -27.04
N GLU A 661 1.26 -51.71 -25.97
CA GLU A 661 0.22 -50.92 -25.30
C GLU A 661 0.77 -49.79 -24.42
N CYS A 662 1.61 -48.93 -25.03
CA CYS A 662 2.24 -47.78 -24.43
C CYS A 662 3.05 -48.12 -23.19
N ASP A 663 3.68 -47.14 -22.57
CA ASP A 663 4.51 -47.33 -21.39
C ASP A 663 4.82 -45.99 -20.76
N ILE A 664 5.71 -45.22 -21.39
CA ILE A 664 5.96 -43.83 -21.00
C ILE A 664 5.61 -42.90 -22.15
N PRO A 665 4.44 -42.26 -22.12
CA PRO A 665 3.83 -41.52 -23.21
C PRO A 665 4.63 -40.27 -23.56
N ILE A 666 4.79 -40.01 -24.85
CA ILE A 666 5.46 -38.82 -25.32
C ILE A 666 4.47 -37.83 -25.93
N GLY A 667 3.64 -38.33 -26.83
CA GLY A 667 2.65 -37.48 -27.49
C GLY A 667 2.49 -37.85 -28.95
N ALA A 668 1.36 -37.48 -29.53
CA ALA A 668 1.07 -37.73 -30.94
C ALA A 668 1.14 -39.22 -31.29
N GLY A 669 0.67 -40.06 -30.38
CA GLY A 669 0.60 -41.50 -30.61
C GLY A 669 1.89 -42.23 -30.28
N ILE A 670 2.93 -41.49 -29.92
CA ILE A 670 4.22 -42.09 -29.63
C ILE A 670 4.44 -42.29 -28.14
N CYS A 671 4.87 -43.50 -27.77
CA CYS A 671 5.25 -43.87 -26.40
C CYS A 671 6.66 -44.45 -26.42
N ALA A 672 7.34 -44.38 -25.27
CA ALA A 672 8.67 -44.97 -25.15
C ALA A 672 8.68 -46.02 -24.05
N SER A 673 9.58 -46.99 -24.17
CA SER A 673 9.69 -48.06 -23.16
C SER A 673 11.10 -48.62 -23.09
N TYR A 674 11.40 -49.36 -22.04
CA TYR A 674 12.71 -49.99 -21.90
C TYR A 674 12.63 -51.50 -22.13
N GLN A 675 13.23 -51.97 -23.23
CA GLN A 675 13.21 -53.38 -23.63
C GLN A 675 13.98 -53.59 -24.93
N GLN A 690 19.26 -54.62 -23.10
CA GLN A 690 18.03 -53.87 -23.31
C GLN A 690 18.33 -52.37 -23.44
N SER A 691 17.42 -51.64 -24.07
CA SER A 691 17.56 -50.20 -24.31
C SER A 691 16.20 -49.52 -24.47
N ILE A 692 16.21 -48.19 -24.51
CA ILE A 692 14.98 -47.44 -24.67
C ILE A 692 14.55 -47.40 -26.13
N ILE A 693 13.29 -47.71 -26.38
CA ILE A 693 12.73 -47.71 -27.73
C ILE A 693 11.53 -46.80 -27.84
N ALA A 694 11.21 -46.41 -29.06
CA ALA A 694 10.04 -45.59 -29.33
C ALA A 694 9.15 -46.25 -30.37
N TYR A 695 7.86 -46.13 -30.20
CA TYR A 695 6.91 -46.77 -31.10
C TYR A 695 5.56 -46.09 -31.08
N THR A 696 4.74 -46.36 -32.08
CA THR A 696 3.35 -45.94 -32.07
C THR A 696 2.55 -46.94 -31.26
N MET A 697 1.83 -46.45 -30.26
CA MET A 697 1.13 -47.30 -29.31
C MET A 697 -0.06 -48.02 -29.91
N SER A 698 -0.30 -49.23 -29.42
CA SER A 698 -1.48 -50.00 -29.77
C SER A 698 -2.66 -49.59 -28.92
N LEU A 699 -3.87 -49.69 -29.48
CA LEU A 699 -5.06 -49.35 -28.72
C LEU A 699 -5.72 -50.60 -28.15
N GLY A 700 -5.09 -51.75 -28.36
CA GLY A 700 -5.64 -53.01 -27.90
C GLY A 700 -5.59 -54.07 -28.99
N ALA A 701 -5.87 -55.31 -28.61
CA ALA A 701 -5.86 -56.42 -29.55
C ALA A 701 -7.01 -56.28 -30.54
N GLU A 702 -6.79 -56.77 -31.76
CA GLU A 702 -7.84 -56.76 -32.77
C GLU A 702 -8.72 -58.00 -32.64
N ASN A 703 -10.04 -57.79 -32.68
CA ASN A 703 -10.99 -58.88 -32.62
C ASN A 703 -12.18 -58.62 -33.52
N SER A 704 -12.87 -59.69 -33.91
CA SER A 704 -14.05 -59.58 -34.75
C SER A 704 -15.12 -60.53 -34.27
N VAL A 705 -16.28 -59.98 -33.94
CA VAL A 705 -17.40 -60.77 -33.47
C VAL A 705 -18.00 -61.55 -34.64
N ALA A 706 -18.22 -62.84 -34.44
CA ALA A 706 -18.76 -63.69 -35.51
C ALA A 706 -20.24 -63.47 -35.67
N TYR A 707 -20.60 -62.30 -36.15
CA TYR A 707 -22.00 -61.90 -36.30
C TYR A 707 -22.65 -62.55 -37.51
N SER A 708 -23.88 -63.01 -37.29
CA SER A 708 -24.74 -63.51 -38.36
C SER A 708 -26.17 -63.29 -37.90
N ASN A 709 -27.13 -63.44 -38.81
CA ASN A 709 -28.53 -63.12 -38.51
C ASN A 709 -29.28 -64.26 -37.82
N ASN A 710 -28.59 -65.37 -37.52
CA ASN A 710 -29.20 -66.52 -36.85
C ASN A 710 -28.25 -67.25 -35.91
N SER A 711 -27.31 -66.52 -35.31
CA SER A 711 -26.35 -67.16 -34.40
C SER A 711 -26.17 -66.35 -33.13
N ILE A 712 -26.34 -67.01 -31.99
CA ILE A 712 -26.20 -66.36 -30.70
C ILE A 712 -25.21 -67.10 -29.82
N ALA A 713 -24.38 -66.37 -29.10
CA ALA A 713 -23.45 -67.00 -28.16
C ALA A 713 -23.97 -66.90 -26.74
N ILE A 714 -24.01 -68.02 -26.04
CA ILE A 714 -24.53 -68.08 -24.68
C ILE A 714 -23.53 -68.75 -23.74
N PRO A 715 -23.16 -68.11 -22.63
CA PRO A 715 -22.21 -68.60 -21.63
C PRO A 715 -22.74 -69.83 -20.94
N THR A 716 -21.90 -70.87 -20.85
CA THR A 716 -22.28 -72.09 -20.14
C THR A 716 -21.70 -72.14 -18.73
N ASN A 717 -20.85 -71.16 -18.38
CA ASN A 717 -20.19 -71.06 -17.09
C ASN A 717 -20.03 -69.59 -16.70
N PHE A 718 -19.47 -69.34 -15.51
CA PHE A 718 -19.26 -68.00 -15.00
C PHE A 718 -18.16 -67.97 -13.96
N THR A 719 -17.66 -66.78 -13.68
CA THR A 719 -16.74 -66.60 -12.57
C THR A 719 -17.17 -65.42 -11.70
N ILE A 720 -16.89 -65.53 -10.41
CA ILE A 720 -17.08 -64.42 -9.49
C ILE A 720 -15.74 -63.76 -9.23
N SER A 721 -15.68 -62.45 -9.39
CA SER A 721 -14.42 -61.74 -9.24
C SER A 721 -14.58 -60.51 -8.37
N VAL A 722 -13.47 -60.04 -7.81
CA VAL A 722 -13.50 -58.86 -6.95
C VAL A 722 -12.58 -57.76 -7.47
N THR A 723 -13.14 -56.56 -7.60
CA THR A 723 -12.40 -55.38 -8.05
C THR A 723 -12.21 -54.39 -6.91
N THR A 724 -11.00 -53.88 -6.75
CA THR A 724 -10.75 -52.89 -5.70
C THR A 724 -10.73 -51.47 -6.26
N GLU A 725 -11.54 -50.60 -5.66
CA GLU A 725 -11.61 -49.20 -6.08
C GLU A 725 -11.29 -48.25 -4.94
N ILE A 726 -10.38 -47.33 -5.17
CA ILE A 726 -9.93 -46.41 -4.14
C ILE A 726 -10.32 -44.97 -4.42
N LEU A 727 -10.95 -44.33 -3.44
CA LEU A 727 -11.31 -42.92 -3.54
C LEU A 727 -10.85 -42.15 -2.31
N PRO A 728 -10.26 -40.96 -2.49
CA PRO A 728 -10.02 -39.95 -1.47
C PRO A 728 -11.34 -39.46 -0.90
N VAL A 729 -11.37 -39.22 0.40
CA VAL A 729 -12.55 -38.69 1.05
C VAL A 729 -12.29 -37.35 1.72
N SER A 730 -11.12 -37.22 2.33
CA SER A 730 -10.83 -36.02 3.11
C SER A 730 -9.42 -35.52 2.87
N MET A 731 -9.18 -34.29 3.25
CA MET A 731 -7.91 -33.62 3.10
C MET A 731 -7.40 -33.18 4.46
N THR A 732 -6.09 -33.14 4.64
CA THR A 732 -5.55 -32.69 5.92
C THR A 732 -6.08 -31.29 6.22
N LYS A 733 -6.63 -31.13 7.42
CA LYS A 733 -7.24 -29.87 7.82
C LYS A 733 -6.28 -29.01 8.61
N THR A 734 -5.79 -27.96 7.97
CA THR A 734 -4.78 -27.11 8.55
C THR A 734 -5.25 -25.65 8.55
N SER A 735 -4.53 -24.82 9.27
CA SER A 735 -4.85 -23.40 9.34
C SER A 735 -3.57 -22.57 9.43
N VAL A 736 -3.60 -21.41 8.80
CA VAL A 736 -2.46 -20.51 8.82
C VAL A 736 -2.85 -19.16 9.37
N ASP A 737 -2.15 -18.73 10.41
CA ASP A 737 -2.41 -17.41 10.98
C ASP A 737 -1.72 -16.35 10.11
N CYS A 738 -2.51 -15.53 9.40
CA CYS A 738 -2.02 -14.57 8.43
C CYS A 738 -1.09 -13.53 9.06
N THR A 739 -1.51 -12.96 10.17
CA THR A 739 -0.73 -11.87 10.75
C THR A 739 0.55 -12.39 11.37
N MET A 740 0.49 -13.58 11.95
CA MET A 740 1.69 -14.18 12.55
C MET A 740 2.63 -14.73 11.48
N TYR A 741 2.06 -15.19 10.37
CA TYR A 741 2.85 -15.67 9.25
C TYR A 741 3.65 -14.54 8.63
N ILE A 742 2.97 -13.43 8.34
CA ILE A 742 3.60 -12.29 7.68
C ILE A 742 4.56 -11.52 8.59
N CYS A 743 4.15 -11.24 9.82
CA CYS A 743 4.90 -10.45 10.80
C CYS A 743 5.42 -11.31 11.92
N GLY A 744 6.74 -11.52 11.94
CA GLY A 744 7.35 -12.43 12.91
C GLY A 744 7.51 -11.79 14.28
N ASP A 745 6.40 -11.68 15.01
CA ASP A 745 6.40 -11.02 16.32
C ASP A 745 6.99 -9.62 16.23
N SER A 746 6.62 -8.91 15.18
CA SER A 746 7.13 -7.56 14.96
C SER A 746 6.01 -6.52 14.99
N THR A 747 6.08 -5.63 15.98
CA THR A 747 5.07 -4.59 16.16
C THR A 747 5.08 -3.62 14.99
N GLU A 748 6.28 -3.27 14.54
CA GLU A 748 6.44 -2.33 13.43
C GLU A 748 5.81 -2.87 12.14
N CYS A 749 5.95 -4.18 11.92
CA CYS A 749 5.35 -4.87 10.77
C CYS A 749 3.83 -4.90 10.89
N SER A 750 3.33 -5.27 12.07
CA SER A 750 1.89 -5.38 12.27
C SER A 750 1.19 -4.05 11.99
N ASN A 751 1.80 -2.96 12.44
CA ASN A 751 1.21 -1.63 12.27
C ASN A 751 1.09 -1.26 10.80
N LEU A 752 1.90 -1.87 9.95
CA LEU A 752 1.85 -1.60 8.52
C LEU A 752 0.87 -2.56 7.85
N LEU A 753 0.85 -3.80 8.31
CA LEU A 753 -0.02 -4.83 7.75
C LEU A 753 -1.50 -4.47 7.90
N LEU A 754 -1.84 -3.80 9.00
CA LEU A 754 -3.22 -3.41 9.25
C LEU A 754 -3.74 -2.41 8.22
N GLN A 755 -2.81 -1.71 7.56
CA GLN A 755 -3.19 -0.65 6.63
C GLN A 755 -3.54 -1.22 5.26
N TYR A 756 -3.40 -2.53 5.10
CA TYR A 756 -3.69 -3.17 3.82
C TYR A 756 -5.11 -3.70 3.77
N GLY A 757 -5.90 -3.41 4.79
CA GLY A 757 -7.30 -3.83 4.79
C GLY A 757 -7.51 -5.14 5.54
N SER A 758 -8.45 -5.93 5.05
CA SER A 758 -8.93 -7.11 5.76
C SER A 758 -8.52 -8.40 5.05
N PHE A 759 -7.46 -8.32 4.26
CA PHE A 759 -6.98 -9.50 3.54
C PHE A 759 -6.74 -10.69 4.46
N CYS A 760 -6.15 -10.45 5.63
CA CYS A 760 -5.88 -11.51 6.61
C CYS A 760 -7.15 -12.13 7.15
N THR A 761 -8.21 -11.34 7.26
CA THR A 761 -9.48 -11.88 7.71
C THR A 761 -10.02 -12.85 6.68
N GLN A 762 -9.94 -12.45 5.41
CA GLN A 762 -10.42 -13.28 4.31
C GLN A 762 -9.64 -14.59 4.20
N LEU A 763 -8.33 -14.50 4.40
CA LEU A 763 -7.46 -15.67 4.29
C LEU A 763 -7.67 -16.63 5.45
N ASN A 764 -7.81 -16.09 6.66
CA ASN A 764 -8.03 -16.94 7.82
C ASN A 764 -9.39 -17.62 7.70
N ARG A 765 -10.36 -16.89 7.15
CA ARG A 765 -11.71 -17.40 6.97
C ARG A 765 -11.75 -18.52 5.93
N ALA A 766 -11.05 -18.33 4.82
CA ALA A 766 -11.05 -19.30 3.74
C ALA A 766 -10.49 -20.65 4.21
N LEU A 767 -9.41 -20.60 4.97
CA LEU A 767 -8.80 -21.84 5.46
C LEU A 767 -9.67 -22.51 6.50
N THR A 768 -10.36 -21.72 7.31
CA THR A 768 -11.27 -22.27 8.29
C THR A 768 -12.39 -23.03 7.60
N GLY A 769 -12.94 -22.44 6.54
CA GLY A 769 -14.02 -23.06 5.79
C GLY A 769 -13.60 -24.42 5.24
N ILE A 770 -12.38 -24.51 4.74
CA ILE A 770 -11.87 -25.77 4.21
C ILE A 770 -11.79 -26.81 5.31
N ALA A 771 -11.22 -26.43 6.46
CA ALA A 771 -11.04 -27.36 7.55
C ALA A 771 -12.36 -27.95 8.02
N VAL A 772 -13.42 -27.14 8.03
CA VAL A 772 -14.73 -27.60 8.44
C VAL A 772 -15.30 -28.60 7.45
N GLU A 773 -15.18 -28.29 6.16
CA GLU A 773 -15.68 -29.18 5.11
C GLU A 773 -15.13 -30.58 5.26
N GLN A 774 -13.86 -30.69 5.65
CA GLN A 774 -13.21 -32.00 5.69
C GLN A 774 -13.92 -32.97 6.64
N ASP A 775 -14.54 -32.45 7.69
CA ASP A 775 -15.28 -33.32 8.60
C ASP A 775 -16.63 -33.67 8.01
N LYS A 776 -17.19 -32.75 7.25
CA LYS A 776 -18.45 -33.01 6.57
C LYS A 776 -18.28 -34.12 5.54
N ASN A 777 -17.17 -34.08 4.81
CA ASN A 777 -16.90 -35.07 3.77
C ASN A 777 -16.81 -36.47 4.37
N THR A 778 -16.11 -36.59 5.49
CA THR A 778 -15.95 -37.88 6.15
C THR A 778 -17.29 -38.36 6.68
N GLN A 779 -18.05 -37.46 7.27
CA GLN A 779 -19.33 -37.82 7.87
C GLN A 779 -20.31 -38.34 6.84
N GLU A 780 -20.39 -37.67 5.69
CA GLU A 780 -21.32 -38.08 4.65
C GLU A 780 -20.99 -39.45 4.06
N VAL A 781 -19.69 -39.73 3.90
CA VAL A 781 -19.30 -41.00 3.31
C VAL A 781 -19.53 -42.18 4.25
N PHE A 782 -19.11 -42.06 5.49
CA PHE A 782 -19.13 -43.22 6.38
C PHE A 782 -20.39 -43.37 7.23
N ALA A 783 -21.01 -42.26 7.62
CA ALA A 783 -22.16 -42.34 8.52
C ALA A 783 -23.45 -42.61 7.75
N GLN A 784 -23.50 -43.77 7.10
CA GLN A 784 -24.66 -44.17 6.30
C GLN A 784 -25.53 -45.19 7.01
N VAL A 785 -25.18 -45.50 8.25
CA VAL A 785 -25.91 -46.50 9.01
C VAL A 785 -26.53 -45.86 10.25
N LYS A 786 -27.79 -46.18 10.53
CA LYS A 786 -28.50 -45.58 11.66
C LYS A 786 -27.97 -46.07 13.00
N GLN A 787 -27.33 -47.23 13.01
CA GLN A 787 -26.88 -47.86 14.24
C GLN A 787 -25.71 -48.79 13.98
N ILE A 788 -25.16 -49.37 15.04
CA ILE A 788 -24.01 -50.25 14.89
C ILE A 788 -24.42 -51.71 14.91
N TYR A 789 -24.19 -52.38 13.78
CA TYR A 789 -24.55 -53.79 13.65
C TYR A 789 -23.33 -54.65 13.90
N LYS A 790 -23.56 -55.86 14.39
CA LYS A 790 -22.48 -56.81 14.61
C LYS A 790 -22.80 -58.16 14.02
N THR A 791 -21.76 -58.88 13.61
CA THR A 791 -21.92 -60.24 13.12
C THR A 791 -22.10 -61.18 14.30
N PRO A 792 -22.72 -62.35 14.08
CA PRO A 792 -22.93 -63.40 15.05
C PRO A 792 -21.60 -64.07 15.43
N PRO A 793 -21.54 -64.68 16.62
CA PRO A 793 -20.47 -65.54 17.11
C PRO A 793 -20.13 -66.67 16.15
N ILE A 794 -21.13 -67.22 15.48
CA ILE A 794 -20.91 -68.32 14.54
C ILE A 794 -20.99 -67.84 13.11
N LYS A 795 -19.86 -67.84 12.43
CA LYS A 795 -19.80 -67.31 11.07
C LYS A 795 -20.20 -68.36 10.04
N ASP A 796 -21.47 -68.74 10.05
CA ASP A 796 -21.97 -69.69 9.06
C ASP A 796 -22.76 -68.97 7.98
N PHE A 797 -22.09 -68.72 6.86
CA PHE A 797 -22.71 -67.98 5.77
C PHE A 797 -22.83 -68.86 4.54
N GLY A 798 -22.85 -70.17 4.76
CA GLY A 798 -23.03 -71.12 3.67
C GLY A 798 -21.75 -71.40 2.89
N GLY A 799 -20.60 -71.19 3.53
CA GLY A 799 -19.31 -71.45 2.87
C GLY A 799 -18.59 -70.17 2.47
N PHE A 800 -19.27 -69.04 2.61
CA PHE A 800 -18.67 -67.75 2.27
C PHE A 800 -17.82 -67.23 3.43
N ASN A 801 -16.54 -67.01 3.17
CA ASN A 801 -15.54 -66.60 4.16
C ASN A 801 -15.29 -65.11 4.12
N PHE A 802 -15.70 -64.38 5.16
CA PHE A 802 -15.57 -62.93 5.26
C PHE A 802 -14.50 -62.52 6.28
N SER A 803 -13.67 -63.47 6.68
CA SER A 803 -12.69 -63.22 7.74
C SER A 803 -11.65 -62.17 7.37
N GLN A 804 -11.51 -61.89 6.08
CA GLN A 804 -10.50 -60.95 5.64
C GLN A 804 -11.04 -59.52 5.57
N ILE A 805 -12.36 -59.37 5.59
CA ILE A 805 -12.94 -58.04 5.51
C ILE A 805 -13.49 -57.60 6.86
N LEU A 806 -13.74 -58.56 7.75
CA LEU A 806 -14.21 -58.28 9.10
C LEU A 806 -13.01 -58.15 10.05
N PRO A 807 -13.09 -57.29 11.07
CA PRO A 807 -12.08 -57.07 12.08
C PRO A 807 -11.90 -58.26 13.01
N ASP A 808 -10.65 -58.58 13.34
CA ASP A 808 -10.34 -59.62 14.30
C ASP A 808 -10.20 -59.03 15.72
N PRO A 809 -10.98 -59.52 16.70
CA PRO A 809 -10.99 -59.11 18.10
C PRO A 809 -9.61 -59.19 18.76
N SER A 810 -8.75 -60.04 18.22
CA SER A 810 -7.41 -60.26 18.79
C SER A 810 -6.46 -59.11 18.49
N LYS A 811 -6.84 -58.24 17.56
CA LYS A 811 -6.02 -57.11 17.16
C LYS A 811 -6.45 -55.86 17.92
N PRO A 812 -5.53 -55.15 18.58
CA PRO A 812 -5.78 -54.02 19.45
C PRO A 812 -6.44 -52.85 18.73
N SER A 813 -6.26 -52.78 17.42
CA SER A 813 -6.86 -51.72 16.61
C SER A 813 -8.19 -52.15 16.00
N LYS A 814 -8.50 -53.45 16.13
CA LYS A 814 -9.73 -54.02 15.59
C LYS A 814 -9.99 -53.65 14.14
N ARG A 815 -8.99 -53.85 13.28
CA ARG A 815 -9.13 -53.58 11.86
C ARG A 815 -8.98 -54.88 11.06
N SER A 816 -9.72 -55.00 9.97
CA SER A 816 -9.69 -56.23 9.17
C SER A 816 -8.31 -56.42 8.55
N PRO A 817 -7.92 -57.66 8.27
CA PRO A 817 -6.70 -58.07 7.58
C PRO A 817 -6.46 -57.31 6.28
N ILE A 818 -7.52 -57.03 5.52
CA ILE A 818 -7.34 -56.29 4.27
C ILE A 818 -7.22 -54.79 4.51
N GLU A 819 -8.10 -54.21 5.31
CA GLU A 819 -8.08 -52.77 5.47
C GLU A 819 -6.87 -52.33 6.28
N ASP A 820 -6.37 -53.22 7.15
CA ASP A 820 -5.19 -52.91 7.96
C ASP A 820 -3.98 -52.64 7.06
N LEU A 821 -3.91 -53.32 5.93
CA LEU A 821 -2.80 -53.13 4.99
C LEU A 821 -2.80 -51.72 4.44
N LEU A 822 -3.97 -51.11 4.37
CA LEU A 822 -4.12 -49.82 3.72
C LEU A 822 -3.52 -48.72 4.58
N PHE A 823 -3.23 -49.04 5.83
CA PHE A 823 -2.66 -48.08 6.76
C PHE A 823 -1.17 -48.27 6.92
N ASN A 824 -0.61 -49.23 6.18
CA ASN A 824 0.82 -49.48 6.21
C ASN A 824 1.45 -49.20 4.85
N LYS A 825 0.68 -48.61 3.95
CA LYS A 825 1.16 -48.26 2.62
C LYS A 825 1.22 -46.76 2.36
N VAL A 826 0.27 -46.00 2.93
CA VAL A 826 0.17 -44.55 2.70
C VAL A 826 1.04 -43.80 3.70
N LYS A 854 5.25 -24.91 12.33
CA LYS A 854 4.56 -24.37 13.51
C LYS A 854 5.13 -23.01 13.92
N PHE A 855 6.43 -22.79 13.66
CA PHE A 855 7.15 -21.57 14.00
C PHE A 855 6.58 -20.35 13.28
N ASN A 856 5.91 -20.61 12.16
CA ASN A 856 5.45 -19.55 11.29
C ASN A 856 3.94 -19.32 11.42
N GLY A 857 3.35 -19.78 12.52
CA GLY A 857 1.93 -19.55 12.74
C GLY A 857 1.09 -20.62 12.08
N LEU A 858 1.68 -21.78 11.87
CA LEU A 858 0.98 -22.89 11.22
C LEU A 858 0.44 -23.86 12.27
N THR A 859 -0.78 -24.31 12.08
CA THR A 859 -1.34 -25.33 12.96
C THR A 859 -1.99 -26.45 12.15
N VAL A 860 -2.02 -27.63 12.74
CA VAL A 860 -2.73 -28.76 12.16
C VAL A 860 -3.80 -29.22 13.13
N LEU A 861 -5.04 -29.27 12.66
CA LEU A 861 -6.15 -29.61 13.53
C LEU A 861 -6.46 -31.10 13.43
N PRO A 862 -6.95 -31.71 14.51
CA PRO A 862 -7.45 -33.07 14.55
C PRO A 862 -8.82 -33.14 13.87
N PRO A 863 -9.17 -34.31 13.35
CA PRO A 863 -10.47 -34.65 12.82
C PRO A 863 -11.47 -34.82 13.95
N LEU A 864 -12.74 -34.58 13.66
CA LEU A 864 -13.78 -34.85 14.63
C LEU A 864 -13.98 -36.35 14.80
N LEU A 865 -14.01 -37.07 13.69
CA LEU A 865 -14.24 -38.50 13.71
C LEU A 865 -12.90 -39.22 13.54
N THR A 866 -12.50 -39.96 14.57
CA THR A 866 -11.19 -40.60 14.59
C THR A 866 -11.17 -41.88 13.76
N ASP A 867 -9.96 -42.39 13.47
CA ASP A 867 -9.82 -43.59 12.66
C ASP A 867 -10.51 -44.78 13.27
N GLU A 868 -10.48 -44.89 14.60
CA GLU A 868 -11.13 -45.99 15.27
C GLU A 868 -12.64 -45.93 15.04
N MET A 869 -13.19 -44.73 15.09
CA MET A 869 -14.62 -44.55 14.92
C MET A 869 -15.04 -44.81 13.48
N ILE A 870 -14.16 -44.48 12.54
CA ILE A 870 -14.41 -44.77 11.14
C ILE A 870 -14.45 -46.28 10.91
N ALA A 871 -13.51 -46.99 11.53
CA ALA A 871 -13.48 -48.44 11.45
C ALA A 871 -14.76 -49.04 12.00
N GLN A 872 -15.30 -48.45 13.07
CA GLN A 872 -16.55 -48.95 13.64
C GLN A 872 -17.73 -48.74 12.69
N TYR A 873 -17.78 -47.59 12.02
CA TYR A 873 -18.84 -47.37 11.04
C TYR A 873 -18.73 -48.38 9.91
N THR A 874 -17.51 -48.64 9.47
CA THR A 874 -17.29 -49.58 8.38
C THR A 874 -17.73 -50.99 8.76
N SER A 875 -17.37 -51.43 9.97
CA SER A 875 -17.76 -52.77 10.40
C SER A 875 -19.27 -52.90 10.55
N ALA A 876 -19.93 -51.79 10.91
CA ALA A 876 -21.37 -51.79 11.04
C ALA A 876 -22.02 -52.00 9.68
N LEU A 877 -21.46 -51.36 8.66
CA LEU A 877 -21.97 -51.51 7.30
C LEU A 877 -21.74 -52.93 6.79
N LEU A 878 -20.59 -53.50 7.13
CA LEU A 878 -20.27 -54.86 6.71
C LEU A 878 -21.17 -55.87 7.40
N ALA A 879 -21.40 -55.71 8.69
CA ALA A 879 -22.25 -56.63 9.42
C ALA A 879 -23.66 -56.55 8.89
N GLY A 880 -24.12 -55.34 8.56
CA GLY A 880 -25.43 -55.13 8.01
C GLY A 880 -25.56 -55.81 6.66
N THR A 881 -24.58 -55.56 5.78
CA THR A 881 -24.58 -56.10 4.44
C THR A 881 -24.64 -57.62 4.44
N ILE A 882 -23.88 -58.23 5.32
CA ILE A 882 -23.80 -59.69 5.39
C ILE A 882 -25.06 -60.34 5.96
N THR A 883 -25.60 -59.79 7.05
CA THR A 883 -26.71 -60.46 7.73
C THR A 883 -28.11 -59.98 7.35
N SER A 884 -28.24 -58.78 6.77
CA SER A 884 -29.56 -58.27 6.44
C SER A 884 -29.66 -57.71 5.02
N GLY A 885 -28.63 -57.92 4.22
CA GLY A 885 -28.63 -57.47 2.84
C GLY A 885 -28.77 -55.96 2.74
N TRP A 886 -29.74 -55.51 1.94
CA TRP A 886 -29.96 -54.08 1.75
C TRP A 886 -31.11 -53.55 2.57
N THR A 887 -31.75 -54.41 3.35
CA THR A 887 -32.95 -54.01 4.06
C THR A 887 -32.64 -52.96 5.12
N PHE A 888 -31.47 -53.07 5.72
CA PHE A 888 -31.09 -52.17 6.81
C PHE A 888 -30.84 -50.77 6.30
N GLY A 889 -30.67 -50.63 4.99
CA GLY A 889 -30.39 -49.33 4.40
C GLY A 889 -31.67 -48.64 3.92
N ALA A 890 -32.81 -49.29 4.11
CA ALA A 890 -34.09 -48.75 3.66
C ALA A 890 -35.20 -49.19 4.59
N GLY A 891 -35.01 -48.95 5.88
CA GLY A 891 -35.94 -49.43 6.88
C GLY A 891 -35.16 -50.20 7.95
N PRO A 892 -35.81 -51.10 8.69
CA PRO A 892 -35.26 -51.92 9.75
C PRO A 892 -34.38 -53.02 9.18
N ALA A 893 -33.43 -53.50 9.96
CA ALA A 893 -32.60 -54.62 9.51
C ALA A 893 -33.36 -55.93 9.65
N LEU A 894 -33.56 -56.60 8.52
CA LEU A 894 -34.30 -57.87 8.47
C LEU A 894 -33.36 -59.02 8.18
N GLN A 895 -33.22 -59.95 9.13
CA GLN A 895 -32.27 -61.05 8.94
C GLN A 895 -32.66 -61.94 7.78
N ILE A 896 -31.65 -62.42 7.07
CA ILE A 896 -31.82 -63.36 5.97
C ILE A 896 -30.58 -64.28 5.91
N PRO A 897 -30.75 -65.57 5.58
CA PRO A 897 -29.66 -66.50 5.30
C PRO A 897 -28.80 -65.94 4.17
N PHE A 898 -27.49 -66.04 4.30
CA PHE A 898 -26.63 -65.45 3.28
C PHE A 898 -26.82 -65.95 1.86
N PRO A 899 -26.92 -67.25 1.68
CA PRO A 899 -27.10 -67.78 0.33
C PRO A 899 -28.46 -67.42 -0.35
N MET A 900 -29.42 -67.08 0.51
CA MET A 900 -30.71 -66.62 0.01
C MET A 900 -30.48 -65.18 -0.42
N GLN A 901 -29.73 -64.45 0.39
CA GLN A 901 -29.39 -63.08 0.03
C GLN A 901 -28.67 -63.05 -1.30
N MET A 902 -27.72 -63.97 -1.47
CA MET A 902 -26.96 -64.06 -2.69
C MET A 902 -27.86 -64.48 -3.84
N ALA A 903 -28.85 -65.32 -3.56
CA ALA A 903 -29.80 -65.76 -4.57
C ALA A 903 -30.55 -64.58 -5.16
N TYR A 904 -30.90 -63.61 -4.31
CA TYR A 904 -31.62 -62.43 -4.78
C TYR A 904 -30.74 -61.63 -5.72
N ARG A 905 -29.47 -61.54 -5.38
CA ARG A 905 -28.51 -60.77 -6.13
C ARG A 905 -28.22 -61.40 -7.50
N PHE A 906 -28.29 -62.73 -7.56
CA PHE A 906 -28.18 -63.42 -8.84
C PHE A 906 -29.41 -63.17 -9.70
N ASN A 907 -30.59 -63.24 -9.08
CA ASN A 907 -31.83 -62.98 -9.80
C ASN A 907 -31.84 -61.55 -10.34
N GLY A 908 -31.24 -60.65 -9.57
CA GLY A 908 -31.18 -59.23 -9.92
C GLY A 908 -30.34 -58.94 -11.16
N ILE A 909 -29.55 -59.91 -11.61
CA ILE A 909 -28.73 -59.70 -12.80
C ILE A 909 -29.19 -60.57 -13.95
N GLY A 910 -30.40 -61.13 -13.83
CA GLY A 910 -30.97 -61.92 -14.89
C GLY A 910 -30.51 -63.38 -14.89
N VAL A 911 -30.11 -63.89 -13.73
CA VAL A 911 -29.70 -65.28 -13.62
C VAL A 911 -30.59 -65.98 -12.60
N THR A 912 -31.23 -67.06 -13.01
CA THR A 912 -32.19 -67.71 -12.13
C THR A 912 -31.54 -68.20 -10.84
N GLN A 913 -32.31 -68.17 -9.75
CA GLN A 913 -31.81 -68.47 -8.42
C GLN A 913 -31.33 -69.90 -8.25
N ASN A 914 -31.83 -70.80 -9.09
CA ASN A 914 -31.43 -72.20 -8.97
C ASN A 914 -29.98 -72.39 -9.37
N VAL A 915 -29.41 -71.42 -10.09
CA VAL A 915 -28.01 -71.52 -10.47
C VAL A 915 -27.12 -71.45 -9.25
N LEU A 916 -27.42 -70.51 -8.36
CA LEU A 916 -26.67 -70.39 -7.11
C LEU A 916 -26.82 -71.61 -6.25
N TYR A 917 -28.05 -72.07 -6.08
CA TYR A 917 -28.31 -73.14 -5.14
C TYR A 917 -27.62 -74.43 -5.55
N GLU A 918 -27.59 -74.72 -6.85
CA GLU A 918 -26.92 -75.92 -7.33
C GLU A 918 -25.40 -75.76 -7.39
N ASN A 919 -24.93 -74.53 -7.61
CA ASN A 919 -23.50 -74.26 -7.72
C ASN A 919 -22.97 -73.50 -6.51
N GLN A 920 -23.64 -73.63 -5.37
CA GLN A 920 -23.27 -72.87 -4.19
C GLN A 920 -21.83 -73.11 -3.77
N LYS A 921 -21.35 -74.34 -3.89
CA LYS A 921 -19.99 -74.65 -3.47
C LYS A 921 -18.97 -74.00 -4.39
N LEU A 922 -19.26 -73.98 -5.68
CA LEU A 922 -18.38 -73.35 -6.65
C LEU A 922 -18.30 -71.86 -6.40
N ILE A 923 -19.46 -71.25 -6.20
CA ILE A 923 -19.55 -69.82 -6.00
C ILE A 923 -18.85 -69.39 -4.72
N ALA A 924 -19.07 -70.13 -3.64
CA ALA A 924 -18.41 -69.82 -2.39
C ALA A 924 -16.89 -69.92 -2.53
N ASN A 925 -16.42 -70.92 -3.27
CA ASN A 925 -14.99 -71.10 -3.47
C ASN A 925 -14.38 -69.98 -4.31
N GLN A 926 -15.09 -69.56 -5.37
CA GLN A 926 -14.59 -68.49 -6.21
C GLN A 926 -14.55 -67.18 -5.43
N PHE A 927 -15.56 -66.94 -4.62
CA PHE A 927 -15.60 -65.73 -3.80
C PHE A 927 -14.43 -65.70 -2.84
N ASN A 928 -14.22 -66.80 -2.13
CA ASN A 928 -13.17 -66.87 -1.12
C ASN A 928 -11.79 -66.65 -1.75
N SER A 929 -11.60 -67.22 -2.94
CA SER A 929 -10.33 -67.08 -3.65
C SER A 929 -10.10 -65.64 -4.06
N ALA A 930 -11.12 -65.01 -4.62
CA ALA A 930 -11.00 -63.64 -5.11
C ALA A 930 -10.62 -62.69 -3.99
N ILE A 931 -11.22 -62.87 -2.81
CA ILE A 931 -10.91 -61.99 -1.68
C ILE A 931 -9.46 -62.17 -1.26
N GLY A 932 -9.00 -63.42 -1.19
CA GLY A 932 -7.62 -63.68 -0.81
C GLY A 932 -6.65 -63.01 -1.78
N LYS A 933 -7.00 -63.00 -3.06
CA LYS A 933 -6.16 -62.37 -4.07
C LYS A 933 -6.05 -60.87 -3.85
N ILE A 934 -7.11 -60.24 -3.37
CA ILE A 934 -7.08 -58.80 -3.12
C ILE A 934 -6.06 -58.47 -2.06
N GLN A 935 -6.04 -59.27 -0.99
CA GLN A 935 -5.10 -59.05 0.10
C GLN A 935 -3.66 -59.13 -0.40
N ASP A 936 -3.38 -60.13 -1.24
CA ASP A 936 -2.04 -60.33 -1.77
C ASP A 936 -1.65 -59.25 -2.76
N SER A 937 -2.62 -58.79 -3.56
CA SER A 937 -2.35 -57.76 -4.55
C SER A 937 -1.95 -56.46 -3.89
N LEU A 938 -2.70 -56.04 -2.87
CA LEU A 938 -2.40 -54.79 -2.17
C LEU A 938 -1.09 -54.88 -1.42
N SER A 939 -0.81 -56.03 -0.83
CA SER A 939 0.41 -56.23 -0.06
C SER A 939 1.67 -56.23 -0.92
N SER A 940 1.62 -56.98 -2.03
CA SER A 940 2.79 -57.17 -2.88
C SER A 940 3.01 -56.03 -3.88
N THR A 941 1.99 -55.20 -4.12
CA THR A 941 2.11 -54.08 -5.06
C THR A 941 1.74 -52.76 -4.38
N PRO A 942 2.70 -52.11 -3.70
CA PRO A 942 2.55 -50.89 -2.93
C PRO A 942 2.00 -49.72 -3.76
N SER A 943 2.20 -49.79 -5.07
CA SER A 943 1.77 -48.73 -5.97
C SER A 943 0.27 -48.78 -6.22
N ALA A 944 -0.38 -49.87 -5.81
CA ALA A 944 -1.80 -50.03 -6.07
C ALA A 944 -2.59 -48.95 -5.35
N LEU A 945 -2.22 -48.68 -4.11
CA LEU A 945 -2.91 -47.67 -3.31
C LEU A 945 -2.24 -46.32 -3.51
N GLY A 946 -2.20 -45.87 -4.75
CA GLY A 946 -1.45 -44.66 -5.11
C GLY A 946 -2.31 -43.42 -5.16
N LYS A 947 -3.61 -43.57 -4.95
CA LYS A 947 -4.51 -42.41 -5.04
C LYS A 947 -4.56 -41.64 -3.73
N LEU A 948 -4.27 -42.31 -2.63
CA LEU A 948 -4.29 -41.63 -1.35
C LEU A 948 -2.95 -41.00 -1.06
N GLN A 949 -1.88 -41.60 -1.58
CA GLN A 949 -0.54 -41.04 -1.42
C GLN A 949 -0.26 -40.04 -2.53
N ASP A 950 -1.16 -39.08 -2.67
CA ASP A 950 -1.08 -38.00 -3.64
C ASP A 950 -1.54 -36.72 -2.99
N VAL A 951 -2.74 -36.75 -2.41
CA VAL A 951 -3.30 -35.58 -1.79
C VAL A 951 -2.48 -35.19 -0.56
N VAL A 952 -1.91 -36.19 0.09
CA VAL A 952 -1.06 -35.94 1.25
C VAL A 952 0.27 -35.34 0.81
N ASN A 953 0.76 -35.72 -0.36
CA ASN A 953 2.03 -35.22 -0.87
C ASN A 953 1.86 -33.78 -1.34
N GLN A 954 0.72 -33.50 -1.96
CA GLN A 954 0.43 -32.17 -2.48
C GLN A 954 0.29 -31.16 -1.35
N ASN A 955 -0.32 -31.57 -0.25
CA ASN A 955 -0.48 -30.67 0.89
C ASN A 955 0.85 -30.47 1.59
N ALA A 956 1.65 -31.52 1.66
CA ALA A 956 2.94 -31.44 2.32
C ALA A 956 3.86 -30.46 1.59
N GLN A 957 3.86 -30.52 0.26
CA GLN A 957 4.73 -29.63 -0.49
C GLN A 957 4.16 -28.22 -0.51
N ALA A 958 2.83 -28.10 -0.41
CA ALA A 958 2.20 -26.79 -0.40
C ALA A 958 2.64 -26.00 0.83
N LEU A 959 2.72 -26.69 1.97
CA LEU A 959 3.15 -26.04 3.21
C LEU A 959 4.64 -25.75 3.22
N ASN A 960 5.46 -26.66 2.68
CA ASN A 960 6.89 -26.42 2.65
C ASN A 960 7.21 -25.27 1.72
N THR A 961 6.46 -25.15 0.64
CA THR A 961 6.64 -24.03 -0.29
C THR A 961 6.27 -22.72 0.39
N LEU A 962 5.14 -22.72 1.10
CA LEU A 962 4.68 -21.52 1.78
C LEU A 962 5.73 -21.01 2.76
N VAL A 963 6.31 -21.92 3.54
CA VAL A 963 7.29 -21.52 4.53
C VAL A 963 8.57 -20.99 3.89
N LYS A 964 9.06 -21.68 2.87
CA LYS A 964 10.30 -21.28 2.22
C LYS A 964 10.20 -19.89 1.59
N GLN A 965 8.99 -19.46 1.23
CA GLN A 965 8.79 -18.13 0.67
C GLN A 965 9.18 -17.04 1.66
N LEU A 966 9.22 -17.36 2.94
CA LEU A 966 9.55 -16.39 3.97
C LEU A 966 11.02 -15.98 3.90
N SER A 967 11.82 -16.79 3.20
CA SER A 967 13.24 -16.51 3.07
C SER A 967 13.55 -15.66 1.85
N SER A 968 12.52 -15.33 1.07
CA SER A 968 12.70 -14.51 -0.11
C SER A 968 12.74 -13.03 0.26
N ASN A 969 13.53 -12.26 -0.48
CA ASN A 969 13.65 -10.83 -0.23
C ASN A 969 12.57 -10.02 -0.94
N PHE A 970 12.13 -10.51 -2.10
CA PHE A 970 11.14 -9.80 -2.90
C PHE A 970 11.62 -8.41 -3.31
N GLY A 971 12.95 -8.22 -3.32
CA GLY A 971 13.56 -6.96 -3.70
C GLY A 971 14.05 -6.17 -2.48
N ALA A 972 13.68 -6.64 -1.29
CA ALA A 972 14.09 -6.00 -0.05
C ALA A 972 15.57 -6.27 0.22
N ILE A 973 16.18 -5.44 1.05
CA ILE A 973 17.58 -5.64 1.42
C ILE A 973 17.76 -6.90 2.26
N SER A 974 16.71 -7.32 2.95
CA SER A 974 16.76 -8.50 3.78
C SER A 974 15.39 -9.11 3.98
N SER A 975 15.34 -10.44 4.06
CA SER A 975 14.11 -11.16 4.34
C SER A 975 13.76 -11.11 5.81
N VAL A 976 14.71 -10.67 6.63
CA VAL A 976 14.52 -10.64 8.07
C VAL A 976 14.09 -9.26 8.57
N LEU A 977 12.94 -9.21 9.22
CA LEU A 977 12.37 -7.95 9.70
C LEU A 977 13.27 -7.30 10.74
N ASN A 978 13.90 -8.12 11.58
CA ASN A 978 14.75 -7.60 12.64
C ASN A 978 15.99 -6.91 12.09
N ASP A 979 16.50 -7.41 10.96
CA ASP A 979 17.69 -6.82 10.36
C ASP A 979 17.35 -5.50 9.68
N ILE A 980 16.16 -5.42 9.10
CA ILE A 980 15.74 -4.17 8.48
C ILE A 980 15.58 -3.09 9.53
N LEU A 981 14.93 -3.42 10.64
CA LEU A 981 14.70 -2.45 11.71
C LEU A 981 15.99 -2.06 12.40
N SER A 982 16.91 -3.00 12.55
CA SER A 982 18.19 -2.72 13.18
C SER A 982 19.08 -1.82 12.32
N ARG A 983 19.13 -2.11 11.03
CA ARG A 983 20.02 -1.40 10.12
C ARG A 983 19.50 -0.04 9.65
N LEU A 984 18.19 0.07 9.44
CA LEU A 984 17.64 1.29 8.87
C LEU A 984 16.79 2.08 9.84
N ASP A 985 16.86 3.40 9.72
CA ASP A 985 15.94 4.27 10.42
C ASP A 985 14.53 4.08 9.86
N PRO A 986 13.47 4.31 10.66
CA PRO A 986 12.06 4.15 10.31
C PRO A 986 11.64 4.67 8.93
N PRO A 987 12.06 5.86 8.47
CA PRO A 987 11.67 6.45 7.20
C PRO A 987 11.89 5.50 6.02
N GLU A 988 12.90 4.63 6.14
CA GLU A 988 13.17 3.65 5.09
C GLU A 988 12.80 2.25 5.54
N ALA A 989 12.97 1.97 6.83
CA ALA A 989 12.71 0.63 7.33
C ALA A 989 11.28 0.23 7.02
N GLU A 990 10.36 1.19 7.12
CA GLU A 990 8.97 0.93 6.81
C GLU A 990 8.76 0.57 5.35
N VAL A 991 9.57 1.15 4.47
CA VAL A 991 9.46 0.87 3.05
C VAL A 991 9.93 -0.54 2.74
N GLN A 992 11.04 -0.93 3.34
CA GLN A 992 11.57 -2.27 3.14
C GLN A 992 10.60 -3.31 3.68
N ILE A 993 9.94 -2.97 4.79
CA ILE A 993 8.96 -3.87 5.38
C ILE A 993 7.70 -3.96 4.51
N ASP A 994 7.23 -2.83 3.99
CA ASP A 994 6.07 -2.87 3.08
C ASP A 994 6.31 -3.85 1.96
N ARG A 995 7.54 -3.85 1.44
CA ARG A 995 7.89 -4.75 0.34
C ARG A 995 7.79 -6.21 0.77
N LEU A 996 8.28 -6.54 1.96
CA LEU A 996 8.16 -7.91 2.45
C LEU A 996 6.71 -8.29 2.71
N ILE A 997 5.92 -7.34 3.21
CA ILE A 997 4.52 -7.60 3.47
C ILE A 997 3.77 -7.94 2.19
N THR A 998 4.01 -7.17 1.14
CA THR A 998 3.35 -7.43 -0.12
C THR A 998 3.73 -8.80 -0.66
N GLY A 999 5.02 -9.13 -0.58
CA GLY A 999 5.53 -10.40 -1.06
C GLY A 999 4.96 -11.58 -0.29
N ARG A 1000 4.99 -11.49 1.04
CA ARG A 1000 4.51 -12.58 1.89
C ARG A 1000 3.01 -12.72 1.82
N LEU A 1001 2.29 -11.62 1.68
CA LEU A 1001 0.85 -11.66 1.55
C LEU A 1001 0.47 -12.31 0.23
N GLN A 1002 1.19 -11.98 -0.84
CA GLN A 1002 0.95 -12.56 -2.15
C GLN A 1002 1.20 -14.07 -2.13
N SER A 1003 2.22 -14.48 -1.39
CA SER A 1003 2.55 -15.90 -1.27
C SER A 1003 1.47 -16.66 -0.52
N LEU A 1004 0.94 -16.04 0.53
CA LEU A 1004 -0.12 -16.65 1.31
C LEU A 1004 -1.43 -16.72 0.53
N GLN A 1005 -1.73 -15.67 -0.23
CA GLN A 1005 -2.94 -15.66 -1.05
C GLN A 1005 -2.89 -16.76 -2.09
N THR A 1006 -1.69 -16.99 -2.65
CA THR A 1006 -1.51 -18.05 -3.63
C THR A 1006 -1.79 -19.40 -3.00
N TYR A 1007 -1.23 -19.64 -1.82
CA TYR A 1007 -1.46 -20.89 -1.09
C TYR A 1007 -2.93 -21.15 -0.84
N VAL A 1008 -3.62 -20.15 -0.30
CA VAL A 1008 -5.02 -20.33 0.04
C VAL A 1008 -5.87 -20.61 -1.20
N THR A 1009 -5.60 -19.89 -2.28
CA THR A 1009 -6.36 -20.11 -3.51
C THR A 1009 -6.19 -21.53 -4.01
N GLN A 1010 -4.96 -22.03 -3.98
CA GLN A 1010 -4.68 -23.39 -4.44
C GLN A 1010 -5.38 -24.42 -3.58
N GLN A 1011 -5.51 -24.14 -2.28
CA GLN A 1011 -6.19 -25.07 -1.38
C GLN A 1011 -7.70 -25.05 -1.60
N LEU A 1012 -8.25 -23.90 -2.00
CA LEU A 1012 -9.68 -23.82 -2.28
C LEU A 1012 -10.04 -24.64 -3.51
N ILE A 1013 -9.16 -24.59 -4.51
CA ILE A 1013 -9.37 -25.37 -5.73
C ILE A 1013 -9.15 -26.86 -5.45
N ARG A 1014 -8.07 -27.17 -4.74
CA ARG A 1014 -7.76 -28.55 -4.39
C ARG A 1014 -8.85 -29.15 -3.51
N ALA A 1015 -9.40 -28.34 -2.60
CA ALA A 1015 -10.47 -28.80 -1.72
C ALA A 1015 -11.69 -29.20 -2.53
N ALA A 1016 -11.96 -28.45 -3.61
CA ALA A 1016 -13.11 -28.76 -4.45
C ALA A 1016 -12.95 -30.13 -5.10
N GLU A 1017 -11.73 -30.49 -5.45
CA GLU A 1017 -11.47 -31.79 -6.05
C GLU A 1017 -11.76 -32.91 -5.06
N ILE A 1018 -11.38 -32.68 -3.81
CA ILE A 1018 -11.63 -33.64 -2.74
C ILE A 1018 -13.11 -33.76 -2.46
N ARG A 1019 -13.81 -32.64 -2.45
CA ARG A 1019 -15.24 -32.65 -2.21
C ARG A 1019 -15.96 -33.48 -3.26
N ALA A 1020 -15.57 -33.32 -4.52
CA ALA A 1020 -16.19 -34.08 -5.59
C ALA A 1020 -15.93 -35.58 -5.41
N SER A 1021 -14.72 -35.93 -5.00
CA SER A 1021 -14.37 -37.32 -4.75
C SER A 1021 -15.16 -37.88 -3.58
N ALA A 1022 -15.31 -37.10 -2.53
CA ALA A 1022 -16.08 -37.50 -1.36
C ALA A 1022 -17.53 -37.72 -1.73
N ASN A 1023 -18.06 -36.87 -2.61
CA ASN A 1023 -19.45 -37.00 -3.04
C ASN A 1023 -19.66 -38.28 -3.83
N LEU A 1024 -18.67 -38.64 -4.63
CA LEU A 1024 -18.73 -39.88 -5.39
C LEU A 1024 -18.66 -41.07 -4.46
N ALA A 1025 -17.77 -41.00 -3.47
CA ALA A 1025 -17.64 -42.07 -2.50
C ALA A 1025 -18.92 -42.25 -1.70
N ALA A 1026 -19.55 -41.14 -1.34
CA ALA A 1026 -20.80 -41.18 -0.59
C ALA A 1026 -21.91 -41.80 -1.42
N THR A 1027 -21.91 -41.52 -2.72
CA THR A 1027 -22.90 -42.10 -3.61
C THR A 1027 -22.72 -43.61 -3.72
N LYS A 1028 -21.48 -44.04 -3.90
CA LYS A 1028 -21.18 -45.47 -4.00
C LYS A 1028 -21.52 -46.19 -2.71
N MET A 1029 -21.28 -45.53 -1.59
CA MET A 1029 -21.57 -46.13 -0.29
C MET A 1029 -23.05 -46.46 -0.15
N SER A 1030 -23.88 -45.81 -0.94
CA SER A 1030 -25.31 -46.08 -0.91
C SER A 1030 -25.71 -47.07 -1.99
N GLU A 1031 -25.36 -46.75 -3.22
CA GLU A 1031 -25.81 -47.53 -4.37
C GLU A 1031 -25.10 -48.87 -4.57
N CYS A 1032 -23.83 -48.97 -4.15
CA CYS A 1032 -23.05 -50.19 -4.33
C CYS A 1032 -23.14 -51.08 -3.09
N VAL A 1033 -23.27 -50.47 -1.93
CA VAL A 1033 -23.19 -51.21 -0.67
C VAL A 1033 -24.57 -51.50 -0.06
N LEU A 1034 -25.48 -50.53 -0.10
CA LEU A 1034 -26.78 -50.66 0.54
C LEU A 1034 -27.85 -51.08 -0.44
N GLY A 1035 -27.41 -51.71 -1.53
CA GLY A 1035 -28.33 -52.16 -2.57
C GLY A 1035 -27.55 -52.87 -3.66
N GLN A 1036 -28.16 -52.94 -4.84
CA GLN A 1036 -27.53 -53.55 -6.00
C GLN A 1036 -27.65 -52.59 -7.17
N SER A 1037 -26.53 -52.27 -7.80
CA SER A 1037 -26.52 -51.26 -8.85
C SER A 1037 -26.80 -51.87 -10.23
N LYS A 1038 -27.53 -51.12 -11.05
CA LYS A 1038 -27.79 -51.52 -12.42
C LYS A 1038 -27.08 -50.58 -13.38
N ARG A 1039 -26.20 -49.75 -12.83
CA ARG A 1039 -25.43 -48.80 -13.62
C ARG A 1039 -24.14 -49.43 -14.10
N VAL A 1040 -23.95 -49.47 -15.42
CA VAL A 1040 -22.84 -50.20 -16.00
C VAL A 1040 -21.49 -49.60 -15.63
N ASP A 1041 -20.60 -50.46 -15.15
CA ASP A 1041 -19.25 -50.11 -14.76
C ASP A 1041 -19.20 -49.02 -13.70
N PHE A 1042 -20.30 -48.84 -12.96
CA PHE A 1042 -20.32 -47.91 -11.85
C PHE A 1042 -19.76 -48.54 -10.57
N CYS A 1043 -20.18 -49.78 -10.28
CA CYS A 1043 -19.77 -50.52 -9.08
C CYS A 1043 -18.92 -51.73 -9.50
N GLY A 1044 -17.95 -51.48 -10.37
CA GLY A 1044 -17.07 -52.54 -10.84
C GLY A 1044 -17.44 -53.03 -12.22
N LYS A 1045 -16.50 -53.69 -12.89
CA LYS A 1045 -16.69 -54.22 -14.23
C LYS A 1045 -17.43 -55.55 -14.18
N GLY A 1046 -18.47 -55.69 -14.99
CA GLY A 1046 -19.27 -56.91 -15.00
C GLY A 1046 -20.63 -56.68 -14.35
N TYR A 1047 -21.33 -57.74 -13.99
CA TYR A 1047 -22.65 -57.60 -13.42
C TYR A 1047 -22.57 -57.50 -11.91
N HIS A 1048 -22.91 -56.34 -11.38
CA HIS A 1048 -22.73 -56.09 -9.95
C HIS A 1048 -23.61 -56.98 -9.09
N LEU A 1049 -23.02 -57.61 -8.08
CA LEU A 1049 -23.77 -58.38 -7.10
C LEU A 1049 -23.82 -57.64 -5.78
N MET A 1050 -22.66 -57.26 -5.24
CA MET A 1050 -22.58 -56.59 -3.95
C MET A 1050 -21.22 -55.94 -3.75
N SER A 1051 -21.12 -55.06 -2.75
CA SER A 1051 -19.85 -54.40 -2.44
C SER A 1051 -19.59 -54.35 -0.95
N PHE A 1052 -18.32 -54.34 -0.59
CA PHE A 1052 -17.91 -54.22 0.80
C PHE A 1052 -16.92 -53.06 0.98
N PRO A 1053 -17.22 -52.08 1.84
CA PRO A 1053 -16.37 -50.96 2.17
C PRO A 1053 -15.22 -51.38 3.08
N GLN A 1054 -14.10 -50.69 2.97
CA GLN A 1054 -12.95 -50.85 3.85
C GLN A 1054 -12.42 -49.47 4.24
N SER A 1055 -11.91 -49.35 5.47
CA SER A 1055 -11.37 -48.08 5.94
C SER A 1055 -9.99 -47.83 5.35
N ALA A 1056 -9.66 -46.57 5.11
CA ALA A 1056 -8.36 -46.19 4.59
C ALA A 1056 -8.03 -44.79 5.09
N PRO A 1057 -6.74 -44.45 5.24
CA PRO A 1057 -6.28 -43.16 5.70
C PRO A 1057 -6.66 -42.07 4.72
N HIS A 1058 -7.49 -41.14 5.18
CA HIS A 1058 -7.99 -40.03 4.38
C HIS A 1058 -8.78 -40.49 3.16
N GLY A 1059 -9.37 -41.68 3.21
CA GLY A 1059 -10.15 -42.18 2.09
C GLY A 1059 -10.87 -43.47 2.37
N VAL A 1060 -11.50 -44.02 1.33
CA VAL A 1060 -12.27 -45.26 1.45
C VAL A 1060 -11.93 -46.20 0.31
N VAL A 1061 -11.93 -47.49 0.59
CA VAL A 1061 -11.69 -48.50 -0.43
C VAL A 1061 -12.88 -49.45 -0.54
N PHE A 1062 -13.33 -49.66 -1.78
CA PHE A 1062 -14.46 -50.55 -2.00
C PHE A 1062 -14.02 -51.85 -2.66
N LEU A 1063 -14.55 -52.96 -2.19
CA LEU A 1063 -14.35 -54.24 -2.85
C LEU A 1063 -15.63 -54.64 -3.57
N HIS A 1064 -15.61 -54.57 -4.89
CA HIS A 1064 -16.81 -54.82 -5.68
C HIS A 1064 -16.86 -56.26 -6.14
N VAL A 1065 -17.96 -56.94 -5.85
CA VAL A 1065 -18.13 -58.33 -6.23
C VAL A 1065 -19.02 -58.40 -7.47
N THR A 1066 -18.48 -58.92 -8.55
CA THR A 1066 -19.22 -58.96 -9.80
C THR A 1066 -19.28 -60.34 -10.43
N TYR A 1067 -20.34 -60.57 -11.19
CA TYR A 1067 -20.54 -61.79 -11.95
C TYR A 1067 -20.08 -61.60 -13.39
N VAL A 1068 -19.21 -62.48 -13.86
CA VAL A 1068 -18.71 -62.40 -15.22
C VAL A 1068 -18.97 -63.71 -15.97
N PRO A 1069 -19.70 -63.67 -17.09
CA PRO A 1069 -19.99 -64.78 -17.98
C PRO A 1069 -18.71 -65.42 -18.50
N ALA A 1070 -18.74 -66.74 -18.69
CA ALA A 1070 -17.57 -67.44 -19.21
C ALA A 1070 -17.96 -68.66 -20.04
N GLN A 1071 -17.07 -69.07 -20.95
CA GLN A 1071 -17.23 -70.30 -21.73
C GLN A 1071 -18.50 -70.33 -22.56
N GLU A 1072 -18.64 -69.35 -23.46
CA GLU A 1072 -19.80 -69.30 -24.36
C GLU A 1072 -19.71 -70.30 -25.49
N LYS A 1073 -20.88 -70.71 -25.99
CA LYS A 1073 -20.97 -71.61 -27.13
C LYS A 1073 -21.80 -71.03 -28.27
N ASN A 1074 -21.59 -71.55 -29.48
CA ASN A 1074 -22.32 -71.18 -30.69
C ASN A 1074 -23.64 -71.92 -30.80
N PHE A 1075 -24.76 -71.20 -30.74
CA PHE A 1075 -26.09 -71.76 -30.90
C PHE A 1075 -26.84 -71.10 -32.05
N THR A 1076 -27.69 -71.86 -32.72
CA THR A 1076 -28.53 -71.29 -33.77
C THR A 1076 -29.82 -70.79 -33.17
N THR A 1077 -30.25 -69.60 -33.56
CA THR A 1077 -31.42 -69.00 -32.93
C THR A 1077 -32.52 -68.59 -33.90
N ALA A 1078 -33.64 -68.16 -33.33
CA ALA A 1078 -34.80 -67.69 -34.07
C ALA A 1078 -35.62 -66.79 -33.18
N PRO A 1079 -36.28 -65.77 -33.74
CA PRO A 1079 -37.15 -64.82 -33.07
C PRO A 1079 -38.46 -65.42 -32.61
N ALA A 1080 -38.88 -66.50 -33.25
CA ALA A 1080 -40.16 -67.13 -32.93
C ALA A 1080 -40.24 -68.54 -33.47
N ILE A 1081 -41.16 -69.31 -32.93
CA ILE A 1081 -41.45 -70.65 -33.44
C ILE A 1081 -42.89 -70.77 -33.93
N CYS A 1082 -43.06 -71.36 -35.10
CA CYS A 1082 -44.36 -71.58 -35.72
C CYS A 1082 -44.90 -72.95 -35.35
N HIS A 1083 -46.11 -73.00 -34.79
CA HIS A 1083 -46.69 -74.26 -34.36
C HIS A 1083 -47.91 -74.63 -35.20
N ASP A 1084 -49.08 -74.13 -34.80
CA ASP A 1084 -50.32 -74.40 -35.54
C ASP A 1084 -50.72 -73.23 -36.42
N GLY A 1085 -49.74 -72.56 -37.01
CA GLY A 1085 -50.00 -71.39 -37.83
C GLY A 1085 -49.90 -70.12 -36.99
N LYS A 1086 -49.66 -70.32 -35.70
CA LYS A 1086 -49.52 -69.21 -34.75
C LYS A 1086 -48.05 -69.06 -34.35
N ALA A 1087 -47.64 -67.81 -34.12
CA ALA A 1087 -46.26 -67.53 -33.74
C ALA A 1087 -46.07 -67.52 -32.22
N HIS A 1088 -45.16 -68.36 -31.75
CA HIS A 1088 -44.85 -68.47 -30.33
C HIS A 1088 -43.54 -67.76 -30.00
N PHE A 1089 -43.58 -66.91 -28.98
CA PHE A 1089 -42.42 -66.16 -28.52
C PHE A 1089 -42.07 -66.61 -27.11
N PRO A 1090 -40.79 -66.54 -26.70
CA PRO A 1090 -40.31 -66.86 -25.38
C PRO A 1090 -40.75 -65.78 -24.41
N ARG A 1091 -41.08 -66.17 -23.18
CA ARG A 1091 -41.48 -65.18 -22.19
C ARG A 1091 -40.29 -64.47 -21.57
N GLU A 1092 -39.24 -65.21 -21.27
CA GLU A 1092 -38.07 -64.66 -20.61
C GLU A 1092 -36.77 -64.99 -21.32
N GLY A 1093 -36.72 -66.17 -21.93
CA GLY A 1093 -35.47 -66.68 -22.48
C GLY A 1093 -35.35 -66.46 -23.98
N VAL A 1094 -34.53 -67.30 -24.61
CA VAL A 1094 -34.25 -67.24 -26.03
C VAL A 1094 -34.32 -68.63 -26.65
N PHE A 1095 -34.88 -68.73 -27.85
CA PHE A 1095 -34.94 -70.02 -28.53
C PHE A 1095 -33.61 -70.34 -29.18
N VAL A 1096 -33.06 -71.51 -28.88
CA VAL A 1096 -31.79 -71.94 -29.44
C VAL A 1096 -31.81 -73.39 -29.91
N SER A 1097 -30.96 -73.69 -30.89
CA SER A 1097 -30.82 -75.05 -31.39
C SER A 1097 -29.42 -75.60 -31.17
N ASN A 1098 -29.35 -76.88 -30.76
CA ASN A 1098 -28.09 -77.59 -30.57
C ASN A 1098 -27.65 -78.32 -31.85
N GLY A 1099 -28.39 -78.12 -32.95
CA GLY A 1099 -28.11 -78.72 -34.25
C GLY A 1099 -29.22 -79.67 -34.70
N THR A 1100 -29.96 -80.24 -33.75
CA THR A 1100 -31.06 -81.13 -34.11
C THR A 1100 -32.36 -80.77 -33.41
N HIS A 1101 -32.27 -80.19 -32.21
CA HIS A 1101 -33.46 -79.87 -31.42
C HIS A 1101 -33.43 -78.44 -30.91
N TRP A 1102 -34.61 -77.86 -30.78
CA TRP A 1102 -34.75 -76.50 -30.26
C TRP A 1102 -35.19 -76.49 -28.80
N PHE A 1103 -34.60 -75.57 -28.05
CA PHE A 1103 -34.85 -75.40 -26.62
C PHE A 1103 -35.05 -73.93 -26.31
N VAL A 1104 -35.64 -73.64 -25.16
CA VAL A 1104 -35.71 -72.27 -24.69
C VAL A 1104 -34.89 -72.13 -23.43
N THR A 1105 -34.02 -71.12 -23.37
CA THR A 1105 -33.16 -70.98 -22.21
C THR A 1105 -32.98 -69.53 -21.79
N GLN A 1106 -32.55 -69.32 -20.55
CA GLN A 1106 -32.26 -67.98 -20.07
C GLN A 1106 -31.06 -67.40 -20.80
N ARG A 1107 -31.00 -66.08 -20.86
CA ARG A 1107 -30.02 -65.39 -21.71
C ARG A 1107 -28.61 -65.38 -21.14
N ASN A 1108 -28.49 -65.36 -19.82
CA ASN A 1108 -27.19 -65.14 -19.18
C ASN A 1108 -26.53 -66.42 -18.69
N PHE A 1109 -27.12 -67.56 -19.01
CA PHE A 1109 -26.57 -68.84 -18.56
C PHE A 1109 -27.25 -69.98 -19.30
N TYR A 1110 -26.48 -70.77 -20.03
CA TYR A 1110 -27.09 -71.83 -20.84
C TYR A 1110 -27.65 -72.94 -19.98
N GLU A 1111 -28.95 -73.13 -20.09
CA GLU A 1111 -29.66 -74.14 -19.31
C GLU A 1111 -30.98 -74.49 -20.01
N PRO A 1112 -30.93 -75.33 -21.04
CA PRO A 1112 -31.95 -75.55 -22.04
C PRO A 1112 -33.18 -76.24 -21.47
N GLN A 1113 -34.35 -75.70 -21.77
CA GLN A 1113 -35.62 -76.27 -21.34
C GLN A 1113 -36.44 -76.73 -22.53
N ILE A 1114 -37.35 -77.65 -22.29
CA ILE A 1114 -38.30 -78.06 -23.31
C ILE A 1114 -39.27 -76.93 -23.59
N ILE A 1115 -39.53 -76.65 -24.86
CA ILE A 1115 -40.42 -75.57 -25.23
C ILE A 1115 -41.86 -76.00 -25.07
N THR A 1116 -42.57 -75.31 -24.19
CA THR A 1116 -43.97 -75.64 -23.88
C THR A 1116 -44.80 -74.37 -23.87
N THR A 1117 -46.10 -74.53 -23.74
CA THR A 1117 -47.00 -73.39 -23.65
C THR A 1117 -46.87 -72.66 -22.31
N ASP A 1118 -46.11 -73.23 -21.38
CA ASP A 1118 -45.94 -72.62 -20.08
C ASP A 1118 -44.73 -71.68 -20.01
N ASN A 1119 -43.95 -71.62 -21.09
CA ASN A 1119 -42.79 -70.73 -21.12
C ASN A 1119 -42.73 -69.89 -22.40
N THR A 1120 -43.83 -69.91 -23.16
CA THR A 1120 -43.98 -69.10 -24.36
C THR A 1120 -45.32 -68.36 -24.36
N PHE A 1121 -45.47 -67.43 -25.28
CA PHE A 1121 -46.76 -66.76 -25.47
C PHE A 1121 -47.04 -66.61 -26.95
N VAL A 1122 -48.30 -66.44 -27.30
CA VAL A 1122 -48.68 -66.40 -28.71
C VAL A 1122 -49.15 -65.03 -29.15
N SER A 1123 -48.60 -64.56 -30.27
CA SER A 1123 -49.02 -63.30 -30.83
C SER A 1123 -48.84 -63.24 -32.34
N GLY A 1124 -49.95 -63.12 -33.05
CA GLY A 1124 -49.90 -63.03 -34.50
C GLY A 1124 -49.73 -64.40 -35.13
N ASN A 1125 -49.76 -64.45 -36.46
CA ASN A 1125 -49.61 -65.70 -37.19
C ASN A 1125 -48.17 -65.89 -37.68
N CYS A 1126 -47.89 -67.02 -38.33
CA CYS A 1126 -46.54 -67.38 -38.75
C CYS A 1126 -46.04 -66.57 -39.95
N ASP A 1127 -46.90 -65.75 -40.53
CA ASP A 1127 -46.52 -65.01 -41.73
C ASP A 1127 -46.07 -63.60 -41.43
N VAL A 1128 -46.03 -63.23 -40.15
CA VAL A 1128 -45.67 -61.85 -39.82
C VAL A 1128 -44.26 -61.71 -39.23
N VAL A 1129 -43.66 -62.82 -38.79
CA VAL A 1129 -42.32 -62.75 -38.19
C VAL A 1129 -41.25 -63.23 -39.15
N ILE A 1130 -40.26 -62.38 -39.39
CA ILE A 1130 -39.17 -62.72 -40.29
C ILE A 1130 -38.14 -63.57 -39.58
N GLY A 1131 -37.92 -64.78 -40.07
CA GLY A 1131 -36.98 -65.70 -39.44
C GLY A 1131 -37.64 -66.74 -38.56
N ILE A 1132 -38.97 -66.79 -38.57
CA ILE A 1132 -39.70 -67.78 -37.80
C ILE A 1132 -39.40 -69.19 -38.29
N VAL A 1133 -39.21 -70.12 -37.37
CA VAL A 1133 -38.92 -71.51 -37.73
C VAL A 1133 -40.04 -72.43 -37.25
N ASN A 1134 -40.28 -73.52 -37.99
CA ASN A 1134 -41.27 -74.53 -37.65
C ASN A 1134 -40.75 -75.48 -36.57
N ASN A 1135 -41.60 -75.78 -35.57
CA ASN A 1135 -41.28 -76.71 -34.50
C ASN A 1135 -42.54 -77.16 -33.77
N THR A 1136 -42.36 -77.98 -32.74
CA THR A 1136 -43.48 -78.46 -31.94
C THR A 1136 -43.44 -77.88 -30.54
N VAL A 1137 -44.51 -77.20 -30.16
CA VAL A 1137 -44.67 -76.65 -28.84
C VAL A 1137 -45.55 -77.57 -28.02
N TYR A 1138 -45.08 -78.03 -26.86
CA TYR A 1138 -45.83 -79.01 -26.09
C TYR A 1138 -46.84 -78.32 -25.21
N ASP A 1139 -48.01 -78.92 -25.10
CA ASP A 1139 -49.08 -78.40 -24.24
C ASP A 1139 -49.64 -79.50 -23.38
N PRO A 1140 -49.11 -79.75 -22.15
CA PRO A 1140 -49.47 -80.82 -21.28
C PRO A 1140 -50.71 -80.48 -20.45
N ALA B 27 -23.17 28.04 -45.88
CA ALA B 27 -23.17 26.75 -46.56
C ALA B 27 -22.35 25.73 -45.77
N TYR B 28 -22.99 24.61 -45.44
CA TYR B 28 -22.36 23.51 -44.69
C TYR B 28 -22.58 22.17 -45.37
N THR B 29 -21.66 21.24 -45.15
CA THR B 29 -21.78 19.89 -45.69
C THR B 29 -21.49 18.81 -44.65
N ASN B 30 -21.67 17.57 -45.08
CA ASN B 30 -21.49 16.38 -44.25
C ASN B 30 -20.12 15.74 -44.47
N SER B 31 -19.33 15.64 -43.41
CA SER B 31 -17.96 15.09 -43.51
C SER B 31 -17.97 13.59 -43.76
N PHE B 32 -19.10 12.94 -43.52
CA PHE B 32 -19.20 11.49 -43.63
C PHE B 32 -18.09 10.80 -42.85
N THR B 33 -17.23 10.06 -43.55
CA THR B 33 -16.18 9.28 -42.90
C THR B 33 -14.78 9.76 -43.28
N ARG B 34 -14.68 11.01 -43.72
CA ARG B 34 -13.41 11.60 -44.11
C ARG B 34 -12.65 12.13 -42.89
N GLY B 35 -11.34 12.33 -43.04
CA GLY B 35 -10.53 12.98 -42.00
C GLY B 35 -9.72 12.01 -41.14
N VAL B 36 -9.62 10.76 -41.60
CA VAL B 36 -8.81 9.76 -40.92
C VAL B 36 -7.42 9.68 -41.52
N TYR B 37 -6.42 9.52 -40.66
CA TYR B 37 -5.03 9.46 -41.08
C TYR B 37 -4.26 8.46 -40.23
N TYR B 38 -3.09 8.07 -40.72
CA TYR B 38 -2.24 7.14 -39.99
C TYR B 38 -1.67 7.84 -38.75
N PRO B 39 -2.02 7.39 -37.54
CA PRO B 39 -1.73 8.03 -36.26
C PRO B 39 -0.24 8.05 -35.94
N ASP B 40 0.52 7.14 -36.52
CA ASP B 40 1.96 7.10 -36.32
C ASP B 40 2.67 6.45 -37.50
N LYS B 41 4.00 6.37 -37.42
CA LYS B 41 4.79 5.86 -38.53
C LYS B 41 5.27 4.44 -38.26
N VAL B 42 4.33 3.57 -37.90
CA VAL B 42 4.62 2.18 -37.57
C VAL B 42 3.81 1.25 -38.45
N PHE B 43 4.46 0.20 -38.95
CA PHE B 43 3.77 -0.76 -39.80
C PHE B 43 2.97 -1.75 -38.98
N ARG B 44 1.69 -1.87 -39.31
CA ARG B 44 0.80 -2.83 -38.70
C ARG B 44 0.01 -3.51 -39.79
N SER B 45 -0.40 -4.75 -39.58
CA SER B 45 -1.24 -5.42 -40.57
C SER B 45 -2.18 -6.41 -39.92
N SER B 46 -3.31 -6.66 -40.59
CA SER B 46 -4.30 -7.64 -40.12
C SER B 46 -4.61 -7.46 -38.64
N VAL B 47 -4.92 -6.23 -38.25
CA VAL B 47 -5.14 -5.92 -36.84
C VAL B 47 -6.11 -4.76 -36.65
N LEU B 48 -6.88 -4.81 -35.57
CA LEU B 48 -7.74 -3.70 -35.18
C LEU B 48 -7.08 -2.93 -34.04
N HIS B 49 -6.73 -1.69 -34.30
CA HIS B 49 -5.97 -0.90 -33.33
C HIS B 49 -6.80 0.26 -32.79
N SER B 50 -6.90 0.34 -31.46
CA SER B 50 -7.64 1.42 -30.81
C SER B 50 -6.70 2.53 -30.37
N THR B 51 -6.97 3.74 -30.83
CA THR B 51 -6.11 4.89 -30.51
C THR B 51 -6.90 6.18 -30.35
N GLN B 52 -6.36 7.10 -29.57
CA GLN B 52 -6.97 8.41 -29.42
C GLN B 52 -6.07 9.50 -29.97
N ASP B 53 -6.62 10.33 -30.83
CA ASP B 53 -5.88 11.41 -31.46
C ASP B 53 -6.84 12.48 -31.97
N LEU B 54 -6.29 13.52 -32.56
CA LEU B 54 -7.12 14.57 -33.12
C LEU B 54 -7.60 14.21 -34.52
N PHE B 55 -8.80 13.67 -34.61
CA PHE B 55 -9.38 13.22 -35.86
C PHE B 55 -10.61 14.05 -36.17
N LEU B 56 -11.00 14.11 -37.44
CA LEU B 56 -12.26 14.74 -37.78
C LEU B 56 -13.39 13.79 -37.38
N PRO B 57 -14.33 14.20 -36.52
CA PRO B 57 -15.46 13.39 -36.07
C PRO B 57 -16.28 12.97 -37.26
N PHE B 58 -16.84 11.76 -37.21
CA PHE B 58 -17.65 11.29 -38.32
C PHE B 58 -18.97 12.03 -38.38
N PHE B 59 -19.42 12.31 -39.60
CA PHE B 59 -20.66 13.04 -39.83
C PHE B 59 -20.65 14.41 -39.16
N SER B 60 -19.51 15.07 -39.21
CA SER B 60 -19.32 16.39 -38.63
C SER B 60 -19.84 17.50 -39.55
N ASN B 61 -20.14 18.67 -38.97
CA ASN B 61 -20.60 19.84 -39.69
C ASN B 61 -19.41 20.62 -40.28
N VAL B 62 -19.24 20.55 -41.59
CA VAL B 62 -18.11 21.13 -42.30
C VAL B 62 -18.50 22.40 -43.06
N THR B 63 -17.73 23.46 -42.89
CA THR B 63 -18.06 24.72 -43.53
C THR B 63 -17.59 24.73 -44.98
N TRP B 64 -18.49 25.12 -45.88
CA TRP B 64 -18.20 25.13 -47.32
C TRP B 64 -17.92 26.54 -47.83
N PHE B 65 -16.68 26.78 -48.24
CA PHE B 65 -16.27 28.10 -48.71
C PHE B 65 -16.12 28.13 -50.22
N HIS B 66 -16.46 29.29 -50.83
CA HIS B 66 -16.32 29.51 -52.27
C HIS B 66 -15.41 30.70 -52.54
N ASN B 81 -11.62 34.92 -49.46
CA ASN B 81 -10.48 34.65 -48.59
C ASN B 81 -10.72 35.19 -47.16
N PRO B 82 -11.60 34.55 -46.35
CA PRO B 82 -11.83 34.83 -44.94
C PRO B 82 -10.70 34.27 -44.10
N VAL B 83 -10.47 34.86 -42.93
CA VAL B 83 -9.51 34.31 -41.99
C VAL B 83 -10.21 33.42 -40.98
N LEU B 84 -9.77 32.18 -40.90
CA LEU B 84 -10.41 31.18 -40.06
C LEU B 84 -9.54 30.85 -38.86
N PRO B 85 -10.11 30.41 -37.74
CA PRO B 85 -9.43 29.93 -36.57
C PRO B 85 -8.77 28.59 -36.85
N PHE B 86 -7.67 28.32 -36.17
CA PHE B 86 -6.96 27.04 -36.30
C PHE B 86 -7.35 26.09 -35.18
N ASN B 87 -7.70 26.65 -34.03
CA ASN B 87 -8.03 25.87 -32.84
C ASN B 87 -6.89 24.91 -32.49
N ASP B 88 -7.22 23.62 -32.39
CA ASP B 88 -6.23 22.62 -32.02
C ASP B 88 -5.81 21.76 -33.22
N GLY B 89 -6.15 22.24 -34.41
CA GLY B 89 -5.87 21.50 -35.63
C GLY B 89 -7.08 21.58 -36.55
N VAL B 90 -6.82 21.59 -37.84
CA VAL B 90 -7.88 21.79 -38.83
C VAL B 90 -7.83 20.77 -39.95
N TYR B 91 -9.02 20.38 -40.42
CA TYR B 91 -9.14 19.53 -41.61
C TYR B 91 -9.44 20.40 -42.81
N PHE B 92 -8.74 20.16 -43.91
CA PHE B 92 -8.96 20.93 -45.12
C PHE B 92 -9.14 20.03 -46.33
N ALA B 93 -10.06 20.38 -47.19
CA ALA B 93 -10.24 19.64 -48.43
C ALA B 93 -10.63 20.58 -49.55
N SER B 94 -10.18 20.28 -50.76
CA SER B 94 -10.54 21.12 -51.90
C SER B 94 -10.72 20.31 -53.17
N THR B 95 -11.43 20.87 -54.13
CA THR B 95 -11.61 20.20 -55.41
C THR B 95 -11.14 21.08 -56.56
N GLU B 96 -10.62 20.44 -57.61
CA GLU B 96 -10.13 21.12 -58.82
C GLU B 96 -10.48 20.29 -60.05
N ASN B 99 -5.56 24.73 -61.31
CA ASN B 99 -4.80 24.91 -60.08
C ASN B 99 -5.02 26.31 -59.51
N ILE B 100 -6.22 26.53 -58.92
CA ILE B 100 -6.59 27.82 -58.34
C ILE B 100 -6.06 27.97 -56.90
N ILE B 101 -6.23 26.93 -56.10
CA ILE B 101 -5.75 26.96 -54.72
C ILE B 101 -4.29 26.57 -54.68
N ARG B 102 -3.45 27.50 -54.21
CA ARG B 102 -2.01 27.34 -54.30
C ARG B 102 -1.33 27.12 -52.95
N GLY B 103 -1.92 27.59 -51.87
CA GLY B 103 -1.22 27.49 -50.59
C GLY B 103 -2.00 27.98 -49.39
N TRP B 104 -1.32 28.08 -48.25
CA TRP B 104 -1.92 28.48 -47.00
C TRP B 104 -0.99 29.37 -46.17
N ILE B 105 -1.60 30.22 -45.34
CA ILE B 105 -0.84 30.95 -44.33
C ILE B 105 -1.33 30.59 -42.93
N PHE B 106 -0.42 30.20 -42.06
CA PHE B 106 -0.76 29.88 -40.69
C PHE B 106 0.01 30.77 -39.73
N GLY B 107 -0.66 31.25 -38.68
CA GLY B 107 0.01 32.11 -37.72
C GLY B 107 -0.98 32.72 -36.73
N THR B 108 -0.54 33.77 -36.03
CA THR B 108 -1.36 34.43 -35.04
C THR B 108 -1.73 35.82 -35.50
N THR B 109 -0.78 36.74 -35.38
CA THR B 109 -0.97 38.12 -35.81
C THR B 109 -1.12 38.21 -37.33
N LEU B 110 -0.38 37.36 -38.05
CA LEU B 110 -0.40 37.35 -39.50
C LEU B 110 0.03 38.70 -40.07
N ASP B 111 1.07 39.27 -39.47
CA ASP B 111 1.63 40.54 -39.88
C ASP B 111 3.16 40.51 -39.72
N SER B 112 3.81 41.60 -40.07
CA SER B 112 5.27 41.74 -39.98
C SER B 112 5.78 41.69 -38.55
N LYS B 113 4.86 41.80 -37.60
CA LYS B 113 5.20 41.86 -36.19
C LYS B 113 5.62 40.51 -35.60
N THR B 114 5.15 39.41 -36.19
CA THR B 114 5.48 38.08 -35.65
C THR B 114 5.84 37.11 -36.77
N GLN B 115 6.37 35.94 -36.40
CA GLN B 115 6.66 34.91 -37.38
C GLN B 115 5.41 34.19 -37.83
N SER B 116 5.38 33.75 -39.08
CA SER B 116 4.25 32.98 -39.60
C SER B 116 4.71 31.91 -40.57
N LEU B 117 3.86 30.92 -40.80
CA LEU B 117 4.15 29.82 -41.71
C LEU B 117 3.51 30.03 -43.07
N LEU B 118 4.33 30.05 -44.12
CA LEU B 118 3.83 30.24 -45.47
C LEU B 118 4.10 29.01 -46.33
N ILE B 119 3.05 28.38 -46.83
CA ILE B 119 3.17 27.22 -47.70
C ILE B 119 2.63 27.54 -49.09
N VAL B 120 3.49 27.54 -50.09
CA VAL B 120 3.06 27.85 -51.45
C VAL B 120 3.50 26.82 -52.48
N ASN B 121 2.56 26.38 -53.31
CA ASN B 121 2.85 25.43 -54.37
C ASN B 121 3.47 26.13 -55.58
N ASN B 122 4.75 25.81 -55.82
CA ASN B 122 5.55 26.41 -56.90
C ASN B 122 5.31 25.67 -58.21
N ALA B 123 5.94 26.15 -59.30
CA ALA B 123 5.77 25.54 -60.63
C ALA B 123 6.21 24.08 -60.65
N THR B 124 7.27 23.76 -59.92
CA THR B 124 7.79 22.40 -59.92
C THR B 124 7.93 21.82 -58.50
N ASN B 125 7.92 22.69 -57.49
CA ASN B 125 8.18 22.28 -56.12
C ASN B 125 7.24 22.96 -55.15
N VAL B 126 7.39 22.64 -53.87
CA VAL B 126 6.62 23.31 -52.82
C VAL B 126 7.56 24.06 -51.88
N VAL B 127 7.27 25.33 -51.65
CA VAL B 127 8.14 26.17 -50.83
C VAL B 127 7.52 26.47 -49.48
N ILE B 128 8.23 26.10 -48.42
CA ILE B 128 7.76 26.33 -47.06
C ILE B 128 8.71 27.22 -46.28
N LYS B 129 8.19 28.33 -45.77
CA LYS B 129 9.00 29.27 -45.01
C LYS B 129 8.34 29.65 -43.70
N VAL B 130 9.13 30.05 -42.72
CA VAL B 130 8.59 30.57 -41.46
C VAL B 130 9.04 32.00 -41.16
N CYS B 131 9.18 32.81 -42.22
CA CYS B 131 9.64 34.19 -42.11
C CYS B 131 8.54 35.09 -41.53
N GLU B 132 8.92 36.28 -41.06
CA GLU B 132 7.87 37.24 -40.59
C GLU B 132 7.56 38.17 -41.76
N PHE B 133 7.10 37.61 -42.89
CA PHE B 133 6.90 38.43 -44.12
C PHE B 133 5.82 39.51 -43.92
N PHE B 135 2.45 40.78 -45.05
CA PHE B 135 1.29 40.27 -45.77
C PHE B 135 0.35 41.40 -46.19
N CYS B 136 -0.40 41.15 -47.25
CA CYS B 136 -1.43 42.06 -47.72
C CYS B 136 -2.73 41.80 -46.97
N ASN B 137 -3.67 42.73 -47.07
CA ASN B 137 -4.98 42.54 -46.45
C ASN B 137 -5.71 41.35 -47.07
N ASP B 138 -5.42 41.09 -48.34
CA ASP B 138 -6.00 39.96 -49.05
C ASP B 138 -5.01 39.43 -50.09
N PRO B 139 -4.04 38.60 -49.67
CA PRO B 139 -2.98 38.02 -50.48
C PRO B 139 -3.54 37.07 -51.53
N PHE B 140 -2.92 37.05 -52.70
CA PHE B 140 -3.28 36.12 -53.75
C PHE B 140 -2.11 35.94 -54.71
N LEU B 141 -2.18 34.93 -55.56
CA LEU B 141 -1.13 34.71 -56.53
C LEU B 141 -1.57 35.11 -57.93
N ASN B 165 13.41 38.62 -41.77
CA ASN B 165 13.72 37.78 -40.61
C ASN B 165 13.18 36.38 -40.83
N CYS B 166 14.08 35.42 -41.09
CA CYS B 166 13.74 34.04 -41.37
C CYS B 166 14.54 33.11 -40.46
N THR B 167 13.90 32.05 -40.00
CA THR B 167 14.57 31.09 -39.14
C THR B 167 14.65 29.71 -39.79
N PHE B 168 13.91 29.52 -40.87
CA PHE B 168 13.85 28.23 -41.54
C PHE B 168 13.26 28.33 -42.95
N GLU B 169 13.83 27.58 -43.87
CA GLU B 169 13.31 27.46 -45.23
C GLU B 169 13.50 26.06 -45.78
N TYR B 170 12.47 25.53 -46.43
CA TYR B 170 12.53 24.22 -47.07
C TYR B 170 11.84 24.21 -48.42
N VAL B 171 12.46 23.56 -49.40
CA VAL B 171 11.84 23.39 -50.70
C VAL B 171 11.77 21.92 -51.08
N SER B 172 10.57 21.45 -51.43
CA SER B 172 10.34 20.06 -51.83
C SER B 172 10.90 19.77 -53.21
N ASN B 188 -10.39 16.38 -59.42
CA ASN B 188 -9.27 16.10 -58.52
C ASN B 188 -9.56 16.55 -57.09
N LEU B 189 -9.56 15.60 -56.17
CA LEU B 189 -9.80 15.89 -54.76
C LEU B 189 -8.50 15.84 -53.97
N ARG B 190 -8.23 16.90 -53.23
CA ARG B 190 -7.02 16.98 -52.43
C ARG B 190 -7.34 17.21 -50.96
N GLU B 191 -7.15 16.18 -50.14
CA GLU B 191 -7.48 16.27 -48.72
C GLU B 191 -6.23 16.43 -47.88
N PHE B 192 -6.30 17.29 -46.86
CA PHE B 192 -5.18 17.57 -45.98
C PHE B 192 -5.60 17.62 -44.51
N VAL B 193 -4.66 17.31 -43.63
CA VAL B 193 -4.83 17.53 -42.20
C VAL B 193 -3.68 18.34 -41.64
N PHE B 194 -3.99 19.40 -40.91
CA PHE B 194 -2.96 20.25 -40.34
C PHE B 194 -3.08 20.35 -38.82
N LYS B 195 -2.08 19.86 -38.11
CA LYS B 195 -2.09 19.97 -36.64
C LYS B 195 -0.70 20.29 -36.11
N ASN B 196 -0.64 21.00 -34.98
CA ASN B 196 0.64 21.41 -34.42
C ASN B 196 0.84 20.91 -33.00
N ILE B 197 1.77 19.96 -32.85
CA ILE B 197 2.02 19.36 -31.53
C ILE B 197 3.47 19.52 -31.11
N ASP B 198 3.67 20.15 -29.96
CA ASP B 198 5.01 20.34 -29.38
C ASP B 198 5.97 21.00 -30.36
N GLY B 199 5.48 21.97 -31.12
CA GLY B 199 6.32 22.74 -32.03
C GLY B 199 6.39 22.14 -33.43
N TYR B 200 5.90 20.92 -33.59
CA TYR B 200 5.94 20.28 -34.90
C TYR B 200 4.64 20.45 -35.65
N PHE B 201 4.74 21.03 -36.84
CA PHE B 201 3.59 21.20 -37.71
C PHE B 201 3.49 20.01 -38.63
N LYS B 202 2.47 19.19 -38.42
CA LYS B 202 2.32 17.94 -39.13
C LYS B 202 1.29 18.05 -40.23
N ILE B 203 1.68 17.68 -41.44
CA ILE B 203 0.78 17.71 -42.57
C ILE B 203 0.55 16.31 -43.10
N TYR B 204 -0.71 15.93 -43.22
CA TYR B 204 -1.08 14.65 -43.82
C TYR B 204 -1.82 14.95 -45.11
N SER B 205 -1.73 14.05 -46.09
CA SER B 205 -2.43 14.31 -47.34
C SER B 205 -2.81 13.05 -48.11
N LYS B 206 -3.81 13.21 -48.98
CA LYS B 206 -4.23 12.16 -49.90
C LYS B 206 -4.87 12.78 -51.15
N HIS B 207 -4.35 12.42 -52.31
CA HIS B 207 -4.90 12.93 -53.57
C HIS B 207 -5.57 11.82 -54.36
N THR B 208 -6.84 12.01 -54.69
CA THR B 208 -7.60 11.02 -55.45
C THR B 208 -8.42 11.68 -56.55
N PRO B 209 -8.71 10.96 -57.64
CA PRO B 209 -9.62 11.35 -58.71
C PRO B 209 -11.06 11.25 -58.24
N ILE B 210 -11.90 12.18 -58.69
CA ILE B 210 -13.32 12.16 -58.38
C ILE B 210 -14.19 12.42 -59.59
N ASN B 211 -15.47 12.11 -59.47
CA ASN B 211 -16.46 12.43 -60.49
C ASN B 211 -17.66 13.13 -59.84
N LEU B 212 -17.50 14.43 -59.57
CA LEU B 212 -18.49 15.22 -58.82
C LEU B 212 -18.18 16.70 -58.96
N ASP B 215 -19.79 19.61 -54.05
CA ASP B 215 -19.79 19.02 -52.72
C ASP B 215 -18.71 17.94 -52.61
N LEU B 216 -18.57 17.31 -51.43
CA LEU B 216 -17.61 16.23 -51.20
C LEU B 216 -18.24 14.87 -51.49
N PRO B 217 -17.47 13.95 -52.08
CA PRO B 217 -17.83 12.57 -52.36
C PRO B 217 -17.82 11.72 -51.09
N GLN B 218 -18.63 10.66 -51.09
CA GLN B 218 -18.62 9.71 -49.99
C GLN B 218 -17.56 8.65 -50.21
N GLY B 219 -17.04 8.09 -49.12
CA GLY B 219 -16.05 7.03 -49.19
C GLY B 219 -15.05 7.15 -48.05
N PHE B 220 -14.10 6.22 -47.99
CA PHE B 220 -13.12 6.21 -46.91
C PHE B 220 -11.71 5.99 -47.41
N SER B 221 -10.78 6.78 -46.87
CA SER B 221 -9.36 6.61 -47.13
C SER B 221 -8.58 7.20 -45.98
N ALA B 222 -7.37 6.71 -45.76
CA ALA B 222 -6.52 7.29 -44.73
C ALA B 222 -5.46 8.18 -45.37
N LEU B 223 -5.20 9.31 -44.73
CA LEU B 223 -4.20 10.25 -45.21
C LEU B 223 -2.83 9.94 -44.62
N GLU B 224 -1.80 10.02 -45.46
CA GLU B 224 -0.45 9.68 -45.04
C GLU B 224 0.31 10.95 -44.64
N PRO B 225 1.23 10.85 -43.69
CA PRO B 225 2.18 11.89 -43.31
C PRO B 225 2.95 12.36 -44.52
N LEU B 226 3.06 13.67 -44.67
CA LEU B 226 3.78 14.25 -45.79
C LEU B 226 4.92 15.13 -45.30
N VAL B 227 4.61 16.00 -44.34
CA VAL B 227 5.56 16.96 -43.81
C VAL B 227 5.58 16.95 -42.29
N ASP B 228 6.78 16.98 -41.70
CA ASP B 228 6.94 17.08 -40.26
C ASP B 228 8.02 18.09 -39.92
N LEU B 229 7.63 19.33 -39.62
CA LEU B 229 8.62 20.38 -39.42
C LEU B 229 8.52 21.06 -38.05
N PRO B 230 9.65 21.23 -37.36
CA PRO B 230 9.80 21.87 -36.07
C PRO B 230 9.81 23.38 -36.21
N ILE B 231 8.68 23.91 -36.65
CA ILE B 231 8.53 25.39 -36.72
C ILE B 231 7.63 25.73 -35.52
N GLY B 232 8.22 26.02 -34.36
CA GLY B 232 7.43 26.29 -33.15
C GLY B 232 6.52 27.50 -33.32
N ILE B 233 5.82 27.58 -34.45
CA ILE B 233 4.89 28.70 -34.66
C ILE B 233 3.57 28.40 -33.96
N ASN B 234 3.11 29.35 -33.13
CA ASN B 234 1.92 29.20 -32.30
C ASN B 234 0.69 28.80 -33.12
N ILE B 235 0.40 29.56 -34.19
CA ILE B 235 -0.72 29.34 -35.12
C ILE B 235 -2.08 29.30 -34.41
N THR B 236 -2.84 30.38 -34.53
CA THR B 236 -4.20 30.42 -33.99
C THR B 236 -5.20 30.74 -35.09
N ARG B 237 -4.70 31.22 -36.22
CA ARG B 237 -5.52 31.58 -37.37
C ARG B 237 -4.85 31.14 -38.66
N PHE B 238 -5.64 30.98 -39.72
CA PHE B 238 -5.06 30.69 -41.02
C PHE B 238 -5.96 31.18 -42.16
N GLN B 239 -5.38 31.27 -43.35
CA GLN B 239 -6.14 31.64 -44.55
C GLN B 239 -5.66 30.86 -45.76
N THR B 240 -6.55 30.64 -46.72
CA THR B 240 -6.22 29.89 -47.94
C THR B 240 -5.87 30.82 -49.08
N LEU B 241 -4.77 30.53 -49.76
CA LEU B 241 -4.27 31.34 -50.87
C LEU B 241 -4.70 30.76 -52.22
N LEU B 242 -5.41 31.57 -53.01
CA LEU B 242 -5.87 31.20 -54.34
C LEU B 242 -5.09 31.95 -55.41
N ALA B 264 -13.38 25.94 -54.92
CA ALA B 264 -14.04 25.89 -53.63
C ALA B 264 -13.32 24.89 -52.71
N TYR B 265 -13.50 25.07 -51.40
CA TYR B 265 -12.85 24.24 -50.38
C TYR B 265 -13.70 24.11 -49.12
N TYR B 266 -13.36 23.13 -48.31
CA TYR B 266 -14.12 22.79 -47.12
C TYR B 266 -13.23 22.80 -45.89
N VAL B 267 -13.73 23.30 -44.77
CA VAL B 267 -12.96 23.33 -43.54
C VAL B 267 -13.69 22.71 -42.36
N GLY B 268 -13.03 21.76 -41.71
CA GLY B 268 -13.57 21.13 -40.51
C GLY B 268 -12.56 21.24 -39.38
N TYR B 269 -12.90 20.75 -38.20
CA TYR B 269 -11.96 20.84 -37.08
C TYR B 269 -11.82 19.51 -36.35
N LEU B 270 -10.61 19.27 -35.85
CA LEU B 270 -10.27 18.00 -35.24
C LEU B 270 -10.63 17.97 -33.76
N GLN B 271 -10.97 16.79 -33.26
CA GLN B 271 -11.28 16.60 -31.85
C GLN B 271 -10.59 15.36 -31.30
N PRO B 272 -10.25 15.35 -30.01
CA PRO B 272 -9.58 14.28 -29.29
C PRO B 272 -10.50 13.11 -29.01
N ARG B 273 -10.87 12.40 -30.08
CA ARG B 273 -11.78 11.27 -30.00
C ARG B 273 -11.05 9.95 -30.21
N THR B 274 -11.63 8.88 -29.68
CA THR B 274 -11.08 7.55 -29.86
C THR B 274 -11.64 6.89 -31.11
N PHE B 275 -10.75 6.32 -31.91
CA PHE B 275 -11.13 5.58 -33.10
C PHE B 275 -10.59 4.16 -33.09
N LEU B 276 -11.36 3.25 -33.66
CA LEU B 276 -10.88 1.89 -33.88
C LEU B 276 -10.50 1.77 -35.35
N LEU B 277 -9.23 1.54 -35.63
CA LEU B 277 -8.74 1.52 -37.00
C LEU B 277 -8.48 0.10 -37.49
N LYS B 278 -9.00 -0.21 -38.68
CA LYS B 278 -8.81 -1.54 -39.25
C LYS B 278 -7.72 -1.57 -40.31
N TYR B 279 -6.66 -2.34 -40.02
CA TYR B 279 -5.55 -2.52 -40.95
C TYR B 279 -5.69 -3.83 -41.72
N ASN B 280 -5.51 -3.77 -43.03
CA ASN B 280 -5.61 -4.96 -43.87
C ASN B 280 -4.27 -5.68 -43.96
N GLU B 281 -4.21 -6.71 -44.80
CA GLU B 281 -3.00 -7.51 -44.97
C GLU B 281 -1.80 -6.68 -45.48
N ASN B 282 -2.07 -5.67 -46.30
CA ASN B 282 -1.03 -4.82 -46.89
C ASN B 282 -0.64 -3.65 -45.97
N GLY B 283 -1.20 -3.63 -44.75
CA GLY B 283 -0.86 -2.66 -43.72
C GLY B 283 -1.47 -1.28 -43.92
N THR B 284 -2.56 -1.19 -44.66
CA THR B 284 -3.21 0.10 -44.85
C THR B 284 -4.52 0.13 -44.09
N ILE B 285 -5.01 1.32 -43.79
CA ILE B 285 -6.26 1.45 -43.08
C ILE B 285 -7.42 1.42 -44.07
N THR B 286 -8.31 0.45 -43.92
CA THR B 286 -9.40 0.28 -44.86
C THR B 286 -10.74 0.68 -44.25
N ASP B 287 -10.79 0.75 -42.92
CA ASP B 287 -12.02 1.16 -42.27
C ASP B 287 -11.72 1.84 -40.93
N ALA B 288 -12.75 2.36 -40.28
CA ALA B 288 -12.59 2.99 -38.98
C ALA B 288 -13.93 3.16 -38.28
N VAL B 289 -13.92 3.12 -36.95
CA VAL B 289 -15.11 3.41 -36.16
C VAL B 289 -14.92 4.62 -35.26
N ASP B 290 -15.84 5.56 -35.36
CA ASP B 290 -15.85 6.72 -34.47
C ASP B 290 -16.52 6.31 -33.17
N CYS B 291 -15.72 6.15 -32.12
CA CYS B 291 -16.13 5.49 -30.89
C CYS B 291 -17.18 6.27 -30.12
N ALA B 292 -17.42 7.52 -30.51
CA ALA B 292 -18.39 8.34 -29.79
C ALA B 292 -19.45 8.89 -30.73
N LEU B 293 -19.70 8.19 -31.83
CA LEU B 293 -20.72 8.60 -32.79
C LEU B 293 -22.12 8.15 -32.37
N ASP B 294 -22.23 6.90 -31.93
CA ASP B 294 -23.51 6.32 -31.57
C ASP B 294 -23.31 5.10 -30.65
N PRO B 295 -24.37 4.62 -29.95
CA PRO B 295 -24.39 3.43 -29.11
C PRO B 295 -23.84 2.17 -29.77
N LEU B 296 -24.07 2.01 -31.07
CA LEU B 296 -23.56 0.83 -31.75
C LEU B 296 -22.04 0.88 -31.87
N SER B 297 -21.51 2.06 -32.15
CA SER B 297 -20.07 2.25 -32.27
C SER B 297 -19.41 2.05 -30.91
N GLU B 298 -20.10 2.48 -29.86
CA GLU B 298 -19.61 2.27 -28.51
C GLU B 298 -19.45 0.78 -28.23
N THR B 299 -20.42 0.00 -28.69
CA THR B 299 -20.37 -1.45 -28.52
C THR B 299 -19.20 -2.05 -29.29
N LYS B 300 -19.00 -1.59 -30.52
CA LYS B 300 -17.87 -2.06 -31.32
C LYS B 300 -16.53 -1.84 -30.63
N CYS B 301 -16.35 -0.67 -29.98
CA CYS B 301 -15.14 -0.36 -29.22
C CYS B 301 -14.97 -1.30 -28.04
N THR B 302 -16.07 -1.58 -27.35
CA THR B 302 -16.06 -2.47 -26.19
C THR B 302 -15.64 -3.87 -26.60
N LEU B 303 -16.15 -4.34 -27.72
CA LEU B 303 -15.87 -5.69 -28.20
C LEU B 303 -14.62 -5.73 -29.08
N LYS B 304 -14.09 -4.58 -29.45
CA LYS B 304 -12.93 -4.47 -30.31
C LYS B 304 -13.14 -5.21 -31.63
N SER B 305 -14.28 -4.95 -32.26
CA SER B 305 -14.60 -5.59 -33.52
C SER B 305 -15.50 -4.71 -34.38
N PHE B 306 -15.46 -4.92 -35.69
CA PHE B 306 -16.32 -4.19 -36.61
C PHE B 306 -17.63 -4.92 -36.84
N THR B 307 -17.75 -6.10 -36.23
CA THR B 307 -18.97 -6.89 -36.31
C THR B 307 -19.51 -7.17 -34.91
N VAL B 308 -20.80 -6.91 -34.71
CA VAL B 308 -21.42 -7.15 -33.42
C VAL B 308 -22.47 -8.23 -33.53
N GLU B 309 -22.33 -9.27 -32.73
CA GLU B 309 -23.24 -10.41 -32.77
C GLU B 309 -24.53 -10.10 -32.02
N LYS B 310 -25.57 -10.84 -32.34
CA LYS B 310 -26.86 -10.67 -31.69
C LYS B 310 -26.75 -10.87 -30.19
N GLY B 311 -27.34 -9.94 -29.42
CA GLY B 311 -27.32 -10.06 -27.97
C GLY B 311 -27.31 -8.70 -27.26
N ILE B 312 -27.12 -8.75 -25.95
CA ILE B 312 -27.10 -7.54 -25.13
C ILE B 312 -25.71 -7.32 -24.54
N TYR B 313 -25.16 -6.13 -24.72
CA TYR B 313 -23.83 -5.83 -24.22
C TYR B 313 -23.80 -4.58 -23.35
N GLN B 314 -23.05 -4.63 -22.26
CA GLN B 314 -22.88 -3.46 -21.41
C GLN B 314 -21.66 -2.67 -21.84
N THR B 315 -21.83 -1.35 -22.01
CA THR B 315 -20.74 -0.52 -22.49
C THR B 315 -20.45 0.63 -21.53
N SER B 316 -21.13 1.76 -21.74
CA SER B 316 -20.91 2.96 -20.94
C SER B 316 -21.76 2.91 -19.67
N ASN B 317 -21.51 3.86 -18.77
CA ASN B 317 -22.29 3.95 -17.54
C ASN B 317 -23.04 5.26 -17.44
N PHE B 318 -24.18 5.23 -16.76
CA PHE B 318 -25.01 6.41 -16.57
C PHE B 318 -24.99 6.87 -15.12
N ARG B 319 -24.80 8.17 -14.91
CA ARG B 319 -24.83 8.74 -13.58
C ARG B 319 -25.60 10.05 -13.54
N VAL B 320 -26.53 10.16 -12.60
CA VAL B 320 -27.26 11.40 -12.40
C VAL B 320 -26.38 12.39 -11.65
N GLN B 321 -26.30 13.61 -12.16
CA GLN B 321 -25.47 14.62 -11.53
C GLN B 321 -26.31 15.55 -10.66
N PRO B 322 -25.74 16.03 -9.53
CA PRO B 322 -26.29 17.04 -8.66
C PRO B 322 -26.15 18.42 -9.30
N THR B 323 -27.00 19.33 -8.88
CA THR B 323 -26.92 20.70 -9.37
C THR B 323 -26.61 21.68 -8.23
N GLU B 324 -27.62 22.33 -7.68
CA GLU B 324 -27.40 23.30 -6.61
C GLU B 324 -27.04 22.64 -5.30
N SER B 325 -26.41 23.41 -4.41
CA SER B 325 -26.05 22.95 -3.08
C SER B 325 -26.88 23.63 -2.01
N ILE B 326 -27.59 22.84 -1.22
CA ILE B 326 -28.46 23.38 -0.19
C ILE B 326 -27.84 23.25 1.20
N VAL B 327 -27.64 24.39 1.84
CA VAL B 327 -27.05 24.44 3.16
C VAL B 327 -28.10 24.88 4.19
N ARG B 328 -28.31 24.07 5.21
CA ARG B 328 -29.35 24.36 6.18
C ARG B 328 -28.79 24.57 7.58
N PHE B 329 -29.23 25.67 8.19
CA PHE B 329 -28.85 26.03 9.55
C PHE B 329 -30.10 26.37 10.36
N PRO B 330 -30.04 26.25 11.69
CA PRO B 330 -31.08 26.64 12.63
C PRO B 330 -31.22 28.16 12.66
N ASN B 331 -32.36 28.63 13.17
CA ASN B 331 -32.63 30.07 13.27
C ASN B 331 -31.56 30.76 14.11
N ILE B 332 -31.04 31.89 13.60
CA ILE B 332 -29.96 32.62 14.27
C ILE B 332 -30.52 33.49 15.38
N THR B 333 -30.80 32.86 16.50
CA THR B 333 -31.31 33.53 17.69
C THR B 333 -30.18 33.84 18.63
N ASN B 334 -30.45 34.64 19.66
CA ASN B 334 -29.44 34.96 20.66
C ASN B 334 -28.24 35.69 20.07
N LEU B 335 -28.50 36.81 19.42
CA LEU B 335 -27.42 37.66 18.91
C LEU B 335 -26.75 38.38 20.08
N CYS B 336 -25.44 38.64 19.92
CA CYS B 336 -24.67 39.36 20.93
C CYS B 336 -25.17 40.81 21.08
N PRO B 337 -25.30 41.28 22.32
CA PRO B 337 -25.84 42.56 22.71
C PRO B 337 -24.91 43.72 22.40
N PHE B 338 -24.59 43.89 21.13
CA PHE B 338 -23.77 45.03 20.72
C PHE B 338 -24.61 46.29 20.75
N GLY B 339 -25.90 46.15 20.48
CA GLY B 339 -26.81 47.29 20.49
C GLY B 339 -26.87 47.93 21.87
N GLU B 340 -26.73 47.12 22.91
CA GLU B 340 -26.77 47.60 24.29
C GLU B 340 -25.56 48.45 24.64
N VAL B 341 -24.51 48.39 23.82
CA VAL B 341 -23.30 49.15 24.06
C VAL B 341 -23.20 50.34 23.12
N PHE B 342 -23.40 50.09 21.83
CA PHE B 342 -23.24 51.10 20.81
C PHE B 342 -24.39 52.11 20.74
N ASN B 343 -25.63 51.64 20.96
CA ASN B 343 -26.82 52.49 20.90
C ASN B 343 -27.32 52.84 22.30
N ALA B 344 -26.43 52.84 23.31
CA ALA B 344 -26.77 53.23 24.67
C ALA B 344 -27.08 54.72 24.73
N THR B 345 -28.00 55.10 25.62
CA THR B 345 -28.38 56.50 25.74
C THR B 345 -27.34 57.28 26.51
N ARG B 346 -26.58 56.59 27.36
CA ARG B 346 -25.54 57.24 28.15
C ARG B 346 -24.30 56.38 28.24
N PHE B 347 -23.15 57.04 28.10
CA PHE B 347 -21.84 56.38 28.22
C PHE B 347 -21.14 56.79 29.51
N ALA B 348 -20.24 55.93 29.97
CA ALA B 348 -19.45 56.18 31.17
C ALA B 348 -18.32 57.17 30.92
N SER B 349 -17.84 57.80 31.99
CA SER B 349 -16.66 58.65 31.93
C SER B 349 -15.41 57.83 31.70
N VAL B 350 -14.39 58.44 31.09
CA VAL B 350 -13.18 57.72 30.77
C VAL B 350 -12.41 57.25 32.00
N TYR B 351 -12.50 58.00 33.10
CA TYR B 351 -11.81 57.60 34.32
C TYR B 351 -12.47 56.37 34.95
N ALA B 352 -13.71 56.09 34.54
CA ALA B 352 -14.49 54.99 35.10
C ALA B 352 -15.25 54.27 34.00
N TRP B 353 -14.52 53.66 33.07
CA TRP B 353 -15.12 53.07 31.88
C TRP B 353 -15.97 51.84 32.22
N ASN B 354 -17.00 51.62 31.41
CA ASN B 354 -17.96 50.53 31.65
C ASN B 354 -17.67 49.30 30.80
N ARG B 355 -17.29 48.20 31.45
CA ARG B 355 -17.00 46.97 30.74
C ARG B 355 -18.21 46.04 30.62
N LYS B 356 -18.63 45.80 29.39
CA LYS B 356 -19.73 44.88 29.11
C LYS B 356 -19.19 43.53 28.66
N ARG B 357 -19.62 42.47 29.33
CA ARG B 357 -19.17 41.13 28.98
C ARG B 357 -20.08 40.48 27.95
N ILE B 358 -19.50 40.06 26.84
CA ILE B 358 -20.24 39.39 25.77
C ILE B 358 -19.79 37.93 25.62
N SER B 359 -20.74 37.01 25.78
CA SER B 359 -20.43 35.58 25.71
C SER B 359 -21.66 34.76 25.36
N ASN B 360 -21.45 33.50 24.97
CA ASN B 360 -22.53 32.57 24.70
C ASN B 360 -23.61 33.16 23.79
N CYS B 361 -23.18 33.76 22.67
CA CYS B 361 -24.06 34.46 21.73
C CYS B 361 -23.47 34.46 20.32
N VAL B 362 -24.27 34.91 19.36
CA VAL B 362 -23.82 35.02 17.97
C VAL B 362 -23.40 36.46 17.67
N ALA B 363 -22.14 36.64 17.31
CA ALA B 363 -21.60 37.98 17.10
C ALA B 363 -21.63 38.39 15.65
N ASP B 364 -22.63 39.20 15.30
CA ASP B 364 -22.73 39.72 13.95
C ASP B 364 -22.07 41.08 13.87
N TYR B 365 -20.94 41.15 13.20
CA TYR B 365 -20.14 42.37 13.17
C TYR B 365 -20.43 43.21 11.94
N SER B 366 -21.28 42.72 11.05
CA SER B 366 -21.54 43.41 9.79
C SER B 366 -22.33 44.69 10.05
N VAL B 367 -23.09 44.69 11.14
CA VAL B 367 -23.89 45.85 11.53
C VAL B 367 -23.01 46.98 12.01
N LEU B 368 -21.74 46.66 12.34
CA LEU B 368 -20.81 47.69 12.76
C LEU B 368 -19.87 48.03 11.61
N TYR B 369 -19.33 47.01 10.96
CA TYR B 369 -18.35 47.19 9.90
C TYR B 369 -18.87 48.04 8.74
N ASN B 370 -20.09 47.78 8.31
CA ASN B 370 -20.64 48.45 7.14
C ASN B 370 -21.37 49.74 7.49
N SER B 371 -21.28 50.17 8.75
CA SER B 371 -21.94 51.40 9.15
C SER B 371 -21.10 52.62 8.78
N ALA B 372 -21.75 53.64 8.21
CA ALA B 372 -21.07 54.87 7.83
C ALA B 372 -21.00 55.84 9.01
N SER B 373 -21.60 55.44 10.13
CA SER B 373 -21.66 56.28 11.33
C SER B 373 -20.29 56.49 11.96
N PHE B 374 -19.48 55.45 11.98
CA PHE B 374 -18.21 55.47 12.69
C PHE B 374 -17.17 56.27 11.94
N SER B 375 -16.39 57.07 12.68
CA SER B 375 -15.30 57.82 12.08
C SER B 375 -13.99 57.05 12.23
N THR B 376 -13.94 56.22 13.26
CA THR B 376 -12.77 55.39 13.54
C THR B 376 -13.17 53.93 13.67
N PHE B 377 -12.43 53.05 13.01
CA PHE B 377 -12.67 51.62 13.07
C PHE B 377 -11.36 50.87 12.88
N LYS B 378 -10.55 50.85 13.93
CA LYS B 378 -9.19 50.32 13.83
C LYS B 378 -9.07 48.93 14.43
N CYS B 379 -8.88 47.92 13.58
CA CYS B 379 -8.75 46.54 14.01
C CYS B 379 -7.31 46.10 14.11
N TYR B 380 -6.93 45.56 15.24
CA TYR B 380 -5.57 45.13 15.52
C TYR B 380 -5.48 43.62 15.68
N GLY B 381 -4.74 42.98 14.80
CA GLY B 381 -4.55 41.53 14.87
C GLY B 381 -5.63 40.78 14.10
N VAL B 382 -6.68 41.48 13.72
CA VAL B 382 -7.79 40.89 12.99
C VAL B 382 -8.20 41.79 11.82
N SER B 383 -8.91 41.22 10.85
CA SER B 383 -9.40 41.99 9.72
C SER B 383 -10.86 42.39 9.95
N PRO B 384 -11.20 43.68 9.76
CA PRO B 384 -12.48 44.30 10.08
C PRO B 384 -13.64 43.71 9.29
N THR B 385 -13.33 42.99 8.21
CA THR B 385 -14.34 42.41 7.35
C THR B 385 -14.42 40.89 7.48
N LYS B 386 -13.53 40.32 8.28
CA LYS B 386 -13.47 38.86 8.45
C LYS B 386 -13.86 38.46 9.87
N LEU B 387 -14.36 39.42 10.64
CA LEU B 387 -14.66 39.19 12.05
C LEU B 387 -15.73 38.12 12.25
N ASN B 388 -16.66 38.01 11.31
CA ASN B 388 -17.74 37.04 11.43
C ASN B 388 -17.23 35.61 11.32
N ASP B 389 -16.02 35.44 10.80
CA ASP B 389 -15.46 34.11 10.62
C ASP B 389 -14.51 33.74 11.74
N LEU B 390 -14.44 34.57 12.77
CA LEU B 390 -13.54 34.31 13.89
C LEU B 390 -14.32 33.97 15.16
N CYS B 391 -14.06 32.80 15.73
CA CYS B 391 -14.71 32.33 16.95
C CYS B 391 -13.86 32.64 18.18
N PHE B 392 -14.48 33.24 19.18
CA PHE B 392 -13.81 33.63 20.41
C PHE B 392 -14.52 33.07 21.64
N THR B 393 -13.82 33.03 22.76
CA THR B 393 -14.43 32.60 24.00
C THR B 393 -15.10 33.78 24.68
N ASN B 394 -14.44 34.93 24.63
CA ASN B 394 -14.96 36.13 25.28
C ASN B 394 -14.76 37.36 24.43
N VAL B 395 -15.76 38.22 24.42
CA VAL B 395 -15.65 39.53 23.80
C VAL B 395 -15.95 40.60 24.84
N TYR B 396 -15.06 41.56 24.99
CA TYR B 396 -15.26 42.60 25.99
C TYR B 396 -15.45 43.96 25.34
N ALA B 397 -16.55 44.61 25.67
CA ALA B 397 -16.85 45.91 25.10
C ALA B 397 -16.70 47.02 26.14
N ASP B 398 -15.61 47.77 26.05
CA ASP B 398 -15.32 48.84 27.00
C ASP B 398 -15.80 50.19 26.49
N SER B 399 -16.80 50.76 27.16
CA SER B 399 -17.46 51.97 26.72
C SER B 399 -17.09 53.21 27.54
N PHE B 400 -16.73 54.29 26.84
CA PHE B 400 -16.39 55.56 27.50
C PHE B 400 -16.42 56.77 26.58
N VAL B 401 -16.44 57.98 27.16
CA VAL B 401 -16.40 59.23 26.39
C VAL B 401 -15.12 60.04 26.59
N ILE B 402 -14.50 60.41 25.48
CA ILE B 402 -13.26 61.22 25.47
C ILE B 402 -13.36 62.37 24.46
N ARG B 403 -12.34 63.23 24.45
CA ARG B 403 -12.28 64.32 23.46
C ARG B 403 -11.81 63.79 22.10
N GLY B 404 -12.14 64.53 21.04
CA GLY B 404 -11.71 64.17 19.69
C GLY B 404 -10.19 64.05 19.58
N ASP B 405 -9.45 64.93 20.24
CA ASP B 405 -8.00 64.91 20.15
C ASP B 405 -7.37 63.82 21.01
N GLU B 406 -8.21 63.07 21.73
CA GLU B 406 -7.74 61.98 22.56
C GLU B 406 -8.02 60.63 21.91
N VAL B 407 -8.73 60.64 20.79
CA VAL B 407 -9.13 59.39 20.14
C VAL B 407 -7.90 58.61 19.68
N ARG B 408 -6.88 59.34 19.26
CA ARG B 408 -5.63 58.75 18.80
C ARG B 408 -4.89 57.99 19.90
N GLN B 409 -5.25 58.26 21.16
CA GLN B 409 -4.57 57.61 22.28
C GLN B 409 -5.11 56.21 22.56
N ILE B 410 -6.26 55.88 21.98
CA ILE B 410 -6.85 54.58 22.24
C ILE B 410 -6.28 53.56 21.27
N ALA B 411 -5.04 53.16 21.53
CA ALA B 411 -4.31 52.24 20.66
C ALA B 411 -3.06 51.72 21.38
N PRO B 412 -2.54 50.57 20.95
CA PRO B 412 -1.28 49.98 21.38
C PRO B 412 -0.12 50.94 21.18
N GLY B 413 0.77 51.01 22.17
CA GLY B 413 1.99 51.79 22.06
C GLY B 413 1.80 53.29 22.30
N GLN B 414 0.57 53.71 22.60
CA GLN B 414 0.31 55.13 22.79
C GLN B 414 0.51 55.58 24.23
N THR B 415 0.85 56.85 24.40
CA THR B 415 0.99 57.49 25.71
C THR B 415 0.19 58.79 25.76
N GLY B 416 0.00 59.33 26.95
CA GLY B 416 -0.75 60.57 27.11
C GLY B 416 -1.67 60.51 28.31
N LYS B 417 -2.44 61.57 28.54
CA LYS B 417 -3.27 61.63 29.73
C LYS B 417 -4.30 60.51 29.78
N ILE B 418 -4.83 60.12 28.63
CA ILE B 418 -5.80 59.04 28.64
C ILE B 418 -5.10 57.70 28.65
N ALA B 419 -4.13 57.54 27.76
CA ALA B 419 -3.43 56.27 27.64
C ALA B 419 -2.74 55.88 28.95
N ASP B 420 -2.23 56.86 29.70
CA ASP B 420 -1.49 56.55 30.91
C ASP B 420 -2.31 56.57 32.21
N TYR B 421 -3.33 57.44 32.29
CA TYR B 421 -4.01 57.58 33.58
C TYR B 421 -5.49 57.18 33.58
N ASN B 422 -6.06 56.90 32.41
CA ASN B 422 -7.48 56.59 32.36
C ASN B 422 -7.78 55.25 31.72
N TYR B 423 -7.35 55.07 30.47
CA TYR B 423 -7.65 53.84 29.74
C TYR B 423 -6.44 53.36 28.94
N LYS B 424 -5.77 52.35 29.47
CA LYS B 424 -4.55 51.82 28.88
C LYS B 424 -4.79 50.53 28.11
N LEU B 425 -4.35 50.49 26.84
CA LEU B 425 -4.39 49.25 26.07
C LEU B 425 -2.99 48.66 25.97
N PRO B 426 -2.85 47.33 26.04
CA PRO B 426 -1.62 46.57 25.95
C PRO B 426 -1.05 46.58 24.54
N ASP B 427 0.26 46.39 24.43
CA ASP B 427 0.95 46.38 23.15
C ASP B 427 0.57 45.19 22.29
N ASP B 428 0.10 44.12 22.93
CA ASP B 428 -0.33 42.92 22.22
C ASP B 428 -1.85 42.82 22.16
N PHE B 429 -2.52 43.97 22.28
CA PHE B 429 -3.97 44.03 22.19
C PHE B 429 -4.51 43.43 20.91
N THR B 430 -5.54 42.60 21.05
CA THR B 430 -6.24 42.04 19.91
C THR B 430 -7.71 42.44 19.99
N GLY B 431 -8.20 43.09 18.95
CA GLY B 431 -9.56 43.59 18.94
C GLY B 431 -9.69 44.82 18.07
N CYS B 432 -10.87 45.45 18.09
CA CYS B 432 -11.16 46.62 17.27
C CYS B 432 -11.58 47.82 18.11
N VAL B 433 -11.02 48.98 17.76
CA VAL B 433 -11.36 50.23 18.43
C VAL B 433 -12.31 51.04 17.55
N ILE B 434 -13.54 51.21 18.03
CA ILE B 434 -14.57 51.87 17.25
C ILE B 434 -15.03 53.15 17.93
N ALA B 435 -15.05 54.25 17.19
CA ALA B 435 -15.45 55.52 17.79
C ALA B 435 -16.22 56.40 16.81
N TRP B 436 -17.08 57.24 17.36
CA TRP B 436 -17.85 58.17 16.53
C TRP B 436 -18.13 59.48 17.25
N ASN B 437 -18.37 60.53 16.46
CA ASN B 437 -18.66 61.85 16.99
C ASN B 437 -20.01 61.87 17.70
N SER B 438 -20.01 62.38 18.93
CA SER B 438 -21.22 62.43 19.74
C SER B 438 -21.50 63.85 20.21
N ASN B 439 -21.15 64.83 19.38
CA ASN B 439 -21.29 66.23 19.72
C ASN B 439 -22.74 66.60 20.04
N ASN B 440 -23.69 65.97 19.36
CA ASN B 440 -25.10 66.28 19.57
C ASN B 440 -25.75 65.38 20.61
N LEU B 441 -24.94 64.59 21.31
CA LEU B 441 -25.47 63.69 22.32
C LEU B 441 -24.96 64.03 23.71
N ASP B 442 -23.65 64.28 23.82
CA ASP B 442 -23.01 64.44 25.12
C ASP B 442 -22.56 65.86 25.41
N SER B 443 -23.10 66.83 24.68
CA SER B 443 -22.71 68.22 24.90
C SER B 443 -23.90 69.06 25.36
N LYS B 444 -23.61 70.13 26.09
CA LYS B 444 -24.65 71.03 26.58
C LYS B 444 -24.20 72.48 26.41
N VAL B 445 -25.17 73.37 26.29
CA VAL B 445 -24.84 74.79 26.21
C VAL B 445 -24.47 75.28 27.61
N GLY B 446 -23.28 75.88 27.72
CA GLY B 446 -22.77 76.32 29.01
C GLY B 446 -21.72 75.36 29.55
N GLY B 447 -21.62 74.17 28.95
CA GLY B 447 -20.63 73.18 29.34
C GLY B 447 -21.22 71.99 30.06
N ASN B 448 -21.06 70.81 29.47
CA ASN B 448 -21.47 69.57 30.10
C ASN B 448 -20.30 69.00 30.89
N TYR B 449 -20.38 69.10 32.21
CA TYR B 449 -19.28 68.71 33.07
C TYR B 449 -19.54 67.36 33.73
N ASN B 450 -20.51 66.62 33.19
CA ASN B 450 -20.84 65.30 33.70
C ASN B 450 -19.75 64.28 33.39
N TYR B 451 -18.95 64.55 32.36
CA TYR B 451 -17.88 63.64 31.98
C TYR B 451 -16.55 64.03 32.58
N LEU B 452 -15.90 63.08 33.25
CA LEU B 452 -14.65 63.35 33.93
C LEU B 452 -13.50 62.46 33.47
N TYR B 453 -12.30 62.97 33.64
CA TYR B 453 -11.07 62.24 33.36
C TYR B 453 -10.07 62.47 34.48
N ARG B 454 -9.15 61.55 34.65
CA ARG B 454 -8.11 61.71 35.64
C ARG B 454 -6.99 62.58 35.12
N LEU B 455 -6.61 63.58 35.90
CA LEU B 455 -5.52 64.49 35.55
C LEU B 455 -4.26 64.13 36.31
N PHE B 456 -4.42 63.74 37.58
CA PHE B 456 -3.27 63.42 38.41
C PHE B 456 -3.30 61.97 38.88
N ARG B 457 -2.11 61.38 39.00
CA ARG B 457 -1.97 60.06 39.60
C ARG B 457 -0.53 59.85 40.04
N LYS B 458 -0.31 58.92 40.96
CA LYS B 458 1.02 58.63 41.46
C LYS B 458 1.84 57.79 40.49
N SER B 459 1.15 57.04 39.63
CA SER B 459 1.80 56.17 38.66
C SER B 459 0.89 55.89 37.47
N ASN B 460 1.44 55.27 36.44
CA ASN B 460 0.67 54.94 35.25
C ASN B 460 -0.13 53.66 35.44
N LEU B 461 -1.19 53.49 34.65
CA LEU B 461 -2.04 52.31 34.70
C LEU B 461 -1.47 51.12 33.93
N LYS B 462 -1.80 49.93 34.39
CA LYS B 462 -1.55 48.70 33.66
C LYS B 462 -2.67 48.52 32.65
N PRO B 463 -2.50 47.67 31.62
CA PRO B 463 -3.49 47.36 30.61
C PRO B 463 -4.82 46.97 31.24
N PHE B 464 -5.87 47.65 30.79
CA PHE B 464 -7.24 47.42 31.26
C PHE B 464 -7.42 47.59 32.77
N GLU B 465 -6.50 48.31 33.40
CA GLU B 465 -6.66 48.68 34.80
C GLU B 465 -7.53 49.91 34.92
N ARG B 466 -8.33 49.97 35.97
CA ARG B 466 -9.13 51.17 36.23
C ARG B 466 -8.92 51.65 37.65
N ASP B 467 -9.00 52.97 37.83
CA ASP B 467 -8.82 53.58 39.14
C ASP B 467 -9.81 54.73 39.32
N ILE B 468 -10.74 54.55 40.25
CA ILE B 468 -11.77 55.55 40.49
C ILE B 468 -11.62 56.20 41.86
N SER B 469 -10.42 56.09 42.42
CA SER B 469 -10.09 56.71 43.70
C SER B 469 -10.14 58.23 43.62
N TYR B 489 -4.39 68.89 45.04
CA TYR B 489 -5.46 68.98 44.06
C TYR B 489 -6.34 67.74 44.03
N PHE B 490 -7.61 67.92 43.67
CA PHE B 490 -8.51 66.80 43.42
C PHE B 490 -8.09 66.15 42.08
N PRO B 491 -7.91 64.82 42.05
CA PRO B 491 -7.34 64.07 40.95
C PRO B 491 -8.16 64.06 39.66
N LEU B 492 -9.46 64.30 39.76
CA LEU B 492 -10.33 64.23 38.59
C LEU B 492 -10.81 65.60 38.14
N GLN B 493 -10.83 65.82 36.83
CA GLN B 493 -11.34 67.06 36.25
C GLN B 493 -12.46 66.78 35.27
N SER B 494 -13.31 67.76 35.04
CA SER B 494 -14.40 67.61 34.10
C SER B 494 -14.11 68.28 32.76
N TYR B 495 -14.76 67.80 31.71
CA TYR B 495 -14.62 68.39 30.38
C TYR B 495 -15.69 69.44 30.14
N GLY B 496 -15.31 70.56 29.54
CA GLY B 496 -16.30 71.57 29.16
C GLY B 496 -16.89 71.27 27.80
N PHE B 497 -17.68 70.20 27.70
CA PHE B 497 -18.23 69.81 26.41
C PHE B 497 -19.39 70.69 26.01
N GLN B 498 -19.26 71.34 24.85
CA GLN B 498 -20.30 72.21 24.30
C GLN B 498 -20.46 71.92 22.82
N PRO B 499 -21.67 72.10 22.28
CA PRO B 499 -22.05 71.87 20.90
C PRO B 499 -21.31 72.79 19.93
N THR B 500 -20.74 73.87 20.46
CA THR B 500 -20.03 74.85 19.65
C THR B 500 -18.52 74.69 19.72
N ASN B 501 -18.04 73.64 20.38
CA ASN B 501 -16.60 73.41 20.50
C ASN B 501 -15.99 73.03 19.16
N GLY B 502 -14.69 73.28 19.02
CA GLY B 502 -13.95 72.80 17.85
C GLY B 502 -13.88 71.29 17.90
N VAL B 503 -13.65 70.66 16.76
CA VAL B 503 -13.72 69.20 16.68
C VAL B 503 -12.83 68.50 17.70
N GLY B 504 -11.64 69.02 17.90
CA GLY B 504 -10.69 68.41 18.83
C GLY B 504 -11.22 68.43 20.27
N TYR B 505 -12.16 69.32 20.55
CA TYR B 505 -12.73 69.46 21.89
C TYR B 505 -14.16 68.94 21.96
N GLN B 506 -14.61 68.30 20.90
CA GLN B 506 -15.94 67.68 20.91
C GLN B 506 -15.81 66.29 21.52
N PRO B 507 -16.87 65.79 22.17
CA PRO B 507 -16.96 64.47 22.74
C PRO B 507 -17.06 63.41 21.67
N TYR B 508 -16.40 62.28 21.92
CA TYR B 508 -16.50 61.10 21.08
C TYR B 508 -16.85 59.88 21.93
N ARG B 509 -17.73 59.04 21.40
CA ARG B 509 -18.10 57.82 22.07
C ARG B 509 -17.24 56.67 21.57
N VAL B 510 -16.52 56.04 22.48
CA VAL B 510 -15.58 55.00 22.12
C VAL B 510 -15.97 53.66 22.70
N VAL B 511 -15.98 52.65 21.85
CA VAL B 511 -16.22 51.29 22.27
C VAL B 511 -15.07 50.40 21.80
N VAL B 512 -14.39 49.79 22.74
CA VAL B 512 -13.29 48.91 22.38
C VAL B 512 -13.70 47.46 22.52
N LEU B 513 -13.64 46.71 21.42
CA LEU B 513 -14.03 45.31 21.44
C LEU B 513 -12.82 44.40 21.48
N SER B 514 -12.53 43.85 22.64
CA SER B 514 -11.38 42.96 22.82
C SER B 514 -11.79 41.52 22.54
N PHE B 515 -11.02 40.84 21.70
CA PHE B 515 -11.36 39.48 21.31
C PHE B 515 -10.39 38.46 21.90
N GLU B 516 -10.88 37.64 22.83
CA GLU B 516 -10.01 36.71 23.53
C GLU B 516 -10.35 35.24 23.29
N LEU B 517 -9.31 34.44 23.05
CA LEU B 517 -9.43 33.01 22.92
C LEU B 517 -8.18 32.31 23.47
N LEU B 518 -8.37 31.36 24.39
CA LEU B 518 -7.27 30.62 25.01
C LEU B 518 -7.71 29.18 25.30
N ALA B 520 -10.15 26.63 26.65
CA ALA B 520 -11.63 26.63 26.77
C ALA B 520 -12.27 26.71 25.39
N PRO B 521 -13.33 25.94 25.09
CA PRO B 521 -13.94 25.95 23.76
C PRO B 521 -14.55 27.32 23.47
N ALA B 522 -14.44 27.79 22.22
CA ALA B 522 -14.97 29.12 21.85
C ALA B 522 -16.50 29.09 21.86
N THR B 523 -17.15 30.21 22.19
CA THR B 523 -18.60 30.19 22.25
C THR B 523 -19.24 31.25 21.37
N VAL B 524 -18.46 32.26 21.00
CA VAL B 524 -19.00 33.38 20.23
C VAL B 524 -18.49 33.37 18.78
N CYS B 525 -19.40 33.11 17.83
CA CYS B 525 -19.08 33.03 16.41
C CYS B 525 -20.09 33.85 15.62
N GLY B 526 -19.81 34.10 14.36
CA GLY B 526 -20.74 34.85 13.51
C GLY B 526 -21.93 34.01 13.12
N PRO B 527 -22.91 34.61 12.44
CA PRO B 527 -24.14 34.01 11.97
C PRO B 527 -23.89 33.05 10.83
N LYS B 528 -24.71 32.01 10.75
CA LYS B 528 -24.63 31.03 9.68
C LYS B 528 -25.78 31.19 8.70
N LYS B 529 -25.53 31.85 7.58
CA LYS B 529 -26.58 32.11 6.60
C LYS B 529 -27.09 30.83 5.97
N SER B 530 -28.41 30.66 5.98
CA SER B 530 -29.04 29.46 5.43
C SER B 530 -29.43 29.61 3.97
N THR B 531 -29.72 28.48 3.33
CA THR B 531 -30.16 28.41 1.94
C THR B 531 -31.52 27.71 1.86
N ASN B 532 -32.33 28.08 0.88
CA ASN B 532 -33.64 27.48 0.67
C ASN B 532 -33.54 25.97 0.45
N LEU B 533 -34.49 25.25 1.03
CA LEU B 533 -34.54 23.79 0.92
C LEU B 533 -35.09 23.34 -0.43
N VAL B 534 -34.43 22.36 -1.03
CA VAL B 534 -34.91 21.76 -2.28
C VAL B 534 -35.15 20.27 -2.09
N LYS B 535 -36.33 19.81 -2.49
CA LYS B 535 -36.68 18.40 -2.36
C LYS B 535 -37.03 17.76 -3.70
N ASN B 536 -36.91 16.43 -3.75
CA ASN B 536 -37.23 15.62 -4.92
C ASN B 536 -36.31 15.88 -6.12
N LYS B 537 -35.12 16.39 -5.85
CA LYS B 537 -34.12 16.60 -6.89
C LYS B 537 -32.75 16.14 -6.41
N CYS B 538 -31.87 15.77 -7.36
CA CYS B 538 -30.49 15.41 -7.05
C CYS B 538 -29.67 16.67 -6.74
N VAL B 539 -29.32 16.81 -5.47
CA VAL B 539 -28.65 18.02 -4.99
C VAL B 539 -27.45 17.71 -4.12
N ASN B 540 -26.64 18.72 -3.89
CA ASN B 540 -25.61 18.65 -2.87
C ASN B 540 -26.19 19.26 -1.61
N PHE B 541 -25.66 18.89 -0.45
CA PHE B 541 -26.21 19.47 0.78
C PHE B 541 -25.22 19.54 1.94
N ASN B 542 -25.58 20.39 2.91
CA ASN B 542 -24.89 20.53 4.18
C ASN B 542 -25.88 20.86 5.27
N PHE B 543 -26.18 19.89 6.14
CA PHE B 543 -27.13 20.10 7.22
C PHE B 543 -26.40 20.35 8.52
N ASN B 544 -26.18 21.62 8.87
CA ASN B 544 -25.49 21.98 10.08
C ASN B 544 -24.19 21.20 10.29
N GLY B 545 -23.39 21.08 9.22
CA GLY B 545 -22.11 20.39 9.31
C GLY B 545 -22.13 18.99 8.69
N LEU B 546 -23.32 18.46 8.44
CA LEU B 546 -23.43 17.13 7.82
C LEU B 546 -23.53 17.24 6.31
N THR B 547 -22.44 16.92 5.63
CA THR B 547 -22.38 17.08 4.18
C THR B 547 -22.67 15.78 3.47
N GLY B 548 -22.99 15.89 2.19
CA GLY B 548 -23.21 14.72 1.34
C GLY B 548 -23.93 15.10 0.06
N THR B 549 -24.42 14.08 -0.65
CA THR B 549 -25.14 14.28 -1.90
C THR B 549 -26.24 13.25 -2.06
N GLY B 550 -27.32 13.62 -2.75
CA GLY B 550 -28.42 12.70 -2.99
C GLY B 550 -29.75 13.44 -3.09
N VAL B 551 -30.83 12.69 -3.20
CA VAL B 551 -32.16 13.24 -3.32
C VAL B 551 -32.84 13.31 -1.96
N LEU B 552 -33.36 14.47 -1.62
CA LEU B 552 -34.02 14.68 -0.33
C LEU B 552 -35.53 14.52 -0.43
N THR B 553 -36.09 13.58 0.32
CA THR B 553 -37.54 13.35 0.30
C THR B 553 -38.08 13.25 1.72
N GLU B 554 -39.38 13.45 1.87
CA GLU B 554 -39.99 13.33 3.19
C GLU B 554 -39.94 11.89 3.69
N SER B 555 -39.55 11.72 4.95
CA SER B 555 -39.46 10.38 5.52
C SER B 555 -40.70 10.07 6.34
N ASN B 556 -40.82 8.81 6.76
CA ASN B 556 -41.86 8.40 7.68
C ASN B 556 -41.22 7.96 8.99
N LYS B 557 -40.03 8.48 9.26
CA LYS B 557 -39.27 8.11 10.44
C LYS B 557 -39.58 9.00 11.62
N LYS B 558 -39.32 8.49 12.82
CA LYS B 558 -39.47 9.28 14.03
C LYS B 558 -38.18 9.24 14.83
N PHE B 559 -37.58 10.41 15.01
CA PHE B 559 -36.34 10.53 15.78
C PHE B 559 -36.66 10.91 17.21
N LEU B 560 -35.80 10.49 18.13
CA LEU B 560 -35.92 10.93 19.52
C LEU B 560 -35.50 12.39 19.56
N PRO B 561 -36.05 13.17 20.49
CA PRO B 561 -35.83 14.61 20.64
C PRO B 561 -34.46 14.96 21.19
N PHE B 562 -33.43 14.51 20.47
CA PHE B 562 -32.04 14.83 20.77
C PHE B 562 -31.18 14.28 19.65
N GLN B 563 -31.80 13.47 18.80
CA GLN B 563 -31.13 12.87 17.66
C GLN B 563 -31.25 13.78 16.45
N GLN B 564 -30.18 13.91 15.68
CA GLN B 564 -30.18 14.83 14.56
C GLN B 564 -30.29 14.13 13.22
N PHE B 565 -29.74 12.92 13.13
CA PHE B 565 -29.75 12.17 11.89
C PHE B 565 -29.66 10.68 12.18
N GLY B 566 -30.04 9.86 11.20
CA GLY B 566 -30.00 8.43 11.37
C GLY B 566 -29.04 7.75 10.40
N ARG B 567 -28.56 6.58 10.81
CA ARG B 567 -27.65 5.77 10.00
C ARG B 567 -28.04 4.30 10.03
N ASP B 568 -27.60 3.55 9.02
CA ASP B 568 -27.85 2.11 8.98
C ASP B 568 -26.78 1.34 8.22
N ILE B 569 -26.96 0.02 8.17
CA ILE B 569 -26.12 -0.92 7.42
C ILE B 569 -24.65 -0.90 7.82
N ALA B 570 -23.97 0.18 7.49
CA ALA B 570 -22.54 0.32 7.74
C ALA B 570 -22.20 1.77 8.05
N ASP B 571 -22.91 2.33 9.02
CA ASP B 571 -22.73 3.72 9.41
C ASP B 571 -22.87 4.69 8.24
N THR B 572 -23.84 4.44 7.37
CA THR B 572 -24.10 5.36 6.27
C THR B 572 -25.37 6.14 6.56
N THR B 573 -25.44 7.38 6.09
CA THR B 573 -26.57 8.24 6.42
C THR B 573 -27.84 7.77 5.73
N ASP B 574 -28.90 7.61 6.52
CA ASP B 574 -30.20 7.18 6.00
C ASP B 574 -31.13 8.38 5.87
N ALA B 575 -31.14 9.21 6.90
CA ALA B 575 -32.03 10.36 6.95
C ALA B 575 -31.44 11.45 7.83
N VAL B 576 -31.80 12.70 7.55
CA VAL B 576 -31.33 13.82 8.35
C VAL B 576 -32.45 14.77 8.70
N ARG B 577 -32.50 15.21 9.95
CA ARG B 577 -33.46 16.20 10.37
C ARG B 577 -32.99 17.59 9.97
N ASP B 578 -33.88 18.35 9.34
CA ASP B 578 -33.57 19.71 8.93
C ASP B 578 -33.37 20.60 10.16
N PRO B 579 -32.18 21.19 10.33
CA PRO B 579 -31.80 22.03 11.47
C PRO B 579 -32.77 23.19 11.70
N GLN B 580 -33.48 23.60 10.65
CA GLN B 580 -34.38 24.75 10.73
C GLN B 580 -35.82 24.37 11.12
N THR B 581 -36.14 23.08 11.13
CA THR B 581 -37.50 22.66 11.40
C THR B 581 -37.58 21.18 11.79
N LEU B 582 -38.64 20.80 12.48
CA LEU B 582 -38.79 19.41 12.89
C LEU B 582 -39.33 18.54 11.76
N GLU B 583 -38.54 18.42 10.69
CA GLU B 583 -38.87 17.61 9.53
C GLU B 583 -37.72 16.65 9.22
N ILE B 584 -38.04 15.37 9.08
CA ILE B 584 -37.02 14.38 8.79
C ILE B 584 -37.05 13.98 7.33
N LEU B 585 -35.91 14.15 6.66
CA LEU B 585 -35.82 13.85 5.23
C LEU B 585 -34.95 12.63 4.98
N ASP B 586 -35.46 11.72 4.15
CA ASP B 586 -34.68 10.57 3.73
C ASP B 586 -33.69 10.99 2.66
N ILE B 587 -32.53 10.37 2.65
CA ILE B 587 -31.55 10.66 1.61
C ILE B 587 -31.34 9.47 0.69
N THR B 588 -31.76 9.63 -0.55
CA THR B 588 -31.64 8.56 -1.54
C THR B 588 -30.55 8.93 -2.55
N PRO B 589 -29.47 8.16 -2.64
CA PRO B 589 -28.35 8.40 -3.53
C PRO B 589 -28.86 8.58 -4.95
N CYS B 590 -28.21 9.48 -5.70
CA CYS B 590 -28.61 9.79 -7.07
C CYS B 590 -28.36 8.58 -7.97
N SER B 591 -29.30 8.30 -8.86
CA SER B 591 -29.29 7.07 -9.62
C SER B 591 -28.02 6.84 -10.43
N PHE B 592 -27.59 5.58 -10.45
CA PHE B 592 -26.43 5.13 -11.19
C PHE B 592 -26.57 3.67 -11.59
N GLY B 593 -26.12 3.36 -12.79
CA GLY B 593 -26.09 1.99 -13.26
C GLY B 593 -25.47 1.91 -14.66
N GLY B 594 -25.24 0.70 -15.14
CA GLY B 594 -24.65 0.52 -16.44
C GLY B 594 -25.66 0.76 -17.55
N VAL B 595 -25.16 0.99 -18.76
CA VAL B 595 -26.01 1.16 -19.92
C VAL B 595 -25.73 0.03 -20.90
N SER B 596 -26.77 -0.70 -21.27
CA SER B 596 -26.61 -1.84 -22.16
C SER B 596 -27.24 -1.60 -23.53
N VAL B 597 -26.53 -2.03 -24.56
CA VAL B 597 -27.01 -1.91 -25.92
C VAL B 597 -27.54 -3.24 -26.42
N ILE B 598 -28.79 -3.23 -26.84
CA ILE B 598 -29.47 -4.43 -27.31
C ILE B 598 -29.54 -4.45 -28.81
N THR B 599 -28.89 -5.43 -29.43
CA THR B 599 -28.80 -5.45 -30.87
C THR B 599 -29.19 -6.80 -31.47
N PRO B 600 -29.96 -6.78 -32.57
CA PRO B 600 -30.22 -7.90 -33.47
C PRO B 600 -28.94 -8.45 -34.06
N GLY B 601 -27.90 -7.62 -34.07
CA GLY B 601 -26.62 -7.97 -34.64
C GLY B 601 -26.45 -7.26 -35.99
N THR B 602 -25.21 -6.88 -36.29
CA THR B 602 -24.91 -6.13 -37.52
C THR B 602 -25.07 -6.96 -38.80
N ASN B 603 -25.32 -8.27 -38.63
CA ASN B 603 -25.63 -9.18 -39.73
C ASN B 603 -27.04 -8.92 -40.29
N THR B 604 -27.92 -8.30 -39.47
CA THR B 604 -29.31 -8.05 -39.85
C THR B 604 -29.62 -6.56 -39.90
N SER B 605 -29.29 -5.83 -38.83
CA SER B 605 -29.65 -4.42 -38.74
C SER B 605 -28.59 -3.58 -38.05
N ASN B 606 -28.67 -2.27 -38.24
CA ASN B 606 -27.79 -1.34 -37.55
C ASN B 606 -28.56 -0.45 -36.58
N GLN B 607 -29.71 -0.93 -36.12
CA GLN B 607 -30.48 -0.21 -35.10
C GLN B 607 -30.40 -0.95 -33.78
N VAL B 608 -30.35 -0.21 -32.69
CA VAL B 608 -30.25 -0.81 -31.36
C VAL B 608 -31.20 -0.17 -30.37
N ALA B 609 -31.48 -0.88 -29.28
CA ALA B 609 -32.22 -0.33 -28.16
C ALA B 609 -31.27 -0.14 -26.98
N VAL B 610 -31.52 0.87 -26.16
CA VAL B 610 -30.63 1.13 -25.05
C VAL B 610 -31.32 1.02 -23.69
N LEU B 611 -30.73 0.22 -22.81
CA LEU B 611 -31.25 -0.01 -21.47
C LEU B 611 -30.45 0.70 -20.40
N TYR B 612 -31.13 1.47 -19.56
CA TYR B 612 -30.48 2.14 -18.44
C TYR B 612 -30.80 1.41 -17.13
N GLN B 613 -29.81 0.71 -16.60
CA GLN B 613 -30.04 -0.21 -15.48
C GLN B 613 -30.42 0.53 -14.21
N ASP B 614 -31.54 0.11 -13.63
CA ASP B 614 -32.03 0.69 -12.38
C ASP B 614 -32.21 2.21 -12.46
N VAL B 615 -32.64 2.70 -13.60
CA VAL B 615 -32.89 4.13 -13.79
C VAL B 615 -34.35 4.39 -14.15
N ASN B 616 -34.93 5.48 -13.64
CA ASN B 616 -36.27 5.91 -14.00
C ASN B 616 -36.26 6.59 -15.37
N CYS B 617 -37.30 6.35 -16.17
CA CYS B 617 -37.38 6.95 -17.52
C CYS B 617 -37.58 8.46 -17.47
N THR B 618 -37.83 8.99 -16.29
CA THR B 618 -38.03 10.42 -16.12
C THR B 618 -36.71 11.16 -15.89
N GLU B 619 -35.64 10.42 -15.60
CA GLU B 619 -34.37 11.03 -15.26
C GLU B 619 -33.24 10.67 -16.23
N VAL B 620 -33.56 9.88 -17.25
CA VAL B 620 -32.55 9.45 -18.22
C VAL B 620 -31.91 10.61 -19.03
N PRO B 621 -32.68 11.58 -19.58
CA PRO B 621 -32.19 12.70 -20.37
C PRO B 621 -31.09 13.48 -19.64
N ASN B 641 -40.83 6.51 -27.76
CA ASN B 641 -40.77 5.07 -27.74
C ASN B 641 -39.97 4.58 -26.51
N VAL B 642 -40.51 4.86 -25.32
CA VAL B 642 -39.85 4.57 -24.04
C VAL B 642 -40.68 3.64 -23.17
N PHE B 643 -40.06 2.55 -22.75
CA PHE B 643 -40.71 1.53 -21.92
C PHE B 643 -40.04 1.39 -20.57
N GLN B 644 -40.81 1.57 -19.50
CA GLN B 644 -40.27 1.42 -18.16
C GLN B 644 -40.48 0.01 -17.65
N THR B 645 -39.39 -0.65 -17.30
CA THR B 645 -39.47 -2.00 -16.74
C THR B 645 -38.71 -2.09 -15.42
N ARG B 646 -38.65 -3.29 -14.87
CA ARG B 646 -38.03 -3.52 -13.58
C ARG B 646 -36.51 -3.55 -13.66
N ALA B 647 -35.99 -3.94 -14.82
CA ALA B 647 -34.55 -3.99 -15.02
C ALA B 647 -33.97 -2.60 -15.23
N GLY B 648 -34.82 -1.66 -15.62
CA GLY B 648 -34.36 -0.31 -15.94
C GLY B 648 -35.27 0.34 -16.99
N CYS B 649 -34.79 1.44 -17.58
CA CYS B 649 -35.54 2.15 -18.62
C CYS B 649 -35.06 1.72 -19.99
N LEU B 650 -35.97 1.18 -20.79
CA LEU B 650 -35.62 0.68 -22.12
C LEU B 650 -36.09 1.64 -23.20
N ILE B 651 -35.15 2.21 -23.94
CA ILE B 651 -35.46 3.22 -24.94
C ILE B 651 -35.16 2.75 -26.36
N GLY B 652 -36.15 2.83 -27.24
CA GLY B 652 -35.98 2.47 -28.63
C GLY B 652 -36.71 1.18 -28.99
N ALA B 653 -37.07 0.40 -27.98
CA ALA B 653 -37.82 -0.83 -28.21
C ALA B 653 -39.31 -0.58 -28.01
N GLU B 654 -40.13 -1.19 -28.85
CA GLU B 654 -41.57 -1.05 -28.73
C GLU B 654 -42.19 -2.19 -27.95
N HIS B 655 -42.82 -1.87 -26.83
CA HIS B 655 -43.44 -2.90 -26.01
C HIS B 655 -44.76 -3.38 -26.61
N VAL B 656 -44.95 -4.69 -26.61
CA VAL B 656 -46.19 -5.29 -27.11
C VAL B 656 -46.79 -6.25 -26.09
N ASN B 657 -48.08 -6.56 -26.26
CA ASN B 657 -48.81 -7.47 -25.36
C ASN B 657 -48.65 -8.94 -25.75
N ASN B 658 -47.95 -9.22 -26.85
CA ASN B 658 -47.75 -10.57 -27.36
C ASN B 658 -46.53 -11.21 -26.72
N SER B 659 -46.72 -12.37 -26.09
CA SER B 659 -45.62 -13.08 -25.47
C SER B 659 -44.95 -14.02 -26.46
N TYR B 660 -43.64 -14.06 -26.44
CA TYR B 660 -42.87 -14.91 -27.35
C TYR B 660 -41.80 -15.68 -26.59
N GLU B 661 -41.29 -16.74 -27.20
CA GLU B 661 -40.12 -17.41 -26.67
C GLU B 661 -39.00 -16.37 -26.56
N CYS B 662 -38.29 -16.37 -25.41
CA CYS B 662 -37.26 -15.37 -25.14
C CYS B 662 -36.15 -15.41 -26.20
N ASP B 663 -35.79 -14.24 -26.70
CA ASP B 663 -34.76 -14.12 -27.72
C ASP B 663 -33.52 -13.46 -27.11
N ILE B 664 -33.54 -12.14 -26.95
CA ILE B 664 -32.45 -11.47 -26.23
C ILE B 664 -32.93 -11.03 -24.85
N PRO B 665 -32.50 -11.70 -23.78
CA PRO B 665 -32.99 -11.53 -22.44
C PRO B 665 -32.57 -10.19 -21.86
N ILE B 666 -33.49 -9.54 -21.15
CA ILE B 666 -33.18 -8.31 -20.43
C ILE B 666 -33.15 -8.54 -18.93
N GLY B 667 -34.20 -9.17 -18.43
CA GLY B 667 -34.31 -9.44 -17.00
C GLY B 667 -35.72 -9.19 -16.50
N ALA B 668 -36.04 -9.77 -15.34
CA ALA B 668 -37.34 -9.59 -14.70
C ALA B 668 -38.50 -10.02 -15.61
N GLY B 669 -38.29 -11.10 -16.35
CA GLY B 669 -39.34 -11.65 -17.20
C GLY B 669 -39.44 -10.99 -18.57
N ILE B 670 -38.62 -9.98 -18.81
CA ILE B 670 -38.67 -9.24 -20.08
C ILE B 670 -37.53 -9.63 -21.02
N CYS B 671 -37.88 -9.86 -22.29
CA CYS B 671 -36.93 -10.14 -23.37
C CYS B 671 -37.21 -9.21 -24.55
N ALA B 672 -36.21 -9.04 -25.41
CA ALA B 672 -36.36 -8.23 -26.61
C ALA B 672 -36.13 -9.07 -27.87
N SER B 673 -36.72 -8.64 -28.97
CA SER B 673 -36.54 -9.36 -30.23
C SER B 673 -36.71 -8.43 -31.43
N TYR B 674 -36.16 -8.84 -32.57
CA TYR B 674 -36.29 -8.07 -33.80
C TYR B 674 -37.40 -8.63 -34.67
N GLN B 675 -38.45 -7.84 -34.88
CA GLN B 675 -39.63 -8.32 -35.57
C GLN B 675 -40.11 -7.35 -36.66
N THR B 676 -40.79 -7.89 -37.68
CA THR B 676 -41.34 -7.11 -38.78
C THR B 676 -42.72 -6.56 -38.39
N GLN B 690 -39.33 -2.71 -39.91
CA GLN B 690 -38.82 -3.63 -38.91
C GLN B 690 -38.23 -2.84 -37.73
N SER B 691 -38.41 -3.36 -36.52
CA SER B 691 -37.94 -2.70 -35.29
C SER B 691 -37.74 -3.69 -34.15
N ILE B 692 -37.12 -3.19 -33.08
CA ILE B 692 -36.92 -3.98 -31.87
C ILE B 692 -38.13 -3.85 -30.95
N ILE B 693 -38.59 -4.98 -30.42
CA ILE B 693 -39.74 -4.98 -29.53
C ILE B 693 -39.39 -5.54 -28.17
N ALA B 694 -40.21 -5.20 -27.18
CA ALA B 694 -40.05 -5.74 -25.83
C ALA B 694 -41.33 -6.46 -25.41
N TYR B 695 -41.17 -7.57 -24.72
CA TYR B 695 -42.32 -8.37 -24.30
C TYR B 695 -42.01 -9.21 -23.08
N THR B 696 -43.06 -9.68 -22.41
CA THR B 696 -42.88 -10.66 -21.35
C THR B 696 -42.73 -12.04 -21.97
N MET B 697 -41.68 -12.75 -21.57
CA MET B 697 -41.38 -14.04 -22.20
C MET B 697 -42.43 -15.09 -21.89
N SER B 698 -42.68 -15.94 -22.87
CA SER B 698 -43.58 -17.07 -22.70
C SER B 698 -42.82 -18.26 -22.13
N LEU B 699 -43.49 -19.06 -21.32
CA LEU B 699 -42.84 -20.23 -20.76
C LEU B 699 -43.11 -21.46 -21.59
N GLY B 700 -44.29 -21.50 -22.21
CA GLY B 700 -44.69 -22.65 -23.00
C GLY B 700 -46.19 -22.63 -23.25
N ALA B 701 -46.66 -23.53 -24.11
CA ALA B 701 -48.07 -23.63 -24.41
C ALA B 701 -48.81 -24.26 -23.25
N GLU B 702 -50.06 -23.86 -23.04
CA GLU B 702 -50.89 -24.48 -22.02
C GLU B 702 -51.47 -25.79 -22.54
N ASN B 703 -51.52 -26.79 -21.67
CA ASN B 703 -52.11 -28.07 -22.03
C ASN B 703 -52.79 -28.73 -20.83
N SER B 704 -54.12 -28.67 -20.81
CA SER B 704 -54.86 -29.30 -19.72
C SER B 704 -54.86 -30.82 -19.91
N VAL B 705 -55.12 -31.54 -18.84
CA VAL B 705 -55.20 -32.99 -18.91
C VAL B 705 -56.58 -33.45 -18.51
N ALA B 706 -57.19 -34.31 -19.32
CA ALA B 706 -58.54 -34.78 -19.07
C ALA B 706 -58.54 -35.85 -17.99
N TYR B 707 -58.18 -35.45 -16.78
CA TYR B 707 -58.11 -36.36 -15.65
C TYR B 707 -59.49 -36.74 -15.15
N SER B 708 -59.65 -38.01 -14.85
CA SER B 708 -60.85 -38.54 -14.21
C SER B 708 -60.46 -39.82 -13.47
N ASN B 709 -61.36 -40.33 -12.63
CA ASN B 709 -61.06 -41.48 -11.79
C ASN B 709 -61.23 -42.82 -12.52
N ASN B 710 -61.64 -42.80 -13.79
CA ASN B 710 -61.86 -44.03 -14.57
C ASN B 710 -61.48 -43.89 -16.04
N SER B 711 -60.52 -43.03 -16.36
CA SER B 711 -60.12 -42.85 -17.76
C SER B 711 -58.61 -42.88 -17.93
N ILE B 712 -58.14 -43.75 -18.81
CA ILE B 712 -56.71 -43.89 -19.07
C ILE B 712 -56.40 -43.72 -20.55
N ALA B 713 -55.31 -43.03 -20.85
CA ALA B 713 -54.89 -42.89 -22.24
C ALA B 713 -53.74 -43.84 -22.55
N ILE B 714 -53.91 -44.61 -23.62
CA ILE B 714 -52.91 -45.60 -24.01
C ILE B 714 -52.52 -45.44 -25.47
N PRO B 715 -51.22 -45.31 -25.79
CA PRO B 715 -50.67 -45.14 -27.12
C PRO B 715 -50.90 -46.39 -27.96
N THR B 716 -51.38 -46.18 -29.18
CA THR B 716 -51.60 -47.26 -30.13
C THR B 716 -50.49 -47.35 -31.19
N ASN B 717 -49.58 -46.37 -31.19
CA ASN B 717 -48.48 -46.23 -32.13
C ASN B 717 -47.34 -45.50 -31.50
N PHE B 718 -46.16 -45.52 -32.13
CA PHE B 718 -44.95 -44.92 -31.57
C PHE B 718 -44.01 -44.44 -32.66
N THR B 719 -43.06 -43.59 -32.26
CA THR B 719 -42.01 -43.14 -33.15
C THR B 719 -40.62 -43.36 -32.54
N ILE B 720 -39.72 -43.92 -33.32
CA ILE B 720 -38.32 -44.01 -32.92
C ILE B 720 -37.62 -42.73 -33.36
N SER B 721 -36.99 -42.06 -32.42
CA SER B 721 -36.35 -40.78 -32.73
C SER B 721 -34.92 -40.75 -32.23
N VAL B 722 -34.10 -39.89 -32.82
CA VAL B 722 -32.72 -39.77 -32.42
C VAL B 722 -32.35 -38.34 -32.08
N THR B 723 -31.76 -38.14 -30.91
CA THR B 723 -31.34 -36.81 -30.49
C THR B 723 -29.84 -36.75 -30.35
N THR B 724 -29.27 -35.56 -30.46
CA THR B 724 -27.82 -35.40 -30.39
C THR B 724 -27.40 -34.62 -29.15
N GLU B 725 -26.49 -35.20 -28.38
CA GLU B 725 -25.94 -34.54 -27.20
C GLU B 725 -24.43 -34.31 -27.35
N ILE B 726 -24.00 -33.08 -27.10
CA ILE B 726 -22.59 -32.73 -27.28
C ILE B 726 -21.94 -32.36 -25.96
N LEU B 727 -20.80 -32.97 -25.66
CA LEU B 727 -20.03 -32.63 -24.46
C LEU B 727 -18.56 -32.37 -24.80
N PRO B 728 -17.93 -31.37 -24.19
CA PRO B 728 -16.51 -31.11 -24.22
C PRO B 728 -15.79 -32.12 -23.33
N VAL B 729 -14.59 -32.52 -23.73
CA VAL B 729 -13.80 -33.45 -22.92
C VAL B 729 -12.46 -32.86 -22.52
N SER B 730 -11.81 -32.11 -23.41
CA SER B 730 -10.46 -31.66 -23.13
C SER B 730 -10.14 -30.29 -23.73
N MET B 731 -9.07 -29.68 -23.23
CA MET B 731 -8.57 -28.40 -23.72
C MET B 731 -7.24 -28.56 -24.42
N THR B 732 -6.83 -27.51 -25.13
CA THR B 732 -5.49 -27.45 -25.71
C THR B 732 -4.45 -27.35 -24.60
N LYS B 733 -3.40 -28.16 -24.69
CA LYS B 733 -2.37 -28.20 -23.67
C LYS B 733 -1.34 -27.09 -23.85
N THR B 734 -1.72 -25.87 -23.46
CA THR B 734 -0.83 -24.73 -23.58
C THR B 734 0.03 -24.57 -22.33
N SER B 735 1.31 -24.27 -22.53
CA SER B 735 2.25 -24.10 -21.43
C SER B 735 3.00 -22.79 -21.54
N VAL B 736 3.11 -22.06 -20.42
CA VAL B 736 3.79 -20.78 -20.39
C VAL B 736 4.97 -20.85 -19.41
N ASP B 737 6.19 -20.70 -19.90
CA ASP B 737 7.36 -20.92 -19.05
C ASP B 737 7.82 -19.70 -18.27
N CYS B 738 6.91 -19.14 -17.43
CA CYS B 738 7.13 -18.07 -16.50
C CYS B 738 8.32 -17.14 -16.89
N THR B 739 9.51 -17.51 -16.45
CA THR B 739 10.71 -16.64 -16.65
C THR B 739 10.81 -16.16 -18.08
N MET B 740 10.66 -17.06 -19.04
CA MET B 740 10.90 -16.71 -20.43
C MET B 740 9.78 -15.85 -21.01
N TYR B 741 8.76 -15.62 -20.17
CA TYR B 741 7.64 -14.73 -20.56
C TYR B 741 7.87 -13.39 -19.87
N ILE B 742 8.04 -13.41 -18.55
CA ILE B 742 8.21 -12.13 -17.79
C ILE B 742 9.50 -11.43 -18.22
N CYS B 743 10.60 -12.17 -18.34
CA CYS B 743 11.90 -11.55 -18.71
C CYS B 743 12.64 -12.40 -19.75
N GLY B 744 12.18 -12.44 -20.99
CA GLY B 744 12.81 -13.37 -21.95
C GLY B 744 14.23 -12.98 -22.31
N ASP B 745 15.15 -13.95 -22.38
CA ASP B 745 16.52 -13.66 -22.89
C ASP B 745 17.20 -12.52 -22.13
N SER B 746 17.05 -12.45 -20.81
CA SER B 746 17.62 -11.28 -20.07
C SER B 746 18.20 -11.74 -18.74
N THR B 747 19.53 -11.85 -18.64
CA THR B 747 20.16 -12.25 -17.39
C THR B 747 19.92 -11.23 -16.28
N GLU B 748 19.99 -9.95 -16.63
CA GLU B 748 19.84 -8.88 -15.65
C GLU B 748 18.50 -8.94 -14.92
N CYS B 749 17.46 -9.34 -15.65
CA CYS B 749 16.14 -9.45 -14.99
C CYS B 749 16.02 -10.80 -14.30
N SER B 750 16.48 -11.88 -14.94
CA SER B 750 16.36 -13.20 -14.34
C SER B 750 16.89 -13.18 -12.91
N ASN B 751 17.97 -12.43 -12.70
CA ASN B 751 18.61 -12.32 -11.39
C ASN B 751 17.72 -11.58 -10.38
N LEU B 752 16.73 -10.84 -10.87
CA LEU B 752 15.80 -10.14 -10.00
C LEU B 752 14.55 -10.97 -9.78
N LEU B 753 14.16 -11.71 -10.80
CA LEU B 753 12.95 -12.52 -10.73
C LEU B 753 13.06 -13.58 -9.66
N LEU B 754 14.25 -14.15 -9.49
CA LEU B 754 14.48 -15.21 -8.52
C LEU B 754 14.34 -14.71 -7.08
N GLN B 755 14.33 -13.39 -6.89
CA GLN B 755 14.22 -12.82 -5.57
C GLN B 755 12.81 -12.99 -5.03
N TYR B 756 11.89 -13.41 -5.90
CA TYR B 756 10.51 -13.61 -5.52
C TYR B 756 10.26 -15.05 -5.10
N GLY B 757 11.32 -15.84 -5.03
CA GLY B 757 11.20 -17.21 -4.55
C GLY B 757 10.77 -18.18 -5.64
N SER B 758 9.81 -19.02 -5.31
CA SER B 758 9.43 -20.16 -6.14
C SER B 758 8.18 -19.92 -6.97
N PHE B 759 7.78 -18.66 -7.13
CA PHE B 759 6.55 -18.38 -7.87
C PHE B 759 6.53 -19.01 -9.26
N CYS B 760 7.65 -18.96 -10.00
CA CYS B 760 7.73 -19.58 -11.33
C CYS B 760 7.58 -21.09 -11.26
N THR B 761 8.12 -21.69 -10.21
CA THR B 761 8.01 -23.13 -10.06
C THR B 761 6.55 -23.51 -9.85
N GLN B 762 5.86 -22.74 -9.01
CA GLN B 762 4.46 -22.99 -8.70
C GLN B 762 3.58 -22.84 -9.94
N LEU B 763 3.85 -21.81 -10.73
CA LEU B 763 3.06 -21.54 -11.93
C LEU B 763 3.30 -22.58 -13.01
N ASN B 764 4.56 -23.00 -13.14
CA ASN B 764 4.91 -23.99 -14.15
C ASN B 764 4.27 -25.34 -13.81
N ARG B 765 4.25 -25.68 -12.52
CA ARG B 765 3.66 -26.94 -12.10
C ARG B 765 2.14 -26.92 -12.29
N ALA B 766 1.51 -25.78 -12.02
CA ALA B 766 0.07 -25.68 -12.17
C ALA B 766 -0.36 -25.93 -13.61
N LEU B 767 0.36 -25.34 -14.55
CA LEU B 767 0.03 -25.51 -15.96
C LEU B 767 0.38 -26.91 -16.45
N THR B 768 1.47 -27.47 -15.94
CA THR B 768 1.85 -28.83 -16.30
C THR B 768 0.79 -29.81 -15.85
N GLY B 769 0.29 -29.62 -14.63
CA GLY B 769 -0.74 -30.49 -14.07
C GLY B 769 -2.00 -30.47 -14.93
N ILE B 770 -2.38 -29.28 -15.41
CA ILE B 770 -3.54 -29.18 -16.28
C ILE B 770 -3.30 -29.96 -17.56
N ALA B 771 -2.13 -29.76 -18.17
CA ALA B 771 -1.81 -30.40 -19.43
C ALA B 771 -1.92 -31.92 -19.32
N VAL B 772 -1.44 -32.49 -18.23
CA VAL B 772 -1.53 -33.93 -18.04
C VAL B 772 -2.97 -34.38 -17.89
N GLU B 773 -3.74 -33.62 -17.11
CA GLU B 773 -5.13 -33.91 -16.86
C GLU B 773 -5.93 -34.02 -18.16
N GLN B 774 -5.57 -33.22 -19.16
CA GLN B 774 -6.31 -33.22 -20.42
C GLN B 774 -6.21 -34.57 -21.14
N ASP B 775 -5.10 -35.27 -20.96
CA ASP B 775 -4.95 -36.59 -21.59
C ASP B 775 -5.71 -37.62 -20.80
N LYS B 776 -5.72 -37.45 -19.48
CA LYS B 776 -6.49 -38.34 -18.63
C LYS B 776 -7.96 -38.28 -18.97
N ASN B 777 -8.46 -37.08 -19.22
CA ASN B 777 -9.87 -36.88 -19.54
C ASN B 777 -10.25 -37.63 -20.80
N THR B 778 -9.41 -37.51 -21.83
CA THR B 778 -9.70 -38.18 -23.09
C THR B 778 -9.63 -39.69 -22.93
N GLN B 779 -8.64 -40.16 -22.18
CA GLN B 779 -8.45 -41.59 -21.98
C GLN B 779 -9.65 -42.21 -21.27
N GLU B 780 -10.13 -41.55 -20.22
CA GLU B 780 -11.24 -42.08 -19.43
C GLU B 780 -12.56 -42.10 -20.20
N VAL B 781 -12.74 -41.14 -21.10
CA VAL B 781 -13.98 -41.09 -21.86
C VAL B 781 -14.03 -42.14 -22.97
N PHE B 782 -12.97 -42.22 -23.78
CA PHE B 782 -13.03 -43.05 -24.97
C PHE B 782 -12.54 -44.48 -24.79
N ALA B 783 -11.55 -44.70 -23.92
CA ALA B 783 -10.96 -46.03 -23.81
C ALA B 783 -11.76 -46.94 -22.87
N GLN B 784 -12.97 -47.28 -23.28
CA GLN B 784 -13.85 -48.15 -22.48
C GLN B 784 -13.68 -49.61 -22.86
N VAL B 785 -12.90 -49.87 -23.90
CA VAL B 785 -12.74 -51.21 -24.42
C VAL B 785 -11.33 -51.73 -24.22
N LYS B 786 -11.21 -53.01 -23.91
CA LYS B 786 -9.91 -53.63 -23.73
C LYS B 786 -9.39 -54.18 -25.05
N GLN B 787 -10.28 -54.23 -26.04
CA GLN B 787 -9.94 -54.72 -27.37
C GLN B 787 -10.71 -53.96 -28.44
N ILE B 788 -10.17 -53.91 -29.64
CA ILE B 788 -10.79 -53.20 -30.75
C ILE B 788 -11.63 -54.14 -31.59
N TYR B 789 -12.92 -53.87 -31.66
CA TYR B 789 -13.84 -54.72 -32.42
C TYR B 789 -14.06 -54.15 -33.81
N LYS B 790 -14.16 -55.04 -34.79
CA LYS B 790 -14.49 -54.63 -36.15
C LYS B 790 -15.86 -55.15 -36.57
N THR B 791 -16.45 -54.47 -37.54
CA THR B 791 -17.75 -54.89 -38.06
C THR B 791 -17.58 -55.99 -39.12
N PRO B 792 -18.63 -56.75 -39.43
CA PRO B 792 -18.71 -57.71 -40.50
C PRO B 792 -18.51 -57.03 -41.86
N PRO B 793 -17.99 -57.76 -42.84
CA PRO B 793 -17.83 -57.36 -44.23
C PRO B 793 -19.17 -57.23 -44.93
N ILE B 794 -20.18 -57.89 -44.37
CA ILE B 794 -21.52 -57.84 -44.91
C ILE B 794 -22.46 -57.16 -43.93
N LYS B 795 -22.84 -55.93 -44.22
CA LYS B 795 -23.61 -55.13 -43.30
C LYS B 795 -25.11 -55.40 -43.40
N ASP B 796 -25.51 -56.59 -43.01
CA ASP B 796 -26.92 -56.96 -42.97
C ASP B 796 -27.42 -57.04 -41.54
N PHE B 797 -28.13 -56.01 -41.11
CA PHE B 797 -28.56 -55.92 -39.73
C PHE B 797 -30.08 -55.95 -39.63
N GLY B 798 -30.74 -56.55 -40.62
CA GLY B 798 -32.19 -56.70 -40.58
C GLY B 798 -32.95 -55.45 -41.03
N GLY B 799 -32.30 -54.62 -41.85
CA GLY B 799 -32.94 -53.41 -42.36
C GLY B 799 -32.42 -52.15 -41.69
N PHE B 800 -31.63 -52.31 -40.63
CA PHE B 800 -31.07 -51.17 -39.92
C PHE B 800 -29.77 -50.71 -40.59
N ASN B 801 -29.77 -49.46 -41.07
CA ASN B 801 -28.68 -48.86 -41.82
C ASN B 801 -27.78 -48.01 -40.93
N PHE B 802 -26.55 -48.49 -40.68
CA PHE B 802 -25.59 -47.82 -39.80
C PHE B 802 -24.46 -47.16 -40.59
N SER B 803 -24.59 -47.12 -41.91
CA SER B 803 -23.49 -46.61 -42.75
C SER B 803 -23.23 -45.14 -42.49
N GLN B 804 -24.22 -44.46 -41.93
CA GLN B 804 -24.12 -43.05 -41.61
C GLN B 804 -23.20 -42.80 -40.42
N ILE B 805 -23.15 -43.75 -39.49
CA ILE B 805 -22.41 -43.60 -38.24
C ILE B 805 -21.09 -44.38 -38.23
N LEU B 806 -20.99 -45.40 -39.07
CA LEU B 806 -19.78 -46.20 -39.16
C LEU B 806 -18.76 -45.54 -40.08
N PRO B 807 -17.46 -45.81 -39.89
CA PRO B 807 -16.34 -45.30 -40.67
C PRO B 807 -16.52 -45.49 -42.17
N ASP B 808 -16.21 -44.45 -42.93
CA ASP B 808 -16.27 -44.48 -44.39
C ASP B 808 -14.92 -44.92 -44.97
N PRO B 809 -14.85 -46.12 -45.55
CA PRO B 809 -13.63 -46.79 -45.99
C PRO B 809 -12.96 -46.08 -47.16
N SER B 810 -13.68 -45.17 -47.81
CA SER B 810 -13.14 -44.47 -48.96
C SER B 810 -12.37 -43.21 -48.55
N LYS B 811 -12.42 -42.87 -47.26
CA LYS B 811 -11.77 -41.67 -46.77
C LYS B 811 -10.46 -42.02 -46.06
N PRO B 812 -9.37 -41.30 -46.35
CA PRO B 812 -8.06 -41.39 -45.70
C PRO B 812 -8.14 -41.24 -44.18
N SER B 813 -9.14 -40.50 -43.70
CA SER B 813 -9.29 -40.25 -42.27
C SER B 813 -9.96 -41.40 -41.53
N LYS B 814 -10.57 -42.32 -42.27
CA LYS B 814 -11.28 -43.45 -41.68
C LYS B 814 -12.32 -43.03 -40.65
N ARG B 815 -13.12 -42.02 -41.00
CA ARG B 815 -14.16 -41.52 -40.11
C ARG B 815 -15.53 -41.64 -40.74
N SER B 816 -16.56 -41.64 -39.91
CA SER B 816 -17.92 -41.71 -40.42
C SER B 816 -18.30 -40.41 -41.11
N PRO B 817 -19.31 -40.44 -41.99
CA PRO B 817 -19.92 -39.30 -42.64
C PRO B 817 -20.33 -38.20 -41.65
N ILE B 818 -20.81 -38.59 -40.47
CA ILE B 818 -21.19 -37.60 -39.48
C ILE B 818 -19.97 -36.98 -38.84
N GLU B 819 -18.99 -37.80 -38.51
CA GLU B 819 -17.77 -37.28 -37.92
C GLU B 819 -17.06 -36.32 -38.87
N ASP B 820 -17.06 -36.63 -40.16
CA ASP B 820 -16.48 -35.72 -41.14
C ASP B 820 -17.15 -34.37 -41.09
N LEU B 821 -18.46 -34.36 -40.86
CA LEU B 821 -19.18 -33.10 -40.76
C LEU B 821 -18.83 -32.37 -39.47
N LEU B 822 -18.77 -33.10 -38.35
CA LEU B 822 -18.49 -32.50 -37.06
C LEU B 822 -17.12 -31.82 -37.04
N PHE B 823 -16.14 -32.47 -37.67
CA PHE B 823 -14.77 -31.97 -37.67
C PHE B 823 -14.55 -30.79 -38.60
N ASN B 824 -15.59 -30.39 -39.32
CA ASN B 824 -15.50 -29.23 -40.19
C ASN B 824 -16.28 -28.04 -39.64
N LYS B 825 -16.79 -28.16 -38.42
CA LYS B 825 -17.59 -27.09 -37.83
C LYS B 825 -16.85 -26.32 -36.74
N VAL B 826 -15.90 -26.97 -36.07
CA VAL B 826 -15.17 -26.32 -35.00
C VAL B 826 -13.92 -25.63 -35.55
N THR B 827 -13.75 -24.35 -35.23
CA THR B 827 -12.64 -23.53 -35.72
C THR B 827 -11.52 -23.51 -34.68
N ASN B 856 7.64 -16.32 -27.33
CA ASN B 856 7.60 -15.47 -26.13
C ASN B 856 7.27 -16.27 -24.86
N GLY B 857 7.82 -17.49 -24.77
CA GLY B 857 7.64 -18.36 -23.60
C GLY B 857 6.39 -19.21 -23.70
N LEU B 858 5.69 -19.12 -24.82
CA LEU B 858 4.45 -19.84 -25.02
C LEU B 858 4.59 -20.97 -26.02
N THR B 859 4.24 -22.18 -25.59
CA THR B 859 4.28 -23.35 -26.46
C THR B 859 3.03 -24.21 -26.29
N VAL B 860 2.76 -25.06 -27.26
CA VAL B 860 1.62 -25.98 -27.19
C VAL B 860 2.06 -27.42 -27.38
N LEU B 861 1.62 -28.29 -26.48
CA LEU B 861 1.94 -29.70 -26.56
C LEU B 861 0.81 -30.48 -27.22
N PRO B 862 1.12 -31.48 -28.04
CA PRO B 862 0.18 -32.38 -28.68
C PRO B 862 -0.38 -33.37 -27.67
N PRO B 863 -1.59 -33.88 -27.91
CA PRO B 863 -2.28 -34.92 -27.15
C PRO B 863 -1.63 -36.26 -27.40
N LEU B 864 -1.76 -37.17 -26.44
CA LEU B 864 -1.26 -38.53 -26.64
C LEU B 864 -2.07 -39.27 -27.68
N LEU B 865 -3.39 -39.12 -27.61
CA LEU B 865 -4.26 -39.79 -28.57
C LEU B 865 -4.66 -38.84 -29.68
N THR B 866 -4.22 -39.14 -30.89
CA THR B 866 -4.53 -38.31 -32.04
C THR B 866 -5.95 -38.57 -32.50
N ASP B 867 -6.47 -37.71 -33.36
CA ASP B 867 -7.86 -37.85 -33.82
C ASP B 867 -8.11 -39.20 -34.48
N GLU B 868 -7.11 -39.71 -35.20
CA GLU B 868 -7.22 -41.00 -35.86
C GLU B 868 -7.36 -42.12 -34.83
N MET B 869 -6.65 -42.00 -33.73
CA MET B 869 -6.67 -43.01 -32.67
C MET B 869 -8.00 -42.98 -31.92
N ILE B 870 -8.56 -41.77 -31.76
CA ILE B 870 -9.87 -41.65 -31.13
C ILE B 870 -10.92 -42.28 -32.03
N ALA B 871 -10.79 -42.07 -33.33
CA ALA B 871 -11.72 -42.66 -34.29
C ALA B 871 -11.71 -44.18 -34.17
N GLN B 872 -10.55 -44.78 -33.91
CA GLN B 872 -10.48 -46.21 -33.74
C GLN B 872 -11.20 -46.68 -32.48
N TYR B 873 -11.05 -45.93 -31.39
CA TYR B 873 -11.77 -46.28 -30.16
C TYR B 873 -13.28 -46.19 -30.39
N THR B 874 -13.71 -45.16 -31.10
CA THR B 874 -15.13 -44.97 -31.34
C THR B 874 -15.70 -46.09 -32.19
N SER B 875 -14.97 -46.50 -33.24
CA SER B 875 -15.45 -47.57 -34.10
C SER B 875 -15.54 -48.89 -33.36
N ALA B 876 -14.64 -49.09 -32.39
CA ALA B 876 -14.67 -50.31 -31.58
C ALA B 876 -15.95 -50.38 -30.77
N LEU B 877 -16.37 -49.23 -30.24
CA LEU B 877 -17.59 -49.15 -29.46
C LEU B 877 -18.81 -49.38 -30.32
N LEU B 878 -18.78 -48.82 -31.53
CA LEU B 878 -19.91 -48.99 -32.45
C LEU B 878 -20.02 -50.43 -32.92
N ALA B 879 -18.89 -51.04 -33.24
CA ALA B 879 -18.90 -52.43 -33.69
C ALA B 879 -19.40 -53.33 -32.59
N GLY B 880 -18.96 -53.08 -31.36
CA GLY B 880 -19.41 -53.87 -30.22
C GLY B 880 -20.90 -53.71 -29.99
N THR B 881 -21.35 -52.46 -29.97
CA THR B 881 -22.76 -52.16 -29.71
C THR B 881 -23.68 -52.84 -30.69
N ILE B 882 -23.31 -52.81 -31.97
CA ILE B 882 -24.15 -53.38 -33.01
C ILE B 882 -24.17 -54.91 -33.01
N THR B 883 -23.01 -55.54 -32.86
CA THR B 883 -22.95 -56.99 -33.00
C THR B 883 -23.06 -57.81 -31.72
N SER B 884 -22.78 -57.21 -30.56
CA SER B 884 -22.80 -57.98 -29.32
C SER B 884 -23.60 -57.32 -28.21
N GLY B 885 -24.35 -56.27 -28.55
CA GLY B 885 -25.17 -55.59 -27.57
C GLY B 885 -24.35 -55.03 -26.43
N TRP B 886 -24.74 -55.32 -25.20
CA TRP B 886 -24.01 -54.82 -24.03
C TRP B 886 -23.10 -55.88 -23.42
N THR B 887 -23.05 -57.07 -24.01
CA THR B 887 -22.34 -58.16 -23.38
C THR B 887 -20.84 -57.88 -23.35
N PHE B 888 -20.36 -57.17 -24.36
CA PHE B 888 -18.94 -56.84 -24.45
C PHE B 888 -18.54 -55.81 -23.41
N GLY B 889 -19.53 -55.11 -22.88
CA GLY B 889 -19.27 -54.09 -21.87
C GLY B 889 -19.12 -54.72 -20.49
N ALA B 890 -19.87 -55.81 -20.27
CA ALA B 890 -19.88 -56.49 -18.98
C ALA B 890 -19.15 -57.83 -19.03
N GLY B 891 -18.43 -58.09 -20.12
CA GLY B 891 -17.76 -59.37 -20.28
C GLY B 891 -17.29 -59.57 -21.72
N PRO B 892 -17.18 -60.81 -22.17
CA PRO B 892 -16.85 -61.24 -23.52
C PRO B 892 -17.92 -60.77 -24.49
N ALA B 893 -17.52 -60.50 -25.73
CA ALA B 893 -18.49 -60.08 -26.74
C ALA B 893 -19.24 -61.29 -27.27
N LEU B 894 -20.54 -61.33 -27.02
CA LEU B 894 -21.36 -62.45 -27.43
C LEU B 894 -22.28 -62.06 -28.59
N GLN B 895 -22.04 -62.65 -29.76
CA GLN B 895 -22.79 -62.27 -30.94
C GLN B 895 -24.29 -62.50 -30.76
N ILE B 896 -25.08 -61.57 -31.28
CA ILE B 896 -26.53 -61.66 -31.30
C ILE B 896 -27.06 -60.95 -32.54
N PRO B 897 -28.04 -61.51 -33.26
CA PRO B 897 -28.74 -60.89 -34.36
C PRO B 897 -29.29 -59.54 -33.92
N PHE B 898 -29.14 -58.53 -34.77
CA PHE B 898 -29.55 -57.20 -34.36
C PHE B 898 -31.04 -57.10 -34.02
N PRO B 899 -31.95 -57.65 -34.83
CA PRO B 899 -33.39 -57.65 -34.59
C PRO B 899 -33.73 -58.19 -33.20
N MET B 900 -32.96 -59.18 -32.74
CA MET B 900 -33.17 -59.73 -31.42
C MET B 900 -32.64 -58.81 -30.35
N GLN B 901 -31.49 -58.21 -30.61
CA GLN B 901 -30.92 -57.24 -29.69
C GLN B 901 -31.92 -56.12 -29.42
N MET B 902 -32.55 -55.63 -30.48
CA MET B 902 -33.56 -54.59 -30.34
C MET B 902 -34.76 -55.10 -29.56
N ALA B 903 -35.18 -56.33 -29.82
CA ALA B 903 -36.31 -56.90 -29.11
C ALA B 903 -36.03 -56.92 -27.60
N TYR B 904 -34.79 -57.17 -27.21
CA TYR B 904 -34.43 -57.19 -25.80
C TYR B 904 -34.50 -55.78 -25.23
N ARG B 905 -34.10 -54.80 -26.03
CA ARG B 905 -34.14 -53.41 -25.61
C ARG B 905 -35.57 -52.90 -25.51
N PHE B 906 -36.47 -53.48 -26.29
CA PHE B 906 -37.89 -53.15 -26.17
C PHE B 906 -38.48 -53.68 -24.86
N ASN B 907 -38.11 -54.90 -24.47
CA ASN B 907 -38.57 -55.42 -23.19
C ASN B 907 -38.11 -54.51 -22.05
N GLY B 908 -36.92 -53.95 -22.20
CA GLY B 908 -36.33 -53.07 -21.19
C GLY B 908 -37.15 -51.81 -20.94
N ILE B 909 -38.07 -51.48 -21.85
CA ILE B 909 -38.90 -50.29 -21.69
C ILE B 909 -40.38 -50.66 -21.52
N GLY B 910 -40.64 -51.92 -21.23
CA GLY B 910 -42.00 -52.37 -20.97
C GLY B 910 -42.81 -52.63 -22.23
N VAL B 911 -42.14 -52.92 -23.35
CA VAL B 911 -42.84 -53.19 -24.59
C VAL B 911 -42.53 -54.61 -25.06
N THR B 912 -43.57 -55.42 -25.19
CA THR B 912 -43.42 -56.84 -25.49
C THR B 912 -42.70 -57.06 -26.83
N GLN B 913 -41.88 -58.12 -26.89
CA GLN B 913 -41.05 -58.41 -28.06
C GLN B 913 -41.83 -58.51 -29.36
N ASN B 914 -43.06 -58.99 -29.27
CA ASN B 914 -43.87 -59.20 -30.46
C ASN B 914 -44.11 -57.90 -31.20
N VAL B 915 -44.06 -56.78 -30.48
CA VAL B 915 -44.30 -55.48 -31.09
C VAL B 915 -43.23 -55.17 -32.11
N LEU B 916 -41.97 -55.44 -31.76
CA LEU B 916 -40.88 -55.16 -32.69
C LEU B 916 -40.88 -56.10 -33.86
N TYR B 917 -41.12 -57.39 -33.61
CA TYR B 917 -41.01 -58.35 -34.69
C TYR B 917 -42.09 -58.12 -35.74
N GLU B 918 -43.28 -57.72 -35.31
CA GLU B 918 -44.35 -57.45 -36.24
C GLU B 918 -44.16 -56.11 -36.95
N ASN B 919 -43.54 -55.15 -36.26
CA ASN B 919 -43.31 -53.81 -36.81
C ASN B 919 -41.86 -53.57 -37.18
N GLN B 920 -41.10 -54.64 -37.42
CA GLN B 920 -39.68 -54.51 -37.70
C GLN B 920 -39.40 -53.59 -38.89
N LYS B 921 -40.22 -53.67 -39.92
CA LYS B 921 -40.01 -52.84 -41.11
C LYS B 921 -40.23 -51.37 -40.79
N LEU B 922 -41.25 -51.09 -39.97
CA LEU B 922 -41.55 -49.72 -39.59
C LEU B 922 -40.44 -49.14 -38.72
N ILE B 923 -39.95 -49.95 -37.78
CA ILE B 923 -38.92 -49.52 -36.86
C ILE B 923 -37.62 -49.23 -37.60
N ALA B 924 -37.24 -50.13 -38.50
CA ALA B 924 -36.02 -49.95 -39.26
C ALA B 924 -36.09 -48.68 -40.11
N ASN B 925 -37.26 -48.41 -40.69
CA ASN B 925 -37.43 -47.23 -41.53
C ASN B 925 -37.40 -45.95 -40.70
N GLN B 926 -38.03 -45.96 -39.53
CA GLN B 926 -38.00 -44.79 -38.67
C GLN B 926 -36.60 -44.52 -38.17
N PHE B 927 -35.88 -45.60 -37.85
CA PHE B 927 -34.51 -45.49 -37.39
C PHE B 927 -33.63 -44.86 -38.45
N ASN B 928 -33.71 -45.41 -39.67
CA ASN B 928 -32.88 -44.95 -40.76
C ASN B 928 -33.18 -43.49 -41.10
N SER B 929 -34.45 -43.13 -41.05
CA SER B 929 -34.87 -41.77 -41.34
C SER B 929 -34.34 -40.80 -40.30
N ALA B 930 -34.46 -41.17 -39.03
CA ALA B 930 -34.01 -40.31 -37.94
C ALA B 930 -32.50 -40.08 -38.01
N ILE B 931 -31.74 -41.13 -38.29
CA ILE B 931 -30.28 -40.99 -38.38
C ILE B 931 -29.91 -40.07 -39.53
N GLY B 932 -30.62 -40.20 -40.65
CA GLY B 932 -30.36 -39.40 -41.83
C GLY B 932 -30.66 -37.91 -41.63
N LYS B 933 -31.36 -37.56 -40.55
CA LYS B 933 -31.70 -36.16 -40.30
C LYS B 933 -30.63 -35.47 -39.46
N ILE B 934 -29.67 -36.25 -38.98
CA ILE B 934 -28.61 -35.69 -38.15
C ILE B 934 -27.75 -34.77 -38.96
N GLN B 935 -27.41 -35.18 -40.18
CA GLN B 935 -26.56 -34.39 -41.04
C GLN B 935 -27.20 -33.04 -41.36
N ASP B 936 -28.51 -33.03 -41.52
CA ASP B 936 -29.22 -31.81 -41.83
C ASP B 936 -29.28 -30.90 -40.61
N SER B 937 -29.47 -31.49 -39.44
CA SER B 937 -29.53 -30.72 -38.21
C SER B 937 -28.19 -30.06 -37.89
N LEU B 938 -27.10 -30.78 -38.17
CA LEU B 938 -25.76 -30.24 -37.93
C LEU B 938 -25.33 -29.28 -39.02
N SER B 939 -25.65 -29.61 -40.28
CA SER B 939 -25.23 -28.81 -41.42
C SER B 939 -25.91 -27.44 -41.47
N SER B 940 -27.21 -27.41 -41.18
CA SER B 940 -28.00 -26.19 -41.32
C SER B 940 -27.95 -25.31 -40.09
N THR B 941 -27.29 -25.79 -39.04
CA THR B 941 -27.20 -25.04 -37.79
C THR B 941 -25.76 -24.93 -37.30
N PRO B 942 -25.02 -23.89 -37.73
CA PRO B 942 -23.63 -23.63 -37.42
C PRO B 942 -23.38 -23.57 -35.91
N SER B 943 -24.42 -23.25 -35.15
CA SER B 943 -24.32 -23.12 -33.70
C SER B 943 -24.43 -24.48 -32.99
N ALA B 944 -24.69 -25.54 -33.74
CA ALA B 944 -24.92 -26.86 -33.18
C ALA B 944 -23.75 -27.30 -32.30
N LEU B 945 -22.54 -26.94 -32.69
CA LEU B 945 -21.35 -27.32 -31.92
C LEU B 945 -20.76 -26.13 -31.19
N GLY B 946 -21.58 -25.11 -30.96
CA GLY B 946 -21.14 -23.92 -30.26
C GLY B 946 -20.60 -24.28 -28.87
N LYS B 947 -21.19 -25.30 -28.27
CA LYS B 947 -20.78 -25.74 -26.94
C LYS B 947 -19.31 -26.13 -26.90
N LEU B 948 -18.79 -26.68 -27.99
CA LEU B 948 -17.38 -27.04 -28.05
C LEU B 948 -16.54 -25.83 -28.42
N GLN B 949 -17.09 -25.00 -29.29
CA GLN B 949 -16.39 -23.80 -29.75
C GLN B 949 -16.17 -22.83 -28.60
N ASP B 950 -17.12 -22.78 -27.67
CA ASP B 950 -17.01 -21.89 -26.52
C ASP B 950 -15.75 -22.17 -25.72
N VAL B 951 -15.38 -23.44 -25.61
CA VAL B 951 -14.18 -23.80 -24.86
C VAL B 951 -12.95 -23.29 -25.59
N VAL B 952 -12.95 -23.48 -26.91
CA VAL B 952 -11.85 -23.04 -27.75
C VAL B 952 -11.70 -21.52 -27.70
N ASN B 953 -12.82 -20.82 -27.76
CA ASN B 953 -12.81 -19.36 -27.76
C ASN B 953 -12.34 -18.79 -26.43
N GLN B 954 -12.76 -19.40 -25.32
CA GLN B 954 -12.37 -18.91 -24.01
C GLN B 954 -10.87 -19.05 -23.81
N ASN B 955 -10.30 -20.14 -24.28
CA ASN B 955 -8.87 -20.36 -24.14
C ASN B 955 -8.08 -19.40 -25.02
N ALA B 956 -8.59 -19.15 -26.22
CA ALA B 956 -7.94 -18.22 -27.14
C ALA B 956 -7.91 -16.82 -26.56
N GLN B 957 -9.01 -16.40 -25.94
CA GLN B 957 -9.09 -15.08 -25.34
C GLN B 957 -8.13 -14.95 -24.17
N ALA B 958 -8.03 -16.01 -23.38
CA ALA B 958 -7.14 -15.99 -22.23
C ALA B 958 -5.70 -15.75 -22.64
N LEU B 959 -5.29 -16.37 -23.75
CA LEU B 959 -3.92 -16.21 -24.24
C LEU B 959 -3.72 -14.87 -24.92
N ASN B 960 -4.73 -14.40 -25.64
CA ASN B 960 -4.59 -13.11 -26.30
C ASN B 960 -4.41 -12.01 -25.28
N THR B 961 -5.12 -12.12 -24.16
CA THR B 961 -4.99 -11.14 -23.09
C THR B 961 -3.61 -11.23 -22.46
N LEU B 962 -3.15 -12.45 -22.20
CA LEU B 962 -1.86 -12.66 -21.56
C LEU B 962 -0.74 -12.02 -22.38
N VAL B 963 -0.77 -12.21 -23.69
CA VAL B 963 0.24 -11.65 -24.57
C VAL B 963 0.18 -10.13 -24.63
N LYS B 964 -1.03 -9.58 -24.72
CA LYS B 964 -1.21 -8.14 -24.78
C LYS B 964 -0.68 -7.44 -23.53
N GLN B 965 -0.75 -8.10 -22.38
CA GLN B 965 -0.29 -7.51 -21.13
C GLN B 965 1.20 -7.19 -21.15
N LEU B 966 1.93 -7.80 -22.08
CA LEU B 966 3.37 -7.55 -22.20
C LEU B 966 3.64 -6.15 -22.74
N SER B 967 2.60 -5.50 -23.26
CA SER B 967 2.72 -4.15 -23.82
C SER B 967 2.52 -3.09 -22.74
N SER B 968 2.12 -3.50 -21.56
CA SER B 968 1.84 -2.55 -20.49
C SER B 968 3.13 -2.10 -19.81
N ASN B 969 3.18 -0.82 -19.45
CA ASN B 969 4.36 -0.27 -18.78
C ASN B 969 4.37 -0.57 -17.29
N PHE B 970 3.19 -0.62 -16.68
CA PHE B 970 3.09 -0.86 -15.25
C PHE B 970 3.87 0.14 -14.40
N GLY B 971 4.08 1.35 -14.94
CA GLY B 971 4.82 2.37 -14.22
C GLY B 971 6.25 2.52 -14.74
N ALA B 972 6.68 1.57 -15.56
CA ALA B 972 8.01 1.60 -16.14
C ALA B 972 8.06 2.64 -17.26
N ILE B 973 9.27 3.08 -17.59
CA ILE B 973 9.47 4.02 -18.69
C ILE B 973 9.20 3.38 -20.04
N SER B 974 9.39 2.05 -20.13
CA SER B 974 9.12 1.33 -21.35
C SER B 974 8.69 -0.10 -21.08
N SER B 975 7.73 -0.59 -21.87
CA SER B 975 7.27 -1.98 -21.77
C SER B 975 8.29 -2.96 -22.32
N VAL B 976 9.24 -2.46 -23.09
CA VAL B 976 10.23 -3.31 -23.73
C VAL B 976 11.51 -3.37 -22.91
N LEU B 977 11.87 -4.56 -22.45
CA LEU B 977 13.03 -4.68 -21.52
C LEU B 977 14.34 -4.36 -22.23
N ASN B 978 14.40 -4.48 -23.56
CA ASN B 978 15.61 -4.13 -24.29
C ASN B 978 15.77 -2.62 -24.43
N ASP B 979 14.71 -1.87 -24.15
CA ASP B 979 14.78 -0.41 -24.22
C ASP B 979 15.13 0.15 -22.86
N ILE B 980 15.33 -0.74 -21.90
CA ILE B 980 15.80 -0.38 -20.58
C ILE B 980 17.27 -0.78 -20.48
N LEU B 981 17.54 -2.04 -20.81
CA LEU B 981 18.90 -2.57 -20.77
C LEU B 981 19.67 -2.23 -22.04
N SER B 982 19.70 -0.94 -22.36
CA SER B 982 20.47 -0.39 -23.45
C SER B 982 20.64 1.10 -23.22
N ARG B 983 19.84 1.63 -22.30
CA ARG B 983 19.88 3.06 -22.00
C ARG B 983 20.30 3.34 -20.57
N LEU B 984 19.81 2.56 -19.62
CA LEU B 984 20.09 2.83 -18.22
C LEU B 984 21.16 1.92 -17.64
N ASP B 985 21.93 2.46 -16.70
CA ASP B 985 22.90 1.68 -15.92
C ASP B 985 22.15 0.78 -14.95
N PRO B 986 22.75 -0.35 -14.55
CA PRO B 986 22.19 -1.36 -13.66
C PRO B 986 21.35 -0.79 -12.49
N PRO B 987 21.87 0.09 -11.60
CA PRO B 987 21.16 0.58 -10.43
C PRO B 987 19.88 1.33 -10.80
N GLU B 988 19.79 1.78 -12.04
CA GLU B 988 18.61 2.50 -12.51
C GLU B 988 17.70 1.56 -13.30
N ALA B 989 18.31 0.65 -14.04
CA ALA B 989 17.57 -0.33 -14.83
C ALA B 989 16.80 -1.26 -13.91
N GLU B 990 17.40 -1.60 -12.77
CA GLU B 990 16.78 -2.52 -11.82
C GLU B 990 15.45 -1.98 -11.33
N VAL B 991 15.35 -0.67 -11.17
CA VAL B 991 14.10 -0.07 -10.71
C VAL B 991 13.02 -0.22 -11.76
N GLN B 992 13.37 0.08 -13.01
CA GLN B 992 12.40 -0.02 -14.09
C GLN B 992 11.98 -1.46 -14.34
N ILE B 993 12.93 -2.38 -14.19
CA ILE B 993 12.67 -3.79 -14.39
C ILE B 993 11.77 -4.34 -13.30
N ASP B 994 12.03 -3.95 -12.06
CA ASP B 994 11.23 -4.42 -10.94
C ASP B 994 9.75 -4.10 -11.17
N ARG B 995 9.49 -2.93 -11.76
CA ARG B 995 8.12 -2.54 -12.07
C ARG B 995 7.49 -3.48 -13.09
N LEU B 996 8.27 -3.87 -14.10
CA LEU B 996 7.77 -4.78 -15.13
C LEU B 996 7.57 -6.18 -14.59
N ILE B 997 8.51 -6.65 -13.76
CA ILE B 997 8.39 -8.01 -13.14
C ILE B 997 7.09 -8.09 -12.35
N THR B 998 6.81 -7.11 -11.48
CA THR B 998 5.62 -7.17 -10.64
C THR B 998 4.36 -7.23 -11.49
N GLY B 999 4.30 -6.37 -12.51
CA GLY B 999 3.13 -6.30 -13.38
C GLY B 999 2.94 -7.58 -14.19
N ARG B 1000 4.02 -8.09 -14.76
CA ARG B 1000 3.94 -9.28 -15.60
C ARG B 1000 3.69 -10.54 -14.80
N LEU B 1001 4.24 -10.60 -13.60
CA LEU B 1001 4.01 -11.74 -12.73
C LEU B 1001 2.56 -11.79 -12.30
N GLN B 1002 1.98 -10.63 -11.98
CA GLN B 1002 0.58 -10.56 -11.60
C GLN B 1002 -0.32 -11.01 -12.74
N SER B 1003 0.01 -10.61 -13.96
CA SER B 1003 -0.77 -10.97 -15.13
C SER B 1003 -0.71 -12.48 -15.38
N LEU B 1004 0.46 -13.07 -15.18
CA LEU B 1004 0.63 -14.51 -15.37
C LEU B 1004 -0.11 -15.30 -14.30
N GLN B 1005 -0.05 -14.82 -13.05
CA GLN B 1005 -0.75 -15.50 -11.96
C GLN B 1005 -2.24 -15.50 -12.21
N THR B 1006 -2.76 -14.40 -12.75
CA THR B 1006 -4.18 -14.31 -13.06
C THR B 1006 -4.57 -15.35 -14.10
N TYR B 1007 -3.76 -15.46 -15.15
CA TYR B 1007 -3.98 -16.43 -16.22
C TYR B 1007 -4.03 -17.85 -15.68
N VAL B 1008 -3.03 -18.22 -14.89
CA VAL B 1008 -2.94 -19.58 -14.39
C VAL B 1008 -4.10 -19.92 -13.48
N THR B 1009 -4.48 -19.00 -12.61
CA THR B 1009 -5.60 -19.24 -11.70
C THR B 1009 -6.88 -19.51 -12.49
N GLN B 1010 -7.12 -18.71 -13.51
CA GLN B 1010 -8.31 -18.87 -14.32
C GLN B 1010 -8.31 -20.21 -15.06
N GLN B 1011 -7.13 -20.64 -15.50
CA GLN B 1011 -7.02 -21.92 -16.19
C GLN B 1011 -7.31 -23.10 -15.27
N LEU B 1012 -6.91 -22.97 -14.00
CA LEU B 1012 -7.18 -24.04 -13.03
C LEU B 1012 -8.67 -24.17 -12.77
N ILE B 1013 -9.35 -23.03 -12.68
CA ILE B 1013 -10.79 -23.04 -12.46
C ILE B 1013 -11.53 -23.59 -13.66
N ARG B 1014 -11.14 -23.14 -14.86
CA ARG B 1014 -11.75 -23.64 -16.09
C ARG B 1014 -11.49 -25.12 -16.27
N ALA B 1015 -10.27 -25.57 -15.92
CA ALA B 1015 -9.92 -26.97 -16.05
C ALA B 1015 -10.86 -27.84 -15.22
N ALA B 1016 -11.26 -27.35 -14.05
CA ALA B 1016 -12.17 -28.08 -13.19
C ALA B 1016 -13.53 -28.26 -13.87
N GLU B 1017 -13.97 -27.23 -14.58
CA GLU B 1017 -15.25 -27.30 -15.29
C GLU B 1017 -15.17 -28.35 -16.40
N ILE B 1018 -14.05 -28.39 -17.11
CA ILE B 1018 -13.85 -29.36 -18.17
C ILE B 1018 -13.79 -30.77 -17.62
N ARG B 1019 -13.11 -30.95 -16.49
CA ARG B 1019 -13.05 -32.26 -15.86
C ARG B 1019 -14.43 -32.78 -15.55
N ALA B 1020 -15.28 -31.92 -15.00
CA ALA B 1020 -16.65 -32.32 -14.66
C ALA B 1020 -17.39 -32.79 -15.90
N SER B 1021 -17.21 -32.09 -17.01
CA SER B 1021 -17.84 -32.48 -18.27
C SER B 1021 -17.29 -33.80 -18.76
N ALA B 1022 -15.97 -33.98 -18.66
CA ALA B 1022 -15.34 -35.22 -19.07
C ALA B 1022 -15.84 -36.39 -18.24
N ASN B 1023 -16.07 -36.15 -16.95
CA ASN B 1023 -16.56 -37.19 -16.06
C ASN B 1023 -17.98 -37.60 -16.44
N LEU B 1024 -18.80 -36.62 -16.82
CA LEU B 1024 -20.16 -36.91 -17.24
C LEU B 1024 -20.15 -37.68 -18.55
N ALA B 1025 -19.27 -37.27 -19.47
CA ALA B 1025 -19.15 -37.94 -20.76
C ALA B 1025 -18.68 -39.38 -20.56
N ALA B 1026 -17.75 -39.59 -19.64
CA ALA B 1026 -17.23 -40.91 -19.35
C ALA B 1026 -18.31 -41.80 -18.76
N THR B 1027 -19.20 -41.20 -17.97
CA THR B 1027 -20.30 -41.92 -17.36
C THR B 1027 -21.30 -42.38 -18.42
N LYS B 1028 -21.68 -41.47 -19.31
CA LYS B 1028 -22.63 -41.80 -20.36
C LYS B 1028 -22.07 -42.83 -21.33
N MET B 1029 -20.77 -42.77 -21.56
CA MET B 1029 -20.10 -43.73 -22.43
C MET B 1029 -20.20 -45.14 -21.88
N SER B 1030 -20.49 -45.25 -20.59
CA SER B 1030 -20.64 -46.56 -19.97
C SER B 1030 -22.11 -46.93 -19.87
N GLU B 1031 -22.88 -46.09 -19.20
CA GLU B 1031 -24.26 -46.40 -18.85
C GLU B 1031 -25.23 -46.49 -20.03
N CYS B 1032 -25.02 -45.66 -21.07
CA CYS B 1032 -25.96 -45.58 -22.20
C CYS B 1032 -25.41 -46.25 -23.45
N VAL B 1033 -24.08 -46.38 -23.53
CA VAL B 1033 -23.48 -47.02 -24.70
C VAL B 1033 -23.25 -48.51 -24.46
N LEU B 1034 -22.80 -48.87 -23.25
CA LEU B 1034 -22.48 -50.25 -22.92
C LEU B 1034 -23.62 -50.90 -22.15
N GLY B 1035 -24.81 -50.31 -22.24
CA GLY B 1035 -25.98 -50.81 -21.56
C GLY B 1035 -27.20 -49.96 -21.86
N GLN B 1036 -28.32 -50.30 -21.23
CA GLN B 1036 -29.57 -49.56 -21.44
C GLN B 1036 -29.94 -48.81 -20.17
N SER B 1037 -29.91 -47.49 -20.24
CA SER B 1037 -30.17 -46.66 -19.07
C SER B 1037 -31.63 -46.62 -18.70
N LYS B 1038 -31.91 -46.60 -17.40
CA LYS B 1038 -33.27 -46.44 -16.90
C LYS B 1038 -33.44 -45.10 -16.21
N ARG B 1039 -32.43 -44.24 -16.36
CA ARG B 1039 -32.44 -42.92 -15.75
C ARG B 1039 -33.16 -41.93 -16.65
N VAL B 1040 -34.19 -41.28 -16.12
CA VAL B 1040 -35.04 -40.43 -16.92
C VAL B 1040 -34.31 -39.20 -17.45
N ASP B 1041 -34.43 -38.98 -18.75
CA ASP B 1041 -33.83 -37.85 -19.45
C ASP B 1041 -32.32 -37.77 -19.26
N PHE B 1042 -31.71 -38.88 -18.86
CA PHE B 1042 -30.26 -38.94 -18.74
C PHE B 1042 -29.60 -38.96 -20.12
N CYS B 1043 -30.14 -39.78 -21.03
CA CYS B 1043 -29.64 -39.92 -22.39
C CYS B 1043 -30.77 -39.75 -23.41
N GLY B 1044 -31.29 -38.54 -23.48
CA GLY B 1044 -32.36 -38.23 -24.43
C GLY B 1044 -33.73 -38.32 -23.77
N LYS B 1045 -34.67 -37.52 -24.28
CA LYS B 1045 -36.05 -37.58 -23.82
C LYS B 1045 -36.74 -38.79 -24.43
N GLY B 1046 -37.55 -39.48 -23.64
CA GLY B 1046 -38.24 -40.67 -24.13
C GLY B 1046 -37.68 -41.90 -23.44
N TYR B 1047 -38.08 -43.09 -23.90
CA TYR B 1047 -37.61 -44.30 -23.28
C TYR B 1047 -36.36 -44.80 -24.00
N HIS B 1048 -35.23 -44.70 -23.32
CA HIS B 1048 -33.94 -44.98 -23.96
C HIS B 1048 -33.82 -46.42 -24.42
N LEU B 1049 -33.35 -46.59 -25.65
CA LEU B 1049 -33.09 -47.92 -26.20
C LEU B 1049 -31.59 -48.18 -26.30
N MET B 1050 -30.87 -47.26 -26.94
CA MET B 1050 -29.43 -47.43 -27.14
C MET B 1050 -28.77 -46.12 -27.56
N SER B 1051 -27.44 -46.08 -27.51
CA SER B 1051 -26.70 -44.88 -27.92
C SER B 1051 -25.50 -45.23 -28.80
N PHE B 1052 -25.20 -44.35 -29.74
CA PHE B 1052 -24.04 -44.50 -30.61
C PHE B 1052 -23.13 -43.28 -30.49
N PRO B 1053 -21.90 -43.43 -30.00
CA PRO B 1053 -20.91 -42.38 -29.83
C PRO B 1053 -20.31 -41.96 -31.15
N GLN B 1054 -19.91 -40.70 -31.23
CA GLN B 1054 -19.17 -40.15 -32.36
C GLN B 1054 -18.03 -39.27 -31.83
N SER B 1055 -16.91 -39.24 -32.53
CA SER B 1055 -15.81 -38.37 -32.10
C SER B 1055 -16.06 -36.94 -32.54
N ALA B 1056 -15.31 -36.02 -31.94
CA ALA B 1056 -15.42 -34.60 -32.27
C ALA B 1056 -14.18 -33.87 -31.76
N PRO B 1057 -13.86 -32.69 -32.30
CA PRO B 1057 -12.80 -31.82 -31.86
C PRO B 1057 -12.93 -31.51 -30.37
N HIS B 1058 -11.96 -31.96 -29.59
CA HIS B 1058 -11.90 -31.69 -28.16
C HIS B 1058 -13.17 -32.11 -27.41
N GLY B 1059 -13.87 -33.13 -27.90
CA GLY B 1059 -15.09 -33.55 -27.23
C GLY B 1059 -15.72 -34.79 -27.84
N VAL B 1060 -16.90 -35.14 -27.34
CA VAL B 1060 -17.61 -36.33 -27.79
C VAL B 1060 -19.06 -36.01 -28.09
N VAL B 1061 -19.62 -36.66 -29.10
CA VAL B 1061 -21.00 -36.47 -29.47
C VAL B 1061 -21.77 -37.78 -29.36
N PHE B 1062 -22.89 -37.76 -28.66
CA PHE B 1062 -23.70 -38.96 -28.50
C PHE B 1062 -24.98 -38.90 -29.29
N LEU B 1063 -25.28 -39.97 -30.02
CA LEU B 1063 -26.56 -40.10 -30.69
C LEU B 1063 -27.46 -41.01 -29.89
N HIS B 1064 -28.53 -40.46 -29.32
CA HIS B 1064 -29.38 -41.22 -28.42
C HIS B 1064 -30.64 -41.69 -29.13
N VAL B 1065 -30.88 -43.00 -29.11
CA VAL B 1065 -32.04 -43.56 -29.77
C VAL B 1065 -33.11 -43.85 -28.73
N THR B 1066 -34.26 -43.19 -28.87
CA THR B 1066 -35.31 -43.33 -27.87
C THR B 1066 -36.66 -43.71 -28.48
N TYR B 1067 -37.45 -44.42 -27.68
CA TYR B 1067 -38.80 -44.81 -28.04
C TYR B 1067 -39.80 -43.82 -27.46
N VAL B 1068 -40.57 -43.18 -28.33
CA VAL B 1068 -41.56 -42.21 -27.87
C VAL B 1068 -42.95 -42.53 -28.41
N PRO B 1069 -43.94 -42.78 -27.54
CA PRO B 1069 -45.31 -43.11 -27.88
C PRO B 1069 -45.95 -41.88 -28.51
N ALA B 1070 -46.78 -42.07 -29.53
CA ALA B 1070 -47.32 -40.90 -30.21
C ALA B 1070 -48.65 -41.14 -30.93
N GLN B 1071 -49.63 -41.71 -30.24
CA GLN B 1071 -50.98 -41.85 -30.79
C GLN B 1071 -51.92 -42.48 -29.78
N GLU B 1072 -52.20 -41.76 -28.69
CA GLU B 1072 -53.03 -42.27 -27.61
C GLU B 1072 -54.53 -42.17 -27.88
N LYS B 1073 -55.27 -43.08 -27.25
CA LYS B 1073 -56.72 -43.08 -27.30
C LYS B 1073 -57.32 -43.08 -25.89
N ASN B 1074 -58.58 -42.62 -25.79
CA ASN B 1074 -59.37 -42.61 -24.55
C ASN B 1074 -59.98 -43.98 -24.27
N PHE B 1075 -59.55 -44.61 -23.17
CA PHE B 1075 -60.11 -45.89 -22.71
C PHE B 1075 -60.69 -45.76 -21.31
N THR B 1076 -61.75 -46.50 -21.03
CA THR B 1076 -62.29 -46.55 -19.68
C THR B 1076 -61.61 -47.67 -18.92
N THR B 1077 -61.21 -47.41 -17.68
CA THR B 1077 -60.44 -48.39 -16.94
C THR B 1077 -61.04 -48.76 -15.60
N ALA B 1078 -60.40 -49.72 -14.94
CA ALA B 1078 -60.81 -50.21 -13.63
C ALA B 1078 -59.61 -50.85 -12.95
N PRO B 1079 -59.51 -50.77 -11.62
CA PRO B 1079 -58.47 -51.34 -10.80
C PRO B 1079 -58.52 -52.87 -10.73
N ALA B 1080 -59.71 -53.42 -10.95
CA ALA B 1080 -59.87 -54.86 -10.83
C ALA B 1080 -61.16 -55.33 -11.47
N ILE B 1081 -61.22 -56.63 -11.73
CA ILE B 1081 -62.43 -57.27 -12.20
C ILE B 1081 -63.03 -58.18 -11.14
N CYS B 1082 -64.32 -58.04 -10.88
CA CYS B 1082 -65.06 -58.90 -9.99
C CYS B 1082 -65.68 -60.06 -10.72
N HIS B 1083 -65.33 -61.26 -10.36
CA HIS B 1083 -65.90 -62.45 -10.96
C HIS B 1083 -66.23 -63.46 -9.87
N ASP B 1084 -67.53 -63.75 -9.74
CA ASP B 1084 -68.05 -64.64 -8.70
C ASP B 1084 -67.47 -64.36 -7.31
N GLY B 1085 -67.18 -63.09 -7.03
CA GLY B 1085 -66.75 -62.67 -5.70
C GLY B 1085 -65.23 -62.50 -5.57
N LYS B 1086 -64.50 -63.00 -6.55
CA LYS B 1086 -63.04 -62.88 -6.53
C LYS B 1086 -62.59 -61.62 -7.23
N ALA B 1087 -61.59 -60.95 -6.65
CA ALA B 1087 -61.02 -59.75 -7.26
C ALA B 1087 -59.80 -60.11 -8.09
N HIS B 1088 -59.91 -59.92 -9.40
CA HIS B 1088 -58.84 -60.25 -10.32
C HIS B 1088 -58.04 -59.01 -10.70
N PHE B 1089 -56.75 -59.08 -10.46
CA PHE B 1089 -55.85 -57.98 -10.79
C PHE B 1089 -54.92 -58.44 -11.91
N PRO B 1090 -54.49 -57.57 -12.82
CA PRO B 1090 -53.63 -57.88 -13.92
C PRO B 1090 -52.23 -58.17 -13.42
N ARG B 1091 -51.54 -59.11 -14.05
CA ARG B 1091 -50.15 -59.36 -13.71
C ARG B 1091 -49.26 -58.33 -14.35
N GLU B 1092 -49.64 -57.95 -15.57
CA GLU B 1092 -48.94 -56.95 -16.34
C GLU B 1092 -49.96 -56.23 -17.21
N GLY B 1093 -49.88 -54.92 -17.25
CA GLY B 1093 -50.83 -54.15 -18.05
C GLY B 1093 -52.03 -53.70 -17.21
N VAL B 1094 -53.04 -53.20 -17.90
CA VAL B 1094 -54.22 -52.61 -17.28
C VAL B 1094 -55.49 -53.15 -17.88
N PHE B 1095 -56.60 -52.98 -17.19
CA PHE B 1095 -57.90 -53.32 -17.77
C PHE B 1095 -58.45 -52.11 -18.52
N VAL B 1096 -59.00 -52.36 -19.70
CA VAL B 1096 -59.58 -51.29 -20.51
C VAL B 1096 -60.93 -51.68 -21.09
N SER B 1097 -61.77 -50.69 -21.31
CA SER B 1097 -63.06 -50.88 -21.94
C SER B 1097 -63.19 -50.00 -23.18
N ASN B 1098 -63.62 -50.60 -24.30
CA ASN B 1098 -63.76 -49.90 -25.58
C ASN B 1098 -65.19 -49.38 -25.79
N GLY B 1099 -66.02 -49.44 -24.76
CA GLY B 1099 -67.43 -49.04 -24.79
C GLY B 1099 -68.33 -50.22 -24.51
N THR B 1100 -67.81 -51.43 -24.70
CA THR B 1100 -68.57 -52.64 -24.39
C THR B 1100 -67.72 -53.62 -23.60
N HIS B 1101 -66.89 -54.37 -24.30
CA HIS B 1101 -66.09 -55.44 -23.70
C HIS B 1101 -64.86 -54.92 -22.97
N TRP B 1102 -64.48 -55.65 -21.93
CA TRP B 1102 -63.26 -55.37 -21.18
C TRP B 1102 -62.11 -56.24 -21.66
N PHE B 1103 -60.93 -55.65 -21.74
CA PHE B 1103 -59.71 -56.33 -22.17
C PHE B 1103 -58.57 -56.00 -21.24
N VAL B 1104 -57.51 -56.80 -21.29
CA VAL B 1104 -56.30 -56.47 -20.56
C VAL B 1104 -55.17 -56.21 -21.54
N THR B 1105 -54.41 -55.14 -21.32
CA THR B 1105 -53.37 -54.77 -22.29
C THR B 1105 -52.13 -54.14 -21.63
N GLN B 1106 -50.99 -54.29 -22.30
CA GLN B 1106 -49.74 -53.73 -21.79
C GLN B 1106 -49.79 -52.20 -21.78
N ARG B 1107 -49.17 -51.61 -20.75
CA ARG B 1107 -49.27 -50.19 -20.48
C ARG B 1107 -48.72 -49.29 -21.58
N ASN B 1108 -47.59 -49.67 -22.18
CA ASN B 1108 -46.89 -48.78 -23.10
C ASN B 1108 -47.23 -49.00 -24.57
N PHE B 1109 -48.24 -49.82 -24.85
CA PHE B 1109 -48.65 -50.07 -26.23
C PHE B 1109 -49.98 -50.79 -26.29
N TYR B 1110 -50.97 -50.16 -26.90
CA TYR B 1110 -52.30 -50.75 -26.92
C TYR B 1110 -52.34 -52.03 -27.74
N GLU B 1111 -52.70 -53.11 -27.07
CA GLU B 1111 -52.81 -54.43 -27.69
C GLU B 1111 -53.64 -55.34 -26.82
N PRO B 1112 -54.97 -55.30 -26.95
CA PRO B 1112 -55.95 -55.90 -26.08
C PRO B 1112 -55.99 -57.41 -26.24
N GLN B 1113 -56.20 -58.10 -25.13
CA GLN B 1113 -56.41 -59.53 -25.16
C GLN B 1113 -57.50 -59.94 -24.18
N ILE B 1114 -58.08 -61.10 -24.41
CA ILE B 1114 -59.12 -61.64 -23.55
C ILE B 1114 -58.57 -61.87 -22.16
N ILE B 1115 -59.36 -61.53 -21.16
CA ILE B 1115 -58.97 -61.71 -19.77
C ILE B 1115 -59.17 -63.16 -19.40
N THR B 1116 -58.05 -63.86 -19.23
CA THR B 1116 -58.09 -65.29 -18.95
C THR B 1116 -57.43 -65.56 -17.62
N THR B 1117 -57.40 -66.82 -17.21
CA THR B 1117 -56.87 -67.16 -15.90
C THR B 1117 -55.34 -67.09 -15.89
N ASP B 1118 -54.74 -66.85 -17.05
CA ASP B 1118 -53.30 -66.71 -17.13
C ASP B 1118 -52.87 -65.25 -17.17
N ASN B 1119 -53.83 -64.33 -17.27
CA ASN B 1119 -53.49 -62.91 -17.44
C ASN B 1119 -53.61 -62.15 -16.13
N THR B 1120 -54.45 -62.66 -15.24
CA THR B 1120 -54.73 -62.02 -13.97
C THR B 1120 -54.44 -62.95 -12.81
N PHE B 1121 -54.37 -62.38 -11.62
CA PHE B 1121 -54.24 -63.18 -10.42
C PHE B 1121 -55.34 -62.82 -9.44
N VAL B 1122 -55.73 -63.79 -8.62
CA VAL B 1122 -56.77 -63.55 -7.64
C VAL B 1122 -56.21 -63.25 -6.28
N SER B 1123 -56.68 -62.17 -5.70
CA SER B 1123 -56.27 -61.80 -4.35
C SER B 1123 -57.37 -61.00 -3.68
N GLY B 1124 -57.35 -60.96 -2.36
CA GLY B 1124 -58.31 -60.16 -1.61
C GLY B 1124 -59.74 -60.62 -1.86
N ASN B 1125 -60.64 -59.65 -2.00
CA ASN B 1125 -62.05 -59.92 -2.22
C ASN B 1125 -62.69 -58.79 -3.03
N CYS B 1126 -63.75 -59.12 -3.77
CA CYS B 1126 -64.51 -58.17 -4.57
C CYS B 1126 -64.99 -56.98 -3.73
N ASP B 1127 -65.44 -57.28 -2.50
CA ASP B 1127 -66.08 -56.28 -1.67
C ASP B 1127 -65.13 -55.33 -0.95
N VAL B 1128 -63.83 -55.48 -1.14
CA VAL B 1128 -62.88 -54.59 -0.48
C VAL B 1128 -62.09 -53.73 -1.46
N VAL B 1129 -62.48 -53.75 -2.73
CA VAL B 1129 -61.77 -52.97 -3.74
C VAL B 1129 -62.63 -51.82 -4.25
N ILE B 1130 -62.10 -50.60 -4.16
CA ILE B 1130 -62.82 -49.42 -4.59
C ILE B 1130 -62.75 -49.25 -6.10
N GLY B 1131 -63.89 -49.10 -6.76
CA GLY B 1131 -63.92 -48.86 -8.19
C GLY B 1131 -63.85 -50.15 -9.00
N ILE B 1132 -64.06 -51.27 -8.34
CA ILE B 1132 -64.04 -52.57 -9.00
C ILE B 1132 -65.25 -52.74 -9.91
N VAL B 1133 -65.06 -53.37 -11.06
CA VAL B 1133 -66.17 -53.57 -11.99
C VAL B 1133 -66.42 -55.06 -12.24
N ASN B 1134 -67.67 -55.41 -12.58
CA ASN B 1134 -68.06 -56.79 -12.85
C ASN B 1134 -67.79 -57.16 -14.33
N ASN B 1135 -67.18 -58.33 -14.54
CA ASN B 1135 -66.94 -58.92 -15.87
C ASN B 1135 -66.89 -60.44 -15.72
N THR B 1136 -66.68 -61.13 -16.85
CA THR B 1136 -66.56 -62.59 -16.82
C THR B 1136 -65.15 -63.00 -17.25
N VAL B 1137 -64.56 -63.95 -16.54
CA VAL B 1137 -63.22 -64.42 -16.89
C VAL B 1137 -63.31 -65.70 -17.69
N TYR B 1138 -62.54 -65.77 -18.78
CA TYR B 1138 -62.56 -66.97 -19.60
C TYR B 1138 -61.72 -68.04 -18.94
N ASP B 1139 -62.31 -69.24 -18.86
CA ASP B 1139 -61.65 -70.41 -18.28
C ASP B 1139 -61.20 -71.43 -19.35
N PRO B 1140 -59.96 -71.33 -19.90
CA PRO B 1140 -59.41 -72.19 -20.95
C PRO B 1140 -59.69 -73.68 -20.72
N ALA C 27 -19.28 0.62 52.25
CA ALA C 27 -20.54 0.05 51.77
C ALA C 27 -20.58 0.07 50.24
N TYR C 28 -20.87 -1.09 49.64
CA TYR C 28 -20.95 -1.24 48.18
C TYR C 28 -22.21 -1.98 47.78
N THR C 29 -22.70 -1.70 46.57
CA THR C 29 -23.83 -2.42 46.02
C THR C 29 -23.55 -2.88 44.60
N ASN C 30 -24.42 -3.74 44.08
CA ASN C 30 -24.30 -4.27 42.73
C ASN C 30 -24.92 -3.32 41.72
N SER C 31 -24.09 -2.76 40.83
CA SER C 31 -24.56 -1.81 39.84
C SER C 31 -25.42 -2.46 38.76
N PHE C 32 -25.40 -3.78 38.72
CA PHE C 32 -26.16 -4.56 37.75
C PHE C 32 -25.90 -4.10 36.32
N THR C 33 -26.95 -3.73 35.60
CA THR C 33 -26.82 -3.35 34.20
C THR C 33 -27.14 -1.88 33.96
N ARG C 34 -27.06 -1.07 35.01
CA ARG C 34 -27.31 0.35 34.90
C ARG C 34 -26.03 1.13 34.59
N GLY C 35 -26.18 2.33 34.04
CA GLY C 35 -25.03 3.16 33.72
C GLY C 35 -24.79 3.26 32.21
N VAL C 36 -25.77 2.81 31.43
CA VAL C 36 -25.71 2.89 29.98
C VAL C 36 -26.44 4.14 29.48
N TYR C 37 -25.83 4.83 28.53
CA TYR C 37 -26.37 6.06 27.99
C TYR C 37 -26.20 6.10 26.48
N TYR C 38 -26.96 6.97 25.83
CA TYR C 38 -26.85 7.12 24.38
C TYR C 38 -25.52 7.79 24.04
N PRO C 39 -24.59 7.06 23.39
CA PRO C 39 -23.22 7.46 23.12
C PRO C 39 -23.15 8.58 22.09
N ASP C 40 -24.23 8.78 21.34
CA ASP C 40 -24.26 9.77 20.29
C ASP C 40 -25.68 10.26 20.05
N LYS C 41 -25.86 11.07 19.01
CA LYS C 41 -27.15 11.63 18.65
C LYS C 41 -27.63 11.06 17.33
N VAL C 42 -27.28 9.81 17.07
CA VAL C 42 -27.61 9.16 15.82
C VAL C 42 -28.77 8.18 15.98
N PHE C 43 -29.78 8.34 15.13
CA PHE C 43 -30.93 7.45 15.13
C PHE C 43 -30.58 6.11 14.47
N ARG C 44 -30.91 5.04 15.17
CA ARG C 44 -30.70 3.69 14.66
C ARG C 44 -31.92 2.87 15.02
N SER C 45 -32.35 1.99 14.11
CA SER C 45 -33.54 1.21 14.39
C SER C 45 -33.38 -0.25 14.03
N SER C 46 -34.00 -1.11 14.83
CA SER C 46 -34.01 -2.55 14.59
C SER C 46 -32.61 -3.06 14.25
N VAL C 47 -31.64 -2.71 15.09
CA VAL C 47 -30.25 -3.03 14.79
C VAL C 47 -29.42 -3.17 16.07
N LEU C 48 -28.41 -4.02 16.01
CA LEU C 48 -27.45 -4.15 17.10
C LEU C 48 -26.15 -3.46 16.73
N HIS C 49 -25.78 -2.45 17.50
CA HIS C 49 -24.61 -1.64 17.18
C HIS C 49 -23.50 -1.80 18.21
N SER C 50 -22.30 -2.13 17.74
CA SER C 50 -21.15 -2.28 18.63
C SER C 50 -20.35 -1.00 18.71
N THR C 51 -20.16 -0.50 19.93
CA THR C 51 -19.42 0.74 20.14
C THR C 51 -18.57 0.67 21.40
N GLN C 52 -17.47 1.41 21.40
CA GLN C 52 -16.64 1.52 22.59
C GLN C 52 -16.69 2.93 23.15
N ASP C 53 -16.99 3.02 24.44
CA ASP C 53 -17.10 4.32 25.09
C ASP C 53 -16.93 4.14 26.60
N LEU C 54 -17.01 5.23 27.33
CA LEU C 54 -16.88 5.18 28.78
C LEU C 54 -18.22 4.86 29.42
N PHE C 55 -18.40 3.59 29.79
CA PHE C 55 -19.65 3.12 30.37
C PHE C 55 -19.38 2.53 31.75
N LEU C 56 -20.41 2.46 32.59
CA LEU C 56 -20.24 1.77 33.86
C LEU C 56 -20.26 0.26 33.59
N PRO C 57 -19.19 -0.48 33.88
CA PRO C 57 -19.04 -1.91 33.63
C PRO C 57 -20.15 -2.70 34.30
N PHE C 58 -20.64 -3.73 33.63
CA PHE C 58 -21.75 -4.50 34.18
C PHE C 58 -21.34 -5.25 35.44
N PHE C 59 -22.23 -5.22 36.42
CA PHE C 59 -22.08 -5.91 37.70
C PHE C 59 -20.86 -5.47 38.49
N SER C 60 -20.36 -4.27 38.21
CA SER C 60 -19.25 -3.71 38.97
C SER C 60 -19.74 -3.18 40.32
N ASN C 61 -18.78 -2.91 41.23
CA ASN C 61 -19.07 -2.37 42.55
C ASN C 61 -19.27 -0.85 42.49
N VAL C 62 -20.37 -0.38 43.07
CA VAL C 62 -20.67 1.05 43.18
C VAL C 62 -20.67 1.43 44.65
N THR C 63 -20.03 2.55 44.99
CA THR C 63 -19.90 2.94 46.38
C THR C 63 -21.17 3.60 46.90
N TRP C 64 -21.64 3.14 48.05
CA TRP C 64 -22.89 3.61 48.63
C TRP C 64 -22.63 4.62 49.75
N PHE C 65 -22.99 5.88 49.51
CA PHE C 65 -22.77 6.93 50.49
C PHE C 65 -24.06 7.31 51.20
N PRO C 82 -18.15 14.00 51.36
CA PRO C 82 -16.76 13.63 51.13
C PRO C 82 -16.30 14.08 49.75
N VAL C 83 -15.01 14.31 49.61
CA VAL C 83 -14.45 14.64 48.32
C VAL C 83 -14.09 13.39 47.55
N LEU C 84 -14.70 13.21 46.39
CA LEU C 84 -14.49 12.01 45.60
C LEU C 84 -13.72 12.37 44.33
N PRO C 85 -12.94 11.44 43.79
CA PRO C 85 -12.22 11.56 42.55
C PRO C 85 -13.19 11.55 41.37
N PHE C 86 -12.84 12.25 40.30
CA PHE C 86 -13.65 12.20 39.05
C PHE C 86 -12.61 11.76 38.02
N ASN C 87 -12.23 10.48 38.06
CA ASN C 87 -11.12 10.01 37.18
C ASN C 87 -11.39 10.36 35.72
N ASP C 88 -11.98 9.44 34.98
CA ASP C 88 -12.26 9.65 33.55
C ASP C 88 -13.74 9.90 33.31
N GLY C 89 -14.48 10.14 34.39
CA GLY C 89 -15.92 10.32 34.32
C GLY C 89 -16.57 9.53 35.43
N VAL C 90 -17.69 10.03 35.93
CA VAL C 90 -18.33 9.42 37.09
C VAL C 90 -19.81 9.16 36.88
N TYR C 91 -20.25 8.00 37.36
CA TYR C 91 -21.66 7.66 37.37
C TYR C 91 -22.25 8.00 38.73
N PHE C 92 -23.35 8.73 38.73
CA PHE C 92 -24.00 9.13 39.97
C PHE C 92 -25.45 8.73 39.97
N ALA C 93 -25.93 8.17 41.07
CA ALA C 93 -27.34 7.82 41.16
C ALA C 93 -27.85 8.06 42.57
N SER C 94 -29.12 8.41 42.68
CA SER C 94 -29.68 8.64 44.01
C SER C 94 -31.12 8.18 44.11
N THR C 95 -31.56 7.93 45.33
CA THR C 95 -32.93 7.52 45.61
C THR C 95 -33.62 8.58 46.47
N GLU C 96 -34.22 9.55 45.80
CA GLU C 96 -34.71 10.75 46.45
C GLU C 96 -36.12 10.58 47.01
N LYS C 97 -36.40 11.28 48.11
CA LYS C 97 -37.72 11.26 48.72
C LYS C 97 -38.28 12.67 48.93
N SER C 98 -37.40 13.65 49.14
CA SER C 98 -37.84 14.99 49.50
C SER C 98 -36.84 16.07 49.11
N ASN C 99 -36.26 15.95 47.93
CA ASN C 99 -35.30 16.94 47.42
C ASN C 99 -34.18 17.23 48.42
N ILE C 100 -33.58 16.18 48.97
CA ILE C 100 -32.47 16.34 49.90
C ILE C 100 -31.17 16.65 49.18
N ILE C 101 -30.93 15.96 48.07
CA ILE C 101 -29.71 16.19 47.30
C ILE C 101 -29.91 17.38 46.36
N ARG C 102 -29.18 18.45 46.62
CA ARG C 102 -29.40 19.73 45.97
C ARG C 102 -28.64 19.91 44.66
N GLY C 103 -27.44 19.34 44.59
CA GLY C 103 -26.60 19.57 43.42
C GLY C 103 -25.17 19.07 43.60
N TRP C 104 -24.27 19.58 42.75
CA TRP C 104 -22.89 19.10 42.73
C TRP C 104 -21.86 20.22 42.55
N ILE C 105 -20.64 19.95 43.00
CA ILE C 105 -19.50 20.81 42.73
C ILE C 105 -18.39 20.03 42.03
N PHE C 106 -17.95 20.50 40.88
CA PHE C 106 -16.87 19.84 40.16
C PHE C 106 -15.68 20.77 39.98
N GLY C 107 -14.47 20.24 40.14
CA GLY C 107 -13.28 21.06 39.95
C GLY C 107 -12.00 20.32 40.34
N THR C 108 -10.99 21.09 40.73
CA THR C 108 -9.69 20.55 41.12
C THR C 108 -9.44 20.79 42.60
N THR C 109 -9.11 22.04 42.93
CA THR C 109 -8.84 22.40 44.32
C THR C 109 -10.14 22.56 45.10
N LEU C 110 -11.23 22.84 44.39
CA LEU C 110 -12.54 23.04 45.01
C LEU C 110 -12.48 24.17 46.05
N ASP C 111 -11.79 25.24 45.69
CA ASP C 111 -11.60 26.40 46.56
C ASP C 111 -11.66 27.69 45.75
N SER C 112 -11.51 28.83 46.42
CA SER C 112 -11.56 30.12 45.77
C SER C 112 -10.25 30.39 45.01
N LYS C 113 -10.08 29.69 43.89
CA LYS C 113 -8.86 29.73 43.07
C LYS C 113 -9.15 29.17 41.68
N SER C 116 -14.43 26.71 39.44
CA SER C 116 -15.15 25.48 39.75
C SER C 116 -16.55 25.52 39.15
N LEU C 117 -17.07 24.35 38.84
CA LEU C 117 -18.40 24.22 38.24
C LEU C 117 -19.44 23.90 39.29
N LEU C 118 -20.35 24.84 39.50
CA LEU C 118 -21.38 24.70 40.52
C LEU C 118 -22.75 24.48 39.90
N ILE C 119 -23.33 23.32 40.17
CA ILE C 119 -24.64 22.96 39.64
C ILE C 119 -25.65 22.84 40.77
N VAL C 120 -26.60 23.77 40.83
CA VAL C 120 -27.56 23.80 41.93
C VAL C 120 -29.01 23.83 41.48
N ASN C 121 -29.83 22.99 42.09
CA ASN C 121 -31.26 22.99 41.81
C ASN C 121 -31.92 24.15 42.57
N ASN C 122 -32.15 25.25 41.86
CA ASN C 122 -32.60 26.51 42.44
C ASN C 122 -34.12 26.55 42.58
N ALA C 123 -34.65 25.73 43.48
CA ALA C 123 -36.07 25.63 43.83
C ALA C 123 -36.94 25.15 42.66
N THR C 124 -37.06 25.98 41.63
CA THR C 124 -37.92 25.68 40.49
C THR C 124 -37.14 25.48 39.20
N ASN C 125 -35.87 25.87 39.20
CA ASN C 125 -35.04 25.74 38.00
C ASN C 125 -33.61 25.38 38.36
N VAL C 126 -32.77 25.20 37.36
CA VAL C 126 -31.38 24.80 37.61
C VAL C 126 -30.40 25.88 37.19
N VAL C 127 -29.53 26.27 38.11
CA VAL C 127 -28.57 27.32 37.85
C VAL C 127 -27.14 26.77 37.83
N ILE C 128 -26.46 26.97 36.72
CA ILE C 128 -25.10 26.50 36.55
C ILE C 128 -24.12 27.65 36.40
N LYS C 129 -23.12 27.68 37.26
CA LYS C 129 -22.11 28.74 37.19
C LYS C 129 -20.70 28.19 37.22
N VAL C 130 -19.79 28.86 36.54
CA VAL C 130 -18.37 28.54 36.66
C VAL C 130 -17.63 29.78 37.14
N CYS C 131 -17.11 29.72 38.37
CA CYS C 131 -16.50 30.87 39.03
C CYS C 131 -15.46 30.41 40.04
N GLU C 132 -14.66 31.36 40.53
CA GLU C 132 -13.74 31.08 41.63
C GLU C 132 -14.52 31.16 42.94
N PHE C 133 -15.37 30.18 43.17
CA PHE C 133 -16.28 30.18 44.31
C PHE C 133 -15.57 29.88 45.62
N GLN C 134 -16.01 30.53 46.69
CA GLN C 134 -15.54 30.21 48.02
C GLN C 134 -16.48 29.20 48.66
N PHE C 135 -15.96 28.03 48.97
CA PHE C 135 -16.77 26.97 49.54
C PHE C 135 -16.45 26.76 51.01
N CYS C 136 -17.40 26.18 51.74
CA CYS C 136 -17.20 25.84 53.14
C CYS C 136 -16.33 24.60 53.26
N ASN C 137 -15.82 24.35 54.46
CA ASN C 137 -15.02 23.14 54.71
C ASN C 137 -15.90 21.89 54.63
N ASP C 138 -17.21 22.10 54.70
CA ASP C 138 -18.19 21.03 54.57
C ASP C 138 -19.50 21.59 54.00
N PRO C 139 -19.53 21.86 52.68
CA PRO C 139 -20.57 22.57 51.97
C PRO C 139 -21.94 21.91 52.13
N PHE C 140 -22.95 22.74 52.35
CA PHE C 140 -24.33 22.26 52.47
C PHE C 140 -25.29 23.40 52.20
N LEU C 141 -26.56 23.08 51.95
CA LEU C 141 -27.57 24.12 51.80
C LEU C 141 -28.74 23.89 52.76
N GLY C 142 -29.33 24.99 53.24
CA GLY C 142 -30.47 24.94 54.13
C GLY C 142 -31.09 26.32 54.30
N ASN C 165 -14.82 36.36 40.19
CA ASN C 165 -14.37 36.05 38.85
C ASN C 165 -15.17 34.86 38.27
N CYS C 166 -16.10 35.16 37.36
CA CYS C 166 -16.94 34.15 36.70
C CYS C 166 -16.67 34.11 35.21
N THR C 167 -16.72 32.90 34.65
CA THR C 167 -16.46 32.70 33.24
C THR C 167 -17.69 32.19 32.48
N PHE C 168 -18.63 31.60 33.21
CA PHE C 168 -19.82 31.04 32.58
C PHE C 168 -21.03 31.09 33.49
N GLU C 169 -22.19 31.39 32.93
CA GLU C 169 -23.45 31.32 33.65
C GLU C 169 -24.58 30.89 32.74
N TYR C 170 -25.37 29.93 33.21
CA TYR C 170 -26.51 29.41 32.47
C TYR C 170 -27.64 28.96 33.38
N VAL C 171 -28.88 29.26 32.99
CA VAL C 171 -30.03 28.80 33.74
C VAL C 171 -30.95 27.97 32.86
N LYS C 187 -37.93 6.23 46.40
CA LYS C 187 -39.14 6.38 45.60
C LYS C 187 -38.84 6.99 44.22
N ASN C 188 -37.94 7.97 44.17
CA ASN C 188 -37.53 8.60 42.91
C ASN C 188 -36.07 8.30 42.60
N LEU C 189 -35.84 7.47 41.58
CA LEU C 189 -34.49 7.11 41.20
C LEU C 189 -33.99 8.01 40.10
N ARG C 190 -32.90 8.72 40.37
CA ARG C 190 -32.36 9.67 39.43
C ARG C 190 -30.93 9.31 39.06
N GLU C 191 -30.74 8.86 37.83
CA GLU C 191 -29.42 8.44 37.36
C GLU C 191 -28.79 9.54 36.53
N PHE C 192 -27.50 9.78 36.75
CA PHE C 192 -26.76 10.77 36.00
C PHE C 192 -25.41 10.23 35.55
N VAL C 193 -24.94 10.73 34.42
CA VAL C 193 -23.57 10.46 33.99
C VAL C 193 -22.84 11.77 33.74
N PHE C 194 -21.70 11.94 34.40
CA PHE C 194 -20.91 13.15 34.24
C PHE C 194 -19.55 12.82 33.66
N LYS C 195 -19.28 13.25 32.43
CA LYS C 195 -17.97 13.02 31.84
C LYS C 195 -17.47 14.29 31.18
N ASN C 196 -16.15 14.46 31.13
CA ASN C 196 -15.56 15.69 30.64
C ASN C 196 -14.57 15.42 29.51
N ILE C 197 -15.00 15.64 28.28
CA ILE C 197 -14.18 15.32 27.11
C ILE C 197 -13.88 16.54 26.26
N ASP C 198 -12.59 16.82 26.08
CA ASP C 198 -12.13 17.93 25.26
C ASP C 198 -12.73 19.26 25.69
N GLY C 199 -12.88 19.45 27.00
CA GLY C 199 -13.38 20.71 27.53
C GLY C 199 -14.90 20.73 27.67
N TYR C 200 -15.58 19.72 27.11
CA TYR C 200 -17.02 19.69 27.17
C TYR C 200 -17.51 18.82 28.31
N PHE C 201 -18.31 19.42 29.20
CA PHE C 201 -18.86 18.69 30.32
C PHE C 201 -20.23 18.15 29.92
N LYS C 202 -20.30 16.84 29.73
CA LYS C 202 -21.49 16.21 29.19
C LYS C 202 -22.30 15.54 30.29
N ILE C 203 -23.56 15.93 30.39
CA ILE C 203 -24.44 15.40 31.42
C ILE C 203 -25.58 14.61 30.80
N TYR C 204 -25.73 13.37 31.23
CA TYR C 204 -26.84 12.53 30.80
C TYR C 204 -27.71 12.25 32.01
N SER C 205 -29.01 12.04 31.80
CA SER C 205 -29.86 11.75 32.94
C SER C 205 -31.11 10.95 32.59
N LYS C 206 -31.60 10.19 33.57
CA LYS C 206 -32.86 9.46 33.45
C LYS C 206 -33.55 9.34 34.80
N HIS C 207 -34.81 9.72 34.86
CA HIS C 207 -35.58 9.63 36.10
C HIS C 207 -36.68 8.59 35.99
N THR C 208 -36.83 7.78 37.04
CA THR C 208 -37.88 6.77 37.08
C THR C 208 -38.34 6.54 38.52
N PRO C 209 -39.63 6.25 38.74
CA PRO C 209 -40.21 5.84 40.00
C PRO C 209 -39.75 4.44 40.37
N ILE C 210 -39.52 4.23 41.66
CA ILE C 210 -39.13 2.93 42.19
C ILE C 210 -39.89 2.61 43.47
N ASN C 211 -39.86 1.35 43.87
CA ASN C 211 -40.40 0.94 45.16
C ASN C 211 -39.41 0.05 45.89
N LEU C 212 -38.45 0.69 46.57
CA LEU C 212 -37.33 0.00 47.21
C LEU C 212 -36.68 0.92 48.24
N ASP C 215 -30.78 0.18 48.56
CA ASP C 215 -30.02 -0.44 47.49
C ASP C 215 -30.59 0.00 46.13
N LEU C 216 -29.98 -0.47 45.03
CA LEU C 216 -30.44 -0.16 43.67
C LEU C 216 -31.32 -1.29 43.14
N PRO C 217 -32.37 -0.95 42.38
CA PRO C 217 -33.27 -1.86 41.70
C PRO C 217 -32.60 -2.47 40.47
N GLN C 218 -33.08 -3.64 40.07
CA GLN C 218 -32.61 -4.28 38.85
C GLN C 218 -33.43 -3.83 37.67
N GLY C 219 -32.83 -3.85 36.48
CA GLY C 219 -33.53 -3.48 35.26
C GLY C 219 -32.61 -2.71 34.33
N PHE C 220 -33.13 -2.29 33.19
CA PHE C 220 -32.31 -1.58 32.22
C PHE C 220 -33.01 -0.36 31.64
N SER C 221 -32.27 0.73 31.54
CA SER C 221 -32.72 1.93 30.88
C SER C 221 -31.52 2.69 30.35
N ALA C 222 -31.71 3.43 29.26
CA ALA C 222 -30.64 4.25 28.74
C ALA C 222 -30.86 5.71 29.09
N LEU C 223 -29.77 6.40 29.38
CA LEU C 223 -29.85 7.81 29.75
C LEU C 223 -29.67 8.73 28.55
N GLU C 224 -30.65 9.61 28.35
CA GLU C 224 -30.59 10.58 27.27
C GLU C 224 -29.74 11.77 27.71
N PRO C 225 -29.05 12.43 26.79
CA PRO C 225 -28.26 13.62 27.01
C PRO C 225 -29.14 14.76 27.48
N LEU C 226 -28.68 15.49 28.48
CA LEU C 226 -29.46 16.59 29.05
C LEU C 226 -28.78 17.93 28.77
N VAL C 227 -27.49 18.01 29.09
CA VAL C 227 -26.74 19.25 28.96
C VAL C 227 -25.35 18.99 28.38
N ASP C 228 -24.82 19.93 27.62
CA ASP C 228 -23.44 19.84 27.14
C ASP C 228 -22.78 21.21 27.24
N LEU C 229 -21.93 21.38 28.24
CA LEU C 229 -21.37 22.70 28.56
C LEU C 229 -19.96 22.91 28.00
N PRO C 230 -19.76 23.92 27.15
CA PRO C 230 -18.51 24.31 26.52
C PRO C 230 -17.67 25.15 27.47
N ILE C 231 -17.19 24.54 28.54
CA ILE C 231 -16.53 25.30 29.60
C ILE C 231 -15.01 25.32 29.47
N GLY C 232 -14.40 24.17 29.20
CA GLY C 232 -12.95 24.08 29.18
C GLY C 232 -12.38 24.03 30.60
N ILE C 233 -13.15 23.46 31.52
CA ILE C 233 -12.73 23.37 32.92
C ILE C 233 -12.07 22.04 33.26
N ASN C 234 -10.97 22.09 34.01
CA ASN C 234 -10.25 20.93 34.51
C ASN C 234 -10.97 20.36 35.74
N ILE C 235 -11.40 19.09 35.68
CA ILE C 235 -12.10 18.44 36.79
C ILE C 235 -11.36 17.16 37.18
N THR C 236 -10.97 17.08 38.45
CA THR C 236 -10.30 15.90 38.98
C THR C 236 -11.00 15.37 40.22
N ARG C 237 -11.78 16.22 40.86
CA ARG C 237 -12.50 15.88 42.09
C ARG C 237 -13.88 16.52 42.11
N PHE C 238 -14.80 15.96 42.89
CA PHE C 238 -16.11 16.58 43.04
C PHE C 238 -16.76 16.30 44.39
N GLN C 239 -17.78 17.09 44.71
CA GLN C 239 -18.56 16.92 45.93
C GLN C 239 -20.06 16.95 45.66
N THR C 240 -20.83 16.30 46.51
CA THR C 240 -22.28 16.29 46.37
C THR C 240 -22.93 17.17 47.43
N LEU C 241 -23.78 18.08 46.99
CA LEU C 241 -24.46 19.00 47.89
C LEU C 241 -25.82 18.48 48.33
N LEU C 242 -26.07 18.54 49.64
CA LEU C 242 -27.33 18.08 50.24
C LEU C 242 -27.90 19.17 51.15
N ALA C 264 -29.70 8.97 50.39
CA ALA C 264 -28.44 8.31 50.06
C ALA C 264 -28.20 8.33 48.55
N TYR C 265 -26.94 8.13 48.15
CA TYR C 265 -26.53 8.14 46.75
C TYR C 265 -25.39 7.19 46.46
N TYR C 266 -25.20 6.88 45.19
CA TYR C 266 -24.21 5.91 44.76
C TYR C 266 -23.24 6.53 43.76
N VAL C 267 -21.97 6.19 43.86
CA VAL C 267 -20.97 6.69 42.93
C VAL C 267 -20.13 5.57 42.31
N GLY C 268 -20.10 5.55 40.99
CA GLY C 268 -19.31 4.56 40.26
C GLY C 268 -18.42 5.26 39.25
N TYR C 269 -17.59 4.51 38.53
CA TYR C 269 -16.70 5.12 37.57
C TYR C 269 -16.75 4.44 36.21
N LEU C 270 -16.60 5.23 35.17
CA LEU C 270 -16.72 4.76 33.80
C LEU C 270 -15.42 4.19 33.28
N GLN C 271 -15.51 3.20 32.41
CA GLN C 271 -14.33 2.59 31.81
C GLN C 271 -14.54 2.39 30.31
N PRO C 272 -13.47 2.43 29.51
CA PRO C 272 -13.44 2.30 28.06
C PRO C 272 -13.66 0.86 27.60
N ARG C 273 -14.88 0.36 27.79
CA ARG C 273 -15.21 -1.01 27.43
C ARG C 273 -16.15 -1.05 26.23
N THR C 274 -16.21 -2.20 25.57
CA THR C 274 -17.03 -2.36 24.38
C THR C 274 -18.40 -2.93 24.71
N PHE C 275 -19.44 -2.25 24.24
CA PHE C 275 -20.81 -2.68 24.44
C PHE C 275 -21.56 -2.90 23.14
N LEU C 276 -22.41 -3.91 23.12
CA LEU C 276 -23.32 -4.11 22.00
C LEU C 276 -24.68 -3.55 22.40
N LEU C 277 -25.14 -2.52 21.71
CA LEU C 277 -26.39 -1.86 22.07
C LEU C 277 -27.52 -2.26 21.16
N LYS C 278 -28.65 -2.65 21.76
CA LYS C 278 -29.81 -3.07 21.00
C LYS C 278 -30.82 -1.95 20.84
N TYR C 279 -31.01 -1.52 19.59
CA TYR C 279 -31.96 -0.46 19.27
C TYR C 279 -33.27 -1.04 18.76
N ASN C 280 -34.39 -0.52 19.27
CA ASN C 280 -35.70 -0.96 18.81
C ASN C 280 -36.13 -0.14 17.62
N GLU C 281 -37.36 -0.33 17.17
CA GLU C 281 -37.86 0.36 15.97
C GLU C 281 -38.06 1.87 16.14
N ASN C 282 -38.06 2.36 17.40
CA ASN C 282 -38.31 3.78 17.70
C ASN C 282 -37.03 4.55 18.00
N GLY C 283 -35.86 3.93 17.81
CA GLY C 283 -34.57 4.61 18.00
C GLY C 283 -34.07 4.58 19.44
N THR C 284 -34.72 3.81 20.31
CA THR C 284 -34.30 3.75 21.71
C THR C 284 -33.45 2.53 21.97
N ILE C 285 -32.70 2.56 23.06
CA ILE C 285 -31.89 1.41 23.46
C ILE C 285 -32.67 0.60 24.50
N THR C 286 -32.91 -0.66 24.19
CA THR C 286 -33.72 -1.50 25.06
C THR C 286 -32.90 -2.53 25.81
N ASP C 287 -31.69 -2.80 25.30
CA ASP C 287 -30.81 -3.76 25.98
C ASP C 287 -29.35 -3.47 25.66
N ALA C 288 -28.45 -4.23 26.28
CA ALA C 288 -27.02 -4.07 26.02
C ALA C 288 -26.21 -5.27 26.50
N VAL C 289 -25.09 -5.54 25.83
CA VAL C 289 -24.15 -6.56 26.28
C VAL C 289 -22.75 -6.00 26.53
N ASP C 290 -22.23 -6.25 27.72
CA ASP C 290 -20.86 -5.87 28.07
C ASP C 290 -19.90 -6.98 27.67
N CYS C 291 -19.11 -6.75 26.61
CA CYS C 291 -18.28 -7.79 25.99
C CYS C 291 -17.15 -8.23 26.90
N ALA C 292 -16.91 -7.50 27.98
CA ALA C 292 -15.80 -7.81 28.86
C ALA C 292 -16.27 -8.42 30.17
N LEU C 293 -17.57 -8.70 30.26
CA LEU C 293 -18.15 -9.25 31.49
C LEU C 293 -17.78 -10.72 31.70
N ASP C 294 -17.83 -11.51 30.63
CA ASP C 294 -17.58 -12.95 30.72
C ASP C 294 -17.58 -13.52 29.29
N PRO C 295 -17.12 -14.77 29.09
CA PRO C 295 -17.01 -15.46 27.80
C PRO C 295 -18.33 -15.60 27.04
N LEU C 296 -19.45 -15.55 27.75
CA LEU C 296 -20.73 -15.71 27.08
C LEU C 296 -21.16 -14.38 26.47
N SER C 297 -20.92 -13.31 27.22
CA SER C 297 -21.19 -11.97 26.72
C SER C 297 -20.26 -11.67 25.56
N GLU C 298 -19.02 -12.15 25.66
CA GLU C 298 -18.06 -11.99 24.59
C GLU C 298 -18.56 -12.68 23.33
N THR C 299 -19.06 -13.91 23.49
CA THR C 299 -19.59 -14.66 22.36
C THR C 299 -20.76 -13.90 21.73
N LYS C 300 -21.69 -13.44 22.56
CA LYS C 300 -22.85 -12.73 22.06
C LYS C 300 -22.47 -11.60 21.10
N CYS C 301 -21.52 -10.74 21.49
CA CYS C 301 -21.12 -9.62 20.63
C CYS C 301 -20.19 -10.05 19.50
N THR C 302 -19.51 -11.20 19.65
CA THR C 302 -18.67 -11.72 18.57
C THR C 302 -19.48 -11.98 17.31
N LEU C 303 -20.66 -12.60 17.47
CA LEU C 303 -21.52 -12.85 16.33
C LEU C 303 -22.71 -11.88 16.28
N LYS C 304 -22.57 -10.74 16.94
CA LYS C 304 -23.56 -9.67 16.89
C LYS C 304 -24.98 -10.17 17.13
N SER C 305 -25.21 -10.83 18.24
CA SER C 305 -26.55 -11.30 18.57
C SER C 305 -26.77 -11.40 20.07
N PHE C 306 -28.00 -11.18 20.51
CA PHE C 306 -28.34 -11.35 21.92
C PHE C 306 -28.81 -12.76 22.20
N THR C 307 -28.86 -13.58 21.14
CA THR C 307 -29.21 -14.99 21.28
C THR C 307 -28.15 -15.84 20.63
N VAL C 308 -27.64 -16.82 21.37
CA VAL C 308 -26.61 -17.71 20.84
C VAL C 308 -27.12 -19.14 20.83
N GLU C 309 -27.04 -19.76 19.66
CA GLU C 309 -27.52 -21.13 19.47
C GLU C 309 -26.53 -22.14 20.01
N LYS C 310 -27.01 -23.35 20.24
CA LYS C 310 -26.15 -24.44 20.70
C LYS C 310 -24.99 -24.67 19.76
N GLY C 311 -23.78 -24.74 20.30
CA GLY C 311 -22.61 -25.01 19.48
C GLY C 311 -21.33 -24.45 20.07
N ILE C 312 -20.25 -24.55 19.30
CA ILE C 312 -18.94 -24.07 19.71
C ILE C 312 -18.51 -22.91 18.82
N TYR C 313 -18.14 -21.80 19.44
CA TYR C 313 -17.77 -20.59 18.68
C TYR C 313 -16.37 -20.11 19.01
N GLN C 314 -15.62 -19.71 18.00
CA GLN C 314 -14.30 -19.12 18.23
C GLN C 314 -14.46 -17.61 18.43
N THR C 315 -14.02 -17.11 19.57
CA THR C 315 -14.24 -15.71 19.91
C THR C 315 -12.96 -14.90 19.98
N SER C 316 -11.85 -15.57 20.26
CA SER C 316 -10.58 -14.86 20.41
C SER C 316 -9.42 -15.81 20.26
N ASN C 317 -8.22 -15.25 20.10
CA ASN C 317 -7.01 -16.05 20.08
C ASN C 317 -6.11 -15.65 21.24
N PHE C 318 -5.24 -16.57 21.66
CA PHE C 318 -4.31 -16.24 22.74
C PHE C 318 -2.89 -16.57 22.32
N ARG C 319 -1.93 -15.84 22.90
CA ARG C 319 -0.52 -16.13 22.67
C ARG C 319 0.28 -15.96 23.95
N VAL C 320 1.27 -16.82 24.13
CA VAL C 320 2.16 -16.68 25.27
C VAL C 320 3.30 -15.73 24.92
N GLN C 321 3.50 -14.71 25.75
CA GLN C 321 4.51 -13.70 25.49
C GLN C 321 5.84 -14.08 26.12
N PRO C 322 6.96 -13.60 25.55
CA PRO C 322 8.29 -13.61 26.12
C PRO C 322 8.32 -12.91 27.46
N THR C 323 9.10 -13.44 28.40
CA THR C 323 9.17 -12.86 29.73
C THR C 323 10.48 -12.10 29.97
N GLU C 324 11.50 -12.44 29.19
CA GLU C 324 12.81 -11.82 29.34
C GLU C 324 13.66 -12.04 28.09
N SER C 325 14.77 -11.31 28.00
CA SER C 325 15.71 -11.45 26.88
C SER C 325 16.97 -12.23 27.28
N ILE C 326 17.48 -13.00 26.33
CA ILE C 326 18.72 -13.75 26.52
C ILE C 326 19.78 -13.37 25.50
N VAL C 327 20.93 -12.93 26.00
CA VAL C 327 22.04 -12.57 25.13
C VAL C 327 23.26 -13.42 25.44
N ARG C 328 23.73 -14.17 24.45
CA ARG C 328 24.86 -15.07 24.67
C ARG C 328 25.93 -14.92 23.59
N PHE C 329 27.16 -14.70 24.03
CA PHE C 329 28.30 -14.63 23.12
C PHE C 329 29.45 -15.51 23.64
N PRO C 330 30.34 -15.98 22.76
CA PRO C 330 31.52 -16.77 23.07
C PRO C 330 32.47 -16.04 24.00
N ASN C 331 33.28 -16.79 24.75
CA ASN C 331 34.33 -16.25 25.60
C ASN C 331 35.34 -15.44 24.78
N ILE C 332 35.65 -14.23 25.25
CA ILE C 332 36.71 -13.39 24.63
C ILE C 332 37.80 -13.32 25.69
N THR C 333 38.89 -14.07 25.51
CA THR C 333 39.91 -14.20 26.55
C THR C 333 40.99 -13.66 25.62
N ASN C 334 40.83 -12.40 25.21
CA ASN C 334 41.73 -11.78 24.26
C ASN C 334 41.45 -10.28 24.11
N LEU C 335 41.87 -9.50 25.10
CA LEU C 335 41.67 -8.06 25.03
C LEU C 335 42.87 -7.40 24.36
N CYS C 336 42.63 -6.29 23.68
CA CYS C 336 43.67 -5.51 23.00
C CYS C 336 44.66 -4.92 24.00
N PRO C 337 45.96 -5.02 23.72
CA PRO C 337 47.08 -4.59 24.54
C PRO C 337 47.24 -3.07 24.53
N PHE C 338 46.22 -2.36 24.98
CA PHE C 338 46.31 -0.92 25.14
C PHE C 338 47.10 -0.61 26.39
N GLY C 339 46.81 -1.36 27.46
CA GLY C 339 47.46 -1.17 28.74
C GLY C 339 48.98 -1.36 28.63
N GLU C 340 49.40 -2.20 27.72
CA GLU C 340 50.83 -2.47 27.52
C GLU C 340 51.56 -1.22 27.05
N VAL C 341 50.81 -0.25 26.53
CA VAL C 341 51.37 1.01 26.08
C VAL C 341 51.14 2.09 27.13
N PHE C 342 49.89 2.22 27.55
CA PHE C 342 49.50 3.28 28.48
C PHE C 342 50.17 3.13 29.83
N ASN C 343 50.37 1.90 30.28
CA ASN C 343 51.01 1.64 31.55
C ASN C 343 52.45 1.20 31.37
N ALA C 344 53.01 1.46 30.18
CA ALA C 344 54.39 1.08 29.91
C ALA C 344 55.32 1.80 30.87
N THR C 345 56.37 1.11 31.31
CA THR C 345 57.34 1.70 32.22
C THR C 345 58.31 2.62 31.49
N ARG C 346 58.41 2.45 30.18
CA ARG C 346 59.29 3.27 29.36
C ARG C 346 58.61 3.74 28.08
N PHE C 347 58.70 5.04 27.83
CA PHE C 347 58.18 5.65 26.62
C PHE C 347 59.31 6.12 25.71
N ALA C 348 59.02 6.20 24.42
CA ALA C 348 59.98 6.67 23.42
C ALA C 348 60.10 8.19 23.44
N SER C 349 61.23 8.68 22.95
CA SER C 349 61.41 10.11 22.73
C SER C 349 60.51 10.57 21.60
N VAL C 350 60.09 11.83 21.65
CA VAL C 350 59.18 12.35 20.64
C VAL C 350 59.83 12.42 19.25
N TYR C 351 61.15 12.63 19.21
CA TYR C 351 61.85 12.68 17.93
C TYR C 351 61.87 11.30 17.28
N ALA C 352 61.70 10.27 18.10
CA ALA C 352 61.77 8.88 17.65
C ALA C 352 60.63 8.07 18.25
N TRP C 353 59.41 8.56 18.06
CA TRP C 353 58.24 7.96 18.68
C TRP C 353 58.02 6.53 18.18
N ASN C 354 57.53 5.66 19.04
CA ASN C 354 57.30 4.27 18.66
C ASN C 354 55.84 3.97 18.39
N ARG C 355 55.60 3.04 17.48
CA ARG C 355 54.25 2.63 17.12
C ARG C 355 53.93 1.19 17.49
N LYS C 356 52.95 1.02 18.38
CA LYS C 356 52.48 -0.31 18.75
C LYS C 356 51.24 -0.67 17.94
N ARG C 357 51.31 -1.77 17.21
CA ARG C 357 50.20 -2.18 16.36
C ARG C 357 49.23 -3.10 17.09
N ILE C 358 47.95 -2.71 17.10
CA ILE C 358 46.90 -3.47 17.76
C ILE C 358 45.98 -4.14 16.74
N SER C 359 45.87 -5.46 16.83
CA SER C 359 45.08 -6.23 15.89
C SER C 359 44.59 -7.56 16.48
N ASN C 360 43.59 -8.14 15.84
CA ASN C 360 43.08 -9.47 16.20
C ASN C 360 42.76 -9.59 17.69
N CYS C 361 41.93 -8.66 18.20
CA CYS C 361 41.65 -8.54 19.62
C CYS C 361 40.39 -7.73 19.90
N VAL C 362 39.96 -7.72 21.16
CA VAL C 362 38.82 -6.92 21.60
C VAL C 362 39.25 -5.62 22.26
N ALA C 363 38.87 -4.51 21.63
CA ALA C 363 39.25 -3.19 22.07
C ALA C 363 38.30 -2.65 23.11
N ASP C 364 38.47 -3.08 24.35
CA ASP C 364 37.59 -2.61 25.40
C ASP C 364 38.08 -1.26 25.90
N TYR C 365 37.58 -0.21 25.27
CA TYR C 365 38.07 1.14 25.51
C TYR C 365 37.62 1.72 26.84
N SER C 366 36.76 0.99 27.56
CA SER C 366 36.25 1.52 28.82
C SER C 366 37.34 1.55 29.88
N VAL C 367 38.41 0.79 29.64
CA VAL C 367 39.52 0.74 30.59
C VAL C 367 40.32 2.02 30.51
N LEU C 368 40.16 2.76 29.41
CA LEU C 368 40.86 4.01 29.21
C LEU C 368 39.93 5.17 29.54
N TYR C 369 38.75 5.16 28.92
CA TYR C 369 37.80 6.26 29.07
C TYR C 369 37.42 6.53 30.52
N ASN C 370 37.14 5.48 31.27
CA ASN C 370 36.66 5.66 32.64
C ASN C 370 37.78 5.64 33.68
N PHE C 374 44.17 9.76 33.45
CA PHE C 374 44.40 10.66 32.33
C PHE C 374 43.86 12.06 32.60
N SER C 375 44.61 13.07 32.14
CA SER C 375 44.16 14.45 32.26
C SER C 375 43.57 14.93 30.95
N THR C 376 44.00 14.31 29.85
CA THR C 376 43.50 14.63 28.52
C THR C 376 42.93 13.39 27.85
N PHE C 377 41.71 13.51 27.34
CA PHE C 377 41.09 12.42 26.59
C PHE C 377 40.23 13.02 25.49
N LYS C 378 40.86 13.39 24.38
CA LYS C 378 40.16 14.07 23.30
C LYS C 378 40.11 13.21 22.04
N CYS C 379 38.90 12.86 21.60
CA CYS C 379 38.70 12.05 20.41
C CYS C 379 38.26 12.91 19.23
N TYR C 380 38.85 12.62 18.07
CA TYR C 380 38.59 13.36 16.84
C TYR C 380 37.83 12.52 15.83
N SER C 383 32.92 10.04 19.02
CA SER C 383 32.59 10.27 20.42
C SER C 383 33.27 9.22 21.30
N PRO C 384 33.96 9.61 22.38
CA PRO C 384 34.78 8.79 23.26
C PRO C 384 33.97 7.69 23.96
N THR C 385 32.65 7.85 23.98
CA THR C 385 31.77 6.89 24.63
C THR C 385 31.21 5.88 23.64
N LYS C 386 31.54 6.04 22.36
CA LYS C 386 31.02 5.18 21.30
C LYS C 386 32.14 4.34 20.69
N LEU C 387 33.32 4.41 21.28
CA LEU C 387 34.49 3.70 20.76
C LEU C 387 34.26 2.20 20.76
N ASN C 388 33.53 1.71 21.75
CA ASN C 388 33.29 0.28 21.91
C ASN C 388 32.31 -0.27 20.89
N ASP C 389 31.67 0.61 20.11
CA ASP C 389 30.72 0.18 19.11
C ASP C 389 31.32 0.17 17.72
N LEU C 390 32.62 0.44 17.62
CA LEU C 390 33.28 0.51 16.32
C LEU C 390 34.27 -0.61 16.09
N CYS C 391 34.40 -1.04 14.83
CA CYS C 391 35.43 -1.98 14.39
C CYS C 391 36.43 -1.29 13.48
N PHE C 392 37.68 -1.71 13.55
CA PHE C 392 38.76 -1.10 12.79
C PHE C 392 39.58 -2.14 12.05
N THR C 393 40.16 -1.73 10.92
CA THR C 393 41.12 -2.57 10.22
C THR C 393 42.35 -2.72 11.09
N ASN C 394 42.78 -1.61 11.67
CA ASN C 394 43.88 -1.59 12.62
C ASN C 394 43.75 -0.45 13.61
N VAL C 395 44.35 -0.60 14.77
CA VAL C 395 44.52 0.52 15.71
C VAL C 395 45.99 0.66 16.04
N TYR C 396 46.52 1.88 15.93
CA TYR C 396 47.93 2.09 16.20
C TYR C 396 48.12 3.03 17.38
N ALA C 397 48.89 2.59 18.37
CA ALA C 397 49.15 3.39 19.56
C ALA C 397 50.54 4.01 19.48
N ASP C 398 50.59 5.30 19.17
CA ASP C 398 51.86 6.02 19.04
C ASP C 398 52.27 6.62 20.37
N SER C 399 53.37 6.14 20.92
CA SER C 399 53.81 6.47 22.27
C SER C 399 55.06 7.35 22.31
N PHE C 400 54.95 8.49 23.01
CA PHE C 400 56.07 9.42 23.15
C PHE C 400 55.94 10.36 24.36
N VAL C 401 57.06 10.98 24.75
CA VAL C 401 57.08 11.95 25.85
C VAL C 401 57.43 13.37 25.41
N ILE C 402 56.58 14.31 25.80
CA ILE C 402 56.76 15.74 25.49
C ILE C 402 56.51 16.61 26.72
N ARG C 403 56.73 17.92 26.59
CA ARG C 403 56.45 18.86 27.68
C ARG C 403 54.97 19.20 27.77
N GLY C 404 54.55 19.67 28.94
CA GLY C 404 53.15 20.06 29.18
C GLY C 404 52.63 21.04 28.12
N ASP C 405 53.42 22.08 27.82
CA ASP C 405 52.99 23.10 26.88
C ASP C 405 53.08 22.63 25.44
N GLU C 406 53.53 21.39 25.24
CA GLU C 406 53.59 20.81 23.91
C GLU C 406 52.43 19.85 23.68
N VAL C 407 51.67 19.57 24.73
CA VAL C 407 50.55 18.62 24.62
C VAL C 407 49.49 19.18 23.68
N ARG C 408 49.31 20.49 23.72
CA ARG C 408 48.35 21.18 22.87
C ARG C 408 48.69 21.06 21.39
N GLN C 409 49.93 20.66 21.08
CA GLN C 409 50.36 20.55 19.69
C GLN C 409 49.98 19.20 19.08
N ILE C 410 49.53 18.26 19.91
CA ILE C 410 49.18 16.94 19.41
C ILE C 410 47.73 16.94 18.98
N ALA C 411 47.46 17.58 17.85
CA ALA C 411 46.11 17.70 17.34
C ALA C 411 46.12 18.19 15.90
N PRO C 412 45.06 17.88 15.14
CA PRO C 412 44.74 18.42 13.83
C PRO C 412 44.68 19.94 13.85
N GLY C 413 45.29 20.55 12.85
CA GLY C 413 45.26 22.00 12.68
C GLY C 413 46.29 22.73 13.53
N GLN C 414 47.08 22.00 14.31
CA GLN C 414 48.05 22.64 15.17
C GLN C 414 49.44 22.70 14.54
N THR C 415 50.22 23.68 14.98
CA THR C 415 51.61 23.85 14.54
C THR C 415 52.53 24.02 15.76
N GLY C 416 53.83 23.95 15.54
CA GLY C 416 54.79 24.13 16.62
C GLY C 416 55.97 23.19 16.48
N LYS C 417 56.90 23.24 17.44
CA LYS C 417 58.11 22.43 17.33
C LYS C 417 57.82 20.94 17.29
N ILE C 418 56.79 20.51 18.00
CA ILE C 418 56.45 19.09 17.97
C ILE C 418 55.57 18.79 16.79
N ALA C 419 54.52 19.59 16.61
CA ALA C 419 53.59 19.35 15.52
C ALA C 419 54.28 19.35 14.16
N ASP C 420 55.30 20.19 14.00
CA ASP C 420 55.97 20.33 12.72
C ASP C 420 57.25 19.50 12.58
N TYR C 421 57.99 19.27 13.67
CA TYR C 421 59.29 18.64 13.52
C TYR C 421 59.45 17.29 14.23
N ASN C 422 58.45 16.86 14.99
CA ASN C 422 58.59 15.60 15.72
C ASN C 422 57.43 14.65 15.49
N TYR C 423 56.22 15.10 15.77
CA TYR C 423 55.04 14.26 15.66
C TYR C 423 53.86 15.03 15.07
N LYS C 424 53.64 14.83 13.78
CA LYS C 424 52.60 15.54 13.05
C LYS C 424 51.33 14.71 12.88
N LEU C 425 50.19 15.29 13.24
CA LEU C 425 48.91 14.66 12.96
C LEU C 425 48.20 15.39 11.83
N PRO C 426 47.55 14.67 10.92
CA PRO C 426 46.83 15.15 9.76
C PRO C 426 45.54 15.86 10.14
N ASP C 427 45.09 16.77 9.27
CA ASP C 427 43.86 17.52 9.50
C ASP C 427 42.63 16.61 9.50
N ASP C 428 42.73 15.49 8.80
CA ASP C 428 41.64 14.53 8.73
C ASP C 428 41.87 13.32 9.63
N PHE C 429 42.67 13.50 10.67
CA PHE C 429 42.96 12.45 11.64
C PHE C 429 41.71 11.88 12.28
N THR C 430 41.66 10.55 12.36
CA THR C 430 40.60 9.86 13.08
C THR C 430 41.24 9.02 14.17
N GLY C 431 40.79 9.23 15.40
CA GLY C 431 41.38 8.55 16.54
C GLY C 431 41.26 9.38 17.80
N CYS C 432 41.98 8.97 18.86
CA CYS C 432 41.93 9.64 20.17
C CYS C 432 43.32 10.01 20.67
N VAL C 433 43.44 11.21 21.22
CA VAL C 433 44.68 11.67 21.82
C VAL C 433 44.56 11.70 23.34
N ILE C 434 45.34 10.85 24.00
CA ILE C 434 45.27 10.70 25.44
C ILE C 434 46.61 11.03 26.08
N ALA C 435 46.58 11.85 27.13
CA ALA C 435 47.82 12.29 27.77
C ALA C 435 47.68 12.44 29.28
N TRP C 436 48.79 12.25 29.98
CA TRP C 436 48.81 12.43 31.42
C TRP C 436 50.18 12.87 31.92
N ASN C 437 50.19 13.50 33.10
CA ASN C 437 51.41 13.99 33.71
C ASN C 437 52.30 12.85 34.18
N SER C 438 53.58 12.93 33.85
CA SER C 438 54.55 11.91 34.23
C SER C 438 55.76 12.53 34.92
N ASN C 439 55.51 13.58 35.71
CA ASN C 439 56.58 14.31 36.39
C ASN C 439 57.38 13.42 37.34
N ASN C 440 56.73 12.44 37.93
CA ASN C 440 57.40 11.58 38.89
C ASN C 440 57.98 10.33 38.24
N LEU C 441 57.94 10.28 36.91
CA LEU C 441 58.44 9.12 36.20
C LEU C 441 59.62 9.45 35.29
N ASP C 442 59.48 10.53 34.52
CA ASP C 442 60.43 10.85 33.46
C ASP C 442 61.30 12.06 33.78
N SER C 443 61.37 12.46 35.05
CA SER C 443 62.17 13.63 35.41
C SER C 443 63.34 13.26 36.30
N LYS C 444 64.42 14.01 36.17
CA LYS C 444 65.64 13.81 36.97
C LYS C 444 66.17 15.15 37.45
N VAL C 445 66.92 15.13 38.55
CA VAL C 445 67.53 16.37 39.04
C VAL C 445 68.70 16.73 38.14
N GLY C 446 68.67 17.95 37.60
CA GLY C 446 69.68 18.41 36.66
C GLY C 446 69.18 18.29 35.22
N GLY C 447 68.08 17.56 35.03
CA GLY C 447 67.48 17.37 33.71
C GLY C 447 67.69 15.95 33.21
N ASN C 448 66.59 15.30 32.84
CA ASN C 448 66.64 13.94 32.31
C ASN C 448 66.99 13.98 30.83
N TYR C 449 68.21 13.58 30.50
CA TYR C 449 68.70 13.71 29.14
C TYR C 449 68.37 12.48 28.29
N ASN C 450 67.59 11.57 28.86
CA ASN C 450 67.19 10.37 28.13
C ASN C 450 66.15 10.68 27.06
N TYR C 451 65.35 11.72 27.28
CA TYR C 451 64.31 12.10 26.33
C TYR C 451 64.75 13.28 25.47
N LEU C 452 64.58 13.14 24.16
CA LEU C 452 65.00 14.17 23.23
C LEU C 452 63.91 14.55 22.22
N TYR C 453 64.02 15.78 21.70
CA TYR C 453 63.13 16.30 20.68
C TYR C 453 63.91 17.03 19.60
N ARG C 454 63.36 17.10 18.41
CA ARG C 454 63.98 17.84 17.33
C ARG C 454 63.66 19.34 17.45
N LEU C 455 64.70 20.15 17.41
CA LEU C 455 64.56 21.60 17.52
C LEU C 455 64.72 22.28 16.16
N PHE C 456 65.58 21.71 15.31
CA PHE C 456 65.84 22.31 14.01
C PHE C 456 65.60 21.31 12.89
N ARG C 457 64.99 21.77 11.80
CA ARG C 457 64.81 20.94 10.62
C ARG C 457 64.70 21.81 9.37
N LYS C 458 65.08 21.25 8.23
CA LYS C 458 65.02 21.95 6.95
C LYS C 458 63.59 22.26 6.52
N SER C 459 62.67 21.36 6.85
CA SER C 459 61.26 21.52 6.46
C SER C 459 60.36 20.80 7.47
N ASN C 460 59.05 20.93 7.29
CA ASN C 460 58.08 20.33 8.19
C ASN C 460 57.84 18.86 7.85
N LEU C 461 57.36 18.11 8.84
CA LEU C 461 57.04 16.69 8.66
C LEU C 461 55.68 16.45 8.02
N LYS C 462 55.57 15.30 7.37
CA LYS C 462 54.30 14.80 6.90
C LYS C 462 53.61 14.06 8.05
N PRO C 463 52.30 13.86 8.00
CA PRO C 463 51.52 13.13 8.98
C PRO C 463 52.13 11.77 9.26
N PHE C 464 52.33 11.48 10.55
CA PHE C 464 52.89 10.22 11.02
C PHE C 464 54.27 9.90 10.45
N GLU C 465 55.02 10.93 10.08
CA GLU C 465 56.40 10.73 9.66
C GLU C 465 57.32 10.60 10.87
N ARG C 466 58.28 9.69 10.79
CA ARG C 466 59.23 9.48 11.87
C ARG C 466 60.66 9.75 11.41
N ASP C 467 61.14 10.96 11.67
CA ASP C 467 62.47 11.38 11.24
C ASP C 467 63.46 11.35 12.39
N ILE C 468 64.41 10.42 12.34
CA ILE C 468 65.38 10.26 13.42
C ILE C 468 66.80 10.59 12.94
N SER C 469 66.88 11.34 11.84
CA SER C 469 68.15 11.79 11.28
C SER C 469 68.85 12.80 12.18
N LEU C 492 68.93 17.71 17.10
CA LEU C 492 68.28 17.00 18.19
C LEU C 492 68.74 17.52 19.55
N GLN C 493 67.79 17.94 20.37
CA GLN C 493 68.09 18.49 21.68
C GLN C 493 67.41 17.70 22.79
N SER C 494 68.03 17.65 23.96
CA SER C 494 67.44 16.94 25.08
C SER C 494 66.40 17.80 25.79
N TYR C 495 65.51 17.14 26.53
CA TYR C 495 64.55 17.85 27.38
C TYR C 495 65.14 18.11 28.76
N GLY C 496 64.92 19.31 29.27
CA GLY C 496 65.35 19.64 30.63
C GLY C 496 64.30 19.21 31.65
N PHE C 497 63.96 17.92 31.64
CA PHE C 497 62.90 17.44 32.51
C PHE C 497 63.39 17.30 33.94
N GLN C 498 62.81 18.09 34.84
CA GLN C 498 63.16 18.09 36.25
C GLN C 498 61.89 18.08 37.09
N PRO C 499 61.93 17.45 38.27
CA PRO C 499 60.82 17.29 39.19
C PRO C 499 60.31 18.63 39.74
N THR C 500 61.13 19.67 39.61
CA THR C 500 60.80 20.99 40.14
C THR C 500 60.34 21.96 39.05
N ASN C 501 60.16 21.46 37.83
CA ASN C 501 59.73 22.31 36.72
C ASN C 501 58.30 22.80 36.89
N GLY C 502 58.00 23.94 36.28
CA GLY C 502 56.63 24.41 36.21
C GLY C 502 55.83 23.45 35.33
N VAL C 503 54.51 23.44 35.47
CA VAL C 503 53.70 22.44 34.77
C VAL C 503 53.94 22.42 33.28
N GLY C 504 54.09 23.60 32.67
CA GLY C 504 54.28 23.69 31.24
C GLY C 504 55.58 23.02 30.78
N TYR C 505 56.52 22.84 31.70
CA TYR C 505 57.80 22.24 31.37
C TYR C 505 57.96 20.84 31.96
N GLN C 506 56.90 20.31 32.55
CA GLN C 506 56.93 18.95 33.08
C GLN C 506 56.67 18.00 31.93
N PRO C 507 57.20 16.77 32.00
CA PRO C 507 56.97 15.71 31.05
C PRO C 507 55.56 15.19 31.12
N TYR C 508 55.01 14.88 29.95
CA TYR C 508 53.73 14.23 29.82
C TYR C 508 53.86 13.02 28.91
N ARG C 509 53.19 11.94 29.28
CA ARG C 509 53.17 10.75 28.47
C ARG C 509 51.96 10.76 27.56
N VAL C 510 52.22 10.72 26.27
CA VAL C 510 51.16 10.87 25.29
C VAL C 510 51.03 9.62 24.43
N VAL C 511 49.81 9.11 24.33
CA VAL C 511 49.52 7.99 23.45
C VAL C 511 48.41 8.38 22.48
N VAL C 512 48.72 8.29 21.20
CA VAL C 512 47.73 8.62 20.19
C VAL C 512 47.23 7.36 19.51
N LEU C 513 45.93 7.15 19.56
CA LEU C 513 45.34 5.96 18.98
C LEU C 513 44.75 6.26 17.60
N SER C 514 45.46 5.84 16.57
CA SER C 514 45.05 6.09 15.19
C SER C 514 44.14 4.97 14.70
N PHE C 515 43.00 5.35 14.14
CA PHE C 515 42.01 4.36 13.70
C PHE C 515 42.00 4.20 12.19
N GLU C 516 42.35 3.01 11.72
CA GLU C 516 42.36 2.71 10.30
C GLU C 516 41.06 2.03 9.88
N LEU C 517 40.33 2.65 8.95
CA LEU C 517 39.04 2.15 8.45
C LEU C 517 39.14 1.82 6.98
N ALA C 520 38.65 -4.07 4.53
CA ALA C 520 38.99 -5.29 5.25
C ALA C 520 37.81 -5.73 6.15
N PRO C 521 37.72 -7.03 6.55
CA PRO C 521 36.78 -7.59 7.52
C PRO C 521 36.87 -6.93 8.89
N ALA C 522 38.00 -6.30 9.17
CA ALA C 522 38.31 -5.64 10.44
C ALA C 522 38.77 -6.67 11.47
N THR C 523 39.78 -6.31 12.25
CA THR C 523 40.34 -7.23 13.23
C THR C 523 40.23 -6.71 14.66
N VAL C 524 39.94 -5.42 14.81
CA VAL C 524 39.80 -4.83 16.13
C VAL C 524 38.36 -4.39 16.34
N CYS C 525 37.69 -4.96 17.36
CA CYS C 525 36.28 -4.65 17.64
C CYS C 525 36.04 -4.58 19.14
N GLY C 526 34.94 -3.93 19.54
CA GLY C 526 34.61 -3.82 20.95
C GLY C 526 34.13 -5.14 21.51
N PRO C 527 33.93 -5.21 22.83
CA PRO C 527 33.51 -6.37 23.60
C PRO C 527 32.04 -6.68 23.41
N LYS C 528 31.67 -7.92 23.69
CA LYS C 528 30.27 -8.31 23.69
C LYS C 528 29.79 -8.54 25.11
N LYS C 529 28.56 -8.14 25.38
CA LYS C 529 27.96 -8.35 26.68
C LYS C 529 27.03 -9.55 26.63
N SER C 530 26.80 -10.16 27.78
CA SER C 530 25.91 -11.31 27.84
C SER C 530 25.16 -11.36 29.16
N THR C 531 24.10 -12.16 29.20
CA THR C 531 23.28 -12.33 30.38
C THR C 531 23.43 -13.74 30.94
N ASN C 532 22.37 -14.53 30.84
CA ASN C 532 22.40 -15.92 31.29
C ASN C 532 21.42 -16.71 30.44
N LEU C 533 21.34 -18.01 30.69
CA LEU C 533 20.45 -18.86 29.92
C LEU C 533 19.27 -19.33 30.74
N VAL C 534 18.06 -19.00 30.27
CA VAL C 534 16.84 -19.38 30.95
C VAL C 534 16.06 -20.39 30.13
N LYS C 535 15.77 -21.54 30.74
CA LYS C 535 15.14 -22.65 30.04
C LYS C 535 13.70 -22.87 30.46
N ASN C 536 12.94 -23.53 29.57
CA ASN C 536 11.55 -23.90 29.80
C ASN C 536 10.62 -22.70 29.95
N LYS C 537 11.01 -21.58 29.38
CA LYS C 537 10.18 -20.38 29.36
C LYS C 537 10.24 -19.74 27.99
N CYS C 538 9.18 -19.01 27.60
CA CYS C 538 9.24 -18.22 26.39
C CYS C 538 10.16 -17.02 26.57
N VAL C 539 11.23 -17.01 25.81
CA VAL C 539 12.24 -15.97 25.92
C VAL C 539 12.61 -15.43 24.55
N ASN C 540 13.12 -14.21 24.54
CA ASN C 540 13.62 -13.62 23.30
C ASN C 540 15.14 -13.72 23.28
N PHE C 541 15.66 -14.68 22.53
CA PHE C 541 17.08 -14.99 22.60
C PHE C 541 17.89 -14.44 21.43
N ASN C 542 19.19 -14.27 21.68
CA ASN C 542 20.19 -13.92 20.68
C ASN C 542 21.47 -14.70 20.92
N PHE C 543 21.70 -15.73 20.11
CA PHE C 543 22.89 -16.57 20.25
C PHE C 543 23.94 -16.22 19.21
N ASN C 544 24.92 -15.42 19.62
CA ASN C 544 25.99 -15.00 18.74
C ASN C 544 25.44 -14.40 17.44
N GLY C 545 24.41 -13.58 17.53
CA GLY C 545 23.83 -12.92 16.38
C GLY C 545 22.60 -13.66 15.83
N LEU C 546 22.37 -14.87 16.29
CA LEU C 546 21.23 -15.65 15.82
C LEU C 546 20.02 -15.50 16.72
N THR C 547 18.99 -14.85 16.19
CA THR C 547 17.78 -14.56 16.95
C THR C 547 16.64 -15.48 16.55
N GLY C 548 15.54 -15.41 17.29
CA GLY C 548 14.37 -16.22 16.98
C GLY C 548 13.19 -15.87 17.89
N THR C 549 13.29 -16.32 19.14
CA THR C 549 12.24 -16.18 20.17
C THR C 549 11.44 -17.48 20.28
N GLY C 550 11.36 -18.00 21.51
CA GLY C 550 10.67 -19.26 21.76
C GLY C 550 11.16 -19.91 23.06
N VAL C 551 10.77 -21.15 23.27
CA VAL C 551 11.14 -21.88 24.48
C VAL C 551 12.38 -22.73 24.23
N LEU C 552 13.38 -22.58 25.06
CA LEU C 552 14.62 -23.32 24.92
C LEU C 552 14.66 -24.52 25.87
N THR C 553 14.95 -25.70 25.31
CA THR C 553 15.05 -26.91 26.12
C THR C 553 16.30 -27.70 25.73
N GLU C 554 16.72 -28.60 26.59
CA GLU C 554 17.87 -29.46 26.28
C GLU C 554 17.56 -30.35 25.09
N SER C 555 18.51 -30.47 24.18
CA SER C 555 18.36 -31.27 22.97
C SER C 555 19.16 -32.55 23.03
N ASN C 556 18.76 -33.54 22.23
CA ASN C 556 19.54 -34.77 22.10
C ASN C 556 20.12 -34.91 20.70
N LYS C 557 20.19 -33.80 19.96
CA LYS C 557 20.77 -33.78 18.63
C LYS C 557 22.29 -33.74 18.71
N LYS C 558 22.94 -34.37 17.74
CA LYS C 558 24.39 -34.42 17.70
C LYS C 558 24.97 -33.55 16.62
N PHE C 559 25.43 -32.36 16.99
CA PHE C 559 26.02 -31.42 16.05
C PHE C 559 27.48 -31.76 15.79
N LEU C 560 27.96 -31.41 14.60
CA LEU C 560 29.37 -31.54 14.31
C LEU C 560 30.10 -30.39 15.00
N PRO C 561 31.39 -30.55 15.32
CA PRO C 561 32.24 -29.59 16.00
C PRO C 561 32.23 -28.17 15.41
N PHE C 562 31.84 -28.05 14.15
CA PHE C 562 31.84 -26.73 13.50
C PHE C 562 30.45 -26.15 13.30
N GLN C 563 29.41 -26.95 13.54
CA GLN C 563 28.04 -26.50 13.30
C GLN C 563 27.51 -25.68 14.47
N GLN C 564 26.92 -24.53 14.16
CA GLN C 564 26.50 -23.58 15.18
C GLN C 564 25.00 -23.64 15.46
N PHE C 565 24.23 -24.03 14.46
CA PHE C 565 22.78 -24.14 14.60
C PHE C 565 22.25 -25.12 13.58
N GLY C 566 21.02 -25.58 13.76
CA GLY C 566 20.45 -26.54 12.83
C GLY C 566 19.15 -26.05 12.22
N ARG C 567 18.75 -26.71 11.13
CA ARG C 567 17.51 -26.39 10.44
C ARG C 567 16.76 -27.64 10.01
N ASP C 568 15.45 -27.51 9.82
CA ASP C 568 14.61 -28.59 9.35
C ASP C 568 14.40 -28.55 7.82
N ILE C 569 13.51 -29.40 7.34
CA ILE C 569 13.24 -29.53 5.90
C ILE C 569 12.64 -28.25 5.32
N ALA C 570 11.96 -27.48 6.15
CA ALA C 570 11.32 -26.24 5.70
C ALA C 570 12.30 -25.07 5.77
N ASP C 571 13.55 -25.36 6.11
CA ASP C 571 14.61 -24.37 6.21
C ASP C 571 14.36 -23.35 7.31
N THR C 572 13.85 -23.82 8.45
CA THR C 572 13.69 -22.94 9.61
C THR C 572 14.63 -23.42 10.71
N THR C 573 14.98 -22.53 11.64
CA THR C 573 15.90 -22.89 12.72
C THR C 573 15.15 -23.54 13.86
N ASP C 574 15.64 -24.68 14.35
CA ASP C 574 14.97 -25.37 15.43
C ASP C 574 15.92 -25.88 16.51
N ALA C 575 17.19 -25.51 16.41
CA ALA C 575 18.18 -25.89 17.41
C ALA C 575 19.41 -25.00 17.31
N VAL C 576 20.01 -24.71 18.46
CA VAL C 576 21.22 -23.90 18.48
C VAL C 576 22.29 -24.46 19.42
N ARG C 577 23.53 -24.09 19.14
CA ARG C 577 24.67 -24.42 19.99
C ARG C 577 24.99 -23.23 20.90
N ASP C 578 24.98 -23.45 22.21
CA ASP C 578 25.25 -22.37 23.14
C ASP C 578 26.71 -21.91 23.07
N PRO C 579 26.98 -20.64 22.77
CA PRO C 579 28.29 -20.02 22.60
C PRO C 579 29.28 -20.23 23.74
N GLN C 580 28.78 -20.44 24.97
CA GLN C 580 29.70 -20.55 26.10
C GLN C 580 29.78 -21.96 26.67
N THR C 581 28.66 -22.67 26.68
CA THR C 581 28.62 -23.99 27.29
C THR C 581 28.72 -25.10 26.25
N LEU C 582 28.51 -24.72 24.99
CA LEU C 582 28.62 -25.65 23.86
C LEU C 582 27.64 -26.81 23.93
N GLU C 583 26.50 -26.59 24.59
CA GLU C 583 25.45 -27.59 24.63
C GLU C 583 24.40 -27.28 23.57
N ILE C 584 23.63 -28.29 23.17
CA ILE C 584 22.63 -28.10 22.13
C ILE C 584 21.25 -27.90 22.74
N LEU C 585 20.57 -26.84 22.29
CA LEU C 585 19.23 -26.51 22.74
C LEU C 585 18.24 -26.61 21.59
N ASP C 586 17.06 -27.17 21.87
CA ASP C 586 15.99 -27.21 20.87
C ASP C 586 15.07 -26.01 21.07
N ILE C 587 14.44 -25.57 19.98
CA ILE C 587 13.55 -24.42 20.08
C ILE C 587 12.10 -24.79 19.79
N THR C 588 11.22 -24.48 20.74
CA THR C 588 9.77 -24.68 20.56
C THR C 588 9.05 -23.31 20.58
N PRO C 589 8.28 -22.97 19.55
CA PRO C 589 7.65 -21.67 19.34
C PRO C 589 6.41 -21.43 20.22
N CYS C 590 6.58 -21.57 21.54
CA CYS C 590 5.55 -21.28 22.55
C CYS C 590 4.19 -21.89 22.23
N SER C 591 3.12 -21.12 22.46
CA SER C 591 1.75 -21.54 22.17
C SER C 591 0.97 -20.38 21.58
N PHE C 592 0.11 -20.66 20.62
CA PHE C 592 -0.68 -19.62 19.96
C PHE C 592 -2.00 -20.13 19.38
N GLY C 593 -2.68 -21.01 20.10
CA GLY C 593 -3.94 -21.56 19.62
C GLY C 593 -5.08 -20.57 19.84
N GLY C 594 -6.29 -20.96 19.43
CA GLY C 594 -7.44 -20.08 19.57
C GLY C 594 -8.20 -20.37 20.85
N VAL C 595 -9.22 -19.57 21.11
CA VAL C 595 -10.09 -19.74 22.25
C VAL C 595 -11.54 -19.86 21.79
N SER C 596 -12.18 -20.98 22.14
CA SER C 596 -13.55 -21.22 21.73
C SER C 596 -14.48 -21.35 22.94
N VAL C 597 -15.69 -20.85 22.80
CA VAL C 597 -16.70 -20.94 23.84
C VAL C 597 -17.76 -21.96 23.47
N ILE C 598 -17.95 -22.92 24.36
CA ILE C 598 -18.88 -24.02 24.16
C ILE C 598 -20.16 -23.79 24.95
N THR C 599 -21.26 -23.66 24.24
CA THR C 599 -22.52 -23.35 24.91
C THR C 599 -23.67 -24.23 24.43
N PRO C 600 -24.58 -24.62 25.33
CA PRO C 600 -25.84 -25.28 25.07
C PRO C 600 -26.81 -24.33 24.40
N GLY C 601 -26.50 -23.05 24.44
CA GLY C 601 -27.35 -22.02 23.84
C GLY C 601 -28.07 -21.23 24.91
N THR C 602 -28.30 -19.95 24.63
CA THR C 602 -28.96 -19.05 25.58
C THR C 602 -30.46 -19.32 25.71
N ASN C 603 -30.95 -20.34 24.97
CA ASN C 603 -32.32 -20.83 25.04
C ASN C 603 -32.59 -21.53 26.37
N THR C 604 -31.53 -22.05 27.02
CA THR C 604 -31.66 -22.80 28.28
C THR C 604 -30.79 -22.18 29.38
N SER C 605 -29.57 -22.69 29.54
CA SER C 605 -28.68 -22.22 30.60
C SER C 605 -27.85 -21.04 30.13
N ASN C 606 -27.20 -20.36 31.07
CA ASN C 606 -26.31 -19.26 30.74
C ASN C 606 -24.87 -19.53 31.18
N GLN C 607 -24.49 -20.80 31.19
CA GLN C 607 -23.13 -21.18 31.54
C GLN C 607 -22.41 -21.73 30.33
N VAL C 608 -21.10 -21.53 30.27
CA VAL C 608 -20.31 -22.01 29.16
C VAL C 608 -19.03 -22.69 29.60
N ALA C 609 -18.46 -23.48 28.71
CA ALA C 609 -17.11 -24.02 28.90
C ALA C 609 -16.17 -23.38 27.90
N VAL C 610 -14.92 -23.19 28.27
CA VAL C 610 -13.98 -22.56 27.35
C VAL C 610 -12.83 -23.48 26.98
N LEU C 611 -12.60 -23.60 25.68
CA LEU C 611 -11.55 -24.45 25.15
C LEU C 611 -10.37 -23.66 24.61
N TYR C 612 -9.18 -23.98 25.08
CA TYR C 612 -7.95 -23.39 24.58
C TYR C 612 -7.24 -24.40 23.68
N GLN C 613 -7.12 -24.08 22.41
CA GLN C 613 -6.69 -25.06 21.42
C GLN C 613 -5.19 -25.37 21.46
N ASP C 614 -4.88 -26.65 21.26
CA ASP C 614 -3.49 -27.08 21.07
C ASP C 614 -2.56 -26.53 22.14
N VAL C 615 -2.95 -26.64 23.40
CA VAL C 615 -2.13 -26.12 24.49
C VAL C 615 -2.25 -26.99 25.75
N ASN C 616 -1.19 -27.03 26.55
CA ASN C 616 -1.19 -27.63 27.87
C ASN C 616 -1.90 -26.76 28.87
N CYS C 617 -2.70 -27.34 29.76
CA CYS C 617 -3.47 -26.62 30.75
C CYS C 617 -2.55 -25.85 31.71
N THR C 618 -1.28 -26.19 31.71
CA THR C 618 -0.32 -25.54 32.59
C THR C 618 0.04 -24.14 32.09
N GLU C 619 -0.30 -23.84 30.83
CA GLU C 619 0.03 -22.53 30.25
C GLU C 619 -1.18 -21.61 30.11
N VAL C 620 -2.35 -22.04 30.62
CA VAL C 620 -3.60 -21.30 30.49
C VAL C 620 -3.78 -20.37 31.68
N ASN C 641 -13.64 -27.17 36.69
CA ASN C 641 -13.02 -28.42 36.24
C ASN C 641 -12.09 -28.18 35.06
N VAL C 642 -10.84 -28.66 35.16
CA VAL C 642 -9.86 -28.54 34.09
C VAL C 642 -9.54 -29.90 33.48
N PHE C 643 -9.92 -30.06 32.22
CA PHE C 643 -9.78 -31.33 31.52
C PHE C 643 -8.85 -31.22 30.32
N GLN C 644 -7.76 -31.97 30.37
CA GLN C 644 -6.79 -31.94 29.28
C GLN C 644 -7.14 -32.99 28.24
N THR C 645 -7.36 -32.55 27.01
CA THR C 645 -7.67 -33.47 25.92
C THR C 645 -6.79 -33.20 24.71
N ARG C 646 -7.05 -33.94 23.63
CA ARG C 646 -6.26 -33.85 22.41
C ARG C 646 -6.52 -32.56 21.65
N ALA C 647 -7.76 -32.09 21.70
CA ALA C 647 -8.15 -30.86 21.02
C ALA C 647 -7.49 -29.64 21.66
N GLY C 648 -7.32 -29.70 22.98
CA GLY C 648 -6.77 -28.58 23.74
C GLY C 648 -7.14 -28.71 25.21
N CYS C 649 -7.08 -27.59 25.95
CA CYS C 649 -7.43 -27.56 27.36
C CYS C 649 -8.86 -27.07 27.55
N LEU C 650 -9.72 -27.94 28.08
CA LEU C 650 -11.12 -27.62 28.25
C LEU C 650 -11.45 -27.30 29.70
N ILE C 651 -11.90 -26.07 29.94
CA ILE C 651 -12.18 -25.62 31.30
C ILE C 651 -13.64 -25.29 31.53
N GLY C 652 -14.23 -25.90 32.54
CA GLY C 652 -15.63 -25.64 32.89
C GLY C 652 -16.54 -26.84 32.63
N ALA C 653 -16.03 -27.81 31.87
CA ALA C 653 -16.80 -29.01 31.57
C ALA C 653 -16.30 -30.18 32.41
N GLU C 654 -17.23 -31.01 32.87
CA GLU C 654 -16.87 -32.18 33.65
C GLU C 654 -16.78 -33.43 32.77
N HIS C 655 -15.63 -34.07 32.75
CA HIS C 655 -15.46 -35.28 31.96
C HIS C 655 -16.13 -36.48 32.64
N VAL C 656 -16.82 -37.28 31.83
CA VAL C 656 -17.46 -38.49 32.32
C VAL C 656 -17.09 -39.70 31.46
N ASN C 657 -17.26 -40.92 32.02
CA ASN C 657 -16.97 -42.16 31.30
C ASN C 657 -18.20 -42.76 30.63
N ASN C 658 -19.32 -42.03 30.64
CA ASN C 658 -20.56 -42.48 30.01
C ASN C 658 -20.71 -41.84 28.62
N SER C 659 -20.45 -42.63 27.58
CA SER C 659 -20.49 -42.12 26.21
C SER C 659 -21.91 -41.86 25.75
N TYR C 660 -22.11 -40.76 25.04
CA TYR C 660 -23.39 -40.41 24.47
C TYR C 660 -23.22 -40.03 23.01
N GLU C 661 -24.29 -40.08 22.24
CA GLU C 661 -24.21 -39.58 20.87
C GLU C 661 -23.81 -38.10 20.92
N CYS C 662 -23.01 -37.67 19.94
CA CYS C 662 -22.42 -36.33 19.95
C CYS C 662 -23.48 -35.23 19.83
N ASP C 663 -23.33 -34.20 20.66
CA ASP C 663 -24.21 -33.04 20.60
C ASP C 663 -23.42 -31.84 20.07
N ILE C 664 -22.52 -31.31 20.89
CA ILE C 664 -21.60 -30.27 20.43
C ILE C 664 -20.22 -30.84 20.21
N PRO C 665 -19.74 -30.94 18.97
CA PRO C 665 -18.47 -31.53 18.60
C PRO C 665 -17.31 -30.64 19.03
N ILE C 666 -16.26 -31.25 19.55
CA ILE C 666 -15.04 -30.54 19.90
C ILE C 666 -13.88 -30.94 19.00
N GLY C 667 -13.67 -32.25 18.86
CA GLY C 667 -12.59 -32.76 18.04
C GLY C 667 -11.92 -33.97 18.66
N ALA C 668 -11.27 -34.78 17.84
CA ALA C 668 -10.52 -35.94 18.30
C ALA C 668 -11.41 -36.92 19.07
N GLY C 669 -12.65 -37.08 18.62
CA GLY C 669 -13.56 -38.05 19.22
C GLY C 669 -14.32 -37.50 20.41
N ILE C 670 -14.01 -36.27 20.81
CA ILE C 670 -14.63 -35.65 21.98
C ILE C 670 -15.76 -34.69 21.61
N CYS C 671 -16.86 -34.78 22.37
CA CYS C 671 -18.02 -33.91 22.27
C CYS C 671 -18.44 -33.44 23.65
N ALA C 672 -19.30 -32.43 23.69
CA ALA C 672 -19.82 -31.93 24.95
C ALA C 672 -21.32 -31.72 24.88
N SER C 673 -21.95 -31.75 26.04
CA SER C 673 -23.40 -31.55 26.12
C SER C 673 -23.82 -31.05 27.50
N TYR C 674 -25.07 -30.62 27.60
CA TYR C 674 -25.61 -30.12 28.86
C TYR C 674 -26.60 -31.13 29.44
N GLN C 675 -26.26 -31.69 30.59
CA GLN C 675 -27.07 -32.74 31.20
C GLN C 675 -27.14 -32.62 32.72
N THR C 676 -28.19 -33.22 33.30
CA THR C 676 -28.39 -33.28 34.75
C THR C 676 -27.61 -34.46 35.34
N GLN C 690 -27.97 -29.57 34.30
CA GLN C 690 -27.42 -28.76 35.38
C GLN C 690 -26.01 -28.24 35.07
N SER C 691 -25.22 -29.01 34.31
CA SER C 691 -23.85 -28.63 33.98
C SER C 691 -23.41 -29.18 32.62
N ILE C 692 -22.29 -28.65 32.13
CA ILE C 692 -21.71 -29.09 30.87
C ILE C 692 -20.73 -30.23 31.11
N ILE C 693 -20.84 -31.28 30.31
CA ILE C 693 -19.96 -32.43 30.44
C ILE C 693 -19.23 -32.72 29.14
N ALA C 694 -18.11 -33.43 29.25
CA ALA C 694 -17.32 -33.82 28.09
C ALA C 694 -17.12 -35.33 28.07
N TYR C 695 -17.10 -35.90 26.87
CA TYR C 695 -16.97 -37.35 26.73
C TYR C 695 -16.54 -37.76 25.34
N THR C 696 -16.12 -39.01 25.21
CA THR C 696 -15.91 -39.61 23.90
C THR C 696 -17.24 -40.04 23.34
N MET C 697 -17.52 -39.63 22.10
CA MET C 697 -18.86 -39.81 21.53
C MET C 697 -19.18 -41.27 21.23
N SER C 698 -20.46 -41.60 21.31
CA SER C 698 -20.96 -42.89 20.86
C SER C 698 -21.41 -42.77 19.42
N LEU C 699 -21.33 -43.87 18.67
CA LEU C 699 -21.71 -43.84 17.26
C LEU C 699 -23.12 -44.33 17.05
N GLY C 700 -23.82 -44.62 18.13
CA GLY C 700 -25.19 -45.11 18.04
C GLY C 700 -25.38 -46.38 18.85
N ALA C 701 -26.64 -46.78 19.02
CA ALA C 701 -26.97 -47.98 19.77
C ALA C 701 -26.53 -49.21 19.01
N GLU C 702 -26.26 -50.29 19.74
CA GLU C 702 -25.88 -51.55 19.11
C GLU C 702 -27.11 -52.38 18.78
N ASN C 703 -27.06 -53.09 17.66
CA ASN C 703 -28.15 -53.98 17.26
C ASN C 703 -27.63 -55.28 16.70
N SER C 704 -27.71 -56.34 17.51
CA SER C 704 -27.25 -57.64 17.06
C SER C 704 -28.37 -58.35 16.32
N VAL C 705 -28.21 -58.49 15.01
CA VAL C 705 -29.23 -59.08 14.17
C VAL C 705 -29.27 -60.59 14.39
N ALA C 706 -30.46 -61.14 14.58
CA ALA C 706 -30.61 -62.55 14.89
C ALA C 706 -30.43 -63.40 13.64
N TYR C 707 -29.20 -63.43 13.13
CA TYR C 707 -28.88 -64.18 11.95
C TYR C 707 -28.92 -65.68 12.21
N SER C 708 -29.54 -66.41 11.30
CA SER C 708 -29.56 -67.86 11.35
C SER C 708 -29.76 -68.38 9.92
N ASN C 709 -29.17 -69.55 9.64
CA ASN C 709 -29.13 -70.10 8.29
C ASN C 709 -30.51 -70.55 7.77
N ASN C 710 -31.51 -70.56 8.65
CA ASN C 710 -32.86 -70.97 8.29
C ASN C 710 -33.95 -70.02 8.78
N SER C 711 -33.63 -68.74 8.99
CA SER C 711 -34.67 -67.82 9.45
C SER C 711 -34.64 -66.48 8.74
N ILE C 712 -35.82 -65.99 8.40
CA ILE C 712 -35.97 -64.74 7.68
C ILE C 712 -37.01 -63.84 8.34
N ALA C 713 -36.78 -62.53 8.33
CA ALA C 713 -37.78 -61.61 8.86
C ALA C 713 -38.52 -60.91 7.73
N ILE C 714 -39.84 -60.93 7.79
CA ILE C 714 -40.68 -60.31 6.77
C ILE C 714 -41.67 -59.33 7.38
N PRO C 715 -41.67 -58.07 6.93
CA PRO C 715 -42.59 -57.01 7.32
C PRO C 715 -44.03 -57.42 7.11
N THR C 716 -44.87 -57.18 8.12
CA THR C 716 -46.30 -57.45 7.98
C THR C 716 -47.12 -56.16 7.79
N ASN C 717 -46.46 -55.01 7.93
CA ASN C 717 -47.06 -53.69 7.78
C ASN C 717 -46.04 -52.73 7.16
N PHE C 718 -46.46 -51.49 6.92
CA PHE C 718 -45.61 -50.47 6.32
C PHE C 718 -46.11 -49.08 6.65
N THR C 719 -45.24 -48.08 6.49
CA THR C 719 -45.68 -46.70 6.55
C THR C 719 -45.17 -45.90 5.37
N ILE C 720 -45.95 -44.91 4.97
CA ILE C 720 -45.52 -43.94 3.98
C ILE C 720 -45.03 -42.68 4.67
N SER C 721 -43.81 -42.27 4.34
CA SER C 721 -43.21 -41.10 4.96
C SER C 721 -42.75 -40.11 3.91
N VAL C 722 -42.66 -38.84 4.29
CA VAL C 722 -42.16 -37.82 3.38
C VAL C 722 -41.00 -37.06 4.00
N THR C 723 -39.90 -36.98 3.26
CA THR C 723 -38.73 -36.25 3.73
C THR C 723 -38.47 -35.03 2.83
N THR C 724 -37.93 -33.98 3.41
CA THR C 724 -37.72 -32.74 2.68
C THR C 724 -36.23 -32.48 2.43
N GLU C 725 -35.88 -32.28 1.18
CA GLU C 725 -34.50 -31.98 0.80
C GLU C 725 -34.34 -30.56 0.25
N ILE C 726 -33.36 -29.83 0.78
CA ILE C 726 -33.11 -28.46 0.36
C ILE C 726 -31.86 -28.39 -0.51
N LEU C 727 -31.98 -27.82 -1.71
CA LEU C 727 -30.85 -27.64 -2.60
C LEU C 727 -30.76 -26.20 -3.14
N PRO C 728 -29.61 -25.55 -3.05
CA PRO C 728 -29.27 -24.32 -3.74
C PRO C 728 -29.28 -24.52 -5.24
N VAL C 729 -29.75 -23.52 -5.97
CA VAL C 729 -29.71 -23.56 -7.42
C VAL C 729 -28.91 -22.41 -7.99
N SER C 730 -29.01 -21.24 -7.38
CA SER C 730 -28.35 -20.06 -7.92
C SER C 730 -27.85 -19.12 -6.85
N MET C 731 -26.92 -18.26 -7.23
CA MET C 731 -26.45 -17.17 -6.39
C MET C 731 -26.85 -15.84 -7.00
N THR C 732 -26.43 -14.73 -6.41
CA THR C 732 -26.82 -13.43 -6.89
C THR C 732 -26.05 -13.05 -8.16
N LYS C 733 -26.57 -12.06 -8.87
CA LYS C 733 -25.91 -11.58 -10.08
C LYS C 733 -25.31 -10.20 -9.84
N THR C 734 -24.01 -10.16 -9.60
CA THR C 734 -23.37 -8.88 -9.30
C THR C 734 -22.38 -8.50 -10.39
N SER C 735 -22.08 -7.21 -10.47
CA SER C 735 -21.08 -6.72 -11.41
C SER C 735 -20.42 -5.46 -10.85
N VAL C 736 -19.33 -5.04 -11.48
CA VAL C 736 -18.68 -3.78 -11.04
C VAL C 736 -18.00 -3.10 -12.22
N ASP C 737 -17.66 -1.82 -12.08
CA ASP C 737 -16.85 -1.17 -13.13
C ASP C 737 -15.47 -1.02 -12.48
N CYS C 738 -14.45 -1.61 -13.10
CA CYS C 738 -13.12 -1.61 -12.44
C CYS C 738 -12.64 -0.17 -12.27
N THR C 739 -12.81 0.67 -13.29
CA THR C 739 -12.30 2.06 -13.19
C THR C 739 -13.02 2.83 -12.08
N MET C 740 -14.34 2.67 -11.99
CA MET C 740 -15.11 3.44 -10.99
C MET C 740 -14.69 3.03 -9.58
N TYR C 741 -14.52 1.72 -9.35
CA TYR C 741 -14.15 1.21 -8.00
C TYR C 741 -12.76 1.70 -7.60
N ILE C 742 -11.82 1.70 -8.54
CA ILE C 742 -10.40 2.02 -8.18
C ILE C 742 -10.16 3.53 -8.28
N CYS C 743 -10.72 4.17 -9.31
CA CYS C 743 -10.48 5.58 -9.55
C CYS C 743 -11.79 6.34 -9.68
N GLY C 744 -12.50 6.47 -8.56
CA GLY C 744 -13.79 7.14 -8.60
C GLY C 744 -13.58 8.64 -8.68
N ASP C 745 -14.24 9.28 -9.63
CA ASP C 745 -14.21 10.72 -9.79
C ASP C 745 -12.79 11.30 -9.84
N SER C 746 -11.90 10.62 -10.57
CA SER C 746 -10.52 11.13 -10.70
C SER C 746 -9.92 10.87 -12.07
N THR C 747 -9.62 11.96 -12.77
CA THR C 747 -9.01 11.89 -14.09
C THR C 747 -7.56 11.42 -13.99
N GLU C 748 -6.84 11.97 -13.03
CA GLU C 748 -5.43 11.65 -12.85
C GLU C 748 -5.24 10.17 -12.50
N CYS C 749 -6.12 9.64 -11.63
CA CYS C 749 -6.07 8.24 -11.25
C CYS C 749 -6.39 7.34 -12.44
N SER C 750 -7.42 7.69 -13.20
CA SER C 750 -7.81 6.90 -14.36
C SER C 750 -6.64 6.74 -15.32
N ASN C 751 -5.93 7.84 -15.57
CA ASN C 751 -4.79 7.81 -16.48
C ASN C 751 -3.67 6.91 -15.95
N LEU C 752 -3.53 6.86 -14.64
CA LEU C 752 -2.53 6.01 -14.00
C LEU C 752 -2.96 4.56 -14.00
N LEU C 753 -4.26 4.32 -14.01
CA LEU C 753 -4.82 2.98 -14.04
C LEU C 753 -4.56 2.29 -15.37
N LEU C 754 -4.72 3.04 -16.46
CA LEU C 754 -4.64 2.48 -17.81
C LEU C 754 -3.29 1.84 -18.12
N GLN C 755 -2.23 2.32 -17.49
CA GLN C 755 -0.89 1.82 -17.77
C GLN C 755 -0.70 0.39 -17.29
N TYR C 756 -1.63 -0.11 -16.48
CA TYR C 756 -1.55 -1.45 -15.93
C TYR C 756 -2.12 -2.52 -16.87
N GLY C 757 -2.72 -2.08 -17.97
CA GLY C 757 -3.24 -3.01 -18.95
C GLY C 757 -4.70 -3.35 -18.72
N SER C 758 -5.16 -4.40 -19.40
CA SER C 758 -6.58 -4.74 -19.47
C SER C 758 -7.03 -5.61 -18.30
N PHE C 759 -6.80 -5.13 -17.08
CA PHE C 759 -7.25 -5.85 -15.89
C PHE C 759 -8.76 -5.75 -15.71
N CYS C 760 -9.31 -4.58 -16.00
CA CYS C 760 -10.77 -4.39 -15.86
C CYS C 760 -11.50 -5.29 -16.86
N THR C 761 -10.93 -5.47 -18.06
CA THR C 761 -11.58 -6.33 -19.03
C THR C 761 -11.73 -7.73 -18.48
N GLN C 762 -10.67 -8.24 -17.85
CA GLN C 762 -10.71 -9.58 -17.26
C GLN C 762 -11.72 -9.65 -16.12
N LEU C 763 -11.77 -8.61 -15.30
CA LEU C 763 -12.65 -8.65 -14.11
C LEU C 763 -14.11 -8.54 -14.55
N ASN C 764 -14.38 -7.73 -15.56
CA ASN C 764 -15.78 -7.52 -16.02
C ASN C 764 -16.27 -8.76 -16.77
N ARG C 765 -15.39 -9.44 -17.51
CA ARG C 765 -15.82 -10.67 -18.17
C ARG C 765 -16.06 -11.78 -17.18
N ALA C 766 -15.23 -11.87 -16.14
CA ALA C 766 -15.37 -12.92 -15.15
C ALA C 766 -16.71 -12.83 -14.43
N LEU C 767 -17.07 -11.62 -14.01
CA LEU C 767 -18.33 -11.43 -13.29
C LEU C 767 -19.54 -11.52 -14.21
N THR C 768 -19.37 -11.09 -15.46
CA THR C 768 -20.45 -11.20 -16.42
C THR C 768 -20.77 -12.66 -16.69
N GLY C 769 -19.71 -13.47 -16.84
CA GLY C 769 -19.87 -14.89 -17.08
C GLY C 769 -20.64 -15.55 -15.95
N ILE C 770 -20.33 -15.18 -14.71
CA ILE C 770 -21.04 -15.74 -13.57
C ILE C 770 -22.51 -15.34 -13.61
N ALA C 771 -22.77 -14.07 -13.86
CA ALA C 771 -24.15 -13.58 -13.84
C ALA C 771 -25.01 -14.33 -14.85
N VAL C 772 -24.46 -14.59 -16.04
CA VAL C 772 -25.19 -15.32 -17.06
C VAL C 772 -25.43 -16.76 -16.65
N GLU C 773 -24.40 -17.38 -16.08
CA GLU C 773 -24.46 -18.76 -15.62
C GLU C 773 -25.62 -18.96 -14.64
N GLN C 774 -25.90 -17.95 -13.82
CA GLN C 774 -26.96 -18.07 -12.82
C GLN C 774 -28.34 -18.27 -13.44
N ASP C 775 -28.56 -17.70 -14.62
CA ASP C 775 -29.84 -17.87 -15.28
C ASP C 775 -29.90 -19.23 -15.94
N LYS C 776 -28.75 -19.68 -16.44
CA LYS C 776 -28.65 -21.02 -17.02
C LYS C 776 -28.97 -22.08 -15.98
N ASN C 777 -28.45 -21.90 -14.76
CA ASN C 777 -28.67 -22.85 -13.69
C ASN C 777 -30.16 -22.98 -13.36
N THR C 778 -30.85 -21.85 -13.26
CA THR C 778 -32.26 -21.86 -12.94
C THR C 778 -33.06 -22.51 -14.05
N GLN C 779 -32.70 -22.21 -15.30
CA GLN C 779 -33.40 -22.77 -16.44
C GLN C 779 -33.33 -24.28 -16.47
N GLU C 780 -32.13 -24.83 -16.24
CA GLU C 780 -31.96 -26.28 -16.31
C GLU C 780 -32.75 -27.01 -15.23
N VAL C 781 -32.85 -26.42 -14.06
CA VAL C 781 -33.55 -27.06 -12.96
C VAL C 781 -35.06 -26.99 -13.13
N PHE C 782 -35.58 -25.82 -13.50
CA PHE C 782 -37.04 -25.65 -13.55
C PHE C 782 -37.63 -25.75 -14.94
N ALA C 783 -36.96 -25.16 -15.93
CA ALA C 783 -37.54 -25.09 -17.27
C ALA C 783 -37.22 -26.33 -18.07
N GLN C 784 -37.70 -27.47 -17.61
CA GLN C 784 -37.47 -28.73 -18.30
C GLN C 784 -38.79 -29.40 -18.67
N VAL C 785 -39.85 -28.60 -18.71
CA VAL C 785 -41.15 -29.08 -19.16
C VAL C 785 -41.58 -28.23 -20.35
N LYS C 786 -42.01 -28.90 -21.42
CA LYS C 786 -42.39 -28.20 -22.66
C LYS C 786 -43.69 -27.44 -22.54
N GLN C 787 -44.64 -27.99 -21.79
CA GLN C 787 -45.96 -27.42 -21.68
C GLN C 787 -46.31 -27.05 -20.25
N ILE C 788 -47.22 -26.11 -20.10
CA ILE C 788 -47.71 -25.75 -18.78
C ILE C 788 -48.99 -26.49 -18.48
N TYR C 789 -48.90 -27.48 -17.60
CA TYR C 789 -50.03 -28.32 -17.24
C TYR C 789 -50.81 -27.69 -16.11
N LYS C 790 -52.11 -27.94 -16.07
CA LYS C 790 -52.94 -27.38 -15.00
C LYS C 790 -53.70 -28.47 -14.27
N THR C 791 -53.83 -28.30 -12.96
CA THR C 791 -54.56 -29.23 -12.12
C THR C 791 -56.07 -29.00 -12.32
N PRO C 792 -56.86 -30.06 -12.52
CA PRO C 792 -58.30 -30.05 -12.67
C PRO C 792 -58.98 -29.31 -11.52
N PRO C 793 -60.14 -28.69 -11.78
CA PRO C 793 -60.97 -27.95 -10.84
C PRO C 793 -61.57 -28.88 -9.78
N ILE C 794 -61.60 -30.17 -10.09
CA ILE C 794 -62.12 -31.16 -9.17
C ILE C 794 -60.99 -31.99 -8.60
N LYS C 795 -60.91 -32.04 -7.28
CA LYS C 795 -59.85 -32.79 -6.63
C LYS C 795 -60.33 -34.18 -6.23
N ASP C 796 -60.20 -35.13 -7.16
CA ASP C 796 -60.67 -36.49 -6.96
C ASP C 796 -59.55 -37.49 -7.19
N PHE C 797 -58.62 -37.54 -6.24
CA PHE C 797 -57.42 -38.35 -6.39
C PHE C 797 -57.45 -39.60 -5.52
N GLY C 798 -58.65 -39.98 -5.06
CA GLY C 798 -58.82 -41.21 -4.30
C GLY C 798 -58.52 -41.07 -2.82
N GLY C 799 -58.64 -39.86 -2.30
CA GLY C 799 -58.39 -39.61 -0.88
C GLY C 799 -57.05 -38.94 -0.64
N PHE C 800 -56.29 -38.73 -1.69
CA PHE C 800 -54.99 -38.06 -1.57
C PHE C 800 -55.15 -36.54 -1.61
N ASN C 801 -54.76 -35.89 -0.53
CA ASN C 801 -54.92 -34.45 -0.33
C ASN C 801 -53.61 -33.71 -0.64
N PHE C 802 -53.59 -32.98 -1.77
CA PHE C 802 -52.41 -32.26 -2.25
C PHE C 802 -52.54 -30.76 -2.03
N SER C 803 -53.52 -30.36 -1.21
CA SER C 803 -53.82 -28.93 -1.06
C SER C 803 -52.65 -28.11 -0.51
N GLN C 804 -51.72 -28.75 0.17
CA GLN C 804 -50.60 -28.01 0.75
C GLN C 804 -49.41 -27.96 -0.21
N ILE C 805 -49.52 -28.70 -1.30
CA ILE C 805 -48.47 -28.77 -2.32
C ILE C 805 -48.83 -27.89 -3.51
N LEU C 806 -50.10 -27.90 -3.88
CA LEU C 806 -50.61 -27.14 -5.00
C LEU C 806 -50.76 -25.66 -4.63
N PRO C 807 -50.68 -24.75 -5.62
CA PRO C 807 -50.77 -23.31 -5.47
C PRO C 807 -52.13 -22.88 -4.93
N ASP C 808 -52.12 -21.88 -4.05
CA ASP C 808 -53.31 -21.34 -3.44
C ASP C 808 -53.89 -20.20 -4.29
N PRO C 809 -55.05 -20.41 -4.95
CA PRO C 809 -55.66 -19.54 -5.94
C PRO C 809 -56.23 -18.26 -5.33
N SER C 810 -56.34 -18.22 -4.00
CA SER C 810 -56.96 -17.08 -3.34
C SER C 810 -55.99 -15.94 -3.09
N LYS C 811 -54.69 -16.19 -3.30
CA LYS C 811 -53.69 -15.18 -3.02
C LYS C 811 -53.24 -14.45 -4.28
N PRO C 812 -52.79 -13.18 -4.15
CA PRO C 812 -52.09 -12.40 -5.15
C PRO C 812 -50.90 -13.15 -5.73
N SER C 813 -50.20 -13.89 -4.87
CA SER C 813 -49.08 -14.71 -5.29
C SER C 813 -49.50 -16.17 -5.31
N LYS C 814 -49.49 -16.77 -6.49
CA LYS C 814 -50.02 -18.13 -6.66
C LYS C 814 -49.02 -19.18 -6.24
N ARG C 815 -48.84 -19.32 -4.93
CA ARG C 815 -47.90 -20.28 -4.36
C ARG C 815 -48.61 -21.19 -3.37
N SER C 816 -48.05 -22.37 -3.16
CA SER C 816 -48.62 -23.33 -2.23
C SER C 816 -48.39 -22.88 -0.78
N PRO C 817 -49.21 -23.37 0.16
CA PRO C 817 -49.06 -23.23 1.59
C PRO C 817 -47.66 -23.61 2.09
N ILE C 818 -47.06 -24.64 1.51
CA ILE C 818 -45.70 -25.01 1.90
C ILE C 818 -44.69 -24.01 1.36
N GLU C 819 -44.81 -23.63 0.10
CA GLU C 819 -43.85 -22.70 -0.50
C GLU C 819 -43.80 -21.37 0.26
N ASP C 820 -44.94 -20.91 0.74
CA ASP C 820 -44.97 -19.66 1.49
C ASP C 820 -44.12 -19.71 2.75
N LEU C 821 -43.89 -20.92 3.27
CA LEU C 821 -43.11 -21.09 4.49
C LEU C 821 -41.63 -21.14 4.17
N LEU C 822 -41.30 -21.12 2.89
CA LEU C 822 -39.91 -21.12 2.44
C LEU C 822 -39.52 -19.70 2.08
N PHE C 823 -40.41 -19.01 1.38
CA PHE C 823 -40.15 -17.65 0.91
C PHE C 823 -40.16 -16.64 2.05
N ASN C 824 -40.94 -16.91 3.08
CA ASN C 824 -40.98 -16.01 4.22
C ASN C 824 -40.03 -16.47 5.32
N LYS C 825 -39.17 -17.44 5.01
CA LYS C 825 -38.23 -17.95 5.99
C LYS C 825 -36.82 -17.45 5.71
N VAL C 826 -36.45 -17.39 4.44
CA VAL C 826 -35.11 -16.94 4.06
C VAL C 826 -35.05 -15.41 4.06
N ASN C 856 -19.43 3.67 -5.50
CA ASN C 856 -18.63 2.46 -5.40
C ASN C 856 -18.47 1.76 -6.76
N GLY C 857 -19.48 1.90 -7.62
CA GLY C 857 -19.47 1.29 -8.95
C GLY C 857 -20.01 -0.14 -8.93
N LEU C 858 -20.53 -0.55 -7.78
CA LEU C 858 -21.05 -1.90 -7.62
C LEU C 858 -22.57 -1.93 -7.75
N THR C 859 -23.06 -2.84 -8.59
CA THR C 859 -24.49 -2.96 -8.84
C THR C 859 -24.97 -4.41 -8.74
N VAL C 860 -26.27 -4.58 -8.56
CA VAL C 860 -26.88 -5.91 -8.50
C VAL C 860 -27.96 -6.05 -9.57
N LEU C 861 -27.85 -7.11 -10.37
CA LEU C 861 -28.75 -7.34 -11.49
C LEU C 861 -29.86 -8.32 -11.10
N PRO C 862 -31.07 -8.16 -11.66
CA PRO C 862 -32.20 -9.04 -11.52
C PRO C 862 -32.01 -10.31 -12.35
N PRO C 863 -32.66 -11.40 -11.97
CA PRO C 863 -32.75 -12.67 -12.67
C PRO C 863 -33.70 -12.55 -13.85
N LEU C 864 -33.52 -13.42 -14.84
CA LEU C 864 -34.46 -13.48 -15.96
C LEU C 864 -35.78 -14.09 -15.54
N LEU C 865 -35.72 -15.16 -14.74
CA LEU C 865 -36.93 -15.80 -14.26
C LEU C 865 -37.24 -15.34 -12.85
N THR C 866 -38.36 -14.65 -12.70
CA THR C 866 -38.76 -14.13 -11.39
C THR C 866 -39.47 -15.20 -10.59
N ASP C 867 -39.58 -15.00 -9.29
CA ASP C 867 -40.20 -15.99 -8.42
C ASP C 867 -41.65 -16.28 -8.81
N GLU C 868 -42.33 -15.26 -9.30
CA GLU C 868 -43.73 -15.38 -9.68
C GLU C 868 -43.90 -16.11 -11.00
N MET C 869 -42.80 -16.33 -11.69
CA MET C 869 -42.82 -17.02 -12.97
C MET C 869 -42.19 -18.40 -12.84
N ILE C 870 -41.23 -18.55 -11.93
CA ILE C 870 -40.64 -19.84 -11.64
C ILE C 870 -41.71 -20.75 -11.04
N ALA C 871 -42.55 -20.17 -10.18
CA ALA C 871 -43.63 -20.90 -9.56
C ALA C 871 -44.51 -21.59 -10.61
N GLN C 872 -44.61 -20.98 -11.79
CA GLN C 872 -45.44 -21.54 -12.85
C GLN C 872 -44.86 -22.83 -13.42
N TYR C 873 -43.53 -22.95 -13.39
CA TYR C 873 -42.89 -24.19 -13.84
C TYR C 873 -43.14 -25.28 -12.81
N THR C 874 -43.07 -24.89 -11.54
CA THR C 874 -43.29 -25.83 -10.46
C THR C 874 -44.71 -26.38 -10.52
N SER C 875 -45.67 -25.50 -10.75
CA SER C 875 -47.06 -25.92 -10.84
C SER C 875 -47.28 -26.85 -12.03
N ALA C 876 -46.64 -26.57 -13.15
CA ALA C 876 -46.77 -27.42 -14.32
C ALA C 876 -46.24 -28.82 -14.04
N LEU C 877 -45.12 -28.89 -13.33
CA LEU C 877 -44.54 -30.18 -13.00
C LEU C 877 -45.42 -30.95 -12.03
N LEU C 878 -46.01 -30.26 -11.06
CA LEU C 878 -46.90 -30.90 -10.10
C LEU C 878 -48.17 -31.41 -10.76
N ALA C 879 -48.75 -30.59 -11.63
CA ALA C 879 -49.98 -30.98 -12.30
C ALA C 879 -49.73 -32.20 -13.18
N GLY C 880 -48.58 -32.22 -13.86
CA GLY C 880 -48.22 -33.34 -14.71
C GLY C 880 -48.03 -34.60 -13.87
N THR C 881 -47.26 -34.50 -12.80
CA THR C 881 -46.95 -35.64 -11.96
C THR C 881 -48.21 -36.29 -11.41
N ILE C 882 -49.17 -35.46 -11.00
CA ILE C 882 -50.39 -35.95 -10.40
C ILE C 882 -51.36 -36.59 -11.41
N THR C 883 -51.55 -35.94 -12.56
CA THR C 883 -52.57 -36.41 -13.50
C THR C 883 -52.07 -37.37 -14.58
N SER C 884 -50.76 -37.37 -14.86
CA SER C 884 -50.25 -38.22 -15.94
C SER C 884 -49.02 -39.03 -15.53
N GLY C 885 -48.71 -39.04 -14.25
CA GLY C 885 -47.58 -39.82 -13.75
C GLY C 885 -46.27 -39.40 -14.40
N TRP C 886 -45.53 -40.37 -14.91
CA TRP C 886 -44.26 -40.09 -15.56
C TRP C 886 -44.35 -40.07 -17.07
N THR C 887 -45.54 -40.24 -17.62
CA THR C 887 -45.65 -40.39 -19.07
C THR C 887 -45.32 -39.09 -19.77
N PHE C 888 -45.66 -37.97 -19.12
CA PHE C 888 -45.43 -36.65 -19.71
C PHE C 888 -43.95 -36.34 -19.77
N GLY C 889 -43.15 -37.08 -19.01
CA GLY C 889 -41.71 -36.89 -19.00
C GLY C 889 -41.07 -37.51 -20.23
N ALA C 890 -41.75 -38.50 -20.82
CA ALA C 890 -41.20 -39.23 -21.96
C ALA C 890 -41.80 -38.76 -23.27
N GLY C 891 -43.10 -38.47 -23.25
CA GLY C 891 -43.81 -38.07 -24.45
C GLY C 891 -44.97 -37.15 -24.07
N PRO C 892 -46.18 -37.42 -24.57
CA PRO C 892 -47.40 -36.69 -24.29
C PRO C 892 -47.90 -37.02 -22.90
N ALA C 893 -48.69 -36.12 -22.32
CA ALA C 893 -49.28 -36.41 -21.02
C ALA C 893 -50.48 -37.34 -21.17
N LEU C 894 -50.36 -38.53 -20.61
CA LEU C 894 -51.40 -39.53 -20.71
C LEU C 894 -52.14 -39.67 -19.39
N GLN C 895 -53.40 -39.26 -19.37
CA GLN C 895 -54.16 -39.25 -18.13
C GLN C 895 -54.31 -40.64 -17.53
N ILE C 896 -54.23 -40.70 -16.20
CA ILE C 896 -54.41 -41.93 -15.45
C ILE C 896 -55.04 -41.59 -14.09
N PRO C 897 -55.96 -42.41 -13.56
CA PRO C 897 -56.49 -42.33 -12.21
C PRO C 897 -55.34 -42.37 -11.21
N PHE C 898 -55.38 -41.52 -10.20
CA PHE C 898 -54.27 -41.47 -9.26
C PHE C 898 -54.03 -42.80 -8.53
N PRO C 899 -55.06 -43.49 -8.02
CA PRO C 899 -54.96 -44.78 -7.36
C PRO C 899 -54.22 -45.81 -8.21
N MET C 900 -54.39 -45.74 -9.53
CA MET C 900 -53.67 -46.65 -10.42
C MET C 900 -52.23 -46.23 -10.58
N GLN C 901 -52.01 -44.92 -10.67
CA GLN C 901 -50.64 -44.42 -10.73
C GLN C 901 -49.84 -44.92 -9.55
N MET C 902 -50.46 -44.88 -8.36
CA MET C 902 -49.79 -45.38 -7.17
C MET C 902 -49.59 -46.88 -7.25
N ALA C 903 -50.55 -47.59 -7.85
CA ALA C 903 -50.44 -49.03 -7.99
C ALA C 903 -49.18 -49.41 -8.74
N TYR C 904 -48.80 -48.61 -9.73
CA TYR C 904 -47.60 -48.88 -10.50
C TYR C 904 -46.37 -48.59 -9.65
N ARG C 905 -46.45 -47.52 -8.87
CA ARG C 905 -45.34 -47.10 -8.03
C ARG C 905 -45.08 -48.09 -6.89
N PHE C 906 -46.14 -48.76 -6.43
CA PHE C 906 -45.98 -49.82 -5.44
C PHE C 906 -45.40 -51.07 -6.10
N ASN C 907 -45.92 -51.43 -7.26
CA ASN C 907 -45.41 -52.59 -7.98
C ASN C 907 -43.95 -52.41 -8.34
N GLY C 908 -43.57 -51.16 -8.62
CA GLY C 908 -42.23 -50.81 -9.03
C GLY C 908 -41.19 -51.01 -7.93
N ILE C 909 -41.63 -51.19 -6.69
CA ILE C 909 -40.71 -51.39 -5.59
C ILE C 909 -40.84 -52.80 -5.03
N GLY C 910 -41.47 -53.67 -5.81
CA GLY C 910 -41.58 -55.08 -5.43
C GLY C 910 -42.76 -55.39 -4.51
N VAL C 911 -43.76 -54.52 -4.50
CA VAL C 911 -44.94 -54.77 -3.67
C VAL C 911 -46.16 -54.94 -4.56
N THR C 912 -46.76 -56.12 -4.52
CA THR C 912 -47.88 -56.42 -5.41
C THR C 912 -48.97 -55.37 -5.27
N GLN C 913 -49.49 -54.91 -6.40
CA GLN C 913 -50.43 -53.80 -6.45
C GLN C 913 -51.72 -54.02 -5.67
N ASN C 914 -52.06 -55.26 -5.35
CA ASN C 914 -53.29 -55.51 -4.62
C ASN C 914 -53.17 -54.95 -3.22
N VAL C 915 -51.94 -54.73 -2.76
CA VAL C 915 -51.70 -54.19 -1.43
C VAL C 915 -52.27 -52.78 -1.35
N LEU C 916 -52.03 -51.99 -2.38
CA LEU C 916 -52.55 -50.63 -2.42
C LEU C 916 -54.06 -50.60 -2.41
N TYR C 917 -54.67 -51.39 -3.28
CA TYR C 917 -56.11 -51.33 -3.45
C TYR C 917 -56.82 -51.76 -2.17
N GLU C 918 -56.27 -52.76 -1.49
CA GLU C 918 -56.86 -53.24 -0.25
C GLU C 918 -56.60 -52.28 0.91
N ASN C 919 -55.46 -51.59 0.88
CA ASN C 919 -55.07 -50.68 1.95
C ASN C 919 -55.10 -49.22 1.51
N GLN C 920 -55.86 -48.93 0.47
CA GLN C 920 -55.89 -47.58 -0.09
C GLN C 920 -56.23 -46.51 0.94
N LYS C 921 -57.16 -46.82 1.83
CA LYS C 921 -57.61 -45.82 2.79
C LYS C 921 -56.52 -45.42 3.79
N LEU C 922 -55.79 -46.40 4.32
CA LEU C 922 -54.76 -46.07 5.30
C LEU C 922 -53.56 -45.45 4.61
N ILE C 923 -53.31 -45.84 3.36
CA ILE C 923 -52.20 -45.27 2.60
C ILE C 923 -52.45 -43.79 2.33
N ALA C 924 -53.67 -43.46 1.91
CA ALA C 924 -54.02 -42.07 1.67
C ALA C 924 -53.90 -41.26 2.96
N ASN C 925 -54.30 -41.86 4.08
CA ASN C 925 -54.24 -41.19 5.37
C ASN C 925 -52.80 -40.97 5.84
N GLN C 926 -51.94 -41.95 5.62
CA GLN C 926 -50.54 -41.80 5.99
C GLN C 926 -49.88 -40.71 5.16
N PHE C 927 -50.22 -40.66 3.86
CA PHE C 927 -49.69 -39.62 2.99
C PHE C 927 -50.12 -38.24 3.47
N ASN C 928 -51.41 -38.09 3.73
CA ASN C 928 -51.96 -36.78 4.08
C ASN C 928 -51.34 -36.23 5.35
N SER C 929 -51.13 -37.08 6.35
CA SER C 929 -50.53 -36.62 7.59
C SER C 929 -49.05 -36.35 7.41
N ALA C 930 -48.39 -37.13 6.56
CA ALA C 930 -46.97 -36.96 6.31
C ALA C 930 -46.69 -35.58 5.72
N ILE C 931 -47.60 -35.09 4.89
CA ILE C 931 -47.44 -33.78 4.29
C ILE C 931 -47.71 -32.67 5.29
N GLY C 932 -48.76 -32.81 6.10
CA GLY C 932 -49.07 -31.80 7.10
C GLY C 932 -47.91 -31.58 8.06
N LYS C 933 -47.19 -32.65 8.39
CA LYS C 933 -46.06 -32.57 9.31
C LYS C 933 -44.88 -31.77 8.75
N ILE C 934 -44.85 -31.56 7.44
CA ILE C 934 -43.76 -30.84 6.82
C ILE C 934 -43.77 -29.39 7.25
N GLN C 935 -44.97 -28.81 7.31
CA GLN C 935 -45.12 -27.41 7.66
C GLN C 935 -44.65 -27.17 9.09
N ASP C 936 -44.91 -28.13 9.96
CA ASP C 936 -44.50 -28.01 11.36
C ASP C 936 -42.99 -28.13 11.48
N SER C 937 -42.39 -29.02 10.68
CA SER C 937 -40.95 -29.20 10.70
C SER C 937 -40.23 -27.93 10.23
N LEU C 938 -40.71 -27.37 9.14
CA LEU C 938 -40.10 -26.17 8.56
C LEU C 938 -40.26 -24.96 9.47
N SER C 939 -41.40 -24.87 10.15
CA SER C 939 -41.67 -23.74 11.02
C SER C 939 -40.93 -23.86 12.36
N SER C 940 -40.79 -25.09 12.85
CA SER C 940 -40.19 -25.32 14.16
C SER C 940 -38.67 -25.26 14.14
N THR C 941 -38.07 -25.66 13.02
CA THR C 941 -36.61 -25.69 12.93
C THR C 941 -36.06 -24.53 12.10
N PRO C 942 -35.40 -23.55 12.74
CA PRO C 942 -34.93 -22.30 12.16
C PRO C 942 -33.77 -22.52 11.18
N SER C 943 -33.15 -23.69 11.27
CA SER C 943 -32.00 -24.02 10.43
C SER C 943 -32.40 -24.92 9.26
N ALA C 944 -33.69 -25.18 9.13
CA ALA C 944 -34.18 -26.10 8.10
C ALA C 944 -33.73 -25.66 6.71
N LEU C 945 -33.67 -24.35 6.49
CA LEU C 945 -33.28 -23.81 5.19
C LEU C 945 -31.90 -23.14 5.25
N GLY C 946 -31.07 -23.59 6.19
CA GLY C 946 -29.74 -23.03 6.36
C GLY C 946 -28.94 -23.09 5.06
N LYS C 947 -29.15 -24.12 4.26
CA LYS C 947 -28.43 -24.28 3.00
C LYS C 947 -28.66 -23.10 2.05
N LEU C 948 -29.85 -22.51 2.09
CA LEU C 948 -30.13 -21.39 1.19
C LEU C 948 -29.73 -20.07 1.83
N GLN C 949 -29.86 -19.98 3.15
CA GLN C 949 -29.50 -18.76 3.86
C GLN C 949 -27.99 -18.53 3.80
N ASP C 950 -27.22 -19.61 3.83
CA ASP C 950 -25.77 -19.52 3.79
C ASP C 950 -25.29 -18.91 2.48
N VAL C 951 -25.99 -19.20 1.39
CA VAL C 951 -25.62 -18.66 0.09
C VAL C 951 -25.80 -17.16 0.10
N VAL C 952 -26.93 -16.71 0.63
CA VAL C 952 -27.23 -15.30 0.72
C VAL C 952 -26.22 -14.58 1.61
N ASN C 953 -25.89 -15.19 2.74
CA ASN C 953 -24.99 -14.57 3.70
C ASN C 953 -23.58 -14.43 3.15
N GLN C 954 -23.09 -15.45 2.47
CA GLN C 954 -21.73 -15.41 1.93
C GLN C 954 -21.61 -14.39 0.82
N ASN C 955 -22.64 -14.24 0.01
CA ASN C 955 -22.60 -13.29 -1.10
C ASN C 955 -22.59 -11.86 -0.56
N ALA C 956 -23.42 -11.62 0.45
CA ALA C 956 -23.50 -10.30 1.05
C ALA C 956 -22.21 -9.94 1.78
N GLN C 957 -21.64 -10.93 2.45
CA GLN C 957 -20.42 -10.73 3.22
C GLN C 957 -19.24 -10.40 2.33
N ALA C 958 -19.12 -11.12 1.22
CA ALA C 958 -18.03 -10.89 0.28
C ALA C 958 -18.12 -9.50 -0.34
N LEU C 959 -19.34 -9.09 -0.67
CA LEU C 959 -19.54 -7.81 -1.32
C LEU C 959 -19.33 -6.66 -0.34
N ASN C 960 -19.76 -6.83 0.90
CA ASN C 960 -19.59 -5.80 1.92
C ASN C 960 -18.12 -5.62 2.25
N THR C 961 -17.36 -6.72 2.27
CA THR C 961 -15.93 -6.64 2.53
C THR C 961 -15.24 -5.85 1.44
N LEU C 962 -15.61 -6.11 0.19
CA LEU C 962 -15.01 -5.40 -0.93
C LEU C 962 -15.14 -3.90 -0.75
N VAL C 963 -16.35 -3.45 -0.40
CA VAL C 963 -16.60 -2.03 -0.20
C VAL C 963 -15.83 -1.45 0.97
N LYS C 964 -15.81 -2.15 2.09
CA LYS C 964 -15.12 -1.66 3.27
C LYS C 964 -13.66 -1.36 3.01
N GLN C 965 -13.03 -2.16 2.15
CA GLN C 965 -11.59 -2.01 1.88
C GLN C 965 -11.25 -0.77 1.06
N LEU C 966 -12.27 -0.06 0.59
CA LEU C 966 -12.02 1.21 -0.09
C LEU C 966 -11.51 2.25 0.88
N SER C 967 -11.70 1.99 2.17
CA SER C 967 -11.28 2.90 3.23
C SER C 967 -9.82 2.68 3.64
N SER C 968 -9.19 1.65 3.09
CA SER C 968 -7.81 1.37 3.43
C SER C 968 -6.87 2.20 2.58
N ASN C 969 -5.75 2.61 3.16
CA ASN C 969 -4.79 3.45 2.46
C ASN C 969 -3.68 2.65 1.80
N PHE C 970 -3.49 1.41 2.24
CA PHE C 970 -2.47 0.55 1.65
C PHE C 970 -1.09 1.21 1.69
N GLY C 971 -0.83 1.93 2.77
CA GLY C 971 0.46 2.59 2.98
C GLY C 971 0.51 4.00 2.40
N ALA C 972 -0.54 4.39 1.69
CA ALA C 972 -0.62 5.73 1.09
C ALA C 972 -0.93 6.76 2.16
N ILE C 973 -0.65 8.02 1.85
CA ILE C 973 -0.93 9.13 2.78
C ILE C 973 -2.42 9.23 3.10
N SER C 974 -3.26 8.79 2.17
CA SER C 974 -4.70 8.84 2.37
C SER C 974 -5.41 7.79 1.55
N SER C 975 -6.59 7.38 2.02
CA SER C 975 -7.45 6.45 1.28
C SER C 975 -8.26 7.17 0.21
N VAL C 976 -8.28 8.49 0.28
CA VAL C 976 -9.10 9.30 -0.62
C VAL C 976 -8.24 9.99 -1.66
N LEU C 977 -8.56 9.77 -2.93
CA LEU C 977 -7.76 10.33 -4.02
C LEU C 977 -7.74 11.85 -3.99
N ASN C 978 -8.85 12.45 -3.60
CA ASN C 978 -8.97 13.90 -3.55
C ASN C 978 -8.09 14.51 -2.46
N ASP C 979 -7.76 13.71 -1.44
CA ASP C 979 -6.93 14.20 -0.35
C ASP C 979 -5.45 14.01 -0.67
N ILE C 980 -5.18 13.47 -1.84
CA ILE C 980 -3.81 13.34 -2.32
C ILE C 980 -3.54 14.44 -3.33
N LEU C 981 -4.43 14.56 -4.29
CA LEU C 981 -4.27 15.52 -5.38
C LEU C 981 -4.30 16.96 -4.88
N SER C 982 -5.09 17.23 -3.85
CA SER C 982 -5.24 18.60 -3.34
C SER C 982 -4.08 19.02 -2.45
N ARG C 983 -3.21 18.08 -2.09
CA ARG C 983 -2.13 18.38 -1.15
C ARG C 983 -0.74 18.13 -1.71
N LEU C 984 -0.61 17.19 -2.64
CA LEU C 984 0.70 16.81 -3.13
C LEU C 984 0.89 17.14 -4.61
N ASP C 985 2.07 17.65 -4.94
CA ASP C 985 2.43 17.89 -6.33
C ASP C 985 2.49 16.56 -7.07
N PRO C 986 2.16 16.52 -8.37
CA PRO C 986 2.10 15.36 -9.24
C PRO C 986 3.25 14.34 -9.07
N PRO C 987 4.53 14.75 -9.00
CA PRO C 987 5.68 13.87 -8.92
C PRO C 987 5.57 12.89 -7.76
N GLU C 988 4.82 13.28 -6.73
CA GLU C 988 4.61 12.42 -5.57
C GLU C 988 3.17 11.94 -5.50
N ALA C 989 2.24 12.79 -5.90
CA ALA C 989 0.82 12.46 -5.83
C ALA C 989 0.54 11.22 -6.64
N GLU C 990 1.24 11.07 -7.77
CA GLU C 990 1.07 9.92 -8.64
C GLU C 990 1.51 8.64 -7.93
N VAL C 991 2.55 8.74 -7.10
CA VAL C 991 3.04 7.59 -6.36
C VAL C 991 2.03 7.16 -5.31
N GLN C 992 1.46 8.12 -4.62
CA GLN C 992 0.47 7.84 -3.59
C GLN C 992 -0.77 7.21 -4.21
N ILE C 993 -1.12 7.67 -5.41
CA ILE C 993 -2.25 7.11 -6.12
C ILE C 993 -1.96 5.70 -6.60
N ASP C 994 -0.76 5.47 -7.13
CA ASP C 994 -0.39 4.13 -7.57
C ASP C 994 -0.55 3.11 -6.45
N ARG C 995 -0.24 3.50 -5.22
CA ARG C 995 -0.45 2.60 -4.09
C ARG C 995 -1.92 2.23 -3.95
N LEU C 996 -2.80 3.22 -4.09
CA LEU C 996 -4.23 2.96 -3.97
C LEU C 996 -4.74 2.11 -5.12
N ILE C 997 -4.21 2.34 -6.32
CA ILE C 997 -4.61 1.55 -7.47
C ILE C 997 -4.22 0.09 -7.30
N THR C 998 -2.99 -0.15 -6.87
CA THR C 998 -2.52 -1.52 -6.68
C THR C 998 -3.30 -2.21 -5.58
N GLY C 999 -3.54 -1.49 -4.49
CA GLY C 999 -4.28 -2.04 -3.36
C GLY C 999 -5.71 -2.39 -3.74
N ARG C 1000 -6.42 -1.43 -4.32
CA ARG C 1000 -7.81 -1.63 -4.69
C ARG C 1000 -7.95 -2.67 -5.79
N LEU C 1001 -7.00 -2.72 -6.70
CA LEU C 1001 -7.02 -3.72 -7.75
C LEU C 1001 -6.87 -5.12 -7.18
N GLN C 1002 -5.94 -5.28 -6.24
CA GLN C 1002 -5.74 -6.57 -5.59
C GLN C 1002 -6.98 -7.01 -4.83
N SER C 1003 -7.66 -6.05 -4.20
CA SER C 1003 -8.88 -6.35 -3.45
C SER C 1003 -10.00 -6.80 -4.38
N LEU C 1004 -10.12 -6.14 -5.53
CA LEU C 1004 -11.19 -6.48 -6.51
C LEU C 1004 -10.88 -7.82 -7.19
N GLN C 1005 -9.61 -8.10 -7.43
CA GLN C 1005 -9.23 -9.39 -8.00
C GLN C 1005 -9.52 -10.52 -7.03
N THR C 1006 -9.27 -10.29 -5.75
CA THR C 1006 -9.55 -11.30 -4.73
C THR C 1006 -11.04 -11.62 -4.72
N TYR C 1007 -11.87 -10.59 -4.74
CA TYR C 1007 -13.31 -10.76 -4.76
C TYR C 1007 -13.76 -11.61 -5.92
N VAL C 1008 -13.28 -11.29 -7.12
CA VAL C 1008 -13.70 -12.01 -8.31
C VAL C 1008 -13.26 -13.46 -8.26
N THR C 1009 -12.03 -13.72 -7.84
CA THR C 1009 -11.54 -15.08 -7.77
C THR C 1009 -12.40 -15.92 -6.84
N GLN C 1010 -12.75 -15.35 -5.69
CA GLN C 1010 -13.59 -16.04 -4.71
C GLN C 1010 -14.97 -16.34 -5.28
N GLN C 1011 -15.48 -15.43 -6.10
CA GLN C 1011 -16.80 -15.64 -6.70
C GLN C 1011 -16.75 -16.68 -7.80
N LEU C 1012 -15.62 -16.80 -8.50
CA LEU C 1012 -15.50 -17.82 -9.53
C LEU C 1012 -15.52 -19.21 -8.90
N ILE C 1013 -14.86 -19.36 -7.75
CA ILE C 1013 -14.84 -20.62 -7.05
C ILE C 1013 -16.21 -20.93 -6.43
N ARG C 1014 -16.81 -19.93 -5.80
CA ARG C 1014 -18.14 -20.09 -5.21
C ARG C 1014 -19.17 -20.41 -6.29
N ALA C 1015 -19.08 -19.75 -7.43
CA ALA C 1015 -20.03 -20.00 -8.51
C ALA C 1015 -19.93 -21.45 -8.96
N ALA C 1016 -18.73 -22.01 -8.95
CA ALA C 1016 -18.53 -23.38 -9.38
C ALA C 1016 -19.26 -24.38 -8.49
N GLU C 1017 -19.25 -24.16 -7.17
CA GLU C 1017 -19.93 -25.10 -6.29
C GLU C 1017 -21.45 -24.94 -6.40
N ILE C 1018 -21.90 -23.72 -6.73
CA ILE C 1018 -23.31 -23.49 -6.97
C ILE C 1018 -23.75 -24.25 -8.22
N ARG C 1019 -22.91 -24.22 -9.25
CA ARG C 1019 -23.21 -24.96 -10.46
C ARG C 1019 -23.37 -26.44 -10.18
N ALA C 1020 -22.47 -27.00 -9.37
CA ALA C 1020 -22.53 -28.40 -9.03
C ALA C 1020 -23.84 -28.74 -8.32
N SER C 1021 -24.27 -27.85 -7.43
CA SER C 1021 -25.53 -28.04 -6.72
C SER C 1021 -26.70 -27.96 -7.69
N ALA C 1022 -26.65 -27.00 -8.61
CA ALA C 1022 -27.70 -26.85 -9.60
C ALA C 1022 -27.79 -28.09 -10.49
N ASN C 1023 -26.64 -28.67 -10.81
CA ASN C 1023 -26.61 -29.87 -11.64
C ASN C 1023 -27.27 -31.04 -10.94
N LEU C 1024 -27.06 -31.14 -9.63
CA LEU C 1024 -27.69 -32.19 -8.84
C LEU C 1024 -29.19 -31.96 -8.76
N ALA C 1025 -29.59 -30.71 -8.57
CA ALA C 1025 -30.99 -30.37 -8.50
C ALA C 1025 -31.70 -30.69 -9.81
N ALA C 1026 -31.04 -30.42 -10.92
CA ALA C 1026 -31.60 -30.71 -12.23
C ALA C 1026 -31.72 -32.21 -12.44
N THR C 1027 -30.73 -32.95 -11.95
CA THR C 1027 -30.72 -34.40 -12.08
C THR C 1027 -31.88 -35.02 -11.31
N LYS C 1028 -32.08 -34.55 -10.08
CA LYS C 1028 -33.18 -35.03 -9.25
C LYS C 1028 -34.52 -34.60 -9.81
N MET C 1029 -34.56 -33.42 -10.40
CA MET C 1029 -35.81 -32.96 -11.00
C MET C 1029 -36.24 -33.91 -12.11
N SER C 1030 -35.27 -34.53 -12.78
CA SER C 1030 -35.58 -35.50 -13.81
C SER C 1030 -35.89 -36.88 -13.24
N GLU C 1031 -34.98 -37.40 -12.41
CA GLU C 1031 -35.03 -38.79 -11.97
C GLU C 1031 -35.99 -39.07 -10.81
N CYS C 1032 -36.22 -38.10 -9.94
CA CYS C 1032 -37.06 -38.29 -8.75
C CYS C 1032 -38.51 -37.90 -9.05
N VAL C 1033 -38.69 -36.97 -9.98
CA VAL C 1033 -40.01 -36.38 -10.23
C VAL C 1033 -40.69 -36.95 -11.47
N LEU C 1034 -39.93 -37.16 -12.54
CA LEU C 1034 -40.50 -37.55 -13.82
C LEU C 1034 -40.38 -39.05 -14.04
N GLY C 1035 -40.21 -39.78 -12.94
CA GLY C 1035 -40.07 -41.23 -12.98
C GLY C 1035 -40.02 -41.78 -11.57
N GLN C 1036 -39.35 -42.92 -11.42
CA GLN C 1036 -39.21 -43.57 -10.13
C GLN C 1036 -37.80 -44.13 -9.99
N SER C 1037 -36.98 -43.44 -9.21
CA SER C 1037 -35.58 -43.80 -9.09
C SER C 1037 -35.37 -45.13 -8.41
N LYS C 1038 -34.38 -45.88 -8.88
CA LYS C 1038 -33.99 -47.15 -8.28
C LYS C 1038 -32.71 -46.98 -7.46
N ARG C 1039 -32.23 -45.74 -7.40
CA ARG C 1039 -30.96 -45.45 -6.74
C ARG C 1039 -31.17 -45.29 -5.24
N VAL C 1040 -30.37 -46.03 -4.47
CA VAL C 1040 -30.53 -46.07 -3.03
C VAL C 1040 -30.20 -44.74 -2.37
N ASP C 1041 -31.13 -44.26 -1.55
CA ASP C 1041 -30.98 -43.01 -0.80
C ASP C 1041 -30.68 -41.82 -1.70
N PHE C 1042 -31.05 -41.92 -2.97
CA PHE C 1042 -30.90 -40.79 -3.87
C PHE C 1042 -32.08 -39.82 -3.74
N CYS C 1043 -33.30 -40.34 -3.75
CA CYS C 1043 -34.53 -39.57 -3.65
C CYS C 1043 -35.15 -39.79 -2.26
N GLY C 1044 -34.31 -39.64 -1.23
CA GLY C 1044 -34.75 -39.85 0.14
C GLY C 1044 -34.49 -41.29 0.58
N LYS C 1045 -34.46 -41.51 1.89
CA LYS C 1045 -34.24 -42.84 2.43
C LYS C 1045 -35.51 -43.66 2.40
N GLY C 1046 -35.40 -44.93 2.04
CA GLY C 1046 -36.57 -45.81 1.92
C GLY C 1046 -36.81 -46.14 0.45
N TYR C 1047 -37.93 -46.80 0.16
CA TYR C 1047 -38.21 -47.20 -1.22
C TYR C 1047 -38.99 -46.10 -1.92
N HIS C 1048 -38.37 -45.48 -2.91
CA HIS C 1048 -38.94 -44.29 -3.53
C HIS C 1048 -40.24 -44.57 -4.25
N LEU C 1049 -41.24 -43.72 -4.03
CA LEU C 1049 -42.49 -43.79 -4.76
C LEU C 1049 -42.63 -42.62 -5.73
N MET C 1050 -42.50 -41.39 -5.22
CA MET C 1050 -42.65 -40.19 -6.06
C MET C 1050 -42.15 -38.93 -5.38
N SER C 1051 -42.03 -37.85 -6.14
CA SER C 1051 -41.59 -36.55 -5.59
C SER C 1051 -42.50 -35.40 -6.00
N PHE C 1052 -42.57 -34.40 -5.13
CA PHE C 1052 -43.33 -33.18 -5.38
C PHE C 1052 -42.45 -31.94 -5.18
N PRO C 1053 -41.96 -31.32 -6.25
CA PRO C 1053 -41.13 -30.13 -6.26
C PRO C 1053 -41.83 -28.92 -5.64
N GLN C 1054 -41.05 -28.10 -4.96
CA GLN C 1054 -41.51 -26.83 -4.43
C GLN C 1054 -40.44 -25.77 -4.71
N SER C 1055 -40.85 -24.54 -4.99
CA SER C 1055 -39.86 -23.49 -5.23
C SER C 1055 -39.36 -22.89 -3.93
N ALA C 1056 -38.24 -22.19 -4.00
CA ALA C 1056 -37.66 -21.53 -2.83
C ALA C 1056 -36.70 -20.44 -3.31
N PRO C 1057 -36.40 -19.44 -2.46
CA PRO C 1057 -35.42 -18.41 -2.71
C PRO C 1057 -34.07 -19.00 -3.08
N HIS C 1058 -33.59 -18.65 -4.26
CA HIS C 1058 -32.28 -19.08 -4.74
C HIS C 1058 -32.09 -20.60 -4.71
N GLY C 1059 -33.17 -21.36 -4.79
CA GLY C 1059 -33.04 -22.81 -4.73
C GLY C 1059 -34.34 -23.56 -4.93
N VAL C 1060 -34.28 -24.86 -4.75
CA VAL C 1060 -35.43 -25.74 -4.95
C VAL C 1060 -35.57 -26.69 -3.77
N VAL C 1061 -36.80 -27.02 -3.43
CA VAL C 1061 -37.08 -27.97 -2.36
C VAL C 1061 -37.84 -29.18 -2.89
N PHE C 1062 -37.35 -30.37 -2.55
CA PHE C 1062 -38.00 -31.58 -2.99
C PHE C 1062 -38.67 -32.31 -1.84
N LEU C 1063 -39.93 -32.68 -2.03
CA LEU C 1063 -40.60 -33.53 -1.07
C LEU C 1063 -40.60 -34.95 -1.59
N HIS C 1064 -39.88 -35.83 -0.90
CA HIS C 1064 -39.72 -37.20 -1.37
C HIS C 1064 -40.62 -38.16 -0.63
N VAL C 1065 -41.50 -38.84 -1.36
CA VAL C 1065 -42.45 -39.77 -0.75
C VAL C 1065 -41.89 -41.18 -0.85
N THR C 1066 -41.67 -41.81 0.30
CA THR C 1066 -41.05 -43.14 0.32
C THR C 1066 -41.86 -44.16 1.10
N TYR C 1067 -41.68 -45.42 0.72
CA TYR C 1067 -42.29 -46.56 1.40
C TYR C 1067 -41.30 -47.19 2.37
N VAL C 1068 -41.71 -47.32 3.62
CA VAL C 1068 -40.85 -47.92 4.64
C VAL C 1068 -41.54 -49.13 5.30
N PRO C 1069 -40.92 -50.32 5.25
CA PRO C 1069 -41.35 -51.55 5.87
C PRO C 1069 -41.49 -51.39 7.38
N ALA C 1070 -42.46 -52.08 7.98
CA ALA C 1070 -42.65 -52.01 9.42
C ALA C 1070 -43.23 -53.29 9.99
N GLN C 1071 -43.02 -53.50 11.29
CA GLN C 1071 -43.64 -54.60 12.03
C GLN C 1071 -43.33 -55.96 11.42
N GLU C 1072 -42.05 -56.30 11.33
CA GLU C 1072 -41.65 -57.60 10.80
C GLU C 1072 -41.84 -58.72 11.79
N LYS C 1073 -41.96 -59.94 11.27
CA LYS C 1073 -42.04 -61.13 12.10
C LYS C 1073 -40.98 -62.16 11.71
N ASN C 1074 -40.62 -63.02 12.68
CA ASN C 1074 -39.65 -64.09 12.49
C ASN C 1074 -40.31 -65.34 11.88
N PHE C 1075 -39.85 -65.71 10.67
CA PHE C 1075 -40.34 -66.91 9.98
C PHE C 1075 -39.19 -67.87 9.67
N THR C 1076 -39.49 -69.15 9.60
CA THR C 1076 -38.51 -70.12 9.16
C THR C 1076 -38.56 -70.23 7.63
N THR C 1077 -37.42 -70.43 7.01
CA THR C 1077 -37.37 -70.46 5.54
C THR C 1077 -36.59 -71.65 4.99
N ALA C 1078 -36.61 -71.77 3.66
CA ALA C 1078 -35.88 -72.84 2.97
C ALA C 1078 -35.63 -72.46 1.51
N PRO C 1079 -34.43 -72.75 0.98
CA PRO C 1079 -34.02 -72.64 -0.42
C PRO C 1079 -34.97 -73.32 -1.40
N ALA C 1080 -35.49 -74.49 -1.06
CA ALA C 1080 -36.34 -75.22 -1.98
C ALA C 1080 -37.20 -76.24 -1.26
N ILE C 1081 -38.28 -76.63 -1.91
CA ILE C 1081 -39.17 -77.67 -1.40
C ILE C 1081 -39.18 -78.91 -2.29
N CYS C 1082 -39.04 -80.08 -1.69
CA CYS C 1082 -38.99 -81.35 -2.38
C CYS C 1082 -40.39 -81.94 -2.54
N HIS C 1083 -40.71 -82.31 -3.77
CA HIS C 1083 -41.96 -83.00 -4.06
C HIS C 1083 -41.68 -84.14 -5.03
N ASP C 1084 -41.87 -85.37 -4.56
CA ASP C 1084 -41.56 -86.58 -5.33
C ASP C 1084 -40.28 -86.47 -6.16
N GLY C 1085 -39.21 -85.99 -5.53
CA GLY C 1085 -37.88 -86.05 -6.13
C GLY C 1085 -37.50 -84.79 -6.90
N LYS C 1086 -38.48 -83.91 -7.12
CA LYS C 1086 -38.23 -82.68 -7.87
C LYS C 1086 -37.98 -81.51 -6.92
N ALA C 1087 -37.00 -80.68 -7.26
CA ALA C 1087 -36.71 -79.50 -6.46
C ALA C 1087 -37.49 -78.30 -6.96
N HIS C 1088 -38.43 -77.82 -6.13
CA HIS C 1088 -39.28 -76.70 -6.48
C HIS C 1088 -38.80 -75.39 -5.86
N PHE C 1089 -38.66 -74.37 -6.70
CA PHE C 1089 -38.24 -73.04 -6.29
C PHE C 1089 -39.39 -72.07 -6.53
N PRO C 1090 -39.51 -71.00 -5.74
CA PRO C 1090 -40.52 -69.97 -5.88
C PRO C 1090 -40.26 -69.15 -7.14
N ARG C 1091 -41.32 -68.79 -7.85
CA ARG C 1091 -41.15 -67.92 -9.01
C ARG C 1091 -40.92 -66.49 -8.54
N GLU C 1092 -41.63 -66.04 -7.51
CA GLU C 1092 -41.42 -64.62 -7.15
C GLU C 1092 -40.95 -64.27 -5.74
N GLY C 1093 -41.49 -64.91 -4.71
CA GLY C 1093 -41.15 -64.51 -3.33
C GLY C 1093 -40.39 -65.64 -2.70
N VAL C 1094 -40.46 -65.76 -1.38
CA VAL C 1094 -39.72 -66.77 -0.65
C VAL C 1094 -40.65 -67.78 0.01
N PHE C 1095 -40.09 -68.92 0.40
CA PHE C 1095 -40.84 -69.89 1.19
C PHE C 1095 -40.71 -69.56 2.67
N VAL C 1096 -41.83 -69.62 3.38
CA VAL C 1096 -41.85 -69.35 4.82
C VAL C 1096 -42.60 -70.44 5.57
N SER C 1097 -42.30 -70.57 6.85
CA SER C 1097 -43.00 -71.51 7.72
C SER C 1097 -43.40 -70.87 9.03
N ASN C 1098 -44.66 -71.06 9.43
CA ASN C 1098 -45.22 -70.52 10.66
C ASN C 1098 -45.12 -71.49 11.83
N GLY C 1099 -44.39 -72.59 11.65
CA GLY C 1099 -44.17 -73.60 12.67
C GLY C 1099 -44.79 -74.94 12.30
N THR C 1100 -45.79 -74.91 11.41
CA THR C 1100 -46.39 -76.16 10.98
C THR C 1100 -46.58 -76.23 9.46
N HIS C 1101 -46.94 -75.11 8.84
CA HIS C 1101 -47.26 -75.12 7.41
C HIS C 1101 -46.35 -74.20 6.62
N TRP C 1102 -46.00 -74.63 5.40
CA TRP C 1102 -45.19 -73.84 4.49
C TRP C 1102 -46.04 -73.03 3.52
N PHE C 1103 -45.64 -71.79 3.30
CA PHE C 1103 -46.32 -70.86 2.40
C PHE C 1103 -45.31 -70.15 1.52
N VAL C 1104 -45.78 -69.57 0.43
CA VAL C 1104 -44.91 -68.74 -0.39
C VAL C 1104 -45.45 -67.31 -0.40
N THR C 1105 -44.57 -66.33 -0.22
CA THR C 1105 -45.02 -64.94 -0.15
C THR C 1105 -43.99 -63.94 -0.65
N GLN C 1106 -44.47 -62.81 -1.13
CA GLN C 1106 -43.58 -61.73 -1.57
C GLN C 1106 -42.71 -61.29 -0.41
N ARG C 1107 -41.44 -61.07 -0.68
CA ARG C 1107 -40.46 -60.80 0.38
C ARG C 1107 -40.56 -59.40 0.96
N ASN C 1108 -41.31 -58.51 0.30
CA ASN C 1108 -41.40 -57.13 0.75
C ASN C 1108 -42.66 -56.85 1.56
N PHE C 1109 -43.50 -57.87 1.76
CA PHE C 1109 -44.75 -57.70 2.49
C PHE C 1109 -45.40 -59.04 2.77
N TYR C 1110 -45.55 -59.41 4.03
CA TYR C 1110 -46.05 -60.73 4.37
C TYR C 1110 -47.50 -60.90 3.91
N GLU C 1111 -47.71 -61.87 3.05
CA GLU C 1111 -49.02 -62.16 2.51
C GLU C 1111 -49.04 -63.58 1.95
N PRO C 1112 -49.19 -64.59 2.81
CA PRO C 1112 -48.90 -65.99 2.59
C PRO C 1112 -49.84 -66.63 1.59
N GLN C 1113 -49.29 -67.36 0.64
CA GLN C 1113 -50.09 -68.08 -0.34
C GLN C 1113 -49.87 -69.58 -0.23
N ILE C 1114 -50.84 -70.35 -0.69
CA ILE C 1114 -50.66 -71.80 -0.80
C ILE C 1114 -49.66 -72.10 -1.91
N ILE C 1115 -48.75 -73.03 -1.63
CA ILE C 1115 -47.70 -73.37 -2.60
C ILE C 1115 -48.25 -74.32 -3.66
N THR C 1116 -48.26 -73.86 -4.92
CA THR C 1116 -48.86 -74.62 -6.00
C THR C 1116 -47.93 -74.65 -7.20
N THR C 1117 -48.29 -75.44 -8.20
CA THR C 1117 -47.48 -75.55 -9.42
C THR C 1117 -47.56 -74.26 -10.26
N ASP C 1118 -48.41 -73.32 -9.84
CA ASP C 1118 -48.57 -72.04 -10.52
C ASP C 1118 -47.58 -70.98 -10.06
N ASN C 1119 -47.00 -71.15 -8.88
CA ASN C 1119 -46.15 -70.12 -8.30
C ASN C 1119 -44.77 -70.64 -7.95
N THR C 1120 -44.46 -71.83 -8.46
CA THR C 1120 -43.14 -72.42 -8.32
C THR C 1120 -42.65 -72.95 -9.66
N PHE C 1121 -41.37 -73.28 -9.74
CA PHE C 1121 -40.84 -73.93 -10.92
C PHE C 1121 -39.85 -75.01 -10.52
N VAL C 1122 -39.65 -75.98 -11.39
CA VAL C 1122 -38.76 -77.09 -11.07
C VAL C 1122 -37.42 -76.99 -11.76
N SER C 1123 -36.36 -77.19 -10.99
CA SER C 1123 -35.02 -77.23 -11.56
C SER C 1123 -34.14 -78.19 -10.79
N GLY C 1124 -33.82 -79.32 -11.41
CA GLY C 1124 -32.99 -80.32 -10.77
C GLY C 1124 -33.80 -81.19 -9.81
N ASN C 1125 -33.10 -81.97 -8.99
CA ASN C 1125 -33.75 -82.92 -8.11
C ASN C 1125 -33.46 -82.59 -6.64
N CYS C 1126 -34.02 -83.39 -5.73
CA CYS C 1126 -33.95 -83.16 -4.29
C CYS C 1126 -32.62 -83.53 -3.65
N ASP C 1127 -31.67 -84.00 -4.44
CA ASP C 1127 -30.39 -84.44 -3.90
C ASP C 1127 -29.24 -83.47 -4.15
N VAL C 1128 -29.54 -82.26 -4.62
CA VAL C 1128 -28.49 -81.32 -4.97
C VAL C 1128 -28.38 -80.12 -4.02
N VAL C 1129 -29.51 -79.47 -3.75
CA VAL C 1129 -29.51 -78.22 -2.99
C VAL C 1129 -29.45 -78.46 -1.48
N ILE C 1130 -28.65 -77.65 -0.80
CA ILE C 1130 -28.54 -77.72 0.65
C ILE C 1130 -29.66 -76.93 1.31
N GLY C 1131 -30.37 -77.56 2.25
CA GLY C 1131 -31.45 -76.87 2.94
C GLY C 1131 -32.83 -77.17 2.35
N ILE C 1132 -32.94 -78.27 1.62
CA ILE C 1132 -34.21 -78.68 1.06
C ILE C 1132 -35.13 -79.25 2.13
N VAL C 1133 -36.40 -78.85 2.09
CA VAL C 1133 -37.38 -79.39 3.04
C VAL C 1133 -38.51 -80.06 2.28
N ASN C 1134 -39.22 -80.97 2.95
CA ASN C 1134 -40.38 -81.65 2.37
C ASN C 1134 -41.67 -80.92 2.74
N ASN C 1135 -42.50 -80.77 1.70
CA ASN C 1135 -43.82 -80.12 1.79
C ASN C 1135 -44.38 -80.36 0.40
N THR C 1136 -45.66 -80.70 0.25
CA THR C 1136 -46.19 -81.08 -1.07
C THR C 1136 -46.52 -79.86 -1.92
N VAL C 1137 -46.18 -79.88 -3.23
CA VAL C 1137 -46.68 -78.77 -4.00
C VAL C 1137 -48.04 -79.11 -4.58
N TYR C 1138 -49.03 -78.26 -4.35
CA TYR C 1138 -50.40 -78.54 -4.73
C TYR C 1138 -50.69 -78.36 -6.21
N ASP C 1139 -51.27 -79.39 -6.82
CA ASP C 1139 -51.74 -79.39 -8.19
C ASP C 1139 -53.20 -78.95 -8.27
N PRO C 1140 -53.51 -77.77 -8.85
CA PRO C 1140 -54.86 -77.20 -8.97
C PRO C 1140 -55.93 -78.15 -9.59
N LEU C 1141 -55.51 -79.11 -10.43
CA LEU C 1141 -56.45 -80.00 -11.12
C LEU C 1141 -56.83 -81.14 -10.20
N GLN D 1 27.15 39.08 -6.76
CA GLN D 1 27.84 39.35 -5.50
C GLN D 1 27.67 40.83 -5.13
N VAL D 2 26.48 41.20 -4.65
CA VAL D 2 26.15 42.58 -4.33
C VAL D 2 26.67 42.99 -2.97
N GLN D 3 27.35 44.13 -2.93
CA GLN D 3 27.86 44.68 -1.69
C GLN D 3 27.55 46.17 -1.56
N LEU D 4 27.27 46.60 -0.35
CA LEU D 4 27.07 48.00 -0.03
C LEU D 4 27.89 48.35 1.21
N VAL D 5 28.77 49.33 1.09
CA VAL D 5 29.66 49.69 2.18
C VAL D 5 29.49 51.13 2.62
N GLU D 6 29.06 51.31 3.86
CA GLU D 6 28.83 52.64 4.42
C GLU D 6 30.08 53.19 5.10
N SER D 7 30.21 54.51 5.08
CA SER D 7 31.29 55.21 5.77
C SER D 7 30.79 56.54 6.34
N GLY D 8 31.45 57.01 7.40
CA GLY D 8 31.08 58.28 8.02
C GLY D 8 30.42 58.08 9.38
N GLY D 9 30.42 56.84 9.86
CA GLY D 9 29.86 56.53 11.17
C GLY D 9 30.80 56.97 12.28
N VAL D 10 30.71 58.24 12.63
CA VAL D 10 31.57 58.84 13.64
C VAL D 10 30.74 59.53 14.71
N VAL D 11 31.39 59.96 15.77
CA VAL D 11 30.72 60.76 16.78
C VAL D 11 30.88 62.23 16.44
N VAL D 12 29.76 62.90 16.26
CA VAL D 12 29.76 64.27 15.77
C VAL D 12 29.00 65.21 16.70
N GLN D 13 29.55 66.39 16.90
CA GLN D 13 28.89 67.43 17.68
C GLN D 13 27.61 67.81 16.96
N PRO D 14 26.44 67.83 17.64
CA PRO D 14 25.13 68.12 17.10
C PRO D 14 25.06 69.34 16.19
N GLY D 15 25.91 70.34 16.47
CA GLY D 15 25.90 71.57 15.68
C GLY D 15 26.68 71.44 14.37
N GLY D 16 27.20 70.25 14.10
CA GLY D 16 28.00 69.99 12.90
C GLY D 16 27.14 69.60 11.71
N SER D 17 27.79 69.10 10.66
CA SER D 17 27.10 68.75 9.42
C SER D 17 27.68 67.47 8.80
N LEU D 18 27.46 66.34 9.47
CA LEU D 18 28.02 65.07 9.05
C LEU D 18 27.41 64.54 7.76
N ARG D 19 28.26 64.01 6.88
CA ARG D 19 27.79 63.34 5.68
C ARG D 19 28.18 61.87 5.68
N LEU D 20 27.26 61.02 5.24
CA LEU D 20 27.55 59.59 5.07
C LEU D 20 27.75 59.27 3.61
N SER D 21 28.52 58.23 3.35
CA SER D 21 28.79 57.78 1.98
C SER D 21 28.70 56.26 1.84
N CYS D 22 27.90 55.81 0.87
CA CYS D 22 27.71 54.40 0.58
C CYS D 22 28.31 54.02 -0.78
N ALA D 23 29.27 53.11 -0.76
CA ALA D 23 29.86 52.59 -1.99
C ALA D 23 29.06 51.37 -2.42
N ALA D 24 28.83 51.24 -3.73
CA ALA D 24 28.03 50.13 -4.23
C ALA D 24 28.72 49.41 -5.37
N SER D 25 28.59 48.09 -5.40
CA SER D 25 29.11 47.28 -6.49
C SER D 25 28.39 45.94 -6.58
N GLY D 26 28.59 45.23 -7.70
CA GLY D 26 28.02 43.91 -7.89
C GLY D 26 26.67 43.96 -8.60
N PHE D 27 26.25 45.15 -8.98
CA PHE D 27 24.98 45.34 -9.68
C PHE D 27 25.00 46.63 -10.50
N THR D 28 24.05 46.77 -11.39
CA THR D 28 23.92 48.00 -12.16
C THR D 28 23.50 49.14 -11.23
N PHE D 29 24.29 50.20 -11.19
CA PHE D 29 24.01 51.29 -10.27
C PHE D 29 23.11 52.35 -10.87
N HIS D 30 23.39 52.71 -12.12
CA HIS D 30 22.74 53.86 -12.75
C HIS D 30 21.29 53.62 -13.12
N ASP D 31 20.84 52.37 -13.06
CA ASP D 31 19.44 52.06 -13.38
C ASP D 31 18.63 51.73 -12.13
N HIS D 32 19.24 51.81 -10.95
CA HIS D 32 18.56 51.40 -9.73
C HIS D 32 18.31 52.54 -8.74
N THR D 33 17.17 52.45 -8.07
CA THR D 33 16.80 53.35 -6.97
C THR D 33 17.40 52.85 -5.66
N MET D 34 17.84 53.78 -4.81
CA MET D 34 18.41 53.42 -3.52
C MET D 34 17.81 54.19 -2.36
N HIS D 35 17.90 53.60 -1.17
CA HIS D 35 17.29 54.14 0.03
C HIS D 35 18.26 54.22 1.20
N TRP D 36 17.95 55.10 2.15
CA TRP D 36 18.60 55.07 3.45
C TRP D 36 17.61 54.65 4.53
N VAL D 37 18.06 53.78 5.42
CA VAL D 37 17.26 53.33 6.57
C VAL D 37 18.15 53.37 7.81
N ARG D 38 17.60 53.80 8.94
CA ARG D 38 18.40 53.84 10.16
C ARG D 38 17.72 53.09 11.29
N GLN D 39 18.52 52.53 12.19
CA GLN D 39 17.97 51.87 13.36
C GLN D 39 18.52 52.44 14.66
N ALA D 40 17.72 53.27 15.32
CA ALA D 40 18.10 53.82 16.61
C ALA D 40 18.19 52.69 17.62
N PRO D 41 19.14 52.72 18.55
CA PRO D 41 19.37 51.69 19.53
C PRO D 41 18.15 51.49 20.40
N GLY D 42 17.75 50.22 20.55
CA GLY D 42 16.58 49.88 21.36
C GLY D 42 15.28 49.98 20.57
N LYS D 43 15.36 50.42 19.32
CA LYS D 43 14.17 50.59 18.49
C LYS D 43 14.22 49.73 17.23
N GLY D 44 13.15 49.82 16.44
CA GLY D 44 13.04 49.08 15.19
C GLY D 44 13.61 49.90 14.04
N LEU D 45 13.30 49.50 12.81
CA LEU D 45 13.83 50.18 11.63
C LEU D 45 13.06 51.46 11.34
N GLU D 46 13.78 52.52 10.99
CA GLU D 46 13.16 53.77 10.58
C GLU D 46 13.57 54.16 9.17
N TRP D 47 12.60 54.33 8.30
CA TRP D 47 12.89 54.74 6.93
C TRP D 47 13.30 56.20 6.88
N VAL D 48 14.31 56.53 6.07
CA VAL D 48 14.80 57.90 6.01
C VAL D 48 14.47 58.59 4.68
N SER D 49 15.00 58.08 3.58
CA SER D 49 14.81 58.74 2.29
C SER D 49 15.12 57.83 1.10
N LEU D 50 14.60 58.21 -0.08
CA LEU D 50 14.96 57.52 -1.32
C LEU D 50 15.29 58.51 -2.43
N ILE D 51 16.17 58.09 -3.33
CA ILE D 51 16.46 58.83 -4.55
C ILE D 51 16.43 57.89 -5.76
N THR D 52 15.65 58.25 -6.79
CA THR D 52 15.56 57.40 -7.96
C THR D 52 16.75 57.55 -8.90
N TRP D 53 16.89 56.58 -9.80
CA TRP D 53 18.05 56.48 -10.69
C TRP D 53 18.30 57.74 -11.53
N ASN D 54 17.23 58.40 -11.95
CA ASN D 54 17.38 59.58 -12.80
C ASN D 54 17.21 60.87 -12.03
N GLY D 55 17.04 60.77 -10.72
CA GLY D 55 16.79 61.94 -9.88
C GLY D 55 15.38 62.48 -10.11
N GLY D 56 14.54 61.70 -10.78
CA GLY D 56 13.18 62.12 -11.14
C GLY D 56 12.35 62.46 -9.91
N THR D 57 12.54 61.70 -8.83
CA THR D 57 11.82 62.00 -7.61
C THR D 57 12.63 61.65 -6.37
N ILE D 58 12.41 62.42 -5.31
CA ILE D 58 13.04 62.21 -4.02
C ILE D 58 12.00 62.29 -2.91
N HIS D 59 12.12 61.40 -1.94
CA HIS D 59 11.19 61.40 -0.81
C HIS D 59 11.91 61.35 0.52
N TYR D 60 11.37 62.07 1.51
CA TYR D 60 11.91 62.08 2.85
C TYR D 60 10.83 61.80 3.90
N SER D 61 11.21 61.10 4.96
CA SER D 61 10.35 60.99 6.13
C SER D 61 10.22 62.35 6.81
N ASP D 62 9.05 62.66 7.35
CA ASP D 62 8.82 63.97 7.95
C ASP D 62 9.84 64.31 9.03
N SER D 63 10.35 63.31 9.73
CA SER D 63 11.30 63.52 10.81
C SER D 63 12.67 64.00 10.32
N VAL D 64 12.94 63.83 9.03
CA VAL D 64 14.20 64.26 8.43
C VAL D 64 13.98 65.26 7.30
N LYS D 65 12.72 65.43 6.93
CA LYS D 65 12.36 66.30 5.82
C LYS D 65 12.77 67.75 6.10
N GLY D 66 13.52 68.34 5.18
CA GLY D 66 13.94 69.73 5.29
C GLY D 66 15.30 69.88 5.99
N ARG D 67 15.77 68.80 6.60
CA ARG D 67 17.05 68.84 7.32
C ARG D 67 18.06 67.85 6.73
N PHE D 68 17.56 66.80 6.07
CA PHE D 68 18.43 65.85 5.39
C PHE D 68 18.39 66.08 3.87
N THR D 69 19.51 65.84 3.21
CA THR D 69 19.57 65.88 1.75
C THR D 69 20.16 64.59 1.19
N ILE D 70 19.50 64.02 0.19
CA ILE D 70 19.98 62.80 -0.43
C ILE D 70 20.42 63.09 -1.86
N SER D 71 21.56 62.53 -2.24
CA SER D 71 22.09 62.71 -3.58
C SER D 71 22.86 61.48 -4.02
N ARG D 72 23.08 61.35 -5.32
CA ARG D 72 23.80 60.20 -5.84
C ARG D 72 24.70 60.60 -7.00
N ASP D 73 25.74 59.82 -7.23
CA ASP D 73 26.62 60.05 -8.37
C ASP D 73 26.79 58.74 -9.14
N ASN D 74 26.14 58.67 -10.30
CA ASN D 74 26.09 57.45 -11.08
C ASN D 74 27.41 57.15 -11.78
N SER D 75 28.34 58.09 -11.73
CA SER D 75 29.65 57.92 -12.35
C SER D 75 30.66 57.35 -11.35
N LYS D 76 30.28 57.29 -10.09
CA LYS D 76 31.16 56.82 -9.03
C LYS D 76 30.56 55.61 -8.32
N ASN D 77 29.36 55.23 -8.73
CA ASN D 77 28.61 54.17 -8.09
C ASN D 77 28.50 54.38 -6.59
N SER D 78 28.12 55.59 -6.18
CA SER D 78 28.01 55.90 -4.76
C SER D 78 26.79 56.74 -4.42
N LEU D 79 26.28 56.54 -3.21
CA LEU D 79 25.12 57.25 -2.68
C LEU D 79 25.53 58.09 -1.46
N TYR D 80 25.05 59.33 -1.38
CA TYR D 80 25.41 60.20 -0.27
C TYR D 80 24.20 60.68 0.52
N LEU D 81 24.41 60.87 1.83
CA LEU D 81 23.39 61.46 2.70
C LEU D 81 23.98 62.57 3.55
N GLN D 82 23.45 63.78 3.39
CA GLN D 82 23.89 64.92 4.18
C GLN D 82 22.88 65.21 5.27
N MET D 83 23.32 65.15 6.53
CA MET D 83 22.42 65.35 7.66
C MET D 83 22.82 66.55 8.49
N ASN D 84 22.00 67.61 8.46
CA ASN D 84 22.30 68.83 9.19
C ASN D 84 21.36 69.01 10.37
N SER D 85 21.58 70.06 11.15
CA SER D 85 20.71 70.36 12.29
C SER D 85 20.45 69.08 13.09
N LEU D 86 21.52 68.43 13.52
CA LEU D 86 21.45 67.11 14.12
C LEU D 86 20.83 67.12 15.51
N ARG D 87 20.19 66.02 15.84
CA ARG D 87 19.54 65.82 17.13
C ARG D 87 20.11 64.57 17.78
N THR D 88 20.03 64.48 19.11
CA THR D 88 20.50 63.28 19.79
C THR D 88 19.62 62.09 19.42
N GLU D 89 18.44 62.39 18.90
CA GLU D 89 17.49 61.39 18.44
C GLU D 89 17.92 60.75 17.13
N ASP D 90 18.96 61.31 16.51
CA ASP D 90 19.46 60.80 15.24
C ASP D 90 20.51 59.72 15.46
N THR D 91 20.82 59.44 16.73
CA THR D 91 21.79 58.37 16.99
C THR D 91 21.19 57.06 16.51
N ALA D 92 21.88 56.43 15.59
CA ALA D 92 21.35 55.22 14.97
C ALA D 92 22.40 54.50 14.15
N LEU D 93 22.14 53.24 13.86
CA LEU D 93 22.94 52.49 12.90
C LEU D 93 22.34 52.73 11.52
N TYR D 94 23.09 53.42 10.67
CA TYR D 94 22.60 53.76 9.34
C TYR D 94 22.96 52.69 8.33
N TYR D 95 21.94 52.25 7.59
CA TYR D 95 22.10 51.21 6.58
C TYR D 95 21.86 51.78 5.18
N CYS D 96 22.63 51.28 4.22
CA CYS D 96 22.47 51.55 2.80
C CYS D 96 21.76 50.36 2.17
N ALA D 97 20.74 50.61 1.35
CA ALA D 97 19.99 49.51 0.74
C ALA D 97 19.53 49.88 -0.67
N LYS D 98 19.31 48.87 -1.49
CA LYS D 98 18.82 49.09 -2.86
C LYS D 98 17.43 48.49 -3.06
N ASP D 99 16.77 48.89 -4.15
CA ASP D 99 15.44 48.39 -4.49
C ASP D 99 15.49 47.04 -5.20
N LEU D 100 14.32 46.50 -5.55
CA LEU D 100 14.22 45.19 -6.19
C LEU D 100 14.65 45.18 -7.66
N GLY D 101 14.05 46.06 -8.46
CA GLY D 101 14.29 46.03 -9.90
C GLY D 101 14.71 47.39 -10.43
N ARG D 102 14.88 47.46 -11.74
CA ARG D 102 15.34 48.68 -12.40
C ARG D 102 14.19 49.62 -12.75
N GLY D 103 14.52 50.91 -12.86
CA GLY D 103 13.59 51.92 -13.34
C GLY D 103 12.67 52.45 -12.25
N GLY D 104 11.85 51.56 -11.70
CA GLY D 104 10.87 51.94 -10.69
C GLY D 104 11.43 51.87 -9.27
N TRP D 105 10.53 52.03 -8.30
CA TRP D 105 10.91 52.04 -6.89
C TRP D 105 9.76 51.72 -5.96
N TYR D 106 10.09 51.33 -4.73
CA TYR D 106 9.11 51.16 -3.66
C TYR D 106 9.76 51.21 -2.28
N LEU D 107 10.28 50.06 -1.83
CA LEU D 107 10.95 49.94 -0.54
C LEU D 107 12.26 49.17 -0.69
N PRO D 108 13.18 49.28 0.29
CA PRO D 108 14.43 48.55 0.36
C PRO D 108 14.19 47.07 0.16
N SER D 109 15.08 46.41 -0.57
CA SER D 109 14.90 45.00 -0.90
C SER D 109 15.84 44.08 -0.15
N ASP D 110 16.45 43.15 -0.88
CA ASP D 110 17.21 42.06 -0.28
C ASP D 110 18.65 42.43 0.06
N ALA D 111 19.23 43.30 -0.75
CA ALA D 111 20.63 43.68 -0.55
C ALA D 111 20.76 44.89 0.37
N TRP D 112 21.25 44.63 1.57
CA TRP D 112 21.50 45.65 2.59
C TRP D 112 22.99 45.67 2.93
N GLY D 113 23.51 46.84 3.23
CA GLY D 113 24.89 46.95 3.66
C GLY D 113 25.00 46.63 5.14
N GLN D 114 26.24 46.55 5.64
CA GLN D 114 26.48 46.30 7.05
C GLN D 114 26.04 47.47 7.90
N GLY D 115 26.19 48.68 7.35
CA GLY D 115 25.78 49.89 8.02
C GLY D 115 26.91 50.47 8.86
N THR D 116 26.71 51.68 9.35
CA THR D 116 27.72 52.33 10.18
C THR D 116 27.04 53.15 11.28
N LEU D 117 27.72 53.29 12.42
CA LEU D 117 27.08 53.93 13.56
C LEU D 117 27.33 55.42 13.64
N VAL D 118 26.24 56.18 13.68
CA VAL D 118 26.30 57.63 13.81
C VAL D 118 25.87 58.05 15.21
N THR D 119 26.74 58.75 15.92
CA THR D 119 26.45 59.18 17.28
C THR D 119 26.35 60.69 17.38
N VAL D 120 25.26 61.19 17.95
CA VAL D 120 25.01 62.63 18.10
C VAL D 120 24.77 62.96 19.58
N GLN E 1 5.18 53.96 19.13
CA GLN E 1 5.51 55.13 18.33
C GLN E 1 5.77 54.76 16.87
N SER E 2 4.81 54.04 16.26
CA SER E 2 4.88 53.63 14.86
C SER E 2 3.49 53.60 14.24
N VAL E 3 3.43 53.69 12.91
CA VAL E 3 2.15 53.65 12.22
C VAL E 3 1.66 52.22 12.02
N LEU E 4 2.54 51.35 11.53
CA LEU E 4 2.19 49.93 11.45
C LEU E 4 2.30 49.32 12.83
N THR E 5 1.31 48.52 13.19
CA THR E 5 1.25 47.92 14.52
C THR E 5 1.60 46.45 14.49
N GLN E 6 2.53 46.07 15.35
CA GLN E 6 2.93 44.69 15.50
C GLN E 6 3.04 44.35 16.99
N PRO E 7 2.84 43.09 17.37
CA PRO E 7 3.03 42.58 18.71
C PRO E 7 4.51 42.64 19.04
N PRO E 8 4.86 42.83 20.32
CA PRO E 8 6.21 42.95 20.83
C PRO E 8 7.00 41.65 20.69
N SER E 9 6.32 40.51 20.64
CA SER E 9 7.03 39.25 20.59
C SER E 9 6.16 38.09 20.09
N ALA E 10 6.82 37.00 19.77
CA ALA E 10 6.18 35.74 19.40
C ALA E 10 7.09 34.60 19.81
N SER E 11 6.51 33.42 20.03
CA SER E 11 7.33 32.28 20.43
C SER E 11 6.69 30.95 20.12
N GLY E 12 7.49 29.89 20.14
CA GLY E 12 6.99 28.55 19.96
C GLY E 12 8.10 27.50 20.04
N THR E 13 7.71 26.25 19.97
CA THR E 13 8.64 25.13 20.03
C THR E 13 9.16 24.83 18.62
N PRO E 14 10.46 24.61 18.43
CA PRO E 14 11.07 24.25 17.17
C PRO E 14 10.29 23.11 16.52
N GLY E 15 10.01 23.27 15.23
CA GLY E 15 9.20 22.31 14.49
C GLY E 15 7.75 22.77 14.36
N GLN E 16 7.34 23.74 15.18
CA GLN E 16 5.97 24.26 15.14
C GLN E 16 5.84 25.44 14.18
N ARG E 17 4.61 25.92 14.04
CA ARG E 17 4.34 27.09 13.20
C ARG E 17 3.72 28.21 14.01
N VAL E 18 4.21 29.43 13.78
CA VAL E 18 3.66 30.61 14.42
C VAL E 18 3.37 31.69 13.38
N THR E 19 2.55 32.67 13.76
CA THR E 19 2.31 33.79 12.87
C THR E 19 2.58 35.12 13.55
N ILE E 20 3.02 36.10 12.76
CA ILE E 20 3.22 37.46 13.21
C ILE E 20 2.30 38.39 12.46
N SER E 21 1.44 39.10 13.19
CA SER E 21 0.47 39.97 12.54
C SER E 21 1.02 41.37 12.31
N CYS E 22 0.36 42.10 11.40
CA CYS E 22 0.67 43.50 11.11
C CYS E 22 -0.62 44.24 10.72
N SER E 23 -0.89 45.35 11.39
CA SER E 23 -2.08 46.15 11.07
C SER E 23 -1.73 47.60 10.82
N GLY E 24 -2.59 48.29 10.08
CA GLY E 24 -2.36 49.70 9.77
C GLY E 24 -3.61 50.31 9.14
N SER E 25 -3.47 51.50 8.57
CA SER E 25 -4.62 52.17 7.97
C SER E 25 -4.78 51.74 6.52
N SER E 26 -5.84 52.23 5.88
CA SER E 26 -6.05 51.94 4.46
C SER E 26 -4.94 52.56 3.63
N ALA E 27 -4.27 53.55 4.20
CA ALA E 27 -3.18 54.26 3.53
C ALA E 27 -1.87 53.51 3.69
N ASN E 28 -1.87 52.43 4.47
CA ASN E 28 -0.64 51.69 4.73
C ASN E 28 -0.70 50.31 4.10
N ILE E 29 -1.75 49.58 4.41
CA ILE E 29 -1.90 48.22 3.93
C ILE E 29 -3.01 48.12 2.90
N GLY E 30 -4.13 48.78 3.16
CA GLY E 30 -5.32 48.60 2.34
C GLY E 30 -5.10 48.92 0.86
N SER E 31 -4.34 49.97 0.57
CA SER E 31 -4.13 50.40 -0.81
C SER E 31 -2.72 50.13 -1.33
N ASN E 32 -1.95 49.34 -0.60
CA ASN E 32 -0.54 49.11 -0.96
C ASN E 32 -0.12 47.68 -0.66
N THR E 33 1.14 47.35 -0.93
CA THR E 33 1.61 46.01 -0.66
C THR E 33 2.52 45.97 0.56
N VAL E 34 2.56 44.82 1.22
CA VAL E 34 3.34 44.67 2.43
C VAL E 34 4.59 43.83 2.23
N ASN E 35 5.70 44.34 2.72
CA ASN E 35 6.97 43.62 2.70
C ASN E 35 7.34 43.19 4.11
N TRP E 36 8.09 42.10 4.21
CA TRP E 36 8.59 41.63 5.50
C TRP E 36 10.09 41.45 5.49
N TYR E 37 10.74 41.77 6.60
CA TYR E 37 12.18 41.61 6.73
C TYR E 37 12.51 40.76 7.94
N GLN E 38 13.61 40.02 7.85
CA GLN E 38 14.13 39.26 8.98
C GLN E 38 15.47 39.80 9.42
N HIS E 39 15.52 40.36 10.63
CA HIS E 39 16.77 40.95 11.10
C HIS E 39 17.40 40.14 12.22
N LEU E 40 18.47 39.44 11.90
CA LEU E 40 19.20 38.64 12.87
C LEU E 40 20.26 39.52 13.53
N PRO E 41 20.23 39.69 14.86
CA PRO E 41 21.15 40.52 15.61
C PRO E 41 22.59 40.19 15.29
N GLY E 42 23.40 41.22 15.07
CA GLY E 42 24.81 41.07 14.76
C GLY E 42 25.11 41.34 13.29
N THR E 43 24.08 41.29 12.45
CA THR E 43 24.26 41.57 11.02
C THR E 43 23.18 42.50 10.50
N ALA E 44 23.18 42.73 9.19
CA ALA E 44 22.21 43.59 8.53
C ALA E 44 20.86 42.88 8.39
N PRO E 45 19.75 43.63 8.29
CA PRO E 45 18.43 43.17 7.90
C PRO E 45 18.43 42.59 6.49
N LYS E 46 17.56 41.62 6.23
CA LYS E 46 17.39 41.09 4.89
C LYS E 46 15.90 40.95 4.53
N LEU E 47 15.58 41.10 3.26
CA LEU E 47 14.22 40.93 2.77
C LEU E 47 13.79 39.47 2.89
N LEU E 48 12.60 39.25 3.44
CA LEU E 48 12.07 37.91 3.59
C LEU E 48 10.93 37.67 2.62
N ILE E 49 9.98 38.60 2.60
CA ILE E 49 8.81 38.52 1.73
C ILE E 49 8.59 39.89 1.09
N TYR E 50 8.15 39.91 -0.17
CA TYR E 50 7.81 41.17 -0.81
C TYR E 50 6.53 41.06 -1.62
N SER E 51 5.89 42.19 -1.86
CA SER E 51 4.65 42.20 -2.63
C SER E 51 3.63 41.23 -2.05
N ASN E 52 3.49 41.27 -0.73
CA ASN E 52 2.52 40.48 0.03
C ASN E 52 2.96 39.04 0.26
N ASN E 53 3.23 38.30 -0.81
CA ASN E 53 3.50 36.87 -0.68
C ASN E 53 4.60 36.31 -1.59
N GLN E 54 5.48 37.16 -2.11
CA GLN E 54 6.55 36.68 -2.97
C GLN E 54 7.85 36.52 -2.19
N ARG E 55 8.69 35.60 -2.61
CA ARG E 55 9.97 35.42 -1.93
C ARG E 55 11.13 35.74 -2.85
N PRO E 56 12.19 36.37 -2.34
CA PRO E 56 13.46 36.62 -2.99
C PRO E 56 14.32 35.37 -2.99
N SER E 57 15.34 35.36 -3.81
CA SER E 57 16.26 34.22 -3.84
C SER E 57 16.92 34.03 -2.49
N GLY E 58 17.01 32.79 -2.05
CA GLY E 58 17.67 32.46 -0.79
C GLY E 58 16.69 32.24 0.35
N VAL E 59 15.44 32.64 0.17
CA VAL E 59 14.43 32.47 1.22
C VAL E 59 13.56 31.24 0.94
N PRO E 60 13.57 30.24 1.85
CA PRO E 60 12.92 28.95 1.74
C PRO E 60 11.41 29.07 1.89
N ASP E 61 10.70 28.01 1.54
CA ASP E 61 9.25 27.99 1.55
C ASP E 61 8.64 27.85 2.94
N ARG E 62 9.49 27.88 3.97
CA ARG E 62 9.00 27.90 5.33
C ARG E 62 8.44 29.28 5.67
N PHE E 63 8.78 30.26 4.84
CA PHE E 63 8.33 31.62 5.05
C PHE E 63 7.32 32.03 4.00
N SER E 64 6.10 32.31 4.44
CA SER E 64 5.03 32.72 3.56
C SER E 64 4.13 33.71 4.27
N GLY E 65 3.27 34.39 3.52
CA GLY E 65 2.39 35.35 4.15
C GLY E 65 1.23 35.72 3.25
N SER E 66 0.45 36.69 3.69
CA SER E 66 -0.72 37.13 2.95
C SER E 66 -1.17 38.53 3.34
N LYS E 67 -2.03 39.11 2.53
CA LYS E 67 -2.65 40.38 2.83
C LYS E 67 -4.13 40.34 2.51
N SER E 68 -4.94 40.86 3.42
CA SER E 68 -6.39 40.94 3.21
C SER E 68 -6.97 42.11 3.97
N GLY E 69 -8.08 42.66 3.50
CA GLY E 69 -8.69 43.76 4.22
C GLY E 69 -7.69 44.89 4.35
N THR E 70 -7.37 45.25 5.59
CA THR E 70 -6.43 46.33 5.87
C THR E 70 -5.36 45.79 6.83
N SER E 71 -5.08 44.50 6.72
CA SER E 71 -4.10 43.86 7.58
C SER E 71 -3.25 42.85 6.81
N ALA E 72 -2.15 42.43 7.41
CA ALA E 72 -1.25 41.46 6.78
C ALA E 72 -0.62 40.56 7.84
N SER E 73 -0.11 39.41 7.41
CA SER E 73 0.54 38.52 8.36
C SER E 73 1.66 37.70 7.72
N LEU E 74 2.60 37.31 8.57
CA LEU E 74 3.72 36.44 8.18
C LEU E 74 3.65 35.11 8.93
N ALA E 75 3.70 34.02 8.19
CA ALA E 75 3.65 32.68 8.78
C ALA E 75 5.00 32.00 8.68
N ILE E 76 5.51 31.54 9.82
CA ILE E 76 6.80 30.87 9.88
C ILE E 76 6.65 29.44 10.33
N SER E 77 6.81 28.49 9.41
CA SER E 77 6.65 27.08 9.74
C SER E 77 7.99 26.42 9.97
N GLY E 78 7.97 25.27 10.64
CA GLY E 78 9.21 24.52 10.82
C GLY E 78 10.21 25.32 11.62
N LEU E 79 9.76 25.98 12.68
CA LEU E 79 10.62 26.87 13.44
C LEU E 79 11.97 26.25 13.73
N GLN E 80 13.02 27.01 13.45
CA GLN E 80 14.39 26.60 13.70
C GLN E 80 15.00 27.52 14.75
N SER E 81 16.00 27.04 15.48
CA SER E 81 16.67 27.84 16.51
C SER E 81 17.42 29.03 15.89
N GLU E 82 17.62 28.98 14.58
CA GLU E 82 18.36 30.02 13.87
C GLU E 82 17.45 31.15 13.41
N ASP E 83 16.15 31.02 13.68
CA ASP E 83 15.18 32.04 13.28
C ASP E 83 14.82 32.95 14.45
N GLU E 84 15.66 32.93 15.48
CA GLU E 84 15.45 33.82 16.61
C GLU E 84 15.89 35.23 16.23
N ALA E 85 14.96 35.95 15.62
CA ALA E 85 15.25 37.24 14.99
C ALA E 85 14.05 38.18 15.08
N ASP E 86 14.29 39.46 14.83
CA ASP E 86 13.24 40.46 14.81
C ASP E 86 12.63 40.61 13.43
N TYR E 87 11.34 40.32 13.30
CA TYR E 87 10.67 40.38 12.02
C TYR E 87 9.91 41.69 11.86
N TYR E 88 10.13 42.35 10.73
CA TYR E 88 9.54 43.67 10.52
C TYR E 88 8.55 43.71 9.37
N CYS E 89 7.46 44.45 9.58
CA CYS E 89 6.44 44.73 8.59
C CYS E 89 6.64 46.12 8.00
N ALA E 90 6.52 46.25 6.68
CA ALA E 90 6.68 47.57 6.06
C ALA E 90 5.74 47.75 4.87
N ALA E 91 5.40 49.01 4.61
CA ALA E 91 4.57 49.37 3.46
C ALA E 91 4.78 50.85 3.12
N TRP E 92 4.43 51.24 1.90
CA TRP E 92 4.48 52.65 1.54
C TRP E 92 3.16 53.32 1.88
N ASP E 93 3.23 54.48 2.53
CA ASP E 93 2.05 55.22 2.94
C ASP E 93 1.56 56.15 1.83
N ASP E 94 0.25 56.38 1.79
CA ASP E 94 -0.33 57.29 0.80
C ASP E 94 -0.15 58.76 1.18
N SER E 95 -0.01 59.03 2.47
CA SER E 95 0.13 60.39 2.98
C SER E 95 1.56 60.63 3.44
N LEU E 96 2.10 59.66 4.16
CA LEU E 96 3.48 59.71 4.61
C LEU E 96 4.34 59.01 3.58
N LYS E 97 5.57 58.67 3.94
CA LYS E 97 6.46 58.01 2.98
C LYS E 97 6.64 56.53 3.34
N GLY E 98 7.86 56.12 3.65
CA GLY E 98 8.11 54.72 3.98
C GLY E 98 7.77 54.46 5.44
N VAL E 99 7.07 53.35 5.69
CA VAL E 99 6.66 53.02 7.05
C VAL E 99 7.09 51.61 7.48
N PHE E 100 7.72 51.54 8.65
CA PHE E 100 8.07 50.27 9.28
C PHE E 100 7.27 50.07 10.56
N GLY E 101 7.03 48.81 10.92
CA GLY E 101 6.39 48.48 12.19
C GLY E 101 7.42 48.45 13.31
N GLY E 102 6.96 48.22 14.53
CA GLY E 102 7.85 48.18 15.69
C GLY E 102 8.85 47.03 15.62
N GLY E 103 8.40 45.90 15.09
CA GLY E 103 9.23 44.71 15.01
C GLY E 103 8.82 43.69 16.05
N THR E 104 8.66 42.45 15.63
CA THR E 104 8.25 41.39 16.54
C THR E 104 9.42 40.48 16.87
N LYS E 105 9.72 40.32 18.14
CA LYS E 105 10.84 39.47 18.55
C LYS E 105 10.39 38.02 18.65
N LEU E 106 10.88 37.18 17.75
CA LEU E 106 10.53 35.77 17.74
C LEU E 106 11.59 34.97 18.49
N THR E 107 11.15 34.18 19.47
CA THR E 107 12.10 33.42 20.28
C THR E 107 11.70 31.95 20.42
N VAL E 108 12.70 31.11 20.68
CA VAL E 108 12.53 29.67 20.90
C VAL E 108 11.78 29.41 22.22
N GLN F 1 -12.16 73.02 25.75
CA GLN F 1 -12.25 74.30 25.03
C GLN F 1 -12.31 75.45 26.04
N VAL F 2 -11.24 75.62 26.81
CA VAL F 2 -11.16 76.65 27.86
C VAL F 2 -10.83 78.02 27.29
N GLN F 3 -11.62 79.01 27.68
CA GLN F 3 -11.41 80.38 27.24
C GLN F 3 -11.52 81.37 28.40
N LEU F 4 -10.70 82.40 28.34
CA LEU F 4 -10.74 83.49 29.32
C LEU F 4 -10.67 84.83 28.60
N VAL F 5 -11.64 85.71 28.86
CA VAL F 5 -11.71 86.99 28.17
C VAL F 5 -11.66 88.18 29.11
N GLU F 6 -10.62 88.97 29.00
CA GLU F 6 -10.43 90.15 29.85
C GLU F 6 -11.09 91.40 29.27
N SER F 7 -11.48 92.30 30.16
CA SER F 7 -12.01 93.61 29.79
C SER F 7 -11.62 94.67 30.80
N GLY F 8 -11.57 95.92 30.37
CA GLY F 8 -11.25 97.03 31.25
C GLY F 8 -9.88 97.64 30.96
N GLY F 9 -9.28 97.24 29.85
CA GLY F 9 -7.98 97.78 29.45
C GLY F 9 -8.14 99.20 28.91
N VAL F 10 -8.22 100.15 29.81
CA VAL F 10 -8.43 101.55 29.46
C VAL F 10 -7.34 102.42 30.08
N VAL F 11 -7.33 103.69 29.73
CA VAL F 11 -6.37 104.62 30.31
C VAL F 11 -7.01 105.40 31.46
N VAL F 12 -6.34 105.38 32.60
CA VAL F 12 -6.84 106.01 33.81
C VAL F 12 -5.80 106.95 34.41
N GLN F 13 -6.27 108.06 34.97
CA GLN F 13 -5.39 109.05 35.58
C GLN F 13 -4.80 108.49 36.89
N PRO F 14 -3.48 108.63 37.11
CA PRO F 14 -2.77 108.24 38.31
C PRO F 14 -3.44 108.83 39.55
N GLY F 15 -3.55 108.01 40.59
CA GLY F 15 -4.23 108.42 41.82
C GLY F 15 -5.69 107.97 41.80
N GLY F 16 -6.15 107.52 40.63
CA GLY F 16 -7.53 107.06 40.46
C GLY F 16 -7.65 105.56 40.66
N SER F 17 -8.69 104.97 40.08
CA SER F 17 -8.95 103.54 40.25
C SER F 17 -9.55 102.93 38.98
N LEU F 18 -9.40 101.61 38.87
CA LEU F 18 -9.91 100.86 37.72
C LEU F 18 -10.34 99.45 38.12
N ARG F 19 -11.45 98.98 37.59
CA ARG F 19 -11.84 97.59 37.80
C ARG F 19 -11.70 96.77 36.51
N LEU F 20 -11.02 95.63 36.62
CA LEU F 20 -10.91 94.71 35.49
C LEU F 20 -11.86 93.54 35.67
N SER F 21 -12.30 92.98 34.55
CA SER F 21 -13.21 91.84 34.58
C SER F 21 -12.77 90.76 33.61
N CYS F 22 -12.90 89.49 34.05
CA CYS F 22 -12.56 88.33 33.24
C CYS F 22 -13.74 87.36 33.16
N ALA F 23 -14.19 87.08 31.95
CA ALA F 23 -15.24 86.11 31.71
C ALA F 23 -14.61 84.75 31.52
N ALA F 24 -15.21 83.71 32.08
CA ALA F 24 -14.61 82.38 31.98
C ALA F 24 -15.62 81.33 31.55
N SER F 25 -15.15 80.38 30.74
CA SER F 25 -15.96 79.23 30.34
C SER F 25 -15.08 78.07 29.88
N GLY F 26 -15.69 76.89 29.74
CA GLY F 26 -14.99 75.72 29.23
C GLY F 26 -14.45 74.84 30.36
N PHE F 27 -14.62 75.31 31.58
CA PHE F 27 -14.16 74.58 32.76
C PHE F 27 -15.05 74.89 33.94
N THR F 28 -15.00 74.04 34.96
CA THR F 28 -15.77 74.30 36.17
C THR F 28 -15.26 75.56 36.84
N PHE F 29 -16.14 76.53 37.06
CA PHE F 29 -15.69 77.80 37.62
C PHE F 29 -15.69 77.80 39.13
N HIS F 30 -16.77 77.30 39.73
CA HIS F 30 -16.99 77.44 41.16
C HIS F 30 -16.06 76.58 42.01
N ASP F 31 -15.38 75.62 41.40
CA ASP F 31 -14.47 74.76 42.14
C ASP F 31 -13.00 75.10 41.87
N HIS F 32 -12.75 76.09 41.02
CA HIS F 32 -11.38 76.41 40.62
C HIS F 32 -10.86 77.72 41.20
N THR F 33 -9.56 77.75 41.49
CA THR F 33 -8.85 78.96 41.89
C THR F 33 -8.41 79.74 40.66
N MET F 34 -8.46 81.07 40.75
CA MET F 34 -8.04 81.92 39.64
C MET F 34 -7.08 83.02 40.06
N HIS F 35 -6.27 83.47 39.11
CA HIS F 35 -5.20 84.43 39.37
C HIS F 35 -5.19 85.59 38.38
N TRP F 36 -4.59 86.70 38.80
CA TRP F 36 -4.24 87.78 37.89
C TRP F 36 -2.72 87.93 37.81
N VAL F 37 -2.23 88.11 36.59
CA VAL F 37 -0.81 88.36 36.33
C VAL F 37 -0.68 89.56 35.40
N ARG F 38 0.31 90.41 35.65
CA ARG F 38 0.50 91.57 34.79
C ARG F 38 1.90 91.61 34.21
N GLN F 39 2.03 92.12 33.00
CA GLN F 39 3.35 92.29 32.40
C GLN F 39 3.63 93.73 32.00
N ALA F 40 4.47 94.40 32.79
CA ALA F 40 4.86 95.76 32.48
C ALA F 40 5.72 95.75 31.23
N PRO F 41 5.62 96.76 30.36
CA PRO F 41 6.34 96.86 29.12
C PRO F 41 7.84 96.88 29.37
N GLY F 42 8.56 96.04 28.63
CA GLY F 42 10.02 95.94 28.78
C GLY F 42 10.43 95.00 29.92
N LYS F 43 9.44 94.46 30.63
CA LYS F 43 9.69 93.60 31.77
C LYS F 43 9.04 92.22 31.62
N GLY F 44 9.35 91.34 32.55
CA GLY F 44 8.80 89.99 32.56
C GLY F 44 7.45 89.95 33.28
N LEU F 45 7.00 88.75 33.62
CA LEU F 45 5.70 88.59 34.26
C LEU F 45 5.75 88.91 35.74
N GLU F 46 4.76 89.66 36.22
CA GLU F 46 4.62 89.96 37.63
C GLU F 46 3.30 89.45 38.18
N TRP F 47 3.38 88.57 39.16
CA TRP F 47 2.17 88.01 39.75
C TRP F 47 1.45 89.06 40.59
N VAL F 48 0.13 89.11 40.50
CA VAL F 48 -0.63 90.13 41.23
C VAL F 48 -1.40 89.54 42.42
N SER F 49 -2.33 88.64 42.14
CA SER F 49 -3.18 88.11 43.22
C SER F 49 -3.89 86.81 42.85
N LEU F 50 -4.34 86.08 43.87
CA LEU F 50 -5.19 84.90 43.65
C LEU F 50 -6.37 84.89 44.61
N ILE F 51 -7.47 84.30 44.16
CA ILE F 51 -8.61 84.03 45.01
C ILE F 51 -9.06 82.59 44.85
N THR F 52 -9.20 81.86 45.94
CA THR F 52 -9.60 80.45 45.86
C THR F 52 -11.09 80.27 45.64
N TRP F 53 -11.45 79.06 45.23
CA TRP F 53 -12.82 78.73 44.84
C TRP F 53 -13.89 79.04 45.88
N ASN F 54 -13.56 78.85 47.15
CA ASN F 54 -14.53 79.08 48.22
C ASN F 54 -14.28 80.38 48.96
N GLY F 55 -13.31 81.16 48.48
CA GLY F 55 -12.93 82.40 49.15
C GLY F 55 -12.18 82.10 50.45
N GLY F 56 -11.74 80.84 50.59
CA GLY F 56 -11.07 80.39 51.81
C GLY F 56 -9.81 81.19 52.11
N THR F 57 -9.10 81.56 51.05
CA THR F 57 -7.91 82.39 51.22
C THR F 57 -7.67 83.28 50.01
N ILE F 58 -7.07 84.43 50.27
CA ILE F 58 -6.68 85.38 49.24
C ILE F 58 -5.25 85.83 49.47
N HIS F 59 -4.48 85.95 48.40
CA HIS F 59 -3.09 86.37 48.50
C HIS F 59 -2.78 87.49 47.52
N TYR F 60 -1.93 88.41 47.95
CA TYR F 60 -1.52 89.53 47.11
C TYR F 60 0.00 89.70 47.11
N SER F 61 0.55 90.14 45.98
CA SER F 61 1.95 90.54 45.93
C SER F 61 2.14 91.80 46.76
N ASP F 62 3.28 91.93 47.41
CA ASP F 62 3.54 93.09 48.27
C ASP F 62 3.36 94.41 47.53
N SER F 63 3.65 94.41 46.23
CA SER F 63 3.56 95.63 45.42
C SER F 63 2.12 96.10 45.21
N VAL F 64 1.17 95.21 45.42
CA VAL F 64 -0.25 95.53 45.26
C VAL F 64 -1.03 95.27 46.54
N LYS F 65 -0.38 94.67 47.52
CA LYS F 65 -1.03 94.32 48.76
C LYS F 65 -1.52 95.55 49.51
N GLY F 66 -2.79 95.55 49.86
CA GLY F 66 -3.39 96.65 50.61
C GLY F 66 -4.02 97.69 49.70
N ARG F 67 -3.72 97.63 48.41
CA ARG F 67 -4.26 98.59 47.45
C ARG F 67 -5.10 97.92 46.36
N PHE F 68 -4.84 96.65 46.10
CA PHE F 68 -5.64 95.88 45.16
C PHE F 68 -6.56 94.91 45.90
N THR F 69 -7.77 94.72 45.39
CA THR F 69 -8.70 93.75 45.95
C THR F 69 -9.19 92.78 44.88
N ILE F 70 -9.13 91.49 45.18
CA ILE F 70 -9.59 90.48 44.23
C ILE F 70 -10.89 89.85 44.73
N SER F 71 -11.83 89.67 43.81
CA SER F 71 -13.12 89.07 44.15
C SER F 71 -13.64 88.24 42.99
N ARG F 72 -14.61 87.38 43.26
CA ARG F 72 -15.18 86.54 42.22
C ARG F 72 -16.68 86.33 42.42
N ASP F 73 -17.37 86.01 41.35
CA ASP F 73 -18.78 85.69 41.42
C ASP F 73 -19.05 84.34 40.74
N ASN F 74 -19.27 83.32 41.55
CA ASN F 74 -19.39 81.96 41.06
C ASN F 74 -20.72 81.71 40.36
N SER F 75 -21.63 82.67 40.44
CA SER F 75 -22.93 82.54 39.80
C SER F 75 -22.93 83.15 38.40
N LYS F 76 -21.84 83.84 38.06
CA LYS F 76 -21.73 84.51 36.77
C LYS F 76 -20.51 84.01 35.99
N ASN F 77 -19.79 83.07 36.59
CA ASN F 77 -18.55 82.58 36.02
C ASN F 77 -17.61 83.72 35.64
N SER F 78 -17.41 84.65 36.58
CA SER F 78 -16.56 85.81 36.32
C SER F 78 -15.62 86.15 37.48
N LEU F 79 -14.46 86.68 37.12
CA LEU F 79 -13.44 87.11 38.08
C LEU F 79 -13.21 88.62 37.97
N TYR F 80 -13.06 89.29 39.11
CA TYR F 80 -12.85 90.74 39.10
C TYR F 80 -11.59 91.15 39.87
N LEU F 81 -10.96 92.23 39.40
CA LEU F 81 -9.85 92.84 40.12
C LEU F 81 -10.05 94.34 40.27
N GLN F 82 -10.10 94.80 41.52
CA GLN F 82 -10.26 96.21 41.82
C GLN F 82 -8.92 96.82 42.23
N MET F 83 -8.40 97.71 41.41
CA MET F 83 -7.10 98.29 41.68
C MET F 83 -7.20 99.79 41.97
N ASN F 84 -6.86 100.17 43.20
CA ASN F 84 -6.99 101.57 43.61
C ASN F 84 -5.64 102.24 43.78
N SER F 85 -5.66 103.55 44.05
CA SER F 85 -4.44 104.31 44.30
C SER F 85 -3.39 103.99 43.25
N LEU F 86 -3.80 104.07 41.99
CA LEU F 86 -2.96 103.65 40.87
C LEU F 86 -1.78 104.57 40.63
N ARG F 87 -0.67 103.97 40.20
CA ARG F 87 0.55 104.69 39.87
C ARG F 87 0.96 104.36 38.45
N THR F 88 1.82 105.18 37.86
CA THR F 88 2.27 104.95 36.49
C THR F 88 3.06 103.63 36.40
N GLU F 89 3.53 103.17 37.55
CA GLU F 89 4.28 101.93 37.65
C GLU F 89 3.40 100.71 37.40
N ASP F 90 2.08 100.92 37.44
CA ASP F 90 1.12 99.84 37.28
C ASP F 90 0.76 99.61 35.81
N THR F 91 1.36 100.38 34.90
CA THR F 91 1.10 100.16 33.49
C THR F 91 1.59 98.78 33.09
N ALA F 92 0.68 97.98 32.56
CA ALA F 92 1.00 96.59 32.24
C ALA F 92 -0.09 95.93 31.42
N LEU F 93 0.26 94.83 30.76
CA LEU F 93 -0.73 93.97 30.12
C LEU F 93 -1.23 92.98 31.15
N TYR F 94 -2.52 93.05 31.48
CA TYR F 94 -3.09 92.19 32.50
C TYR F 94 -3.70 90.94 31.91
N TYR F 95 -3.35 89.80 32.48
CA TYR F 95 -3.84 88.51 32.03
C TYR F 95 -4.68 87.82 33.10
N CYS F 96 -5.73 87.14 32.66
CA CYS F 96 -6.57 86.27 33.48
C CYS F 96 -6.13 84.83 33.29
N ALA F 97 -5.98 84.09 34.38
CA ALA F 97 -5.52 82.71 34.28
C ALA F 97 -6.17 81.84 35.36
N LYS F 98 -6.26 80.54 35.09
CA LYS F 98 -6.80 79.59 36.07
C LYS F 98 -5.71 78.66 36.57
N ASP F 99 -5.98 77.97 37.67
CA ASP F 99 -5.03 77.00 38.23
C ASP F 99 -5.15 75.63 37.55
N LEU F 100 -4.33 74.68 38.00
CA LEU F 100 -4.26 73.34 37.40
C LEU F 100 -5.55 72.55 37.55
N GLY F 101 -6.23 72.69 38.69
CA GLY F 101 -7.40 71.87 38.94
C GLY F 101 -8.25 72.37 40.10
N ARG F 102 -9.24 71.57 40.46
CA ARG F 102 -10.21 71.91 41.49
C ARG F 102 -9.64 71.81 42.90
N GLY F 103 -10.17 72.65 43.78
CA GLY F 103 -9.88 72.59 45.21
C GLY F 103 -8.59 73.30 45.59
N GLY F 104 -7.47 72.80 45.08
CA GLY F 104 -6.16 73.32 45.43
C GLY F 104 -5.74 74.51 44.58
N TRP F 105 -4.52 74.98 44.83
CA TRP F 105 -3.98 76.12 44.11
C TRP F 105 -2.46 76.18 44.21
N TYR F 106 -1.84 77.01 43.38
CA TYR F 106 -0.41 77.30 43.52
C TYR F 106 -0.04 78.52 42.68
N LEU F 107 0.08 78.29 41.37
CA LEU F 107 0.39 79.32 40.39
C LEU F 107 -0.48 79.13 39.16
N PRO F 108 -0.65 80.16 38.32
CA PRO F 108 -1.37 80.12 37.07
C PRO F 108 -0.91 78.93 36.24
N SER F 109 -1.84 78.27 35.57
CA SER F 109 -1.51 77.07 34.82
C SER F 109 -1.53 77.28 33.31
N ASP F 110 -2.18 76.36 32.60
CA ASP F 110 -2.08 76.31 31.14
C ASP F 110 -2.98 77.32 30.45
N ALA F 111 -4.20 77.46 30.93
CA ALA F 111 -5.16 78.33 30.27
C ALA F 111 -5.03 79.78 30.74
N TRP F 112 -4.60 80.63 29.81
CA TRP F 112 -4.48 82.06 30.01
C TRP F 112 -5.34 82.78 28.98
N GLY F 113 -5.89 83.92 29.34
CA GLY F 113 -6.64 84.72 28.38
C GLY F 113 -5.69 85.56 27.56
N GLN F 114 -6.22 86.28 26.56
CA GLN F 114 -5.39 87.13 25.70
C GLN F 114 -4.84 88.31 26.49
N GLY F 115 -5.63 88.79 27.45
CA GLY F 115 -5.21 89.89 28.30
C GLY F 115 -5.65 91.23 27.73
N THR F 116 -5.50 92.28 28.52
CA THR F 116 -5.88 93.62 28.09
C THR F 116 -4.90 94.65 28.66
N LEU F 117 -4.72 95.75 27.95
CA LEU F 117 -3.71 96.72 28.36
C LEU F 117 -4.26 97.81 29.28
N VAL F 118 -3.63 97.94 30.43
CA VAL F 118 -3.99 98.96 31.40
C VAL F 118 -2.93 100.04 31.47
N THR F 119 -3.33 101.28 31.19
CA THR F 119 -2.38 102.39 31.19
C THR F 119 -2.72 103.38 32.29
N VAL F 120 -1.72 103.74 33.10
CA VAL F 120 -1.89 104.69 34.21
C VAL F 120 -0.94 105.87 34.02
N VAL G 3 13.15 88.27 42.20
CA VAL G 3 13.74 87.42 43.22
C VAL G 3 14.41 86.20 42.60
N LEU G 4 13.69 85.51 41.72
CA LEU G 4 14.27 84.39 41.00
C LEU G 4 15.23 84.92 39.94
N THR G 5 16.41 84.32 39.87
CA THR G 5 17.43 84.78 38.94
C THR G 5 17.52 83.90 37.71
N GLN G 6 17.46 84.54 36.55
CA GLN G 6 17.55 83.88 35.26
C GLN G 6 18.46 84.70 34.34
N PRO G 7 19.09 84.08 33.35
CA PRO G 7 19.84 84.73 32.29
C PRO G 7 18.88 85.54 31.44
N PRO G 8 19.32 86.66 30.87
CA PRO G 8 18.56 87.58 30.04
C PRO G 8 18.19 86.97 28.69
N SER G 9 18.97 85.99 28.23
CA SER G 9 18.75 85.43 26.91
C SER G 9 19.39 84.06 26.73
N ALA G 10 19.03 83.40 25.65
CA ALA G 10 19.63 82.14 25.24
C ALA G 10 19.58 82.04 23.72
N SER G 11 20.50 81.28 23.14
CA SER G 11 20.56 81.15 21.69
C SER G 11 21.30 79.90 21.25
N GLY G 12 21.25 79.63 19.96
CA GLY G 12 21.98 78.51 19.38
C GLY G 12 21.43 78.12 18.00
N THR G 13 22.26 77.43 17.23
CA THR G 13 21.88 76.94 15.92
C THR G 13 20.93 75.76 16.08
N PRO G 14 19.95 75.57 15.19
CA PRO G 14 19.12 74.39 15.11
C PRO G 14 20.00 73.16 15.14
N GLY G 15 19.65 72.20 15.99
CA GLY G 15 20.51 71.05 16.22
C GLY G 15 21.39 71.26 17.46
N GLN G 16 20.97 72.18 18.33
CA GLN G 16 21.68 72.44 19.57
C GLN G 16 20.73 72.36 20.75
N ARG G 17 21.20 71.75 21.83
CA ARG G 17 20.42 71.71 23.05
C ARG G 17 20.81 72.87 23.95
N VAL G 18 19.81 73.57 24.48
CA VAL G 18 20.08 74.71 25.34
C VAL G 18 19.36 74.55 26.67
N THR G 19 19.83 75.24 27.69
CA THR G 19 19.17 75.22 28.98
C THR G 19 18.95 76.62 29.51
N ILE G 20 17.87 76.79 30.25
CA ILE G 20 17.59 78.04 30.92
C ILE G 20 17.56 77.83 32.42
N SER G 21 18.56 78.37 33.12
CA SER G 21 18.70 78.14 34.55
C SER G 21 17.78 79.04 35.35
N CYS G 22 17.55 78.66 36.61
CA CYS G 22 16.77 79.43 37.58
C CYS G 22 17.29 79.19 38.99
N SER G 23 17.47 80.27 39.74
CA SER G 23 17.93 80.15 41.13
C SER G 23 17.19 81.11 42.06
N GLY G 24 17.21 80.79 43.34
CA GLY G 24 16.52 81.59 44.36
C GLY G 24 16.88 81.08 45.74
N SER G 25 16.06 81.40 46.72
CA SER G 25 16.36 80.99 48.09
C SER G 25 15.73 79.65 48.43
N SER G 26 15.95 79.18 49.65
CA SER G 26 15.43 77.90 50.09
C SER G 26 13.91 77.89 50.12
N ALA G 27 13.33 79.09 50.21
CA ALA G 27 11.88 79.23 50.23
C ALA G 27 11.30 79.27 48.82
N ASN G 28 12.14 79.56 47.82
CA ASN G 28 11.64 79.72 46.46
C ASN G 28 11.73 78.42 45.70
N ILE G 29 12.87 77.75 45.83
CA ILE G 29 13.11 76.51 45.12
C ILE G 29 13.31 75.34 46.08
N GLY G 30 14.09 75.57 47.13
CA GLY G 30 14.51 74.47 48.00
C GLY G 30 13.34 73.75 48.67
N SER G 31 12.34 74.50 49.13
CA SER G 31 11.23 73.92 49.87
C SER G 31 9.90 74.02 49.15
N ASN G 32 9.93 74.25 47.84
CA ASN G 32 8.70 74.39 47.05
C ASN G 32 8.90 73.88 45.63
N THR G 33 7.85 73.94 44.82
CA THR G 33 7.95 73.44 43.46
C THR G 33 8.23 74.56 42.47
N VAL G 34 8.78 74.21 41.32
CA VAL G 34 9.08 75.20 40.30
C VAL G 34 8.29 74.96 39.04
N ASN G 35 7.64 76.02 38.55
CA ASN G 35 6.89 75.97 37.31
C ASN G 35 7.60 76.78 36.23
N TRP G 36 7.37 76.42 34.97
CA TRP G 36 7.96 77.15 33.86
C TRP G 36 6.90 77.52 32.83
N TYR G 37 7.04 78.70 32.23
CA TYR G 37 6.10 79.17 31.22
C TYR G 37 6.81 79.50 29.92
N GLN G 38 6.09 79.35 28.81
CA GLN G 38 6.57 79.75 27.49
C GLN G 38 5.70 80.86 26.92
N HIS G 39 6.29 82.01 26.64
CA HIS G 39 5.52 83.15 26.16
C HIS G 39 5.85 83.52 24.73
N LEU G 40 4.87 83.32 23.85
CA LEU G 40 5.02 83.66 22.44
C LEU G 40 4.49 85.07 22.21
N PRO G 41 5.32 86.03 21.77
CA PRO G 41 4.97 87.42 21.55
C PRO G 41 3.75 87.53 20.66
N GLY G 42 2.84 88.43 21.04
CA GLY G 42 1.59 88.64 20.31
C GLY G 42 0.42 88.02 21.04
N THR G 43 0.70 87.11 21.96
CA THR G 43 -0.35 86.48 22.74
C THR G 43 0.09 86.28 24.19
N ALA G 44 -0.66 85.47 24.93
CA ALA G 44 -0.42 85.23 26.35
C ALA G 44 0.64 84.15 26.56
N PRO G 45 1.25 84.09 27.75
CA PRO G 45 2.06 82.99 28.25
C PRO G 45 1.23 81.73 28.41
N LYS G 46 1.89 80.58 28.26
CA LYS G 46 1.25 79.29 28.52
C LYS G 46 2.15 78.44 29.40
N LEU G 47 1.54 77.55 30.18
CA LEU G 47 2.31 76.66 31.04
C LEU G 47 3.11 75.67 30.20
N LEU G 48 4.39 75.52 30.53
CA LEU G 48 5.24 74.58 29.83
C LEU G 48 5.53 73.37 30.69
N ILE G 49 5.99 73.64 31.92
CA ILE G 49 6.33 72.60 32.89
C ILE G 49 5.74 72.97 34.24
N TYR G 50 5.29 71.98 35.00
CA TYR G 50 4.83 72.25 36.35
C TYR G 50 5.24 71.15 37.32
N SER G 51 5.23 71.48 38.60
CA SER G 51 5.63 70.53 39.63
C SER G 51 7.01 69.96 39.30
N ASN G 52 7.92 70.85 38.93
CA ASN G 52 9.32 70.53 38.63
C ASN G 52 9.54 69.92 37.26
N ASN G 53 8.84 68.81 36.96
CA ASN G 53 9.12 68.09 35.72
C ASN G 53 7.90 67.49 35.02
N GLN G 54 6.70 67.99 35.30
CA GLN G 54 5.50 67.44 34.66
C GLN G 54 5.07 68.34 33.51
N ARG G 55 4.35 67.78 32.53
CA ARG G 55 3.90 68.57 31.40
C ARG G 55 2.38 68.57 31.30
N PRO G 56 1.78 69.71 30.91
CA PRO G 56 0.38 69.88 30.60
C PRO G 56 0.07 69.34 29.21
N SER G 57 -1.19 69.11 28.93
CA SER G 57 -1.59 68.65 27.61
C SER G 57 -1.20 69.68 26.55
N GLY G 58 -0.66 69.20 25.43
CA GLY G 58 -0.28 70.06 24.32
C GLY G 58 1.23 70.34 24.30
N VAL G 59 1.92 70.03 25.39
CA VAL G 59 3.36 70.24 25.44
C VAL G 59 4.14 68.95 25.26
N PRO G 60 4.95 68.85 24.20
CA PRO G 60 5.71 67.67 23.79
C PRO G 60 6.89 67.42 24.71
N ASP G 61 7.46 66.22 24.61
CA ASP G 61 8.58 65.80 25.44
C ASP G 61 9.90 66.43 25.01
N ARG G 62 9.83 67.34 24.05
CA ARG G 62 10.99 68.13 23.65
C ARG G 62 11.38 69.04 24.80
N PHE G 63 10.41 69.32 25.68
CA PHE G 63 10.60 70.20 26.82
C PHE G 63 10.59 69.40 28.12
N SER G 64 11.67 69.48 28.87
CA SER G 64 11.80 68.77 30.14
C SER G 64 12.58 69.63 31.11
N GLY G 65 12.68 69.18 32.36
CA GLY G 65 13.41 69.94 33.35
C GLY G 65 13.62 69.16 34.63
N SER G 66 14.23 69.80 35.61
CA SER G 66 14.49 69.17 36.89
C SER G 66 14.73 70.18 38.00
N LYS G 67 14.74 69.69 39.24
CA LYS G 67 15.01 70.53 40.39
C LYS G 67 15.90 69.78 41.39
N SER G 68 16.92 70.46 41.90
CA SER G 68 17.79 69.87 42.91
C SER G 68 18.43 70.95 43.77
N GLY G 69 18.75 70.62 45.02
CA GLY G 69 19.36 71.60 45.88
C GLY G 69 18.43 72.79 46.04
N THR G 70 18.92 73.97 45.67
CA THR G 70 18.14 75.20 45.77
C THR G 70 18.02 75.83 44.37
N SER G 71 18.35 75.05 43.34
CA SER G 71 18.32 75.54 41.96
C SER G 71 17.40 74.69 41.09
N ALA G 72 17.03 75.22 39.93
CA ALA G 72 16.19 74.51 38.98
C ALA G 72 16.61 74.86 37.55
N SER G 73 16.24 74.00 36.60
CA SER G 73 16.56 74.30 35.20
C SER G 73 15.54 73.75 34.22
N LEU G 74 15.41 74.43 33.10
CA LEU G 74 14.59 74.01 31.97
C LEU G 74 15.47 73.60 30.80
N ALA G 75 15.23 72.42 30.26
CA ALA G 75 16.01 71.91 29.14
C ALA G 75 15.20 71.90 27.85
N ILE G 76 15.70 72.59 26.84
CA ILE G 76 15.00 72.68 25.56
C ILE G 76 15.83 72.02 24.46
N SER G 77 15.33 70.92 23.93
CA SER G 77 16.08 70.14 22.95
C SER G 77 15.85 70.61 21.51
N GLY G 78 14.76 71.34 21.28
CA GLY G 78 14.44 71.77 19.93
C GLY G 78 14.63 73.27 19.74
N LEU G 79 15.04 73.66 18.53
CA LEU G 79 15.19 75.07 18.18
C LEU G 79 14.71 75.34 16.76
N GLN G 80 13.39 75.32 16.56
CA GLN G 80 12.81 75.62 15.26
C GLN G 80 12.42 77.09 15.23
N SER G 81 11.91 77.56 14.10
CA SER G 81 11.48 78.95 13.98
C SER G 81 10.24 79.22 14.84
N GLU G 82 9.57 78.15 15.23
CA GLU G 82 8.35 78.23 16.02
C GLU G 82 8.64 78.21 17.52
N ASP G 83 9.91 78.03 17.88
CA ASP G 83 10.29 77.87 19.27
C ASP G 83 10.87 79.13 19.89
N GLU G 84 10.78 80.25 19.17
CA GLU G 84 11.27 81.51 19.71
C GLU G 84 10.25 82.07 20.69
N ALA G 85 10.66 82.22 21.94
CA ALA G 85 9.75 82.63 23.00
C ALA G 85 10.51 83.10 24.24
N ASP G 86 9.81 83.84 25.10
CA ASP G 86 10.35 84.23 26.39
C ASP G 86 9.93 83.22 27.45
N TYR G 87 10.90 82.61 28.10
CA TYR G 87 10.62 81.58 29.08
C TYR G 87 10.75 82.12 30.50
N TYR G 88 9.84 81.72 31.37
CA TYR G 88 9.84 82.23 32.74
C TYR G 88 9.89 81.12 33.78
N CYS G 89 10.62 81.39 34.87
CA CYS G 89 10.67 80.53 36.05
C CYS G 89 9.81 81.14 37.15
N ALA G 90 9.00 80.32 37.82
CA ALA G 90 8.17 80.82 38.90
C ALA G 90 8.02 79.81 40.03
N ALA G 91 7.82 80.31 41.24
CA ALA G 91 7.59 79.48 42.41
C ALA G 91 6.82 80.26 43.48
N TRP G 92 6.18 79.54 44.39
CA TRP G 92 5.54 80.19 45.53
C TRP G 92 6.53 80.26 46.69
N ASP G 93 6.66 81.43 47.30
CA ASP G 93 7.59 81.61 48.41
C ASP G 93 6.89 81.36 49.75
N ASP G 94 7.64 81.46 50.84
CA ASP G 94 7.06 81.33 52.18
C ASP G 94 6.90 82.71 52.80
N SER G 95 7.77 83.64 52.38
CA SER G 95 7.73 85.01 52.87
C SER G 95 6.94 85.88 51.90
N LEU G 96 7.24 85.71 50.62
CA LEU G 96 6.54 86.38 49.54
C LEU G 96 5.46 85.45 49.01
N LYS G 97 4.67 85.92 48.06
CA LYS G 97 3.61 85.09 47.51
C LYS G 97 4.05 84.47 46.17
N GLY G 98 3.45 84.92 45.08
CA GLY G 98 3.81 84.39 43.77
C GLY G 98 5.06 85.09 43.25
N VAL G 99 6.10 84.32 42.95
CA VAL G 99 7.36 84.88 42.52
C VAL G 99 7.75 84.44 41.11
N PHE G 100 8.02 85.43 40.27
CA PHE G 100 8.47 85.19 38.90
C PHE G 100 9.87 85.77 38.67
N GLY G 101 10.63 85.13 37.78
CA GLY G 101 11.94 85.64 37.40
C GLY G 101 11.84 86.70 36.32
N GLY G 102 12.98 87.27 35.93
CA GLY G 102 13.00 88.33 34.92
C GLY G 102 12.53 87.84 33.55
N GLY G 103 12.85 86.60 33.23
CA GLY G 103 12.48 86.01 31.95
C GLY G 103 13.67 85.90 31.02
N THR G 104 13.74 84.80 30.27
CA THR G 104 14.84 84.55 29.36
C THR G 104 14.38 84.57 27.92
N LYS G 105 15.01 85.40 27.09
CA LYS G 105 14.65 85.45 25.68
C LYS G 105 15.44 84.41 24.89
N LEU G 106 14.76 83.37 24.44
CA LEU G 106 15.40 82.31 23.65
C LEU G 106 15.12 82.48 22.17
N THR G 107 16.19 82.68 21.41
CA THR G 107 16.09 82.88 19.98
C THR G 107 16.78 81.72 19.23
N VAL G 108 16.68 81.74 17.89
CA VAL G 108 17.22 80.67 17.05
C VAL G 108 18.02 81.28 15.90
N GLN H 1 62.65 24.31 30.76
CA GLN H 1 62.79 25.12 31.96
C GLN H 1 64.27 25.49 32.18
N VAL H 2 64.79 26.39 31.34
CA VAL H 2 66.18 26.84 31.42
C VAL H 2 66.36 27.99 32.38
N GLN H 3 67.32 27.87 33.28
CA GLN H 3 67.60 28.93 34.24
C GLN H 3 69.08 29.28 34.24
N LEU H 4 69.36 30.58 34.32
CA LEU H 4 70.73 31.08 34.41
C LEU H 4 70.80 32.14 35.50
N VAL H 5 71.71 31.95 36.46
CA VAL H 5 71.80 32.86 37.60
C VAL H 5 73.18 33.48 37.72
N GLU H 6 73.24 34.81 37.56
CA GLU H 6 74.50 35.53 37.64
C GLU H 6 74.82 35.97 39.07
N SER H 7 76.11 36.08 39.35
CA SER H 7 76.60 36.61 40.63
C SER H 7 77.90 37.37 40.43
N GLY H 8 78.20 38.29 41.34
CA GLY H 8 79.44 39.06 41.28
C GLY H 8 79.19 40.53 40.93
N GLY H 9 77.93 40.93 40.93
CA GLY H 9 77.58 42.32 40.66
C GLY H 9 77.90 43.21 41.84
N VAL H 10 79.16 43.59 41.96
CA VAL H 10 79.65 44.38 43.08
C VAL H 10 80.36 45.63 42.56
N VAL H 11 80.73 46.52 43.49
CA VAL H 11 81.46 47.72 43.11
C VAL H 11 82.96 47.52 43.33
N VAL H 12 83.74 47.81 42.30
CA VAL H 12 85.18 47.62 42.32
C VAL H 12 85.92 48.89 41.89
N GLN H 13 87.06 49.14 42.52
CA GLN H 13 87.88 50.31 42.20
C GLN H 13 88.53 50.13 40.83
N PRO H 14 88.49 51.16 39.96
CA PRO H 14 89.13 51.21 38.66
C PRO H 14 90.60 50.82 38.76
N GLY H 15 91.06 50.01 37.81
CA GLY H 15 92.42 49.50 37.83
C GLY H 15 92.49 48.13 38.50
N GLY H 16 91.39 47.74 39.15
CA GLY H 16 91.31 46.45 39.84
C GLY H 16 90.72 45.37 38.94
N SER H 17 90.17 44.34 39.56
CA SER H 17 89.63 43.20 38.82
C SER H 17 88.40 42.60 39.51
N LEU H 18 87.60 41.89 38.73
CA LEU H 18 86.38 41.24 39.21
C LEU H 18 86.08 39.96 38.44
N ARG H 19 85.66 38.91 39.15
CA ARG H 19 85.20 37.71 38.46
C ARG H 19 83.69 37.55 38.61
N LEU H 20 83.02 37.28 37.49
CA LEU H 20 81.59 36.99 37.52
C LEU H 20 81.35 35.50 37.36
N SER H 21 80.25 35.03 37.93
CA SER H 21 79.89 33.62 37.85
C SER H 21 78.43 33.43 37.45
N CYS H 22 78.18 32.46 36.56
CA CYS H 22 76.84 32.11 36.11
C CYS H 22 76.56 30.63 36.35
N ALA H 23 75.55 30.36 37.17
CA ALA H 23 75.11 28.99 37.43
C ALA H 23 74.09 28.60 36.37
N ALA H 24 74.15 27.37 35.91
CA ALA H 24 73.23 26.95 34.85
C ALA H 24 72.56 25.62 35.17
N SER H 25 71.29 25.53 34.79
CA SER H 25 70.52 24.29 34.92
C SER H 25 69.35 24.27 33.94
N GLY H 26 68.76 23.09 33.76
CA GLY H 26 67.57 22.95 32.91
C GLY H 26 67.92 22.55 31.49
N PHE H 27 69.21 22.35 31.24
CA PHE H 27 69.67 21.95 29.91
C PHE H 27 71.03 21.28 30.02
N THR H 28 71.44 20.61 28.94
CA THR H 28 72.77 20.02 28.91
C THR H 28 73.82 21.13 28.92
N PHE H 29 74.72 21.09 29.89
CA PHE H 29 75.70 22.17 30.00
C PHE H 29 76.94 21.90 29.17
N HIS H 30 77.45 20.68 29.24
CA HIS H 30 78.75 20.35 28.68
C HIS H 30 78.77 20.30 27.16
N ASP H 31 77.61 20.32 26.53
CA ASP H 31 77.55 20.30 25.07
C ASP H 31 77.16 21.65 24.47
N HIS H 32 76.91 22.66 25.31
CA HIS H 32 76.43 23.94 24.81
C HIS H 32 77.46 25.07 24.91
N THR H 33 77.45 25.92 23.90
CA THR H 33 78.22 27.17 23.89
C THR H 33 77.48 28.23 24.68
N MET H 34 78.23 29.06 25.42
CA MET H 34 77.62 30.12 26.20
C MET H 34 78.30 31.48 25.98
N HIS H 35 77.53 32.54 26.17
CA HIS H 35 77.98 33.89 25.89
C HIS H 35 77.74 34.86 27.04
N TRP H 36 78.53 35.93 27.07
CA TRP H 36 78.26 37.06 27.95
C TRP H 36 77.92 38.31 27.16
N VAL H 37 76.91 39.05 27.62
CA VAL H 37 76.51 40.32 27.04
C VAL H 37 76.36 41.36 28.15
N ARG H 38 76.79 42.58 27.90
CA ARG H 38 76.65 43.62 28.92
C ARG H 38 75.88 44.81 28.37
N GLN H 39 75.14 45.49 29.23
CA GLN H 39 74.44 46.70 28.82
C GLN H 39 74.82 47.91 29.67
N ALA H 40 75.60 48.81 29.08
CA ALA H 40 75.98 50.04 29.78
C ALA H 40 74.75 50.91 29.92
N PRO H 41 74.60 51.63 31.04
CA PRO H 41 73.47 52.47 31.35
C PRO H 41 73.30 53.56 30.31
N GLY H 42 72.09 53.71 29.80
CA GLY H 42 71.79 54.72 28.79
C GLY H 42 72.11 54.25 27.38
N LYS H 43 72.66 53.04 27.26
CA LYS H 43 73.06 52.50 25.96
C LYS H 43 72.37 51.18 25.64
N GLY H 44 72.64 50.67 24.44
CA GLY H 44 72.07 49.40 23.99
C GLY H 44 72.94 48.24 24.44
N LEU H 45 72.72 47.07 23.84
CA LEU H 45 73.45 45.87 24.24
C LEU H 45 74.84 45.84 23.62
N GLU H 46 75.83 45.45 24.42
CA GLU H 46 77.19 45.25 23.93
C GLU H 46 77.65 43.82 24.17
N TRP H 47 78.02 43.14 23.09
CA TRP H 47 78.48 41.76 23.21
C TRP H 47 79.86 41.70 23.83
N VAL H 48 80.11 40.73 24.70
CA VAL H 48 81.41 40.63 25.37
C VAL H 48 82.25 39.46 24.86
N SER H 49 81.78 38.24 25.08
CA SER H 49 82.59 37.07 24.74
C SER H 49 81.80 35.76 24.65
N LEU H 50 82.39 34.76 24.00
CA LEU H 50 81.82 33.40 23.98
C LEU H 50 82.88 32.36 24.23
N ILE H 51 82.45 31.25 24.83
CA ILE H 51 83.29 30.07 24.94
C ILE H 51 82.51 28.83 24.51
N THR H 52 83.08 28.03 23.61
CA THR H 52 82.38 26.84 23.12
C THR H 52 82.46 25.68 24.10
N TRP H 53 81.60 24.70 23.89
CA TRP H 53 81.43 23.57 24.79
C TRP H 53 82.72 22.79 25.09
N ASN H 54 83.59 22.67 24.10
CA ASN H 54 84.83 21.92 24.29
C ASN H 54 86.03 22.83 24.46
N GLY H 55 85.78 24.14 24.54
CA GLY H 55 86.87 25.11 24.63
C GLY H 55 87.61 25.23 23.30
N GLY H 56 87.01 24.69 22.25
CA GLY H 56 87.63 24.65 20.93
C GLY H 56 87.96 26.05 20.41
N THR H 57 87.11 27.02 20.70
CA THR H 57 87.37 28.38 20.30
C THR H 57 86.79 29.39 21.27
N ILE H 58 87.44 30.54 21.36
CA ILE H 58 87.00 31.65 22.19
C ILE H 58 87.03 32.95 21.40
N HIS H 59 86.02 33.79 21.59
CA HIS H 59 85.96 35.07 20.89
C HIS H 59 85.67 36.21 21.84
N TYR H 60 86.31 37.36 21.60
CA TYR H 60 86.11 38.56 22.41
C TYR H 60 85.83 39.77 21.53
N SER H 61 84.98 40.67 22.02
CA SER H 61 84.84 41.97 21.41
C SER H 61 86.11 42.78 21.63
N ASP H 62 86.49 43.61 20.67
CA ASP H 62 87.74 44.34 20.75
C ASP H 62 87.91 45.16 22.03
N SER H 63 86.80 45.68 22.57
CA SER H 63 86.87 46.53 23.76
C SER H 63 87.23 45.75 25.03
N VAL H 64 87.09 44.42 24.98
CA VAL H 64 87.41 43.58 26.12
C VAL H 64 88.51 42.57 25.78
N LYS H 65 88.85 42.50 24.50
CA LYS H 65 89.85 41.56 24.02
C LYS H 65 91.21 41.85 24.62
N GLY H 66 91.83 40.83 25.21
CA GLY H 66 93.16 40.97 25.79
C GLY H 66 93.11 41.33 27.27
N ARG H 67 91.93 41.73 27.76
CA ARG H 67 91.78 42.12 29.16
C ARG H 67 90.75 41.25 29.89
N PHE H 68 89.84 40.66 29.12
CA PHE H 68 88.87 39.72 29.69
C PHE H 68 89.26 38.28 29.34
N THR H 69 89.02 37.36 30.28
CA THR H 69 89.23 35.93 30.04
C THR H 69 87.97 35.15 30.35
N ILE H 70 87.57 34.27 29.43
CA ILE H 70 86.36 33.48 29.65
C ILE H 70 86.72 32.02 29.85
N SER H 71 86.09 31.38 30.82
CA SER H 71 86.35 29.98 31.12
C SER H 71 85.09 29.31 31.63
N ARG H 72 85.09 27.97 31.61
CA ARG H 72 83.93 27.22 32.07
C ARG H 72 84.34 25.94 32.76
N ASP H 73 83.48 25.46 33.65
CA ASP H 73 83.70 24.18 34.31
C ASP H 73 82.51 23.26 34.09
N ASN H 74 82.69 22.29 33.21
CA ASN H 74 81.59 21.43 32.77
C ASN H 74 81.20 20.41 33.84
N SER H 75 82.00 20.32 34.90
CA SER H 75 81.72 19.40 35.99
C SER H 75 80.88 20.05 37.08
N LYS H 76 80.70 21.37 36.98
CA LYS H 76 79.95 22.13 37.98
C LYS H 76 78.78 22.85 37.35
N ASN H 77 78.60 22.66 36.05
CA ASN H 77 77.57 23.36 35.29
C ASN H 77 77.64 24.87 35.53
N SER H 78 78.84 25.44 35.42
CA SER H 78 79.02 26.86 35.67
C SER H 78 79.92 27.54 34.64
N LEU H 79 79.62 28.81 34.38
CA LEU H 79 80.37 29.66 33.45
C LEU H 79 81.01 30.83 34.20
N TYR H 80 82.27 31.14 33.89
CA TYR H 80 82.96 32.22 34.57
C TYR H 80 83.50 33.27 33.60
N LEU H 81 83.51 34.53 34.05
CA LEU H 81 84.13 35.61 33.29
C LEU H 81 85.08 36.42 34.18
N GLN H 82 86.36 36.44 33.80
CA GLN H 82 87.37 37.17 34.55
C GLN H 82 87.71 38.47 33.84
N MET H 83 87.40 39.60 34.48
CA MET H 83 87.63 40.89 33.85
C MET H 83 88.65 41.72 34.63
N ASN H 84 89.79 41.99 33.99
CA ASN H 84 90.89 42.69 34.65
C ASN H 84 91.07 44.09 34.10
N SER H 85 91.99 44.85 34.71
CA SER H 85 92.31 46.20 34.24
C SER H 85 91.04 46.99 33.97
N LEU H 86 90.14 47.00 34.95
CA LEU H 86 88.83 47.58 34.78
C LEU H 86 88.83 49.10 34.72
N ARG H 87 87.90 49.64 33.94
CA ARG H 87 87.72 51.08 33.78
C ARG H 87 86.29 51.44 34.11
N THR H 88 86.04 52.73 34.37
CA THR H 88 84.68 53.17 34.69
C THR H 88 83.75 52.98 33.50
N GLU H 89 84.35 52.83 32.32
CA GLU H 89 83.62 52.61 31.08
C GLU H 89 82.97 51.22 31.04
N ASP H 90 83.41 50.34 31.95
CA ASP H 90 82.93 48.97 31.99
C ASP H 90 81.68 48.82 32.84
N THR H 91 81.19 49.93 33.40
CA THR H 91 79.97 49.85 34.19
C THR H 91 78.82 49.42 33.30
N ALA H 92 78.18 48.30 33.66
CA ALA H 92 77.14 47.74 32.83
C ALA H 92 76.37 46.65 33.57
N LEU H 93 75.18 46.33 33.07
CA LEU H 93 74.44 45.17 33.55
C LEU H 93 74.87 43.96 32.74
N TYR H 94 75.48 42.98 33.41
CA TYR H 94 75.99 41.79 32.73
C TYR H 94 74.97 40.67 32.74
N TYR H 95 74.75 40.09 31.57
CA TYR H 95 73.81 38.99 31.41
C TYR H 95 74.53 37.71 30.97
N CYS H 96 74.07 36.58 31.50
CA CYS H 96 74.50 35.25 31.09
C CYS H 96 73.45 34.67 30.13
N ALA H 97 73.91 34.14 29.00
CA ALA H 97 72.98 33.58 28.03
C ALA H 97 73.59 32.37 27.33
N LYS H 98 72.74 31.47 26.88
CA LYS H 98 73.19 30.29 26.13
C LYS H 98 72.89 30.45 24.65
N ASP H 99 73.50 29.60 23.83
CA ASP H 99 73.25 29.63 22.39
C ASP H 99 71.99 28.82 22.03
N LEU H 100 71.67 28.78 20.73
CA LEU H 100 70.48 28.11 20.23
C LEU H 100 70.48 26.60 20.41
N GLY H 101 71.66 25.98 20.35
CA GLY H 101 71.73 24.53 20.46
C GLY H 101 73.13 24.01 20.72
N ARG H 102 73.27 22.68 20.69
CA ARG H 102 74.53 22.00 20.97
C ARG H 102 75.52 22.06 19.83
N GLY H 103 76.79 21.90 20.19
CA GLY H 103 77.86 21.70 19.21
C GLY H 103 78.37 23.01 18.61
N GLY H 104 77.53 23.65 17.82
CA GLY H 104 77.92 24.86 17.11
C GLY H 104 77.56 26.12 17.88
N TRP H 105 77.68 27.26 17.21
CA TRP H 105 77.42 28.54 17.85
C TRP H 105 77.19 29.70 16.87
N TYR H 106 76.62 30.78 17.38
CA TYR H 106 76.50 32.04 16.64
C TYR H 106 76.37 33.23 17.60
N LEU H 107 75.15 33.45 18.10
CA LEU H 107 74.84 34.53 19.02
C LEU H 107 73.94 34.03 20.16
N PRO H 108 73.84 34.76 21.27
CA PRO H 108 72.99 34.48 22.41
C PRO H 108 71.56 34.21 21.92
N SER H 109 70.90 33.23 22.54
CA SER H 109 69.57 32.85 22.09
C SER H 109 68.45 33.33 23.01
N ASP H 110 67.50 32.44 23.28
CA ASP H 110 66.27 32.80 23.98
C ASP H 110 66.41 32.83 25.49
N ALA H 111 67.24 31.94 26.02
CA ALA H 111 67.38 31.84 27.47
C ALA H 111 68.47 32.76 27.99
N TRP H 112 68.03 33.82 28.67
CA TRP H 112 68.91 34.80 29.30
C TRP H 112 68.64 34.79 30.81
N GLY H 113 69.68 35.04 31.59
CA GLY H 113 69.49 35.19 33.03
C GLY H 113 69.03 36.60 33.35
N GLN H 114 68.73 36.87 34.62
CA GLN H 114 68.31 38.20 35.03
C GLN H 114 69.45 39.21 34.91
N GLY H 115 70.66 38.73 35.15
CA GLY H 115 71.84 39.57 35.04
C GLY H 115 72.20 40.20 36.38
N THR H 116 73.36 40.82 36.45
CA THR H 116 73.80 41.48 37.67
C THR H 116 74.56 42.75 37.34
N LEU H 117 74.52 43.73 38.24
CA LEU H 117 75.12 45.03 37.95
C LEU H 117 76.56 45.14 38.42
N VAL H 118 77.44 45.46 37.47
CA VAL H 118 78.85 45.65 37.76
C VAL H 118 79.22 47.12 37.69
N THR H 119 79.73 47.66 38.79
CA THR H 119 80.08 49.07 38.84
C THR H 119 81.59 49.22 39.06
N VAL H 120 82.24 50.05 38.23
CA VAL H 120 83.67 50.28 38.32
C VAL H 120 83.93 51.77 38.58
N GLN I 1 77.66 55.37 18.20
CA GLN I 1 78.72 54.50 18.69
C GLN I 1 78.35 53.02 18.52
N SER I 2 77.97 52.64 17.29
CA SER I 2 77.58 51.28 16.95
C SER I 2 77.91 50.98 15.49
N VAL I 3 77.92 49.69 15.15
CA VAL I 3 78.17 49.25 13.78
C VAL I 3 76.87 49.03 13.02
N LEU I 4 75.98 48.22 13.60
CA LEU I 4 74.67 48.01 13.00
C LEU I 4 73.82 49.24 13.26
N THR I 5 73.22 49.76 12.20
CA THR I 5 72.46 51.00 12.27
C THR I 5 70.97 50.73 12.35
N GLN I 6 70.34 51.35 13.33
CA GLN I 6 68.90 51.25 13.55
C GLN I 6 68.32 52.63 13.85
N PRO I 7 67.04 52.85 13.60
CA PRO I 7 66.29 54.03 13.99
C PRO I 7 66.17 54.04 15.51
N PRO I 8 66.13 55.21 16.13
CA PRO I 8 66.04 55.42 17.57
C PRO I 8 64.69 54.99 18.15
N SER I 9 63.66 54.97 17.31
CA SER I 9 62.33 54.66 17.80
C SER I 9 61.36 54.25 16.70
N ALA I 10 60.22 53.72 17.13
CA ALA I 10 59.11 53.37 16.26
C ALA I 10 57.81 53.52 17.05
N SER I 11 56.70 53.73 16.37
CA SER I 11 55.43 53.86 17.06
C SER I 11 54.23 53.54 16.20
N GLY I 12 53.10 53.29 16.85
CA GLY I 12 51.85 53.08 16.12
C GLY I 12 50.68 52.79 17.06
N THR I 13 49.49 52.72 16.48
CA THR I 13 48.28 52.43 17.23
C THR I 13 48.09 50.92 17.34
N PRO I 14 47.69 50.39 18.50
CA PRO I 14 47.42 48.99 18.72
C PRO I 14 46.52 48.45 17.63
N GLY I 15 46.90 47.28 17.09
CA GLY I 15 46.19 46.68 15.98
C GLY I 15 46.88 46.96 14.64
N GLN I 16 47.78 47.94 14.61
CA GLN I 16 48.49 48.30 13.40
C GLN I 16 49.80 47.55 13.26
N ARG I 17 50.48 47.76 12.13
CA ARG I 17 51.78 47.14 11.88
C ARG I 17 52.88 48.17 11.68
N VAL I 18 54.04 47.88 12.25
CA VAL I 18 55.22 48.72 12.08
C VAL I 18 56.43 47.87 11.72
N THR I 19 57.46 48.51 11.18
CA THR I 19 58.71 47.80 10.91
C THR I 19 59.90 48.51 11.51
N ILE I 20 60.91 47.75 11.89
CA ILE I 20 62.18 48.28 12.37
C ILE I 20 63.31 47.82 11.46
N SER I 21 63.99 48.77 10.84
CA SER I 21 65.06 48.44 9.91
C SER I 21 66.40 48.21 10.61
N CYS I 22 67.32 47.54 9.89
CA CYS I 22 68.69 47.31 10.33
C CYS I 22 69.63 47.29 9.13
N SER I 23 70.76 47.98 9.25
CA SER I 23 71.73 48.01 8.16
C SER I 23 73.17 47.94 8.66
N GLY I 24 74.09 47.60 7.76
CA GLY I 24 75.50 47.46 8.09
C GLY I 24 76.29 47.12 6.83
N SER I 25 77.54 46.71 7.00
CA SER I 25 78.39 46.38 5.86
C SER I 25 78.14 44.96 5.39
N SER I 26 78.79 44.57 4.30
CA SER I 26 78.66 43.22 3.78
C SER I 26 79.25 42.21 4.76
N ALA I 27 80.10 42.70 5.66
CA ALA I 27 80.74 41.86 6.67
C ALA I 27 79.86 41.73 7.91
N ASN I 28 78.75 42.46 7.95
CA ASN I 28 77.86 42.45 9.10
C ASN I 28 76.58 41.71 8.77
N ILE I 29 75.97 42.09 7.66
CA ILE I 29 74.71 41.49 7.23
C ILE I 29 74.88 40.70 5.94
N GLY I 30 75.62 41.24 4.98
CA GLY I 30 75.66 40.67 3.64
C GLY I 30 76.14 39.21 3.62
N SER I 31 77.10 38.88 4.47
CA SER I 31 77.67 37.52 4.51
C SER I 31 77.26 36.73 5.75
N ASN I 32 76.27 37.22 6.49
CA ASN I 32 75.88 36.57 7.75
C ASN I 32 74.38 36.66 7.97
N THR I 33 73.89 36.10 9.08
CA THR I 33 72.47 36.16 9.36
C THR I 33 72.15 37.23 10.39
N VAL I 34 70.90 37.66 10.44
CA VAL I 34 70.50 38.69 11.38
C VAL I 34 69.49 38.17 12.40
N ASN I 35 69.81 38.41 13.67
CA ASN I 35 68.93 38.04 14.77
C ASN I 35 68.31 39.27 15.39
N TRP I 36 67.14 39.11 16.00
CA TRP I 36 66.47 40.20 16.68
C TRP I 36 66.07 39.82 18.10
N TYR I 37 66.15 40.78 19.01
CA TYR I 37 65.75 40.58 20.39
C TYR I 37 64.67 41.56 20.81
N GLN I 38 63.81 41.15 21.73
CA GLN I 38 62.81 42.02 22.34
C GLN I 38 63.14 42.22 23.81
N HIS I 39 63.52 43.44 24.19
CA HIS I 39 63.93 43.69 25.56
C HIS I 39 62.92 44.49 26.36
N LEU I 40 62.26 43.80 27.29
CA LEU I 40 61.27 44.43 28.15
C LEU I 40 61.97 44.96 29.41
N PRO I 41 61.91 46.27 29.69
CA PRO I 41 62.54 46.91 30.82
C PRO I 41 62.18 46.23 32.13
N GLY I 42 63.18 46.06 32.99
CA GLY I 42 63.00 45.40 34.28
C GLY I 42 63.59 43.99 34.28
N THR I 43 63.82 43.45 33.09
CA THR I 43 64.43 42.13 32.96
C THR I 43 65.40 42.08 31.80
N ALA I 44 65.79 40.86 31.42
CA ALA I 44 66.78 40.65 30.35
C ALA I 44 66.10 40.70 28.97
N PRO I 45 66.89 40.93 27.91
CA PRO I 45 66.52 40.73 26.52
C PRO I 45 66.17 39.29 26.25
N LYS I 46 65.22 39.05 25.34
CA LYS I 46 64.90 37.70 24.92
C LYS I 46 64.94 37.60 23.39
N LEU I 47 65.30 36.44 22.88
CA LEU I 47 65.35 36.24 21.44
C LEU I 47 63.96 36.32 20.83
N LEU I 48 63.84 37.09 19.76
CA LEU I 48 62.58 37.23 19.08
C LEU I 48 62.61 36.50 17.75
N ILE I 49 63.64 36.80 16.95
CA ILE I 49 63.84 36.21 15.63
C ILE I 49 65.28 35.77 15.49
N TYR I 50 65.52 34.66 14.81
CA TYR I 50 66.90 34.25 14.52
C TYR I 50 67.03 33.68 13.12
N SER I 51 68.25 33.68 12.60
CA SER I 51 68.49 33.18 11.26
C SER I 51 67.55 33.85 10.26
N ASN I 52 67.42 35.18 10.39
CA ASN I 52 66.63 36.02 9.50
C ASN I 52 65.12 35.95 9.76
N ASN I 53 64.54 34.75 9.70
CA ASN I 53 63.10 34.64 9.78
C ASN I 53 62.56 33.48 10.64
N GLN I 54 63.37 32.95 11.55
CA GLN I 54 62.91 31.85 12.40
C GLN I 54 62.51 32.37 13.77
N ARG I 55 61.60 31.64 14.44
CA ARG I 55 61.17 32.05 15.76
C ARG I 55 61.45 30.96 16.79
N PRO I 56 61.84 31.33 18.01
CA PRO I 56 61.98 30.48 19.18
C PRO I 56 60.61 30.18 19.77
N SER I 57 60.53 29.15 20.59
CA SER I 57 59.28 28.82 21.26
C SER I 57 58.84 29.97 22.15
N GLY I 58 57.55 30.29 22.10
CA GLY I 58 56.98 31.35 22.93
C GLY I 58 56.76 32.65 22.15
N VAL I 59 57.35 32.75 20.97
CA VAL I 59 57.18 33.94 20.14
C VAL I 59 56.16 33.69 19.03
N PRO I 60 55.05 34.45 19.02
CA PRO I 60 53.91 34.32 18.13
C PRO I 60 54.23 34.77 16.72
N ASP I 61 53.35 34.43 15.78
CA ASP I 61 53.54 34.72 14.38
C ASP I 61 53.30 36.19 14.02
N ARG I 62 53.05 37.01 15.03
CA ARG I 62 52.95 38.45 14.83
C ARG I 62 54.34 39.04 14.61
N PHE I 63 55.36 38.26 14.96
CA PHE I 63 56.74 38.70 14.78
C PHE I 63 57.42 37.90 13.70
N SER I 64 57.92 38.61 12.69
CA SER I 64 58.61 37.97 11.57
C SER I 64 59.64 38.93 11.00
N GLY I 65 60.51 38.44 10.13
CA GLY I 65 61.52 39.31 9.54
C GLY I 65 62.07 38.74 8.26
N SER I 66 63.06 39.43 7.70
CA SER I 66 63.69 39.00 6.46
C SER I 66 65.06 39.62 6.28
N LYS I 67 65.83 39.08 5.33
CA LYS I 67 67.12 39.64 4.97
C LYS I 67 67.32 39.61 3.47
N SER I 68 67.79 40.71 2.90
CA SER I 68 68.08 40.78 1.48
C SER I 68 69.18 41.81 1.21
N GLY I 69 69.96 41.59 0.17
CA GLY I 69 71.03 42.53 -0.12
C GLY I 69 71.99 42.58 1.05
N THR I 70 72.15 43.77 1.63
CA THR I 70 73.04 43.97 2.77
C THR I 70 72.24 44.51 3.95
N SER I 71 70.91 44.49 3.83
CA SER I 71 70.04 45.03 4.89
C SER I 71 69.11 43.95 5.44
N ALA I 72 68.50 44.25 6.59
CA ALA I 72 67.55 43.34 7.22
C ALA I 72 66.47 44.13 7.95
N SER I 73 65.33 43.49 8.22
CA SER I 73 64.26 44.18 8.93
C SER I 73 63.41 43.25 9.79
N LEU I 74 62.78 43.84 10.80
CA LEU I 74 61.82 43.17 11.67
C LEU I 74 60.42 43.75 11.49
N ALA I 75 59.44 42.88 11.30
CA ALA I 75 58.06 43.32 11.14
C ALA I 75 57.23 42.92 12.37
N ILE I 76 56.54 43.91 12.94
CA ILE I 76 55.69 43.68 14.09
C ILE I 76 54.24 44.02 13.78
N SER I 77 53.39 43.01 13.67
CA SER I 77 51.98 43.23 13.34
C SER I 77 51.09 43.05 14.57
N GLY I 78 49.87 43.57 14.50
CA GLY I 78 48.91 43.37 15.57
C GLY I 78 49.41 43.98 16.87
N LEU I 79 49.96 45.19 16.78
CA LEU I 79 50.58 45.80 17.95
C LEU I 79 49.72 45.69 19.19
N GLN I 80 50.34 45.23 20.27
CA GLN I 80 49.69 45.12 21.56
C GLN I 80 50.37 46.07 22.55
N SER I 81 49.65 46.49 23.57
CA SER I 81 50.20 47.40 24.58
C SER I 81 51.31 46.75 25.38
N GLU I 82 51.41 45.43 25.30
CA GLU I 82 52.40 44.66 26.04
C GLU I 82 53.73 44.54 25.28
N ASP I 83 53.77 45.08 24.06
CA ASP I 83 54.98 45.00 23.24
C ASP I 83 55.80 46.27 23.28
N GLU I 84 55.52 47.13 24.26
CA GLU I 84 56.28 48.37 24.39
C GLU I 84 57.65 48.04 24.97
N ALA I 85 58.58 47.75 24.07
CA ALA I 85 59.90 47.25 24.42
C ALA I 85 60.97 47.75 23.45
N ASP I 86 62.23 47.60 23.84
CA ASP I 86 63.36 47.98 23.00
C ASP I 86 63.82 46.79 22.16
N TYR I 87 63.77 46.94 20.84
CA TYR I 87 64.14 45.85 19.94
C TYR I 87 65.57 46.02 19.44
N TYR I 88 66.32 44.93 19.41
CA TYR I 88 67.72 45.01 19.00
C TYR I 88 68.04 44.13 17.79
N CYS I 89 68.90 44.65 16.91
CA CYS I 89 69.44 43.93 15.76
C CYS I 89 70.85 43.45 16.08
N ALA I 90 71.15 42.19 15.77
CA ALA I 90 72.49 41.65 16.00
C ALA I 90 72.91 40.71 14.89
N ALA I 91 74.21 40.65 14.64
CA ALA I 91 74.78 39.74 13.66
C ALA I 91 76.24 39.44 14.01
N TRP I 92 76.76 38.32 13.51
CA TRP I 92 78.17 38.04 13.68
C TRP I 92 78.94 38.66 12.52
N ASP I 93 80.05 39.31 12.83
CA ASP I 93 80.85 40.00 11.83
C ASP I 93 82.03 39.14 11.37
N ASP I 94 82.54 39.44 10.18
CA ASP I 94 83.71 38.74 9.65
C ASP I 94 85.01 39.35 10.17
N SER I 95 84.97 40.63 10.49
CA SER I 95 86.12 41.36 11.01
C SER I 95 86.03 41.45 12.52
N LEU I 96 84.88 41.92 13.00
CA LEU I 96 84.60 42.00 14.43
C LEU I 96 83.92 40.71 14.85
N LYS I 97 83.58 40.60 16.12
CA LYS I 97 82.96 39.38 16.61
C LYS I 97 81.44 39.54 16.69
N GLY I 98 80.90 39.57 17.91
CA GLY I 98 79.46 39.74 18.07
C GLY I 98 79.09 41.22 17.99
N VAL I 99 78.18 41.56 17.09
CA VAL I 99 77.80 42.94 16.89
C VAL I 99 76.33 43.21 17.16
N PHE I 100 76.06 44.16 18.05
CA PHE I 100 74.70 44.58 18.37
C PHE I 100 74.50 46.06 18.01
N GLY I 101 73.28 46.40 17.59
CA GLY I 101 72.94 47.78 17.27
C GLY I 101 72.54 48.57 18.51
N GLY I 102 72.23 49.86 18.32
CA GLY I 102 71.84 50.74 19.42
C GLY I 102 70.52 50.34 20.06
N GLY I 103 69.60 49.83 19.25
CA GLY I 103 68.27 49.43 19.75
C GLY I 103 67.20 50.45 19.37
N THR I 104 66.01 49.95 19.10
CA THR I 104 64.88 50.79 18.68
C THR I 104 63.77 50.77 19.71
N LYS I 105 63.36 51.94 20.19
CA LYS I 105 62.30 51.99 21.18
C LYS I 105 60.93 52.04 20.51
N LEU I 106 60.14 50.98 20.68
CA LEU I 106 58.81 50.91 20.11
C LEU I 106 57.77 51.28 21.15
N THR I 107 56.97 52.30 20.85
CA THR I 107 55.98 52.79 21.80
C THR I 107 54.56 52.80 21.22
N VAL I 108 53.57 52.68 22.12
CA VAL I 108 52.14 52.71 21.76
C VAL I 108 51.75 54.10 21.27
C1 NAG J . -11.36 -68.27 6.26
C2 NAG J . -11.27 -69.68 6.98
C3 NAG J . -10.11 -69.61 8.02
C4 NAG J . -8.79 -69.30 7.25
C5 NAG J . -8.96 -67.95 6.51
C6 NAG J . -7.71 -67.62 5.68
C7 NAG J . -13.73 -69.77 8.23
C8 NAG J . -14.28 -68.39 8.47
N2 NAG J . -12.54 -69.99 7.65
O3 NAG J . -9.94 -70.88 8.65
O4 NAG J . -7.72 -69.18 8.23
O5 NAG J . -10.10 -68.01 5.61
O6 NAG J . -7.86 -66.46 4.87
O7 NAG J . -14.35 -70.77 8.59
C1 NAG J . -6.59 -70.16 8.04
C2 NAG J . -5.32 -69.64 8.80
C3 NAG J . -4.16 -70.62 8.57
C4 NAG J . -4.59 -72.02 9.06
C5 NAG J . -5.86 -72.47 8.28
C6 NAG J . -6.35 -73.82 8.78
C7 NAG J . -5.21 -67.23 9.03
C8 NAG J . -4.84 -65.87 8.53
N2 NAG J . -4.95 -68.31 8.31
O3 NAG J . -3.01 -70.20 9.31
O4 NAG J . -3.53 -72.94 8.85
O5 NAG J . -6.94 -71.49 8.47
O6 NAG J . -6.60 -73.80 10.19
O7 NAG J . -5.77 -67.33 10.13
C1 NAG K . -29.58 -82.10 -28.94
C2 NAG K . -28.56 -83.19 -29.44
C3 NAG K . -29.32 -84.52 -29.59
C4 NAG K . -29.93 -84.91 -28.24
C5 NAG K . -30.87 -83.78 -27.76
C6 NAG K . -31.48 -84.09 -26.41
C7 NAG K . -26.76 -82.41 -30.88
C8 NAG K . -26.22 -82.01 -32.21
N2 NAG K . -28.04 -82.78 -30.75
O3 NAG K . -28.40 -85.52 -30.04
O4 NAG K . -30.69 -86.13 -28.45
O5 NAG K . -30.14 -82.53 -27.68
O6 NAG K . -32.42 -83.11 -26.01
O7 NAG K . -26.01 -82.40 -29.89
C1 NAG K . -30.42 -87.16 -27.41
C2 NAG K . -31.50 -88.28 -27.53
C3 NAG K . -31.25 -89.31 -26.42
C4 NAG K . -29.81 -89.86 -26.56
C5 NAG K . -28.80 -88.69 -26.47
C6 NAG K . -27.37 -89.15 -26.65
C7 NAG K . -33.61 -87.49 -28.42
C8 NAG K . -34.96 -86.86 -28.24
N2 NAG K . -32.83 -87.67 -27.37
O3 NAG K . -32.19 -90.38 -26.53
O4 NAG K . -29.57 -90.79 -25.50
O5 NAG K . -29.09 -87.71 -27.51
O6 NAG K . -26.89 -89.81 -25.49
O7 NAG K . -33.24 -87.83 -29.55
C1 NAG L . -17.07 -73.99 -14.59
C2 NAG L . -16.67 -75.49 -14.83
C3 NAG L . -16.22 -76.10 -13.48
C4 NAG L . -15.00 -75.28 -12.95
C5 NAG L . -15.42 -73.80 -12.82
C6 NAG L . -14.27 -72.92 -12.37
C7 NAG L . -18.96 -76.38 -14.84
C8 NAG L . -20.05 -77.14 -15.51
N2 NAG L . -17.78 -76.24 -15.44
O3 NAG L . -15.84 -77.47 -13.68
O4 NAG L . -14.66 -75.81 -11.65
O5 NAG L . -15.91 -73.28 -14.08
O6 NAG L . -13.17 -72.99 -13.27
O7 NAG L . -19.17 -75.87 -13.73
C1 NAG L . -13.22 -76.16 -11.50
C2 NAG L . -12.95 -76.59 -10.02
C3 NAG L . -11.44 -76.93 -9.87
C4 NAG L . -11.11 -78.06 -10.87
C5 NAG L . -11.43 -77.58 -12.31
C6 NAG L . -11.16 -78.67 -13.33
C7 NAG L . -12.81 -74.34 -9.03
C8 NAG L . -13.28 -73.31 -8.05
N2 NAG L . -13.37 -75.55 -9.07
O3 NAG L . -11.17 -77.36 -8.54
O4 NAG L . -9.72 -78.39 -10.75
O5 NAG L . -12.84 -77.22 -12.41
O6 NAG L . -11.91 -79.84 -13.07
O7 NAG L . -11.92 -74.03 -9.83
C1 NAG M . -27.69 -46.86 -46.26
C2 NAG M . -28.30 -47.19 -47.67
C3 NAG M . -27.38 -46.64 -48.77
C4 NAG M . -27.26 -45.11 -48.57
C5 NAG M . -26.68 -44.84 -47.17
C6 NAG M . -26.54 -43.36 -46.88
C7 NAG M . -27.54 -49.53 -47.77
C8 NAG M . -27.83 -50.99 -47.90
N2 NAG M . -28.53 -48.65 -47.80
O3 NAG M . -27.93 -46.94 -50.07
O4 NAG M . -26.36 -44.58 -49.58
O5 NAG M . -27.55 -45.42 -46.15
O6 NAG M . -27.79 -42.67 -46.99
O7 NAG M . -26.37 -49.16 -47.61
C1 NAG M . -27.01 -43.51 -50.41
C2 NAG M . -25.89 -42.68 -51.12
C3 NAG M . -26.56 -41.57 -51.95
C4 NAG M . -27.54 -42.22 -52.96
C5 NAG M . -28.59 -43.06 -52.19
C6 NAG M . -29.52 -43.78 -53.14
C7 NAG M . -23.87 -42.64 -49.77
C8 NAG M . -23.00 -42.02 -48.73
N2 NAG M . -25.02 -42.07 -50.11
O3 NAG M . -25.56 -40.84 -52.66
O4 NAG M . -28.17 -41.20 -53.71
O5 NAG M . -27.92 -44.07 -51.37
O6 NAG M . -30.47 -42.88 -53.71
O7 NAG M . -23.52 -43.69 -50.31
C1 NAG N . -65.04 -53.73 -28.55
C2 NAG N . -66.13 -53.24 -29.57
C3 NAG N . -67.02 -54.44 -29.93
C4 NAG N . -66.15 -55.57 -30.55
C5 NAG N . -65.06 -55.95 -29.53
C6 NAG N . -64.13 -57.02 -30.09
C7 NAG N . -67.00 -50.99 -29.39
C8 NAG N . -67.84 -49.96 -28.71
N2 NAG N . -66.95 -52.22 -28.91
O3 NAG N . -68.02 -54.02 -30.86
O4 NAG N . -67.03 -56.68 -30.80
O5 NAG N . -64.26 -54.80 -29.17
O6 NAG N . -63.57 -56.62 -31.34
O7 NAG N . -66.36 -50.67 -30.40
C1 NAG N . -66.95 -57.19 -32.20
C2 NAG N . -67.85 -58.47 -32.31
C3 NAG N . -67.74 -59.04 -33.74
C4 NAG N . -68.19 -57.94 -34.73
C5 NAG N . -67.29 -56.70 -34.55
C6 NAG N . -67.72 -55.57 -35.46
C7 NAG N . -66.30 -60.02 -31.22
C8 NAG N . -66.00 -61.02 -30.15
N2 NAG N . -67.51 -59.47 -31.28
O3 NAG N . -68.58 -60.19 -33.87
O4 NAG N . -68.08 -58.43 -36.06
O5 NAG N . -67.36 -56.21 -33.16
O6 NAG N . -66.75 -54.53 -35.49
O7 NAG N . -65.42 -59.75 -32.05
C1 NAG O . -48.00 -45.77 -37.08
C2 NAG O . -48.83 -46.32 -38.23
C3 NAG O . -48.08 -46.32 -39.56
C4 NAG O . -47.23 -45.08 -39.78
C5 NAG O . -46.41 -44.83 -38.54
C6 NAG O . -45.49 -43.64 -38.73
C7 NAG O . -50.11 -47.98 -37.01
C8 NAG O . -49.63 -48.90 -35.94
N2 NAG O . -49.24 -47.67 -37.96
O3 NAG O . -49.04 -46.42 -40.62
O4 NAG O . -46.38 -45.28 -40.93
O5 NAG O . -47.30 -44.60 -37.46
O6 NAG O . -44.71 -43.47 -37.53
O7 NAG O . -51.24 -47.53 -37.03
C1 NAG O . -46.67 -44.42 -42.06
C2 NAG O . -45.54 -44.56 -43.10
C3 NAG O . -45.81 -43.54 -44.21
C4 NAG O . -47.21 -43.83 -44.81
C5 NAG O . -48.28 -43.73 -43.70
C6 NAG O . -49.67 -44.04 -44.20
C7 NAG O . -43.33 -45.22 -42.30
C8 NAG O . -42.03 -44.89 -41.64
N2 NAG O . -44.24 -44.26 -42.46
O3 NAG O . -44.80 -43.66 -45.23
O4 NAG O . -47.49 -42.86 -45.83
O5 NAG O . -47.97 -44.65 -42.63
O6 NAG O . -49.74 -45.34 -44.77
O7 NAG O . -43.54 -46.36 -42.71
C1 NAG P . -50.60 -51.03 10.05
C2 NAG P . -51.84 -51.66 10.79
C3 NAG P . -52.99 -50.66 10.71
C4 NAG P . -52.57 -49.32 11.36
C5 NAG P . -51.32 -48.79 10.63
C6 NAG P . -50.81 -47.50 11.24
C7 NAG P . -51.81 -54.08 10.55
C8 NAG P . -52.17 -55.34 9.82
N2 NAG P . -52.20 -52.90 10.08
O3 NAG P . -54.13 -51.20 11.40
O4 NAG P . -53.66 -48.38 11.20
O5 NAG P . -50.25 -49.78 10.68
O6 NAG P . -49.76 -46.93 10.48
O7 NAG P . -51.13 -54.15 11.57
C1 NAG P . -54.06 -47.73 12.48
C2 NAG P . -54.86 -46.43 12.16
C3 NAG P . -55.21 -45.75 13.50
C4 NAG P . -56.03 -46.74 14.36
C5 NAG P . -55.19 -48.02 14.60
C6 NAG P . -55.95 -49.05 15.41
C7 NAG P . -54.31 -45.28 10.08
C8 NAG P . -53.44 -44.37 9.27
N2 NAG P . -54.02 -45.53 11.35
O3 NAG P . -56.00 -44.58 13.26
O4 NAG P . -56.35 -46.13 15.61
O5 NAG P . -54.82 -48.62 13.32
O6 NAG P . -57.15 -49.46 14.76
O7 NAG P . -55.30 -45.79 9.56
C1 NAG Q . -38.25 -86.19 2.24
C2 NAG Q . -37.17 -86.32 3.40
C3 NAG Q . -36.11 -87.34 2.96
C4 NAG Q . -36.78 -88.70 2.67
C5 NAG Q . -37.84 -88.50 1.56
C6 NAG Q . -38.57 -89.79 1.26
C7 NAG Q . -36.92 -84.22 4.61
C8 NAG Q . -36.27 -82.89 4.81
N2 NAG Q . -36.54 -85.00 3.60
O3 NAG Q . -35.15 -87.50 4.01
O4 NAG Q . -35.77 -89.63 2.21
O5 NAG Q . -38.82 -87.49 1.98
O6 NAG Q . -39.36 -89.66 0.09
O7 NAG Q . -37.80 -84.60 5.40
C1 NAG Q . -35.60 -90.79 3.14
C2 NAG Q . -34.73 -91.89 2.44
C3 NAG Q . -34.61 -93.08 3.41
C4 NAG Q . -33.97 -92.59 4.74
C5 NAG Q . -34.88 -91.48 5.35
C6 NAG Q . -34.29 -90.93 6.64
C7 NAG Q . -34.94 -91.98 0.01
C8 NAG Q . -35.63 -92.42 -1.24
N2 NAG Q . -35.41 -92.33 1.20
O3 NAG Q . -33.77 -94.09 2.83
O4 NAG Q . -33.86 -93.68 5.64
O5 NAG Q . -35.02 -90.38 4.39
O6 NAG Q . -32.93 -90.54 6.48
O7 NAG Q . -33.92 -91.27 -0.08
C1 NAG R . 54.80 -1.00 4.20
C2 NAG R . 53.49 -0.74 5.03
C3 NAG R . 53.10 0.74 4.85
C4 NAG R . 54.25 1.63 5.35
C5 NAG R . 55.53 1.30 4.52
C6 NAG R . 56.73 2.10 4.99
C7 NAG R . 51.66 -2.29 5.33
C8 NAG R . 50.57 -3.17 4.78
N2 NAG R . 52.43 -1.61 4.50
O3 NAG R . 51.91 1.02 5.61
O4 NAG R . 53.91 3.00 5.17
O5 NAG R . 55.85 -0.12 4.67
O6 NAG R . 57.78 2.05 4.05
O7 NAG R . 51.80 -2.20 6.55
C1 NAG S . 41.86 -7.26 -5.71
C2 NAG S . 40.73 -7.49 -4.66
C3 NAG S . 39.60 -6.47 -4.94
C4 NAG S . 40.19 -5.05 -4.84
C5 NAG S . 41.33 -4.90 -5.88
C6 NAG S . 41.98 -3.53 -5.79
C7 NAG S . 40.45 -9.77 -3.86
C8 NAG S . 39.93 -11.16 -4.01
N2 NAG S . 40.22 -8.86 -4.81
O3 NAG S . 38.56 -6.63 -3.97
O4 NAG S . 39.16 -4.10 -5.10
O5 NAG S . 42.36 -5.91 -5.61
O6 NAG S . 42.76 -3.27 -6.95
O7 NAG S . 41.10 -9.46 -2.85
C1 NAG T . 42.24 -33.41 -19.88
C2 NAG T . 41.30 -34.32 -20.77
C3 NAG T . 42.19 -35.07 -21.77
C4 NAG T . 42.96 -34.05 -22.63
C5 NAG T . 43.82 -33.15 -21.70
C6 NAG T . 44.55 -32.08 -22.50
C7 NAG T . 39.33 -35.12 -19.60
C8 NAG T . 38.64 -36.11 -18.73
N2 NAG T . 40.61 -35.29 -19.92
O3 NAG T . 41.38 -35.90 -22.61
O4 NAG T . 43.80 -34.74 -23.55
O5 NAG T . 42.95 -32.49 -20.73
O6 NAG T . 45.50 -31.42 -21.68
O7 NAG T . 38.71 -34.14 -20.03
C1 NAG U . 25.17 -41.92 13.82
C2 NAG U . 25.58 -43.21 13.03
C3 NAG U . 25.22 -44.43 13.89
C4 NAG U . 25.98 -44.34 15.24
C5 NAG U . 25.57 -43.03 15.95
C6 NAG U . 26.32 -42.85 17.26
C7 NAG U . 25.37 -42.84 10.64
C8 NAG U . 24.59 -42.89 9.37
N2 NAG U . 24.82 -43.25 11.77
O3 NAG U . 25.61 -45.63 13.21
O4 NAG U . 25.63 -45.46 16.04
O5 NAG U . 25.87 -41.88 15.09
O6 NAG U . 25.72 -41.82 18.03
O7 NAG U . 26.53 -42.40 10.63
C1 NAG V . 25.41 3.61 -48.09
C2 NAG V . 24.25 3.71 -49.13
C3 NAG V . 24.22 2.39 -49.93
C4 NAG V . 25.58 2.18 -50.63
C5 NAG V . 26.68 2.15 -49.56
C6 NAG V . 28.06 1.99 -50.17
C7 NAG V . 22.45 5.04 -48.17
C8 NAG V . 21.16 5.15 -47.43
N2 NAG V . 22.97 3.85 -48.41
O3 NAG V . 23.17 2.45 -50.92
O4 NAG V . 25.56 0.95 -51.34
O5 NAG V . 26.66 3.40 -48.78
O6 NAG V . 29.01 1.61 -49.18
O7 NAG V . 23.03 6.06 -48.56
C1 NAG W . 15.24 -51.44 -6.28
C2 NAG W . 14.23 -52.59 -5.93
C3 NAG W . 14.46 -53.02 -4.47
C4 NAG W . 15.91 -53.49 -4.31
C5 NAG W . 16.87 -52.34 -4.70
C6 NAG W . 18.32 -52.77 -4.63
C7 NAG W . 12.21 -52.26 -7.23
C8 NAG W . 10.81 -51.74 -7.38
N2 NAG W . 12.86 -52.08 -6.09
O3 NAG W . 13.56 -54.07 -4.13
O4 NAG W . 16.14 -53.86 -2.95
O5 NAG W . 16.60 -51.92 -6.08
O6 NAG W . 19.19 -51.63 -4.63
O7 NAG W . 12.74 -52.85 -8.17
C1 NAG X . 13.05 -29.27 -40.42
C2 NAG X . 11.50 -29.05 -40.55
C3 NAG X . 11.05 -29.67 -41.90
C4 NAG X . 11.82 -28.97 -43.04
C5 NAG X . 13.33 -29.16 -42.82
C6 NAG X . 14.15 -28.43 -43.88
C7 NAG X . 10.50 -29.08 -38.34
C8 NAG X . 9.82 -29.78 -37.21
N2 NAG X . 10.82 -29.74 -39.45
O3 NAG X . 9.65 -29.48 -42.07
O4 NAG X . 11.42 -29.53 -44.29
O5 NAG X . 13.73 -28.62 -41.52
O6 NAG X . 15.49 -28.90 -43.89
O7 NAG X . 10.76 -27.87 -38.24
C1 NAG Y . 9.39 -50.91 -40.85
C2 NAG Y . 10.77 -50.16 -40.75
C3 NAG Y . 11.06 -49.48 -42.10
C4 NAG Y . 11.09 -50.55 -43.20
C5 NAG Y . 9.73 -51.29 -43.23
C6 NAG Y . 9.72 -52.39 -44.26
C7 NAG Y . 11.20 -49.35 -38.50
C8 NAG Y . 11.10 -48.29 -37.45
N2 NAG Y . 10.69 -49.13 -39.70
O3 NAG Y . 12.32 -48.80 -42.04
O4 NAG Y . 11.33 -49.92 -44.46
O5 NAG Y . 9.45 -51.88 -41.92
O6 NAG Y . 8.40 -52.86 -44.51
O7 NAG Y . 11.76 -50.42 -38.24
C1 NAG Z . -30.39 -64.74 -42.81
C2 NAG Z . -31.82 -64.60 -43.45
C3 NAG Z . -31.96 -65.68 -44.54
C4 NAG Z . -30.85 -65.48 -45.58
C5 NAG Z . -29.47 -65.57 -44.89
C6 NAG Z . -28.33 -65.34 -45.86
C7 NAG Z . -33.32 -63.75 -41.75
C8 NAG Z . -34.34 -63.95 -40.67
N2 NAG Z . -32.82 -64.80 -42.40
O3 NAG Z . -33.25 -65.58 -45.15
O4 NAG Z . -30.96 -66.49 -46.58
O5 NAG Z . -29.38 -64.58 -43.83
O6 NAG Z . -28.52 -64.15 -46.62
O7 NAG Z . -32.94 -62.62 -42.02
C1 NAG AA . -18.71 -69.40 -33.64
C2 NAG AA . -17.56 -69.07 -32.61
C3 NAG AA . -16.68 -67.95 -33.22
C4 NAG AA . -16.09 -68.46 -34.56
C5 NAG AA . -17.26 -68.81 -35.51
C6 NAG AA . -16.75 -69.37 -36.83
C7 NAG AA . -18.31 -69.39 -30.33
C8 NAG AA . -18.94 -68.89 -29.08
N2 NAG AA . -18.16 -68.58 -31.38
O3 NAG AA . -15.62 -67.64 -32.32
O4 NAG AA . -15.29 -67.43 -35.13
O5 NAG AA . -18.12 -69.82 -34.89
O6 NAG AA . -17.82 -69.50 -37.77
O7 NAG AA . -17.94 -70.57 -30.40
C1 NAG BA . -43.63 -74.41 -42.05
C2 NAG BA . -42.63 -74.10 -43.21
C3 NAG BA . -43.41 -73.40 -44.34
C4 NAG BA . -44.53 -74.33 -44.83
C5 NAG BA . -45.47 -74.63 -43.64
C6 NAG BA . -46.56 -75.61 -44.01
C7 NAG BA . -40.37 -73.66 -42.42
C8 NAG BA . -39.30 -72.75 -41.90
N2 NAG BA . -41.58 -73.19 -42.71
O3 NAG BA . -42.51 -73.10 -45.43
O4 NAG BA . -45.26 -73.68 -45.87
O5 NAG BA . -44.70 -75.25 -42.55
O6 NAG BA . -47.55 -75.68 -42.99
O7 NAG BA . -40.11 -74.86 -42.57
C1 NAG CA . 36.80 22.35 -27.07
C2 NAG CA . 36.51 20.87 -27.50
C3 NAG CA . 37.44 19.94 -26.69
C4 NAG CA . 38.91 20.34 -26.97
C5 NAG CA . 39.11 21.81 -26.56
C6 NAG CA . 40.53 22.28 -26.85
C7 NAG CA . 34.30 20.11 -28.13
C8 NAG CA . 32.88 19.79 -27.81
N2 NAG CA . 35.11 20.55 -27.18
O3 NAG CA . 37.22 18.58 -27.08
O4 NAG CA . 39.77 19.49 -26.20
O5 NAG CA . 38.19 22.67 -27.31
O6 NAG CA . 40.89 22.06 -28.20
O7 NAG CA . 34.70 19.95 -29.29
C1 NAG DA . -24.28 23.21 -39.37
C2 NAG DA . -25.66 22.52 -39.06
C3 NAG DA . -26.79 23.38 -39.66
C4 NAG DA . -26.73 24.78 -39.03
C5 NAG DA . -25.34 25.40 -39.34
C6 NAG DA . -25.18 26.77 -38.69
C7 NAG DA . -25.46 20.09 -38.96
C8 NAG DA . -25.49 18.74 -39.61
N2 NAG DA . -25.68 21.18 -39.68
O3 NAG DA . -28.06 22.77 -39.38
O4 NAG DA . -27.75 25.60 -39.59
O5 NAG DA . -24.28 24.54 -38.80
O6 NAG DA . -25.43 26.73 -37.29
O7 NAG DA . -25.22 20.18 -37.75
C1 NAG EA . -0.50 31.45 -28.51
C2 NAG EA . 0.36 31.30 -27.20
C3 NAG EA . -0.61 31.31 -26.00
C4 NAG EA . -1.41 32.64 -26.00
C5 NAG EA . -2.18 32.74 -27.34
C6 NAG EA . -2.94 34.05 -27.43
C7 NAG EA . 2.37 29.99 -27.55
C8 NAG EA . 3.10 28.68 -27.58
N2 NAG EA . 1.09 30.02 -27.23
O3 NAG EA . 0.14 31.20 -24.78
O4 NAG EA . -2.31 32.63 -24.90
O5 NAG EA . -1.26 32.68 -28.46
O6 NAG EA . -3.95 33.98 -28.43
O7 NAG EA . 2.97 31.03 -27.84
C1 NAG FA . -1.71 -5.96 -51.69
C2 NAG FA . -3.21 -6.23 -52.05
C3 NAG FA . -3.25 -7.25 -53.21
C4 NAG FA . -2.49 -6.66 -54.42
C5 NAG FA . -1.04 -6.37 -53.99
C6 NAG FA . -0.25 -5.72 -55.13
C7 NAG FA . -4.85 -6.14 -50.27
C8 NAG FA . -5.54 -6.71 -49.08
N2 NAG FA . -3.89 -6.80 -50.88
O3 NAG FA . -4.61 -7.51 -53.58
O4 NAG FA . -2.51 -7.60 -55.49
O5 NAG FA . -1.03 -5.44 -52.85
O6 NAG FA . 1.14 -5.72 -54.84
O7 NAG FA . -5.20 -5.01 -50.69
C1 NAG GA . -25.18 -12.98 -42.26
C2 NAG GA . -24.54 -12.44 -43.58
C3 NAG GA . -24.85 -13.45 -44.72
C4 NAG GA . -24.25 -14.82 -44.33
C5 NAG GA . -24.88 -15.28 -43.00
C6 NAG GA . -24.29 -16.60 -42.54
C7 NAG GA . -24.54 -10.01 -43.56
C8 NAG GA . -25.17 -8.69 -43.89
N2 NAG GA . -25.16 -11.15 -43.90
O3 NAG GA . -24.27 -12.98 -45.94
O4 NAG GA . -24.54 -15.76 -45.37
O5 NAG GA . -24.63 -14.28 -41.95
O6 NAG GA . -25.10 -17.19 -41.52
O7 NAG GA . -23.46 -10.05 -42.98
C1 NAG HA . -40.29 6.59 -11.30
C2 NAG HA . -40.52 5.28 -10.47
C3 NAG HA . -42.04 5.15 -10.20
C4 NAG HA . -42.51 6.39 -9.41
C5 NAG HA . -42.21 7.65 -10.26
C6 NAG HA . -42.59 8.92 -9.52
C7 NAG HA . -38.84 3.66 -11.10
C8 NAG HA . -38.35 2.49 -11.92
N2 NAG HA . -40.07 4.13 -11.27
O3 NAG HA . -42.29 3.97 -9.43
O4 NAG HA . -43.91 6.29 -9.17
O5 NAG HA . -40.77 7.73 -10.56
O6 NAG HA . -42.68 10.02 -10.41
O7 NAG HA . -38.06 4.18 -10.30
C1 NAG IA . -51.93 -3.66 -24.92
C2 NAG IA . -52.11 -2.81 -26.24
C3 NAG IA . -52.46 -1.37 -25.85
C4 NAG IA . -53.77 -1.38 -25.02
C5 NAG IA . -53.55 -2.26 -23.77
C6 NAG IA . -54.84 -2.37 -22.95
C7 NAG IA . -50.63 -3.67 -27.97
C8 NAG IA . -49.33 -3.69 -28.72
N2 NAG IA . -50.83 -2.82 -26.97
O3 NAG IA . -52.64 -0.57 -27.03
O4 NAG IA . -54.10 -0.05 -24.64
O5 NAG IA . -53.17 -3.61 -24.17
O6 NAG IA . -54.56 -2.88 -21.65
O7 NAG IA . -51.50 -4.50 -28.27
C1 NAG JA . -65.68 -41.52 -9.84
C2 NAG JA . -66.15 -42.80 -9.07
C3 NAG JA . -67.69 -42.90 -9.19
C4 NAG JA . -68.32 -41.62 -8.60
C5 NAG JA . -67.78 -40.40 -9.37
C6 NAG JA . -68.33 -39.09 -8.82
C7 NAG JA . -64.40 -44.47 -9.20
C8 NAG JA . -63.75 -45.66 -9.84
N2 NAG JA . -65.53 -43.98 -9.69
O3 NAG JA . -68.15 -44.05 -8.47
O4 NAG JA . -69.74 -41.70 -8.72
O5 NAG JA . -66.32 -40.35 -9.28
O6 NAG JA . -68.17 -38.03 -9.75
O7 NAG JA . -63.87 -43.96 -8.21
C1 NAG KA . -60.37 -37.77 -23.99
C2 NAG KA . -59.29 -37.11 -24.91
C3 NAG KA . -59.02 -35.68 -24.38
C4 NAG KA . -60.33 -34.88 -24.41
C5 NAG KA . -61.38 -35.60 -23.53
C6 NAG KA . -62.72 -34.89 -23.56
C7 NAG KA . -57.74 -38.74 -25.81
C8 NAG KA . -56.48 -39.55 -25.73
N2 NAG KA . -58.06 -37.90 -24.84
O3 NAG KA . -58.04 -35.05 -25.22
O4 NAG KA . -60.09 -33.57 -23.91
O5 NAG KA . -61.58 -36.98 -24.01
O6 NAG KA . -63.59 -35.41 -22.57
O7 NAG KA . -58.49 -38.89 -26.78
C1 NAG LA . 14.87 40.39 -36.52
C2 NAG LA . 14.19 41.80 -36.42
C3 NAG LA . 15.10 42.73 -35.58
C4 NAG LA . 15.31 42.12 -34.19
C5 NAG LA . 15.94 40.71 -34.35
C6 NAG LA . 16.12 40.02 -33.01
C7 NAG LA . 12.88 42.79 -38.21
C8 NAG LA . 12.77 43.34 -39.60
N2 NAG LA . 14.06 42.36 -37.77
O3 NAG LA . 14.49 44.02 -35.46
O4 NAG LA . 16.17 42.96 -33.43
O5 NAG LA . 15.07 39.87 -35.18
O6 NAG LA . 16.99 38.89 -33.14
O7 NAG LA . 11.89 42.75 -37.49
C1 NAG MA . 9.92 28.93 -56.61
C2 NAG MA . 10.13 29.19 -58.14
C3 NAG MA . 11.10 30.39 -58.28
C4 NAG MA . 10.48 31.62 -57.59
C5 NAG MA . 10.24 31.27 -56.09
C6 NAG MA . 9.58 32.42 -55.35
C7 NAG MA . 10.07 27.38 -59.75
C8 NAG MA . 10.67 26.16 -60.38
N2 NAG MA . 10.72 28.00 -58.77
O3 NAG MA . 11.32 30.68 -59.68
O4 NAG MA . 11.37 32.73 -57.69
O5 NAG MA . 9.35 30.09 -55.99
O6 NAG MA . 8.39 32.86 -55.99
O7 NAG MA . 8.99 27.81 -60.15
C1 NAG NA . -37.57 29.52 12.74
C2 NAG NA . -38.10 28.23 13.48
C3 NAG NA . -39.35 27.72 12.73
C4 NAG NA . -40.42 28.83 12.73
C5 NAG NA . -39.83 30.08 12.04
C6 NAG NA . -40.82 31.23 12.05
C7 NAG NA . -36.29 26.95 14.50
C8 NAG NA . -35.24 25.90 14.44
N2 NAG NA . -37.06 27.20 13.43
O3 NAG NA . -39.86 26.56 13.40
O4 NAG NA . -41.57 28.37 12.02
O5 NAG NA . -38.62 30.52 12.73
O6 NAG NA . -40.46 32.23 11.10
O7 NAG NA . -36.44 27.62 15.53
C1 NAG OA . -28.33 51.46 16.26
C2 NAG OA . -28.20 50.09 15.52
C3 NAG OA . -28.25 50.35 14.00
C4 NAG OA . -29.57 51.07 13.63
C5 NAG OA . -29.63 52.39 14.43
C6 NAG OA . -30.90 53.18 14.11
C7 NAG OA . -25.97 48.60 16.14
C8 NAG OA . -26.28 47.14 16.21
N2 NAG OA . -26.87 49.52 15.83
O3 NAG OA . -28.16 49.09 13.29
O4 NAG OA . -29.61 51.31 12.24
O5 NAG OA . -29.56 52.12 15.86
O6 NAG OA . -30.74 53.97 12.94
O7 NAG OA . -24.81 49.00 16.34
C1 NAG PA . -71.77 -56.70 -9.46
C2 NAG PA . -72.60 -55.42 -9.43
C3 NAG PA . -73.39 -55.29 -8.14
C4 NAG PA . -74.13 -56.57 -7.82
C5 NAG PA . -73.15 -57.73 -7.81
C6 NAG PA . -73.84 -59.03 -7.46
C7 NAG PA . -71.43 -53.72 -10.73
C8 NAG PA . -72.43 -53.94 -11.83
N2 NAG PA . -71.74 -54.27 -9.56
O3 NAG PA . -74.32 -54.22 -8.28
O4 NAG PA . -74.76 -56.46 -6.55
O5 NAG PA . -72.57 -57.84 -9.10
O6 NAG PA . -74.79 -59.34 -8.49
O7 NAG PA . -70.41 -53.08 -10.89
C1 NAG QA . -17.02 -6.32 44.29
C2 NAG QA . -17.07 -6.96 45.72
C3 NAG QA . -16.43 -8.35 45.62
C4 NAG QA . -17.23 -9.20 44.61
C5 NAG QA . -17.20 -8.50 43.24
C6 NAG QA . -18.02 -9.24 42.20
C7 NAG QA . -16.89 -5.35 47.54
C8 NAG QA . -16.09 -4.49 48.45
N2 NAG QA . -16.28 -6.10 46.63
O3 NAG QA . -16.48 -8.98 46.92
O4 NAG QA . -16.63 -10.50 44.51
O5 NAG QA . -17.75 -7.15 43.36
O6 NAG QA . -17.38 -10.42 41.76
O7 NAG QA . -18.12 -5.36 47.63
C1 NAG RA . 33.98 -19.82 29.10
C2 NAG RA . 34.19 -21.29 28.63
C3 NAG RA . 33.45 -22.23 29.62
C4 NAG RA . 33.99 -22.01 31.03
C5 NAG RA . 33.78 -20.53 31.41
C6 NAG RA . 34.32 -20.22 32.80
C7 NAG RA . 34.35 -21.37 26.21
C8 NAG RA . 33.74 -21.57 24.86
N2 NAG RA . 33.60 -21.48 27.30
O3 NAG RA . 33.66 -23.59 29.22
O4 NAG RA . 33.30 -22.85 31.94
O5 NAG RA . 34.47 -19.66 30.45
O6 NAG RA . 35.69 -20.59 32.94
O7 NAG RA . 35.57 -21.13 26.30
C1 NAG SA . -36.04 -23.21 23.08
C2 NAG SA . -36.41 -24.75 23.12
C3 NAG SA . -37.85 -24.91 22.61
C4 NAG SA . -38.79 -24.09 23.52
C5 NAG SA . -38.36 -22.60 23.50
C6 NAG SA . -39.20 -21.77 24.45
C7 NAG SA . -34.56 -26.28 22.74
C8 NAG SA . -33.63 -27.02 21.83
N2 NAG SA . -35.49 -25.47 22.23
O3 NAG SA . -38.22 -26.29 22.65
O4 NAG SA . -40.13 -24.21 23.04
O5 NAG SA . -36.95 -22.48 23.92
O6 NAG SA . -38.95 -20.38 24.28
O7 NAG SA . -34.45 -26.42 23.96
C1 NAG TA . 1.75 -31.30 29.26
C2 NAG TA . 1.66 -32.35 28.09
C3 NAG TA . 1.92 -33.75 28.68
C4 NAG TA . 3.31 -33.76 29.34
C5 NAG TA . 3.36 -32.69 30.44
C6 NAG TA . 4.74 -32.59 31.08
C7 NAG TA . 0.08 -31.51 26.46
C8 NAG TA . -1.28 -31.44 25.84
N2 NAG TA . 0.32 -32.30 27.50
O3 NAG TA . 1.87 -34.72 27.62
O4 NAG TA . 3.54 -35.05 29.90
O5 NAG TA . 3.05 -31.37 29.88
O6 NAG TA . 4.70 -31.89 32.31
O7 NAG TA . 0.98 -30.80 25.99
C1 NAG UA . -13.48 -42.48 34.69
C2 NAG UA . -13.73 -41.89 36.12
C3 NAG UA . -12.36 -41.51 36.74
C4 NAG UA . -11.49 -42.79 36.82
C5 NAG UA . -11.32 -43.35 35.39
C6 NAG UA . -10.52 -44.64 35.39
C7 NAG UA . -15.86 -40.72 36.18
C8 NAG UA . -16.69 -39.48 36.03
N2 NAG UA . -14.55 -40.67 35.99
O3 NAG UA . -12.55 -40.99 38.05
O4 NAG UA . -10.22 -42.45 37.37
O5 NAG UA . -12.63 -43.65 34.80
O6 NAG UA . -10.06 -44.96 34.08
O7 NAG UA . -16.41 -41.79 36.45
C1 NAG VA . -57.01 -31.24 2.92
C2 NAG VA . -58.53 -31.35 3.31
C3 NAG VA . -59.01 -30.05 3.99
C4 NAG VA . -58.12 -29.81 5.24
C5 NAG VA . -56.65 -29.68 4.77
C6 NAG VA . -55.72 -29.50 5.96
C7 NAG VA . -59.67 -32.75 1.69
C8 NAG VA . -60.45 -32.93 0.44
N2 NAG VA . -59.29 -31.54 2.07
O3 NAG VA . -60.37 -30.26 4.37
O4 NAG VA . -58.51 -28.73 6.15
O5 NAG VA . -56.25 -30.91 4.12
O6 NAG VA . -54.39 -29.16 5.54
O7 NAG VA . -59.38 -33.74 2.37
C1 NAG WA . -36.54 -62.79 16.20
C2 NAG WA . -37.24 -61.54 16.86
C3 NAG WA . -36.16 -60.69 17.57
C4 NAG WA . -35.46 -61.55 18.64
C5 NAG WA . -34.82 -62.77 17.95
C6 NAG WA . -34.15 -63.70 18.95
C7 NAG WA . -39.12 -60.34 15.93
C8 NAG WA . -39.75 -59.52 14.85
N2 NAG WA . -37.87 -60.73 15.81
O3 NAG WA . -36.77 -59.55 18.19
O4 NAG WA . -34.45 -60.76 19.29
O5 NAG WA . -35.85 -63.53 17.24
O6 NAG WA . -33.27 -64.60 18.30
O7 NAG WA . -39.79 -60.63 16.93
C1 NAG XA . -32.44 31.47 42.14
C2 NAG XA . -33.71 31.59 43.05
C3 NAG XA . -33.79 33.03 43.58
C4 NAG XA . -32.49 33.34 44.37
C5 NAG XA . -31.28 33.16 43.44
C6 NAG XA . -29.97 33.40 44.17
C7 NAG XA . -35.87 30.53 42.75
C8 NAG XA . -37.07 30.21 41.91
N2 NAG XA . -34.89 31.27 42.25
O3 NAG XA . -34.93 33.18 44.43
O4 NAG XA . -32.54 34.69 44.85
O5 NAG XA . -31.25 31.79 42.91
O6 NAG XA . -29.87 32.60 45.34
O7 NAG XA . -35.79 30.11 43.91
C1 NAG YA . -5.67 19.38 35.86
C2 NAG YA . -4.55 19.40 34.83
C3 NAG YA . -3.49 18.37 35.17
C4 NAG YA . -3.05 18.56 36.61
C5 NAG YA . -4.25 18.52 37.53
C6 NAG YA . -3.84 18.70 38.98
C7 NAG YA . -5.59 20.10 32.76
C8 NAG YA . -4.79 21.38 32.71
N2 NAG YA . -5.07 19.14 33.50
O3 NAG YA . -2.37 18.54 34.30
O4 NAG YA . -2.14 17.51 36.97
O5 NAG YA . -5.15 19.56 37.16
O6 NAG YA . -3.27 20.01 39.14
O7 NAG YA . -6.64 19.97 32.16
C1 NAG ZA . -42.72 2.24 19.12
C2 NAG ZA . -43.16 1.27 20.27
C3 NAG ZA . -44.58 0.76 19.96
C4 NAG ZA . -45.54 1.97 19.87
C5 NAG ZA . -45.03 2.91 18.75
C6 NAG ZA . -45.90 4.15 18.64
C7 NAG ZA . -41.54 -0.15 21.39
C8 NAG ZA . -40.59 -1.31 21.41
N2 NAG ZA . -42.23 0.13 20.30
O3 NAG ZA . -45.02 -0.13 21.01
O4 NAG ZA . -46.85 1.50 19.57
O5 NAG ZA . -43.66 3.34 19.04
O6 NAG ZA . -46.00 4.85 19.88
O7 NAG ZA . -41.66 0.54 22.41
C1 NAG AB . -28.46 -74.85 9.41
C2 NAG AB . -28.76 -75.98 8.37
C3 NAG AB . -29.13 -77.25 9.15
C4 NAG AB . -27.96 -77.64 10.08
C5 NAG AB . -27.69 -76.47 11.05
C6 NAG AB . -26.51 -76.76 11.95
C7 NAG AB . -29.71 -74.93 6.40
C8 NAG AB . -30.88 -74.48 5.58
N2 NAG AB . -29.91 -75.55 7.56
O3 NAG AB . -29.39 -78.33 8.23
O4 NAG AB . -28.32 -78.81 10.82
O5 NAG AB . -27.38 -75.25 10.29
O6 NAG AB . -26.46 -75.85 13.04
O7 NAG AB . -28.56 -74.71 5.99
C1 NAG BB . -50.10 -71.76 10.34
C2 NAG BB . -50.76 -71.95 11.76
C3 NAG BB . -51.97 -72.91 11.60
C4 NAG BB . -52.97 -72.30 10.62
C5 NAG BB . -52.26 -72.08 9.26
C6 NAG BB . -53.17 -71.41 8.25
C7 NAG BB . -49.05 -71.82 13.47
C8 NAG BB . -48.07 -72.47 14.39
N2 NAG BB . -49.80 -72.57 12.67
O3 NAG BB . -52.59 -73.11 12.88
O4 NAG BB . -54.07 -73.19 10.46
O5 NAG BB . -51.09 -71.22 9.44
O6 NAG BB . -54.05 -72.36 7.65
O7 NAG BB . -49.18 -70.59 13.48
#